data_2GC7
#
_entry.id   2GC7
#
_cell.length_a   81.323
_cell.length_b   189.127
_cell.length_c   128.906
_cell.angle_alpha   90.00
_cell.angle_beta   99.75
_cell.angle_gamma   90.00
#
_symmetry.space_group_name_H-M   'P 1 21 1'
#
loop_
_entity.id
_entity.type
_entity.pdbx_description
1 polymer 'Methylamine dehydrogenase heavy chain'
2 polymer 'Methylamine dehydrogenase light chain'
3 polymer Amicyanin
4 polymer 'Cytochrome c-L'
5 non-polymer 'SODIUM ION'
6 non-polymer 'HEME C'
7 water water
#
loop_
_entity_poly.entity_id
_entity_poly.type
_entity_poly.pdbx_seq_one_letter_code
_entity_poly.pdbx_strand_id
1 'polypeptide(L)'
;QDAPEAETQAQETQGQAAARAAAADLAAGQDDEPRILEAPAPDARRVYVNDPAHFAAVTQQFVIDGEAGRVIGMIDGGFL
PNPVVADDGSFIAHASTVFSRIARGERTDYVEVFDPVTLLPTADIELPDAPRFLVGTYPWMTSLTPDGKTLLFYQFSPAP
AVGVVDLEGKAFKRMLDVPDCYHIFPTAPDTFFMHCRDGSLAKVAFGTEGTPEITHTEVFHPEDEFLINHPAYSQKAGRL
VWPTYTGKIHQIDLSSGDAKFLPAVEALTEAERADGWRPGGWQQVAYHRALDRIYLLVDQRDEWRHKTASRFVVVLDAKT
GERLAKFEMGHEIDSINVSQDEKPLLYALSTGDKTLYIHDAESGEELRSVNQLGHGPQVITTADMG
;
A,E,I,M
2 'polypeptide(L)'
;ADAPAGTDPRAKWVPQDNDIQACDYWRHCSIDGNICDCSGGSLTNCPPGTKLATAS(TRQ)VASCYNPTDGQSYLIAYRD
CCGYNVSGRCPCLNTEGELPVYRPEFANDIIWCFGAEDDAMTYHCTISPIVGKAS
;
B,F,J,N
3 'polypeptide(L)'
;DKATIPSESPFAAAEVADGAIVVDIAKMKYETPELHVKVGDTVTWINREAMPHNVHFVAGVLGEAALKGPMMKKEQAYSL
TFTEAGTYDYHCTPHPFMRGKVVVE
;
C,G,K,O
4 'polypeptide(L)'
;APQFFNIIDGSPLNFDDAMEEGRDTEAVKHFLETGENVYNEDPEILPEAEELYAGMCSGCHGHYAEGKIGPGLNDAYWTY
PGNETDVGLFSTLYGGATGQMGPMWGSLTLDEMLRTMAWVRHLYTGDPKDASWLTDEQKAGFTPFQP
;
D,H,L,P
#
loop_
_chem_comp.id
_chem_comp.type
_chem_comp.name
_chem_comp.formula
HEC non-polymer 'HEME C' 'C34 H34 Fe N4 O4'
NA non-polymer 'SODIUM ION' 'Na 1'
#
# COMPACT_ATOMS: atom_id res chain seq x y z
N GLU A 5 6.58 -29.69 -17.39
CA GLU A 5 5.89 -28.38 -17.58
C GLU A 5 6.85 -27.31 -18.11
N ALA A 6 7.88 -27.00 -17.32
CA ALA A 6 8.88 -26.01 -17.74
C ALA A 6 10.15 -26.79 -18.07
N GLU A 7 10.70 -26.58 -19.27
CA GLU A 7 11.90 -27.29 -19.69
C GLU A 7 13.21 -26.54 -19.43
N THR A 8 14.20 -27.26 -18.90
CA THR A 8 15.50 -26.68 -18.64
C THR A 8 16.26 -26.79 -19.97
N GLN A 9 17.32 -26.02 -20.12
CA GLN A 9 18.10 -26.05 -21.37
C GLN A 9 18.57 -27.46 -21.70
N ALA A 10 18.95 -28.22 -20.68
CA ALA A 10 19.42 -29.58 -20.87
C ALA A 10 18.34 -30.52 -21.41
N GLN A 11 17.17 -30.54 -20.76
CA GLN A 11 16.10 -31.42 -21.21
C GLN A 11 15.52 -30.95 -22.54
N GLU A 12 15.71 -29.68 -22.85
CA GLU A 12 15.23 -29.10 -24.10
C GLU A 12 16.08 -29.66 -25.25
N THR A 13 17.38 -29.80 -24.99
CA THR A 13 18.31 -30.34 -25.98
C THR A 13 18.00 -31.82 -26.20
N GLN A 14 17.74 -32.54 -25.11
CA GLN A 14 17.43 -33.95 -25.18
C GLN A 14 16.13 -34.14 -25.96
N GLY A 15 15.14 -33.33 -25.62
CA GLY A 15 13.85 -33.42 -26.29
C GLY A 15 13.94 -33.19 -27.78
N GLN A 16 14.78 -32.24 -28.16
CA GLN A 16 14.96 -31.93 -29.58
C GLN A 16 15.69 -33.05 -30.30
N ALA A 17 16.75 -33.57 -29.68
CA ALA A 17 17.51 -34.66 -30.28
C ALA A 17 16.61 -35.87 -30.49
N ALA A 18 15.73 -36.13 -29.54
CA ALA A 18 14.82 -37.27 -29.62
C ALA A 18 13.78 -37.07 -30.73
N ALA A 19 13.31 -35.84 -30.90
CA ALA A 19 12.32 -35.55 -31.93
C ALA A 19 12.98 -35.70 -33.30
N ARG A 20 14.22 -35.21 -33.41
CA ARG A 20 15.01 -35.30 -34.64
C ARG A 20 15.11 -36.77 -35.07
N ALA A 21 15.49 -37.64 -34.13
CA ALA A 21 15.63 -39.07 -34.41
C ALA A 21 14.31 -39.73 -34.79
N ALA A 22 13.24 -39.43 -34.07
CA ALA A 22 11.93 -40.01 -34.37
C ALA A 22 11.48 -39.61 -35.77
N ALA A 23 11.64 -38.34 -36.12
CA ALA A 23 11.24 -37.86 -37.43
C ALA A 23 12.08 -38.52 -38.53
N ALA A 24 13.38 -38.61 -38.32
CA ALA A 24 14.28 -39.22 -39.29
C ALA A 24 13.98 -40.70 -39.45
N ASP A 25 13.78 -41.39 -38.33
CA ASP A 25 13.47 -42.82 -38.34
C ASP A 25 12.20 -43.09 -39.13
N LEU A 26 11.20 -42.24 -38.92
CA LEU A 26 9.90 -42.37 -39.59
C LEU A 26 10.10 -42.24 -41.10
N ALA A 27 10.79 -41.16 -41.50
CA ALA A 27 11.03 -40.91 -42.92
C ALA A 27 11.86 -42.01 -43.58
N ALA A 28 12.74 -42.64 -42.80
CA ALA A 28 13.58 -43.71 -43.34
C ALA A 28 12.85 -45.05 -43.35
N GLY A 29 11.57 -45.04 -42.98
CA GLY A 29 10.79 -46.26 -42.98
C GLY A 29 10.95 -47.20 -41.79
N GLN A 30 11.46 -46.69 -40.68
CA GLN A 30 11.64 -47.53 -39.48
C GLN A 30 10.33 -47.62 -38.70
N ASP A 31 10.09 -48.77 -38.08
CA ASP A 31 8.88 -48.98 -37.29
C ASP A 31 9.16 -48.89 -35.79
N ASP A 32 8.13 -48.52 -35.03
CA ASP A 32 8.26 -48.42 -33.57
C ASP A 32 7.93 -49.76 -32.94
N GLU A 33 8.82 -50.25 -32.08
CA GLU A 33 8.60 -51.53 -31.39
C GLU A 33 8.96 -51.35 -29.92
N PRO A 34 7.98 -50.89 -29.11
CA PRO A 34 8.15 -50.66 -27.68
C PRO A 34 8.74 -51.81 -26.87
N ARG A 35 9.66 -51.47 -25.98
CA ARG A 35 10.29 -52.44 -25.10
C ARG A 35 10.64 -51.70 -23.81
N ILE A 36 11.18 -52.43 -22.85
CA ILE A 36 11.58 -51.83 -21.58
C ILE A 36 13.08 -51.60 -21.62
N LEU A 37 13.48 -50.36 -21.40
CA LEU A 37 14.89 -50.02 -21.43
C LEU A 37 15.65 -50.41 -20.18
N GLU A 38 16.97 -50.54 -20.32
CA GLU A 38 17.85 -50.84 -19.20
C GLU A 38 18.59 -49.52 -19.03
N ALA A 39 18.93 -49.15 -17.80
CA ALA A 39 19.67 -47.91 -17.58
C ALA A 39 21.12 -48.12 -17.99
N PRO A 40 21.82 -47.05 -18.36
CA PRO A 40 23.22 -47.22 -18.75
C PRO A 40 24.01 -47.69 -17.53
N ALA A 41 25.15 -48.33 -17.75
CA ALA A 41 25.97 -48.83 -16.66
C ALA A 41 26.32 -47.73 -15.67
N PRO A 42 26.42 -48.06 -14.38
CA PRO A 42 26.76 -47.07 -13.36
C PRO A 42 28.16 -46.51 -13.59
N ASP A 43 28.31 -45.19 -13.49
CA ASP A 43 29.61 -44.58 -13.65
C ASP A 43 29.80 -43.48 -12.62
N ALA A 44 30.97 -42.87 -12.62
CA ALA A 44 31.30 -41.81 -11.68
C ALA A 44 30.34 -40.64 -11.71
N ARG A 45 29.72 -40.41 -12.87
CA ARG A 45 28.82 -39.28 -13.06
C ARG A 45 27.35 -39.57 -12.74
N ARG A 46 27.04 -40.78 -12.31
CA ARG A 46 25.65 -41.08 -11.97
C ARG A 46 25.41 -40.45 -10.60
N VAL A 47 24.26 -39.83 -10.41
CA VAL A 47 23.95 -39.20 -9.12
C VAL A 47 22.53 -39.56 -8.72
N TYR A 48 22.32 -39.82 -7.43
CA TYR A 48 21.01 -40.19 -6.92
C TYR A 48 20.40 -39.10 -6.05
N VAL A 49 19.14 -38.76 -6.32
CA VAL A 49 18.45 -37.74 -5.55
C VAL A 49 17.23 -38.35 -4.89
N ASN A 50 17.15 -38.23 -3.56
CA ASN A 50 16.01 -38.76 -2.83
C ASN A 50 15.04 -37.65 -2.40
N ASP A 51 13.76 -37.94 -2.53
CA ASP A 51 12.71 -37.00 -2.19
C ASP A 51 11.85 -37.50 -1.02
N PRO A 52 12.15 -37.04 0.21
CA PRO A 52 11.40 -37.44 1.40
C PRO A 52 9.98 -36.87 1.33
N ALA A 53 9.76 -36.02 0.34
CA ALA A 53 8.46 -35.40 0.09
C ALA A 53 7.77 -34.81 1.33
N HIS A 54 8.52 -34.06 2.13
CA HIS A 54 7.97 -33.41 3.31
C HIS A 54 7.22 -34.34 4.25
N PHE A 55 7.80 -35.51 4.52
CA PHE A 55 7.20 -36.51 5.41
C PHE A 55 5.98 -37.24 4.84
N ALA A 56 5.88 -37.36 3.52
CA ALA A 56 4.75 -38.07 2.94
C ALA A 56 4.92 -39.57 3.15
N ALA A 57 3.80 -40.29 3.11
CA ALA A 57 3.81 -41.74 3.32
C ALA A 57 4.60 -42.52 2.25
N VAL A 58 4.63 -41.99 1.04
CA VAL A 58 5.38 -42.65 -0.03
C VAL A 58 6.36 -41.64 -0.61
N THR A 59 7.51 -42.13 -1.07
CA THR A 59 8.57 -41.27 -1.57
C THR A 59 9.16 -41.77 -2.90
N GLN A 60 10.07 -41.01 -3.45
CA GLN A 60 10.69 -41.39 -4.71
C GLN A 60 12.17 -41.04 -4.74
N GLN A 61 12.92 -41.84 -5.51
CA GLN A 61 14.34 -41.61 -5.68
C GLN A 61 14.54 -41.46 -7.19
N PHE A 62 15.34 -40.47 -7.60
CA PHE A 62 15.61 -40.25 -9.01
C PHE A 62 17.05 -40.65 -9.32
N VAL A 63 17.24 -41.40 -10.40
CA VAL A 63 18.58 -41.81 -10.82
C VAL A 63 18.92 -40.90 -11.99
N ILE A 64 19.99 -40.13 -11.82
CA ILE A 64 20.40 -39.14 -12.82
C ILE A 64 21.80 -39.29 -13.40
N ASP A 65 21.91 -39.04 -14.70
CA ASP A 65 23.21 -39.06 -15.37
C ASP A 65 23.64 -37.61 -15.26
N GLY A 66 24.60 -37.35 -14.36
CA GLY A 66 25.05 -35.98 -14.15
C GLY A 66 25.73 -35.33 -15.33
N GLU A 67 26.30 -36.14 -16.20
CA GLU A 67 26.99 -35.64 -17.38
C GLU A 67 25.99 -35.02 -18.36
N ALA A 68 24.91 -35.73 -18.64
CA ALA A 68 23.90 -35.26 -19.57
C ALA A 68 22.78 -34.45 -18.90
N GLY A 69 22.62 -34.60 -17.59
CA GLY A 69 21.57 -33.90 -16.89
C GLY A 69 20.24 -34.52 -17.30
N ARG A 70 20.19 -35.84 -17.25
CA ARG A 70 18.99 -36.58 -17.64
C ARG A 70 18.60 -37.63 -16.61
N VAL A 71 17.29 -37.76 -16.36
CA VAL A 71 16.79 -38.77 -15.43
C VAL A 71 16.82 -40.10 -16.18
N ILE A 72 17.61 -41.05 -15.71
CA ILE A 72 17.70 -42.34 -16.39
C ILE A 72 16.90 -43.44 -15.71
N GLY A 73 16.28 -43.11 -14.58
CA GLY A 73 15.48 -44.09 -13.87
C GLY A 73 14.95 -43.56 -12.55
N MET A 74 14.06 -44.33 -11.93
CA MET A 74 13.47 -43.96 -10.65
C MET A 74 13.24 -45.19 -9.79
N ILE A 75 13.04 -44.96 -8.50
CA ILE A 75 12.77 -46.04 -7.55
C ILE A 75 11.74 -45.56 -6.55
N ASP A 76 10.72 -46.38 -6.28
CA ASP A 76 9.70 -46.00 -5.31
C ASP A 76 10.10 -46.43 -3.91
N GLY A 77 9.77 -45.60 -2.92
CA GLY A 77 10.09 -45.92 -1.55
C GLY A 77 8.93 -45.63 -0.62
N GLY A 78 9.05 -46.06 0.63
CA GLY A 78 7.98 -45.83 1.59
C GLY A 78 8.17 -44.56 2.41
N PHE A 79 7.89 -44.67 3.71
CA PHE A 79 8.00 -43.54 4.63
C PHE A 79 9.43 -43.30 5.08
N LEU A 80 9.94 -42.10 4.79
CA LEU A 80 11.29 -41.72 5.19
C LEU A 80 12.36 -42.80 5.02
N PRO A 81 12.53 -43.33 3.79
CA PRO A 81 13.53 -44.38 3.58
C PRO A 81 14.98 -43.89 3.65
N ASN A 82 15.88 -44.80 3.98
CA ASN A 82 17.30 -44.47 4.06
C ASN A 82 18.00 -45.12 2.86
N PRO A 83 18.52 -44.29 1.95
CA PRO A 83 19.20 -44.86 0.77
C PRO A 83 20.68 -45.13 0.96
N VAL A 84 21.16 -46.18 0.32
CA VAL A 84 22.58 -46.51 0.34
C VAL A 84 22.94 -46.94 -1.08
N VAL A 85 24.18 -46.66 -1.46
CA VAL A 85 24.68 -47.00 -2.78
C VAL A 85 26.05 -47.63 -2.64
N ALA A 86 26.24 -48.80 -3.23
CA ALA A 86 27.52 -49.47 -3.19
C ALA A 86 28.54 -48.63 -3.94
N ASP A 87 29.68 -48.36 -3.33
CA ASP A 87 30.69 -47.55 -4.00
C ASP A 87 31.18 -48.16 -5.30
N ASP A 88 31.15 -49.49 -5.42
CA ASP A 88 31.60 -50.12 -6.65
C ASP A 88 30.53 -50.18 -7.73
N GLY A 89 29.37 -49.59 -7.44
CA GLY A 89 28.27 -49.56 -8.39
C GLY A 89 27.59 -50.88 -8.70
N SER A 90 27.81 -51.90 -7.86
CA SER A 90 27.21 -53.20 -8.10
C SER A 90 25.74 -53.31 -7.69
N PHE A 91 25.27 -52.37 -6.87
CA PHE A 91 23.87 -52.39 -6.44
C PHE A 91 23.49 -51.14 -5.66
N ILE A 92 22.19 -50.97 -5.46
CA ILE A 92 21.69 -49.86 -4.66
C ILE A 92 20.63 -50.47 -3.76
N ALA A 93 20.38 -49.85 -2.61
CA ALA A 93 19.39 -50.41 -1.71
C ALA A 93 18.87 -49.32 -0.80
N HIS A 94 17.83 -49.65 -0.05
CA HIS A 94 17.28 -48.72 0.91
C HIS A 94 16.52 -49.45 2.01
N ALA A 95 16.47 -48.84 3.19
CA ALA A 95 15.74 -49.39 4.31
C ALA A 95 14.45 -48.58 4.20
N SER A 96 13.31 -49.25 4.15
CA SER A 96 12.04 -48.56 3.95
C SER A 96 10.94 -49.02 4.91
N THR A 97 9.83 -48.28 4.91
CA THR A 97 8.69 -48.56 5.78
C THR A 97 7.35 -48.38 5.05
N VAL A 98 6.49 -49.38 5.14
CA VAL A 98 5.16 -49.29 4.52
C VAL A 98 4.10 -49.71 5.52
N PHE A 99 2.84 -49.40 5.21
CA PHE A 99 1.72 -49.71 6.08
C PHE A 99 0.63 -50.37 5.24
N SER A 100 -0.17 -51.23 5.87
CA SER A 100 -1.25 -51.94 5.17
C SER A 100 -2.35 -51.03 4.61
N ARG A 101 -2.58 -49.89 5.25
CA ARG A 101 -3.59 -48.96 4.77
C ARG A 101 -3.04 -47.54 4.64
N ILE A 102 -2.08 -47.39 3.73
CA ILE A 102 -1.41 -46.12 3.43
C ILE A 102 -0.53 -45.56 4.54
N ALA A 103 -1.14 -45.00 5.58
CA ALA A 103 -0.38 -44.41 6.68
C ALA A 103 -0.74 -45.00 8.03
N ARG A 104 -1.58 -46.04 8.00
CA ARG A 104 -2.01 -46.68 9.23
C ARG A 104 -2.18 -48.17 8.99
N GLY A 105 -2.43 -48.92 10.06
CA GLY A 105 -2.57 -50.36 9.93
C GLY A 105 -1.27 -51.04 10.29
N GLU A 106 -1.03 -52.23 9.76
CA GLU A 106 0.20 -52.96 10.05
C GLU A 106 1.42 -52.34 9.38
N ARG A 107 2.45 -52.09 10.17
CA ARG A 107 3.69 -51.51 9.69
C ARG A 107 4.68 -52.60 9.32
N THR A 108 5.37 -52.41 8.19
CA THR A 108 6.39 -53.35 7.77
C THR A 108 7.67 -52.60 7.42
N ASP A 109 8.75 -52.90 8.12
CA ASP A 109 10.04 -52.29 7.85
C ASP A 109 10.79 -53.32 7.02
N TYR A 110 11.46 -52.89 5.96
CA TYR A 110 12.17 -53.83 5.12
C TYR A 110 13.34 -53.20 4.41
N VAL A 111 14.20 -54.05 3.86
CA VAL A 111 15.35 -53.60 3.11
C VAL A 111 15.22 -54.19 1.71
N GLU A 112 15.31 -53.33 0.69
CA GLU A 112 15.23 -53.78 -0.69
C GLU A 112 16.56 -53.52 -1.38
N VAL A 113 17.01 -54.47 -2.18
CA VAL A 113 18.26 -54.32 -2.92
C VAL A 113 17.86 -54.29 -4.40
N PHE A 114 18.48 -53.43 -5.19
CA PHE A 114 18.14 -53.31 -6.60
C PHE A 114 19.31 -53.51 -7.56
N ASP A 115 19.00 -54.07 -8.72
CA ASP A 115 19.98 -54.28 -9.79
C ASP A 115 20.23 -52.85 -10.30
N PRO A 116 21.50 -52.41 -10.38
CA PRO A 116 21.84 -51.06 -10.84
C PRO A 116 21.50 -50.71 -12.30
N VAL A 117 21.24 -51.75 -13.10
CA VAL A 117 20.93 -51.53 -14.51
C VAL A 117 19.46 -51.74 -14.87
N THR A 118 18.85 -52.81 -14.37
CA THR A 118 17.45 -53.09 -14.67
C THR A 118 16.52 -52.42 -13.65
N LEU A 119 17.10 -52.02 -12.52
CA LEU A 119 16.37 -51.37 -11.44
C LEU A 119 15.33 -52.29 -10.79
N LEU A 120 15.40 -53.58 -11.10
CA LEU A 120 14.46 -54.52 -10.49
C LEU A 120 14.96 -54.94 -9.12
N PRO A 121 14.04 -55.19 -8.18
CA PRO A 121 14.49 -55.61 -6.85
C PRO A 121 15.10 -57.01 -6.95
N THR A 122 16.24 -57.22 -6.28
CA THR A 122 16.89 -58.53 -6.30
C THR A 122 16.81 -59.14 -4.91
N ALA A 123 16.31 -58.38 -3.95
CA ALA A 123 16.17 -58.86 -2.58
C ALA A 123 15.18 -57.99 -1.82
N ASP A 124 14.41 -58.61 -0.92
CA ASP A 124 13.44 -57.92 -0.11
C ASP A 124 13.55 -58.58 1.25
N ILE A 125 14.21 -57.89 2.19
CA ILE A 125 14.44 -58.43 3.52
C ILE A 125 13.62 -57.73 4.60
N GLU A 126 12.69 -58.46 5.21
CA GLU A 126 11.85 -57.88 6.24
C GLU A 126 12.63 -57.71 7.55
N LEU A 127 12.40 -56.61 8.23
CA LEU A 127 13.07 -56.33 9.49
C LEU A 127 12.05 -56.55 10.60
N PRO A 128 12.33 -57.50 11.50
CA PRO A 128 11.46 -57.84 12.63
C PRO A 128 11.17 -56.69 13.60
N ASP A 129 9.91 -56.61 14.03
CA ASP A 129 9.47 -55.60 14.99
C ASP A 129 9.65 -54.14 14.65
N ALA A 130 9.55 -53.78 13.37
CA ALA A 130 9.66 -52.38 12.95
C ALA A 130 10.71 -51.61 13.77
N PRO A 131 11.99 -51.95 13.58
CA PRO A 131 13.07 -51.29 14.32
C PRO A 131 13.65 -50.00 13.73
N ARG A 132 13.21 -49.59 12.55
CA ARG A 132 13.77 -48.38 11.94
C ARG A 132 13.51 -47.10 12.74
N PHE A 133 14.50 -46.21 12.71
CA PHE A 133 14.41 -44.91 13.37
C PHE A 133 13.81 -43.96 12.33
N LEU A 134 12.59 -43.48 12.60
CA LEU A 134 11.92 -42.56 11.66
C LEU A 134 12.30 -41.12 11.97
N VAL A 135 13.12 -40.53 11.11
CA VAL A 135 13.61 -39.18 11.29
C VAL A 135 13.93 -38.58 9.92
N GLY A 136 14.05 -37.25 9.85
CA GLY A 136 14.39 -36.59 8.60
C GLY A 136 15.61 -37.33 8.08
N THR A 137 15.69 -37.58 6.79
CA THR A 137 16.78 -38.38 6.23
C THR A 137 18.23 -37.97 6.45
N TYR A 138 18.94 -38.78 7.24
CA TYR A 138 20.35 -38.58 7.55
C TYR A 138 21.08 -39.73 6.87
N PRO A 139 21.90 -39.44 5.85
CA PRO A 139 22.61 -40.51 5.15
C PRO A 139 23.29 -41.55 6.02
N TRP A 140 23.95 -41.11 7.10
CA TRP A 140 24.67 -42.06 7.94
C TRP A 140 23.94 -42.72 9.12
N MET A 141 22.63 -42.87 8.99
CA MET A 141 21.84 -43.56 10.01
C MET A 141 21.58 -44.97 9.46
N THR A 142 22.05 -45.22 8.24
CA THR A 142 21.93 -46.53 7.60
C THR A 142 23.17 -46.60 6.70
N SER A 143 24.02 -47.59 6.93
CA SER A 143 25.26 -47.68 6.20
C SER A 143 25.67 -49.08 5.75
N LEU A 144 26.53 -49.12 4.75
CA LEU A 144 27.05 -50.37 4.21
C LEU A 144 28.47 -50.56 4.71
N THR A 145 28.87 -51.80 4.97
CA THR A 145 30.23 -52.06 5.38
C THR A 145 31.04 -51.95 4.08
N PRO A 146 32.34 -51.65 4.18
CA PRO A 146 33.17 -51.51 2.98
C PRO A 146 33.15 -52.68 1.97
N ASP A 147 32.93 -53.90 2.46
CA ASP A 147 32.87 -55.06 1.57
C ASP A 147 31.53 -55.15 0.85
N GLY A 148 30.58 -54.31 1.28
CA GLY A 148 29.25 -54.30 0.67
C GLY A 148 28.38 -55.50 0.97
N LYS A 149 28.76 -56.30 1.94
CA LYS A 149 28.00 -57.49 2.30
C LYS A 149 27.05 -57.27 3.47
N THR A 150 27.24 -56.18 4.20
CA THR A 150 26.41 -55.91 5.37
C THR A 150 25.83 -54.50 5.41
N LEU A 151 24.58 -54.40 5.86
CA LEU A 151 23.92 -53.11 5.98
C LEU A 151 23.60 -52.93 7.47
N LEU A 152 23.92 -51.75 7.99
CA LEU A 152 23.68 -51.43 9.40
C LEU A 152 22.70 -50.28 9.49
N PHE A 153 21.72 -50.37 10.38
CA PHE A 153 20.75 -49.29 10.54
C PHE A 153 20.58 -48.98 12.03
N TYR A 154 20.17 -47.76 12.32
CA TYR A 154 20.01 -47.29 13.70
C TYR A 154 18.60 -47.35 14.28
N GLN A 155 18.52 -47.72 15.55
CA GLN A 155 17.25 -47.77 16.26
C GLN A 155 17.38 -46.80 17.43
N PHE A 156 16.38 -45.93 17.59
CA PHE A 156 16.41 -44.93 18.65
C PHE A 156 15.70 -45.41 19.90
N SER A 157 14.47 -45.87 19.73
CA SER A 157 13.66 -46.33 20.85
C SER A 157 13.32 -47.80 20.65
N PRO A 158 13.10 -48.55 21.75
CA PRO A 158 13.16 -48.10 23.15
C PRO A 158 14.57 -47.91 23.71
N ALA A 159 15.57 -48.39 22.98
CA ALA A 159 16.95 -48.26 23.42
C ALA A 159 17.89 -48.16 22.22
N PRO A 160 18.98 -47.40 22.35
CA PRO A 160 19.94 -47.25 21.25
C PRO A 160 20.39 -48.64 20.82
N ALA A 161 20.37 -48.89 19.51
CA ALA A 161 20.80 -50.19 18.98
C ALA A 161 21.05 -50.08 17.48
N VAL A 162 21.86 -50.99 16.97
CA VAL A 162 22.18 -51.02 15.54
C VAL A 162 21.80 -52.39 14.97
N GLY A 163 20.94 -52.39 13.95
CA GLY A 163 20.55 -53.64 13.33
C GLY A 163 21.55 -54.13 12.30
N VAL A 164 21.75 -55.43 12.24
CA VAL A 164 22.69 -56.01 11.28
C VAL A 164 21.93 -56.83 10.23
N VAL A 165 22.08 -56.45 8.97
CA VAL A 165 21.41 -57.13 7.89
C VAL A 165 22.44 -57.72 6.93
N ASP A 166 22.38 -59.03 6.73
CA ASP A 166 23.29 -59.73 5.84
C ASP A 166 22.73 -59.66 4.42
N LEU A 167 23.30 -58.79 3.60
CA LEU A 167 22.84 -58.62 2.22
C LEU A 167 23.23 -59.81 1.38
N GLU A 168 24.30 -60.48 1.76
CA GLU A 168 24.75 -61.65 1.02
C GLU A 168 23.76 -62.80 1.23
N GLY A 169 23.44 -63.07 2.49
CA GLY A 169 22.51 -64.14 2.79
C GLY A 169 21.06 -63.69 2.73
N LYS A 170 20.85 -62.43 2.40
CA LYS A 170 19.51 -61.87 2.31
C LYS A 170 18.68 -62.16 3.57
N ALA A 171 19.21 -61.78 4.73
CA ALA A 171 18.50 -62.03 5.97
C ALA A 171 18.92 -61.08 7.09
N PHE A 172 17.98 -60.82 8.00
CA PHE A 172 18.22 -59.98 9.16
C PHE A 172 18.98 -60.86 10.14
N LYS A 173 20.05 -60.34 10.73
CA LYS A 173 20.84 -61.11 11.68
C LYS A 173 20.51 -60.85 13.14
N ARG A 174 20.76 -59.65 13.61
CA ARG A 174 20.52 -59.33 15.00
C ARG A 174 20.62 -57.83 15.28
N MET A 175 20.18 -57.44 16.47
CA MET A 175 20.24 -56.06 16.91
C MET A 175 21.42 -55.98 17.87
N LEU A 176 22.24 -54.94 17.70
CA LEU A 176 23.42 -54.73 18.54
C LEU A 176 23.14 -53.62 19.54
N ASP A 177 23.31 -53.91 20.84
CA ASP A 177 23.10 -52.89 21.85
C ASP A 177 24.31 -51.98 21.93
N VAL A 178 24.07 -50.68 21.86
CA VAL A 178 25.15 -49.70 21.93
C VAL A 178 24.83 -48.62 22.94
N PRO A 179 25.82 -47.81 23.31
CA PRO A 179 25.60 -46.73 24.28
C PRO A 179 24.76 -45.63 23.63
N ASP A 180 24.56 -44.53 24.35
CA ASP A 180 23.78 -43.42 23.83
C ASP A 180 24.62 -42.67 22.79
N CYS A 181 24.70 -43.25 21.60
CA CYS A 181 25.47 -42.68 20.50
C CYS A 181 24.60 -42.71 19.24
N TYR A 182 24.98 -41.90 18.25
CA TYR A 182 24.23 -41.76 17.01
C TYR A 182 25.10 -41.78 15.76
N HIS A 183 24.48 -42.18 14.65
CA HIS A 183 25.14 -42.31 13.34
C HIS A 183 25.99 -43.57 13.29
N ILE A 184 26.25 -44.05 12.07
CA ILE A 184 27.02 -45.27 11.88
C ILE A 184 28.06 -45.11 10.77
N PHE A 185 29.34 -45.21 11.12
CA PHE A 185 30.42 -45.05 10.16
C PHE A 185 31.26 -46.33 10.13
N PRO A 186 30.95 -47.26 9.20
CA PRO A 186 31.68 -48.52 9.06
C PRO A 186 33.10 -48.32 8.54
N THR A 187 34.05 -49.05 9.12
CA THR A 187 35.46 -48.96 8.70
C THR A 187 35.99 -50.31 8.30
N ALA A 188 35.23 -51.35 8.59
CA ALA A 188 35.62 -52.72 8.29
C ALA A 188 34.39 -53.60 8.28
N PRO A 189 34.52 -54.86 7.82
CA PRO A 189 33.38 -55.77 7.77
C PRO A 189 32.70 -55.97 9.13
N ASP A 190 33.46 -55.79 10.21
CA ASP A 190 32.92 -56.00 11.56
C ASP A 190 33.15 -54.85 12.53
N THR A 191 33.37 -53.65 12.01
CA THR A 191 33.63 -52.50 12.87
C THR A 191 33.02 -51.21 12.34
N PHE A 192 32.50 -50.38 13.25
CA PHE A 192 31.93 -49.09 12.89
C PHE A 192 31.99 -48.14 14.07
N PHE A 193 31.98 -46.85 13.78
CA PHE A 193 32.05 -45.83 14.80
C PHE A 193 30.73 -45.06 14.90
N MET A 194 30.48 -44.51 16.08
CA MET A 194 29.28 -43.72 16.33
C MET A 194 29.70 -42.47 17.10
N HIS A 195 28.84 -41.46 17.10
CA HIS A 195 29.13 -40.23 17.84
C HIS A 195 28.21 -40.24 19.05
N CYS A 196 28.77 -40.06 20.23
CA CYS A 196 27.99 -40.13 21.46
C CYS A 196 27.61 -38.79 22.10
N ARG A 197 26.57 -38.83 22.92
CA ARG A 197 26.07 -37.64 23.61
C ARG A 197 27.15 -36.96 24.46
N ASP A 198 28.09 -37.74 25.01
CA ASP A 198 29.13 -37.15 25.85
C ASP A 198 30.23 -36.46 25.04
N GLY A 199 30.11 -36.48 23.72
CA GLY A 199 31.11 -35.82 22.89
C GLY A 199 32.23 -36.73 22.42
N SER A 200 32.17 -37.99 22.81
CA SER A 200 33.20 -38.93 22.37
C SER A 200 32.69 -39.70 21.17
N LEU A 201 33.56 -40.55 20.64
CA LEU A 201 33.23 -41.40 19.51
C LEU A 201 33.27 -42.80 20.12
N ALA A 202 32.42 -43.69 19.66
CA ALA A 202 32.39 -45.05 20.15
C ALA A 202 32.77 -46.00 19.01
N LYS A 203 33.72 -46.89 19.28
CA LYS A 203 34.15 -47.86 18.29
C LYS A 203 33.46 -49.16 18.65
N VAL A 204 32.70 -49.73 17.73
CA VAL A 204 31.99 -50.97 18.00
C VAL A 204 32.47 -52.10 17.10
N ALA A 205 32.98 -53.16 17.71
CA ALA A 205 33.46 -54.32 16.98
C ALA A 205 32.51 -55.48 17.30
N PHE A 206 31.88 -56.01 16.26
CA PHE A 206 30.93 -57.10 16.45
C PHE A 206 31.26 -58.34 15.64
N GLY A 207 30.46 -59.37 15.83
CA GLY A 207 30.66 -60.62 15.13
C GLY A 207 29.31 -61.26 14.88
N THR A 208 29.30 -62.55 14.56
CA THR A 208 28.06 -63.25 14.30
C THR A 208 27.32 -63.57 15.60
N GLU A 209 28.07 -63.64 16.70
CA GLU A 209 27.49 -63.95 18.00
C GLU A 209 28.26 -63.27 19.13
N GLY A 210 27.63 -63.17 20.29
CA GLY A 210 28.26 -62.55 21.44
C GLY A 210 28.04 -61.06 21.53
N THR A 211 28.35 -60.48 22.69
CA THR A 211 28.19 -59.05 22.89
C THR A 211 29.33 -58.34 22.19
N PRO A 212 29.06 -57.16 21.59
CA PRO A 212 30.08 -56.40 20.87
C PRO A 212 31.11 -55.69 21.75
N GLU A 213 32.29 -55.47 21.18
CA GLU A 213 33.38 -54.77 21.86
C GLU A 213 33.16 -53.27 21.65
N ILE A 214 32.95 -52.54 22.72
CA ILE A 214 32.75 -51.10 22.58
C ILE A 214 33.83 -50.34 23.33
N THR A 215 34.45 -49.39 22.64
CA THR A 215 35.50 -48.58 23.24
C THR A 215 35.27 -47.13 22.85
N HIS A 216 35.47 -46.23 23.79
CA HIS A 216 35.28 -44.81 23.54
C HIS A 216 36.61 -44.11 23.30
N THR A 217 36.58 -43.08 22.46
CA THR A 217 37.77 -42.30 22.20
C THR A 217 37.66 -41.18 23.22
N GLU A 218 38.57 -40.23 23.15
CA GLU A 218 38.54 -39.07 24.02
C GLU A 218 37.41 -38.18 23.54
N VAL A 219 36.96 -37.26 24.38
CA VAL A 219 35.91 -36.33 24.00
C VAL A 219 36.63 -35.35 23.07
N PHE A 220 36.09 -35.11 21.87
CA PHE A 220 36.76 -34.20 20.95
C PHE A 220 36.11 -32.84 20.77
N HIS A 221 34.99 -32.61 21.45
CA HIS A 221 34.34 -31.31 21.36
C HIS A 221 33.53 -31.06 22.61
N PRO A 222 33.45 -29.80 23.04
CA PRO A 222 32.71 -29.42 24.23
C PRO A 222 31.19 -29.49 24.04
N GLU A 223 30.48 -29.44 25.16
CA GLU A 223 29.03 -29.48 25.22
C GLU A 223 28.34 -28.38 24.42
N ASP A 224 29.00 -27.23 24.34
CA ASP A 224 28.44 -26.06 23.64
C ASP A 224 28.78 -25.96 22.17
N GLU A 225 29.49 -26.96 21.64
CA GLU A 225 29.84 -26.96 20.23
C GLU A 225 28.92 -27.99 19.57
N PHE A 226 28.06 -27.53 18.66
CA PHE A 226 27.10 -28.43 18.02
C PHE A 226 27.49 -28.96 16.65
N LEU A 227 27.62 -30.28 16.56
CA LEU A 227 27.98 -30.95 15.32
C LEU A 227 26.70 -31.23 14.54
N ILE A 228 26.66 -30.82 13.28
CA ILE A 228 25.48 -30.99 12.46
C ILE A 228 25.08 -32.45 12.23
N ASN A 229 23.86 -32.65 11.75
CA ASN A 229 23.34 -33.99 11.51
C ASN A 229 23.84 -34.61 10.22
N HIS A 230 24.48 -33.81 9.37
CA HIS A 230 24.94 -34.32 8.08
C HIS A 230 26.43 -34.23 7.82
N PRO A 231 27.24 -35.03 8.54
CA PRO A 231 28.68 -34.99 8.30
C PRO A 231 28.99 -35.73 7.01
N ALA A 232 30.15 -35.46 6.43
CA ALA A 232 30.55 -36.15 5.20
C ALA A 232 31.52 -37.24 5.62
N TYR A 233 31.36 -38.43 5.06
CA TYR A 233 32.25 -39.53 5.39
C TYR A 233 32.69 -40.26 4.14
N SER A 234 34.00 -40.38 3.95
CA SER A 234 34.56 -41.08 2.82
C SER A 234 35.09 -42.39 3.37
N GLN A 235 34.41 -43.48 3.05
CA GLN A 235 34.80 -44.79 3.52
C GLN A 235 36.13 -45.22 2.91
N LYS A 236 36.35 -44.92 1.63
CA LYS A 236 37.58 -45.31 0.97
C LYS A 236 38.82 -44.60 1.52
N ALA A 237 38.62 -43.41 2.09
CA ALA A 237 39.73 -42.64 2.64
C ALA A 237 39.71 -42.70 4.16
N GLY A 238 38.62 -43.20 4.72
CA GLY A 238 38.49 -43.27 6.16
C GLY A 238 38.55 -41.87 6.76
N ARG A 239 37.91 -40.92 6.10
CA ARG A 239 37.91 -39.53 6.55
C ARG A 239 36.50 -39.09 6.92
N LEU A 240 36.34 -38.66 8.17
CA LEU A 240 35.04 -38.17 8.65
C LEU A 240 35.21 -36.66 8.76
N VAL A 241 34.39 -35.90 8.02
CA VAL A 241 34.45 -34.44 8.04
C VAL A 241 33.18 -33.92 8.73
N TRP A 242 33.35 -33.39 9.94
CA TRP A 242 32.19 -32.92 10.72
C TRP A 242 32.17 -31.44 11.08
N PRO A 243 31.35 -30.64 10.38
CA PRO A 243 31.24 -29.21 10.66
C PRO A 243 30.38 -28.94 11.91
N THR A 244 30.54 -27.76 12.51
CA THR A 244 29.73 -27.38 13.65
C THR A 244 28.83 -26.26 13.14
N TYR A 245 27.92 -25.79 13.98
CA TYR A 245 27.01 -24.72 13.59
C TYR A 245 27.72 -23.45 13.13
N THR A 246 28.95 -23.25 13.58
CA THR A 246 29.70 -22.05 13.21
C THR A 246 30.64 -22.20 12.03
N GLY A 247 30.76 -23.42 11.52
CA GLY A 247 31.64 -23.63 10.38
C GLY A 247 32.99 -24.20 10.77
N LYS A 248 33.22 -24.37 12.07
CA LYS A 248 34.48 -24.96 12.50
C LYS A 248 34.39 -26.42 12.02
N ILE A 249 35.48 -26.96 11.50
CA ILE A 249 35.45 -28.33 11.01
C ILE A 249 36.34 -29.30 11.76
N HIS A 250 35.73 -30.37 12.24
CA HIS A 250 36.45 -31.43 12.95
C HIS A 250 36.65 -32.56 11.94
N GLN A 251 37.89 -32.97 11.73
CA GLN A 251 38.18 -34.06 10.81
C GLN A 251 38.75 -35.22 11.61
N ILE A 252 38.22 -36.41 11.36
CA ILE A 252 38.70 -37.60 12.05
C ILE A 252 39.22 -38.58 11.01
N ASP A 253 40.42 -39.09 11.26
CA ASP A 253 41.06 -40.05 10.38
C ASP A 253 40.88 -41.43 10.99
N LEU A 254 40.12 -42.29 10.31
CA LEU A 254 39.85 -43.63 10.80
C LEU A 254 40.57 -44.68 9.97
N SER A 255 41.41 -44.23 9.04
CA SER A 255 42.12 -45.15 8.15
C SER A 255 43.01 -46.18 8.82
N SER A 256 43.46 -45.90 10.05
CA SER A 256 44.32 -46.86 10.74
C SER A 256 43.49 -47.92 11.44
N GLY A 257 42.22 -47.63 11.65
CA GLY A 257 41.35 -48.58 12.33
C GLY A 257 40.94 -47.99 13.67
N ASP A 258 41.67 -46.97 14.09
CA ASP A 258 41.39 -46.27 15.33
C ASP A 258 41.25 -44.79 15.00
N ALA A 259 40.47 -44.07 15.80
CA ALA A 259 40.25 -42.66 15.57
C ALA A 259 41.47 -41.80 15.85
N LYS A 260 41.83 -40.97 14.86
CA LYS A 260 42.94 -40.05 14.98
C LYS A 260 42.34 -38.69 14.68
N PHE A 261 42.37 -37.79 15.65
CA PHE A 261 41.79 -36.46 15.48
C PHE A 261 42.76 -35.46 14.87
N LEU A 262 42.38 -34.90 13.73
CA LEU A 262 43.19 -33.91 13.04
C LEU A 262 42.88 -32.52 13.58
N PRO A 263 43.77 -31.55 13.34
CA PRO A 263 43.53 -30.18 13.82
C PRO A 263 42.26 -29.60 13.22
N ALA A 264 41.46 -28.95 14.04
CA ALA A 264 40.23 -28.34 13.57
C ALA A 264 40.56 -27.09 12.77
N VAL A 265 39.80 -26.83 11.72
CA VAL A 265 40.02 -25.64 10.91
C VAL A 265 38.71 -24.86 10.76
N GLU A 266 38.81 -23.55 10.61
CA GLU A 266 37.64 -22.70 10.44
C GLU A 266 37.38 -22.66 8.95
N ALA A 267 36.14 -22.98 8.56
CA ALA A 267 35.78 -22.96 7.14
C ALA A 267 35.47 -21.53 6.69
N LEU A 268 35.10 -20.67 7.64
CA LEU A 268 34.79 -19.28 7.32
C LEU A 268 35.93 -18.37 7.75
N THR A 269 36.21 -17.34 6.97
CA THR A 269 37.28 -16.39 7.29
C THR A 269 36.90 -15.56 8.51
N GLU A 270 37.89 -14.89 9.10
CA GLU A 270 37.66 -14.05 10.26
C GLU A 270 36.65 -12.94 9.93
N ALA A 271 36.75 -12.38 8.73
CA ALA A 271 35.86 -11.31 8.30
C ALA A 271 34.42 -11.80 8.08
N GLU A 272 34.27 -12.99 7.51
CA GLU A 272 32.93 -13.53 7.26
C GLU A 272 32.22 -13.84 8.57
N ARG A 273 32.93 -14.44 9.53
CA ARG A 273 32.30 -14.75 10.80
C ARG A 273 31.88 -13.47 11.51
N ALA A 274 32.68 -12.42 11.38
CA ALA A 274 32.36 -11.13 11.99
C ALA A 274 31.15 -10.51 11.30
N ASP A 275 30.95 -10.84 10.02
CA ASP A 275 29.82 -10.31 9.25
C ASP A 275 28.58 -11.18 9.32
N GLY A 276 28.56 -12.15 10.22
CA GLY A 276 27.39 -13.00 10.36
C GLY A 276 27.25 -14.23 9.45
N TRP A 277 28.34 -14.68 8.83
CA TRP A 277 28.26 -15.85 7.97
C TRP A 277 28.28 -17.12 8.81
N ARG A 278 27.45 -18.08 8.41
CA ARG A 278 27.35 -19.37 9.09
C ARG A 278 26.85 -20.40 8.10
N PRO A 279 27.23 -21.68 8.30
CA PRO A 279 26.75 -22.70 7.36
C PRO A 279 25.26 -22.92 7.62
N GLY A 280 24.54 -23.42 6.62
CA GLY A 280 23.12 -23.66 6.79
C GLY A 280 22.57 -24.50 5.66
N GLY A 281 21.61 -25.36 5.97
CA GLY A 281 21.00 -26.22 4.96
C GLY A 281 20.76 -27.62 5.48
N TRP A 282 20.73 -28.58 4.56
CA TRP A 282 20.51 -29.99 4.91
C TRP A 282 21.89 -30.64 4.79
N GLN A 283 22.22 -31.17 3.62
CA GLN A 283 23.55 -31.76 3.41
C GLN A 283 24.45 -30.56 3.19
N GLN A 284 24.95 -29.98 4.26
CA GLN A 284 25.78 -28.79 4.19
C GLN A 284 27.24 -28.98 3.79
N VAL A 285 27.76 -30.19 3.93
CA VAL A 285 29.17 -30.43 3.62
C VAL A 285 29.41 -31.57 2.64
N ALA A 286 30.44 -31.41 1.82
CA ALA A 286 30.82 -32.44 0.85
C ALA A 286 32.34 -32.59 0.90
N TYR A 287 32.83 -33.80 0.59
CA TYR A 287 34.27 -34.07 0.62
C TYR A 287 34.72 -34.83 -0.62
N HIS A 288 35.74 -34.31 -1.30
CA HIS A 288 36.28 -34.98 -2.49
C HIS A 288 37.55 -35.70 -2.05
N ARG A 289 37.54 -37.02 -2.13
CA ARG A 289 38.67 -37.83 -1.70
C ARG A 289 39.97 -37.59 -2.45
N ALA A 290 39.95 -37.75 -3.77
CA ALA A 290 41.16 -37.57 -4.58
C ALA A 290 41.82 -36.20 -4.46
N LEU A 291 41.01 -35.15 -4.40
CA LEU A 291 41.55 -33.79 -4.29
C LEU A 291 41.74 -33.39 -2.83
N ASP A 292 41.16 -34.17 -1.92
CA ASP A 292 41.25 -33.90 -0.49
C ASP A 292 40.78 -32.47 -0.22
N ARG A 293 39.57 -32.18 -0.70
CA ARG A 293 38.96 -30.87 -0.53
C ARG A 293 37.58 -30.95 0.12
N ILE A 294 37.25 -29.91 0.86
CA ILE A 294 35.96 -29.82 1.54
C ILE A 294 35.13 -28.69 0.94
N TYR A 295 33.83 -28.94 0.76
CA TYR A 295 32.88 -27.95 0.23
C TYR A 295 31.84 -27.72 1.32
N LEU A 296 31.54 -26.46 1.62
CA LEU A 296 30.56 -26.16 2.66
C LEU A 296 29.56 -25.08 2.24
N LEU A 297 28.28 -25.34 2.47
CA LEU A 297 27.18 -24.42 2.15
C LEU A 297 27.12 -23.33 3.22
N VAL A 298 27.28 -22.08 2.81
CA VAL A 298 27.27 -20.97 3.75
C VAL A 298 26.51 -19.74 3.25
N ASP A 299 26.22 -18.82 4.16
CA ASP A 299 25.51 -17.58 3.83
C ASP A 299 25.43 -16.73 5.08
N GLN A 300 24.93 -15.51 4.96
CA GLN A 300 24.77 -14.65 6.13
C GLN A 300 23.41 -15.05 6.70
N ARG A 301 23.37 -15.33 7.99
CA ARG A 301 22.13 -15.77 8.63
C ARG A 301 22.20 -15.68 10.15
N ASP A 302 21.02 -15.62 10.78
CA ASP A 302 20.92 -15.59 12.23
C ASP A 302 21.34 -16.97 12.72
N GLU A 303 21.85 -17.05 13.94
CA GLU A 303 22.31 -18.31 14.53
C GLU A 303 21.32 -19.47 14.60
N TRP A 304 20.02 -19.18 14.62
CA TRP A 304 19.05 -20.27 14.71
C TRP A 304 18.30 -20.54 13.41
N ARG A 305 18.91 -20.19 12.28
CA ARG A 305 18.31 -20.42 10.98
C ARG A 305 19.24 -21.38 10.23
N HIS A 306 19.74 -22.38 10.96
CA HIS A 306 20.68 -23.34 10.41
C HIS A 306 20.14 -24.35 9.40
N LYS A 307 18.83 -24.40 9.20
CA LYS A 307 18.28 -25.36 8.24
C LYS A 307 17.75 -24.70 6.97
N THR A 308 17.92 -23.38 6.86
CA THR A 308 17.48 -22.65 5.68
C THR A 308 18.50 -22.82 4.56
N ALA A 309 18.07 -22.59 3.33
CA ALA A 309 18.95 -22.72 2.18
C ALA A 309 20.07 -21.68 2.21
N SER A 310 21.15 -21.95 1.49
CA SER A 310 22.29 -21.04 1.39
C SER A 310 22.56 -20.77 -0.09
N ARG A 311 23.21 -19.65 -0.39
CA ARG A 311 23.48 -19.27 -1.78
C ARG A 311 24.97 -19.31 -2.15
N PHE A 312 25.82 -19.69 -1.18
CA PHE A 312 27.25 -19.75 -1.42
C PHE A 312 27.86 -21.07 -0.99
N VAL A 313 28.98 -21.41 -1.61
CA VAL A 313 29.71 -22.62 -1.28
C VAL A 313 31.18 -22.24 -1.20
N VAL A 314 31.82 -22.55 -0.07
CA VAL A 314 33.23 -22.25 0.06
C VAL A 314 34.01 -23.56 -0.03
N VAL A 315 35.17 -23.50 -0.68
CA VAL A 315 36.01 -24.67 -0.86
C VAL A 315 37.35 -24.48 -0.16
N LEU A 316 37.78 -25.48 0.59
CA LEU A 316 39.05 -25.37 1.30
C LEU A 316 39.86 -26.66 1.22
N ASP A 317 41.18 -26.50 1.33
CA ASP A 317 42.10 -27.64 1.31
C ASP A 317 41.93 -28.30 2.66
N ALA A 318 41.56 -29.58 2.68
CA ALA A 318 41.34 -30.30 3.93
C ALA A 318 42.60 -30.52 4.76
N LYS A 319 43.75 -30.57 4.11
CA LYS A 319 44.99 -30.80 4.83
C LYS A 319 45.50 -29.56 5.56
N THR A 320 45.38 -28.40 4.92
CA THR A 320 45.87 -27.15 5.51
C THR A 320 44.81 -26.18 6.02
N GLY A 321 43.60 -26.28 5.49
CA GLY A 321 42.53 -25.38 5.92
C GLY A 321 42.53 -24.12 5.07
N GLU A 322 43.37 -24.12 4.03
CA GLU A 322 43.47 -22.98 3.13
C GLU A 322 42.21 -22.74 2.30
N ARG A 323 41.73 -21.50 2.25
CA ARG A 323 40.56 -21.14 1.46
C ARG A 323 40.96 -21.20 -0.02
N LEU A 324 40.28 -22.05 -0.78
CA LEU A 324 40.57 -22.21 -2.21
C LEU A 324 39.63 -21.45 -3.12
N ALA A 325 38.38 -21.29 -2.69
CA ALA A 325 37.40 -20.57 -3.51
C ALA A 325 36.08 -20.38 -2.79
N LYS A 326 35.28 -19.45 -3.28
CA LYS A 326 33.95 -19.17 -2.74
C LYS A 326 33.06 -18.96 -3.95
N PHE A 327 32.08 -19.82 -4.13
CA PHE A 327 31.18 -19.72 -5.26
C PHE A 327 29.83 -19.09 -4.94
N GLU A 328 29.34 -18.27 -5.85
CA GLU A 328 28.01 -17.68 -5.72
C GLU A 328 27.17 -18.66 -6.52
N MET A 329 26.33 -19.44 -5.84
CA MET A 329 25.52 -20.44 -6.52
C MET A 329 24.38 -19.89 -7.38
N GLY A 330 23.87 -18.72 -7.02
CA GLY A 330 22.80 -18.12 -7.79
C GLY A 330 21.42 -18.73 -7.58
N HIS A 331 21.31 -19.62 -6.61
CA HIS A 331 20.03 -20.26 -6.29
C HIS A 331 19.99 -20.58 -4.79
N GLU A 332 18.79 -20.88 -4.28
CA GLU A 332 18.61 -21.25 -2.88
C GLU A 332 18.96 -22.73 -2.79
N ILE A 333 20.17 -23.04 -2.31
CA ILE A 333 20.62 -24.42 -2.22
C ILE A 333 20.53 -25.02 -0.82
N ASP A 334 19.99 -26.23 -0.74
CA ASP A 334 19.83 -26.94 0.53
C ASP A 334 20.87 -28.03 0.79
N SER A 335 21.26 -28.74 -0.27
CA SER A 335 22.22 -29.83 -0.11
C SER A 335 23.25 -29.87 -1.24
N ILE A 336 24.46 -30.29 -0.91
CA ILE A 336 25.51 -30.40 -1.93
C ILE A 336 26.22 -31.74 -1.81
N ASN A 337 26.85 -32.15 -2.90
CA ASN A 337 27.64 -33.36 -2.94
C ASN A 337 28.49 -33.22 -4.18
N VAL A 338 29.46 -34.10 -4.37
CA VAL A 338 30.33 -34.02 -5.56
C VAL A 338 30.60 -35.40 -6.12
N SER A 339 30.94 -35.46 -7.41
CA SER A 339 31.30 -36.73 -8.02
C SER A 339 32.72 -36.98 -7.51
N GLN A 340 33.16 -38.23 -7.50
CA GLN A 340 34.48 -38.54 -6.98
C GLN A 340 35.54 -38.79 -8.05
N ASP A 341 35.27 -38.35 -9.27
CA ASP A 341 36.22 -38.54 -10.36
C ASP A 341 37.21 -37.39 -10.47
N GLU A 342 38.13 -37.51 -11.42
CA GLU A 342 39.19 -36.52 -11.69
C GLU A 342 38.74 -35.07 -11.69
N LYS A 343 37.85 -34.75 -12.61
CA LYS A 343 37.32 -33.40 -12.75
C LYS A 343 35.89 -33.47 -12.23
N PRO A 344 35.72 -33.32 -10.91
CA PRO A 344 34.41 -33.38 -10.27
C PRO A 344 33.34 -32.37 -10.63
N LEU A 345 32.10 -32.83 -10.50
CA LEU A 345 30.91 -32.02 -10.73
C LEU A 345 30.45 -31.67 -9.32
N LEU A 346 29.92 -30.46 -9.15
CA LEU A 346 29.41 -30.03 -7.84
C LEU A 346 27.90 -30.06 -7.95
N TYR A 347 27.26 -30.92 -7.16
CA TYR A 347 25.81 -31.04 -7.20
C TYR A 347 25.19 -30.11 -6.15
N ALA A 348 24.23 -29.29 -6.59
CA ALA A 348 23.55 -28.35 -5.70
C ALA A 348 22.05 -28.57 -5.83
N LEU A 349 21.45 -29.10 -4.77
CA LEU A 349 20.03 -29.40 -4.75
C LEU A 349 19.22 -28.34 -4.01
N SER A 350 18.17 -27.86 -4.67
CA SER A 350 17.28 -26.86 -4.10
C SER A 350 15.95 -27.54 -3.78
N THR A 351 15.63 -27.64 -2.50
CA THR A 351 14.38 -28.26 -2.08
C THR A 351 13.21 -27.43 -2.57
N GLY A 352 13.35 -26.11 -2.47
CA GLY A 352 12.31 -25.19 -2.88
C GLY A 352 12.00 -25.20 -4.37
N ASP A 353 13.03 -25.29 -5.20
CA ASP A 353 12.83 -25.32 -6.65
C ASP A 353 12.64 -26.75 -7.16
N LYS A 354 12.87 -27.73 -6.28
CA LYS A 354 12.77 -29.14 -6.64
C LYS A 354 13.65 -29.34 -7.87
N THR A 355 14.82 -28.71 -7.83
CA THR A 355 15.74 -28.74 -8.95
C THR A 355 17.17 -29.04 -8.53
N LEU A 356 17.85 -29.83 -9.36
CA LEU A 356 19.23 -30.17 -9.12
C LEU A 356 20.07 -29.33 -10.08
N TYR A 357 20.91 -28.47 -9.53
CA TYR A 357 21.79 -27.66 -10.35
C TYR A 357 23.13 -28.37 -10.39
N ILE A 358 23.70 -28.45 -11.58
CA ILE A 358 24.97 -29.15 -11.75
C ILE A 358 26.05 -28.14 -12.13
N HIS A 359 27.06 -28.02 -11.27
CA HIS A 359 28.15 -27.06 -11.49
C HIS A 359 29.50 -27.73 -11.67
N ASP A 360 30.44 -26.95 -12.20
CA ASP A 360 31.81 -27.43 -12.35
C ASP A 360 32.39 -27.18 -10.96
N ALA A 361 32.84 -28.23 -10.30
CA ALA A 361 33.39 -28.13 -8.95
C ALA A 361 34.65 -27.26 -8.85
N GLU A 362 35.27 -26.97 -9.99
CA GLU A 362 36.49 -26.17 -10.00
C GLU A 362 36.22 -24.68 -10.14
N SER A 363 35.42 -24.31 -11.13
CA SER A 363 35.11 -22.91 -11.39
C SER A 363 33.83 -22.44 -10.70
N GLY A 364 32.98 -23.37 -10.32
CA GLY A 364 31.72 -23.02 -9.68
C GLY A 364 30.64 -22.64 -10.68
N GLU A 365 30.99 -22.70 -11.96
CA GLU A 365 30.07 -22.36 -13.04
C GLU A 365 28.93 -23.36 -13.16
N GLU A 366 27.72 -22.86 -13.38
CA GLU A 366 26.55 -23.73 -13.53
C GLU A 366 26.58 -24.30 -14.94
N LEU A 367 26.56 -25.62 -15.05
CA LEU A 367 26.60 -26.28 -16.34
C LEU A 367 25.23 -26.66 -16.89
N ARG A 368 24.40 -27.24 -16.02
CA ARG A 368 23.07 -27.68 -16.43
C ARG A 368 22.21 -27.87 -15.18
N SER A 369 20.92 -28.16 -15.39
CA SER A 369 20.01 -28.39 -14.27
C SER A 369 18.93 -29.38 -14.65
N VAL A 370 18.37 -30.05 -13.64
CA VAL A 370 17.30 -31.03 -13.83
C VAL A 370 16.20 -30.67 -12.85
N ASN A 371 15.03 -30.29 -13.37
CA ASN A 371 13.91 -29.89 -12.52
C ASN A 371 12.85 -30.96 -12.28
N GLN A 372 11.74 -30.55 -11.67
CA GLN A 372 10.63 -31.45 -11.36
C GLN A 372 11.09 -32.72 -10.62
N LEU A 373 11.94 -32.56 -9.61
CA LEU A 373 12.40 -33.73 -8.87
C LEU A 373 11.57 -33.98 -7.61
N GLY A 374 10.32 -34.35 -7.79
CA GLY A 374 9.47 -34.64 -6.64
C GLY A 374 8.87 -33.43 -5.95
N HIS A 375 8.51 -33.63 -4.68
CA HIS A 375 7.86 -32.58 -3.89
C HIS A 375 8.80 -31.80 -2.98
N GLY A 376 9.78 -32.49 -2.40
CA GLY A 376 10.72 -31.81 -1.52
C GLY A 376 12.04 -32.55 -1.49
N PRO A 377 12.74 -32.66 -2.64
CA PRO A 377 14.03 -33.35 -2.71
C PRO A 377 15.05 -32.78 -1.72
N GLN A 378 15.77 -33.68 -1.02
CA GLN A 378 16.74 -33.24 -0.02
C GLN A 378 18.08 -33.96 0.02
N VAL A 379 18.13 -35.20 -0.45
CA VAL A 379 19.39 -35.94 -0.35
C VAL A 379 20.04 -36.35 -1.66
N ILE A 380 21.34 -36.06 -1.75
CA ILE A 380 22.13 -36.40 -2.93
C ILE A 380 23.12 -37.49 -2.54
N THR A 381 23.20 -38.54 -3.34
CA THR A 381 24.14 -39.62 -3.07
C THR A 381 24.92 -39.97 -4.34
N THR A 382 26.25 -40.07 -4.22
CA THR A 382 27.09 -40.45 -5.35
C THR A 382 27.99 -41.60 -4.93
N ALA A 383 28.50 -42.35 -5.90
CA ALA A 383 29.36 -43.49 -5.60
C ALA A 383 30.82 -43.12 -5.86
N ASP A 384 31.71 -43.64 -5.02
CA ASP A 384 33.13 -43.39 -5.18
C ASP A 384 33.65 -44.67 -5.84
N MET A 385 33.60 -44.69 -7.17
CA MET A 385 34.01 -45.85 -7.94
C MET A 385 35.52 -45.93 -8.18
N GLY A 386 36.22 -44.85 -7.85
CA GLY A 386 37.66 -44.83 -8.02
C GLY A 386 38.35 -45.81 -7.10
N THR B 7 10.17 -11.86 2.18
CA THR B 7 10.86 -11.99 3.50
C THR B 7 12.04 -12.95 3.45
N ASP B 8 13.18 -12.48 3.99
CA ASP B 8 14.40 -13.26 4.01
C ASP B 8 14.31 -14.42 5.00
N PRO B 9 14.41 -15.67 4.51
CA PRO B 9 14.34 -16.85 5.37
C PRO B 9 15.52 -16.96 6.33
N ARG B 10 16.63 -16.34 5.97
CA ARG B 10 17.85 -16.39 6.79
C ARG B 10 17.88 -15.33 7.90
N ALA B 11 16.96 -14.38 7.85
CA ALA B 11 16.91 -13.33 8.86
C ALA B 11 16.42 -13.83 10.21
N LYS B 12 16.78 -13.13 11.27
CA LYS B 12 16.36 -13.51 12.62
C LYS B 12 14.84 -13.66 12.67
N TRP B 13 14.38 -14.76 13.25
CA TRP B 13 12.95 -15.03 13.35
C TRP B 13 12.29 -14.02 14.28
N VAL B 14 11.17 -13.45 13.84
CA VAL B 14 10.44 -12.46 14.64
C VAL B 14 9.03 -12.99 14.90
N PRO B 15 8.72 -13.34 16.16
CA PRO B 15 7.41 -13.86 16.53
C PRO B 15 6.29 -12.83 16.61
N GLN B 16 5.07 -13.30 16.35
CA GLN B 16 3.88 -12.46 16.42
C GLN B 16 2.85 -13.27 17.23
N ASP B 17 1.84 -12.59 17.74
CA ASP B 17 0.82 -13.27 18.54
C ASP B 17 -0.58 -12.91 18.05
N ASN B 18 -0.79 -12.95 16.73
CA ASN B 18 -2.10 -12.60 16.18
C ASN B 18 -2.67 -13.55 15.12
N ASP B 19 -1.89 -14.54 14.68
CA ASP B 19 -2.38 -15.50 13.68
C ASP B 19 -1.65 -16.83 13.84
N ILE B 20 -2.35 -17.85 14.32
CA ILE B 20 -1.73 -19.15 14.54
C ILE B 20 -1.47 -19.96 13.27
N GLN B 21 -2.04 -19.54 12.14
CA GLN B 21 -1.82 -20.28 10.90
C GLN B 21 -0.61 -19.78 10.10
N ALA B 22 0.09 -18.80 10.66
CA ALA B 22 1.28 -18.26 10.02
C ALA B 22 2.51 -18.88 10.69
N CYS B 23 3.57 -19.10 9.92
CA CYS B 23 4.78 -19.71 10.45
C CYS B 23 5.54 -18.87 11.47
N ASP B 24 5.20 -17.59 11.60
CA ASP B 24 5.89 -16.76 12.58
C ASP B 24 5.09 -16.59 13.87
N TYR B 25 4.06 -17.40 14.07
CA TYR B 25 3.28 -17.34 15.31
C TYR B 25 4.26 -17.77 16.41
N TRP B 26 4.32 -17.02 17.51
CA TRP B 26 5.29 -17.30 18.56
C TRP B 26 5.42 -18.73 19.08
N ARG B 27 4.32 -19.48 19.19
CA ARG B 27 4.44 -20.85 19.70
C ARG B 27 5.07 -21.84 18.72
N HIS B 28 5.25 -21.44 17.47
CA HIS B 28 5.82 -22.34 16.47
C HIS B 28 7.32 -22.15 16.32
N CYS B 29 7.99 -21.62 17.35
CA CYS B 29 9.42 -21.35 17.23
C CYS B 29 10.29 -22.57 16.93
N SER B 30 9.76 -23.77 17.12
CA SER B 30 10.51 -24.97 16.79
C SER B 30 9.62 -26.04 16.18
N ILE B 31 8.62 -25.60 15.43
CA ILE B 31 7.72 -26.54 14.79
C ILE B 31 8.41 -27.03 13.50
N ASP B 32 8.17 -28.29 13.16
CA ASP B 32 8.73 -28.88 11.96
C ASP B 32 7.63 -29.74 11.35
N GLY B 33 7.10 -29.31 10.22
CA GLY B 33 6.06 -30.07 9.57
C GLY B 33 4.87 -29.21 9.15
N ASN B 34 3.71 -29.47 9.75
CA ASN B 34 2.50 -28.74 9.40
C ASN B 34 1.67 -28.34 10.63
N ILE B 35 1.04 -27.18 10.55
CA ILE B 35 0.20 -26.67 11.65
C ILE B 35 -1.14 -27.41 11.66
N CYS B 36 -1.41 -28.14 12.73
CA CYS B 36 -2.65 -28.91 12.85
C CYS B 36 -3.95 -28.14 12.67
N ASP B 37 -3.95 -26.86 13.03
CA ASP B 37 -5.17 -26.08 12.89
C ASP B 37 -5.63 -25.99 11.43
N CYS B 38 -4.71 -26.28 10.50
CA CYS B 38 -5.05 -26.20 9.08
C CYS B 38 -5.60 -27.49 8.49
N SER B 39 -5.77 -28.53 9.31
CA SER B 39 -6.34 -29.78 8.80
C SER B 39 -7.42 -30.36 9.72
N GLY B 40 -8.10 -29.49 10.47
CA GLY B 40 -9.16 -29.97 11.33
C GLY B 40 -8.87 -30.06 12.82
N GLY B 41 -7.63 -29.78 13.20
CA GLY B 41 -7.29 -29.81 14.62
C GLY B 41 -7.42 -28.39 15.12
N SER B 42 -6.64 -28.05 16.15
CA SER B 42 -6.65 -26.69 16.68
C SER B 42 -5.22 -26.41 17.10
N LEU B 43 -4.98 -25.28 17.74
CA LEU B 43 -3.62 -24.95 18.18
C LEU B 43 -3.03 -26.04 19.06
N THR B 44 -3.86 -26.61 19.93
CA THR B 44 -3.39 -27.65 20.86
C THR B 44 -4.09 -29.01 20.76
N ASN B 45 -4.93 -29.21 19.75
CA ASN B 45 -5.63 -30.47 19.60
C ASN B 45 -5.41 -31.11 18.23
N CYS B 46 -5.44 -32.44 18.19
CA CYS B 46 -5.26 -33.19 16.94
C CYS B 46 -6.55 -33.26 16.15
N PRO B 47 -6.45 -33.37 14.81
CA PRO B 47 -7.63 -33.47 13.94
C PRO B 47 -8.31 -34.81 14.15
N PRO B 48 -9.61 -34.91 13.80
CA PRO B 48 -10.35 -36.17 13.96
C PRO B 48 -9.66 -37.31 13.19
N GLY B 49 -9.68 -38.51 13.76
CA GLY B 49 -9.09 -39.66 13.08
C GLY B 49 -7.60 -39.89 13.28
N THR B 50 -6.87 -38.87 13.73
CA THR B 50 -5.43 -39.01 13.95
C THR B 50 -5.17 -39.49 15.37
N LYS B 51 -3.92 -39.88 15.64
CA LYS B 51 -3.53 -40.36 16.96
C LYS B 51 -2.56 -39.39 17.61
N LEU B 52 -2.83 -39.04 18.86
CA LEU B 52 -2.01 -38.08 19.61
C LEU B 52 -0.81 -38.73 20.29
N ALA B 53 0.38 -38.24 19.94
CA ALA B 53 1.61 -38.75 20.53
C ALA B 53 1.72 -38.21 21.96
N THR B 54 2.49 -38.91 22.80
CA THR B 54 2.68 -38.46 24.17
C THR B 54 4.08 -37.88 24.35
N ALA B 55 5.06 -38.44 23.63
CA ALA B 55 6.43 -37.97 23.73
C ALA B 55 6.72 -36.95 22.62
N SER B 56 7.64 -36.02 22.89
CA SER B 56 7.99 -35.02 21.89
C SER B 56 9.25 -34.25 22.23
N TRQ B 57 9.69 -33.43 21.27
CA TRQ B 57 10.84 -32.58 21.47
C TRQ B 57 10.23 -31.29 22.00
O TRQ B 57 9.01 -31.08 21.87
CB TRQ B 57 11.58 -32.37 20.13
CG TRQ B 57 10.83 -31.57 19.09
CD1 TRQ B 57 10.81 -30.21 18.98
NE1 TRQ B 57 10.05 -29.82 17.91
CE2 TRQ B 57 9.54 -30.94 17.29
CZ2 TRQ B 57 8.71 -31.02 16.17
CH2 TRQ B 57 8.34 -32.27 15.74
CZ3 TRQ B 57 8.77 -33.42 16.40
CE3 TRQ B 57 9.60 -33.36 17.52
CD2 TRQ B 57 10.01 -32.08 18.00
O6 TRQ B 57 7.58 -32.34 14.75
O7 TRQ B 57 8.36 -29.96 15.63
N VAL B 58 11.02 -30.44 22.63
CA VAL B 58 10.49 -29.19 23.16
C VAL B 58 11.36 -28.01 22.75
N ALA B 59 10.88 -26.82 23.05
CA ALA B 59 11.61 -25.60 22.75
C ALA B 59 11.09 -24.48 23.63
N SER B 60 11.96 -23.56 24.00
CA SER B 60 11.58 -22.42 24.81
C SER B 60 11.26 -21.31 23.82
N CYS B 61 9.98 -20.93 23.73
CA CYS B 61 9.58 -19.88 22.80
C CYS B 61 9.21 -18.59 23.52
N TYR B 62 9.70 -17.48 22.97
CA TYR B 62 9.44 -16.15 23.52
C TYR B 62 8.07 -15.63 23.10
N ASN B 63 7.27 -15.21 24.07
CA ASN B 63 5.95 -14.67 23.80
C ASN B 63 6.05 -13.15 23.82
N PRO B 64 5.95 -12.51 22.64
CA PRO B 64 6.04 -11.05 22.55
C PRO B 64 4.94 -10.28 23.28
N THR B 65 3.83 -10.95 23.55
CA THR B 65 2.72 -10.30 24.25
C THR B 65 3.01 -10.00 25.72
N ASP B 66 3.48 -11.00 26.47
CA ASP B 66 3.78 -10.80 27.88
C ASP B 66 5.28 -10.79 28.18
N GLY B 67 6.09 -10.92 27.14
CA GLY B 67 7.54 -10.92 27.32
C GLY B 67 8.11 -12.10 28.09
N GLN B 68 7.32 -13.16 28.23
CA GLN B 68 7.78 -14.35 28.93
C GLN B 68 8.13 -15.46 27.95
N SER B 69 8.96 -16.40 28.37
CA SER B 69 9.34 -17.54 27.53
C SER B 69 8.66 -18.79 28.07
N TYR B 70 7.96 -19.51 27.20
CA TYR B 70 7.27 -20.72 27.60
C TYR B 70 7.84 -21.95 26.92
N LEU B 71 7.73 -23.09 27.60
CA LEU B 71 8.21 -24.34 27.05
C LEU B 71 7.06 -24.95 26.24
N ILE B 72 7.30 -25.17 24.96
CA ILE B 72 6.28 -25.73 24.07
C ILE B 72 6.63 -27.20 23.80
N ALA B 73 5.65 -28.09 23.93
CA ALA B 73 5.87 -29.51 23.67
C ALA B 73 5.29 -29.83 22.29
N TYR B 74 6.16 -30.04 21.30
CA TYR B 74 5.72 -30.32 19.95
C TYR B 74 5.34 -31.78 19.71
N ARG B 75 4.16 -32.14 20.19
CA ARG B 75 3.66 -33.50 20.02
C ARG B 75 3.05 -33.58 18.62
N ASP B 76 3.34 -34.65 17.90
CA ASP B 76 2.78 -34.80 16.56
C ASP B 76 1.47 -35.58 16.60
N CYS B 77 0.62 -35.35 15.59
CA CYS B 77 -0.64 -36.06 15.45
C CYS B 77 -0.26 -37.04 14.35
N CYS B 78 -0.51 -38.33 14.62
CA CYS B 78 -0.06 -39.39 13.73
C CYS B 78 -1.09 -40.36 13.16
N GLY B 79 -0.62 -41.26 12.30
CA GLY B 79 -1.48 -42.26 11.68
C GLY B 79 -2.20 -41.77 10.44
N TYR B 80 -1.67 -40.71 9.84
CA TYR B 80 -2.24 -40.11 8.64
C TYR B 80 -1.08 -39.64 7.77
N ASN B 81 -1.33 -39.50 6.47
CA ASN B 81 -0.31 -39.01 5.55
C ASN B 81 -0.20 -37.51 5.87
N VAL B 82 0.94 -36.91 5.57
CA VAL B 82 1.15 -35.49 5.87
C VAL B 82 0.02 -34.63 5.29
N SER B 83 -0.48 -33.68 6.08
CA SER B 83 -1.58 -32.83 5.64
C SER B 83 -1.32 -32.03 4.37
N GLY B 84 -0.13 -31.47 4.25
CA GLY B 84 0.20 -30.68 3.08
C GLY B 84 -0.29 -29.25 3.19
N ARG B 85 -0.89 -28.90 4.33
CA ARG B 85 -1.39 -27.54 4.52
C ARG B 85 -0.59 -26.85 5.63
N CYS B 86 -0.35 -25.56 5.43
CA CYS B 86 0.41 -24.73 6.36
C CYS B 86 1.75 -25.33 6.80
N PRO B 87 2.64 -25.57 5.84
CA PRO B 87 3.94 -26.15 6.21
C PRO B 87 4.83 -25.09 6.84
N CYS B 88 5.59 -25.49 7.85
CA CYS B 88 6.51 -24.58 8.53
C CYS B 88 7.70 -25.32 9.08
N LEU B 89 8.82 -24.62 9.18
CA LEU B 89 10.04 -25.18 9.73
C LEU B 89 10.83 -24.08 10.42
N ASN B 90 10.79 -24.08 11.75
CA ASN B 90 11.51 -23.10 12.55
C ASN B 90 12.42 -23.91 13.46
N THR B 91 13.54 -23.31 13.87
CA THR B 91 14.51 -24.03 14.68
C THR B 91 15.14 -23.21 15.79
N GLU B 92 14.34 -22.44 16.52
CA GLU B 92 14.86 -21.63 17.62
C GLU B 92 15.36 -22.54 18.74
N GLY B 93 16.67 -22.55 18.97
CA GLY B 93 17.23 -23.37 20.02
C GLY B 93 17.29 -24.85 19.68
N GLU B 94 17.01 -25.19 18.42
CA GLU B 94 17.02 -26.59 18.01
C GLU B 94 18.45 -27.13 17.95
N LEU B 95 18.66 -28.26 18.62
CA LEU B 95 19.98 -28.91 18.69
C LEU B 95 20.04 -30.17 17.82
N PRO B 96 21.27 -30.68 17.57
CA PRO B 96 21.45 -31.88 16.75
C PRO B 96 20.77 -33.11 17.34
N VAL B 97 20.67 -34.17 16.55
CA VAL B 97 20.00 -35.39 16.98
C VAL B 97 20.56 -36.05 18.26
N TYR B 98 21.81 -35.81 18.60
CA TYR B 98 22.38 -36.43 19.80
C TYR B 98 21.92 -35.72 21.08
N ARG B 99 21.05 -34.73 20.92
CA ARG B 99 20.44 -33.99 22.02
C ARG B 99 18.96 -34.01 21.60
N PRO B 100 18.39 -35.22 21.50
CA PRO B 100 17.01 -35.45 21.08
C PRO B 100 15.93 -34.64 21.78
N GLU B 101 16.14 -34.32 23.05
CA GLU B 101 15.15 -33.55 23.79
C GLU B 101 14.81 -32.23 23.06
N PHE B 102 15.75 -31.72 22.27
CA PHE B 102 15.54 -30.47 21.53
C PHE B 102 15.66 -30.61 20.01
N ALA B 103 15.65 -31.84 19.50
CA ALA B 103 15.81 -32.08 18.06
C ALA B 103 14.48 -32.19 17.34
N ASN B 104 14.28 -31.47 16.24
CA ASN B 104 12.99 -31.55 15.56
C ASN B 104 12.86 -32.24 14.19
N ASP B 105 13.86 -33.01 13.76
CA ASP B 105 13.74 -33.75 12.50
C ASP B 105 13.12 -35.10 12.83
N ILE B 106 13.16 -35.45 14.11
CA ILE B 106 12.61 -36.71 14.60
C ILE B 106 11.09 -36.70 14.52
N ILE B 107 10.52 -37.84 14.13
CA ILE B 107 9.06 -37.93 14.08
C ILE B 107 8.64 -38.23 15.52
N TRP B 108 8.11 -37.23 16.21
CA TRP B 108 7.70 -37.38 17.59
C TRP B 108 6.28 -37.95 17.70
N CYS B 109 6.15 -39.23 17.33
CA CYS B 109 4.87 -39.94 17.39
C CYS B 109 4.81 -41.01 18.47
N PHE B 110 5.89 -41.18 19.21
CA PHE B 110 5.94 -42.19 20.28
C PHE B 110 4.80 -41.99 21.27
N GLY B 111 4.17 -43.10 21.66
CA GLY B 111 3.07 -43.02 22.61
C GLY B 111 1.70 -42.91 21.98
N ALA B 112 1.64 -42.65 20.68
CA ALA B 112 0.36 -42.55 19.99
C ALA B 112 -0.34 -43.91 20.00
N GLU B 113 -1.66 -43.88 20.07
CA GLU B 113 -2.46 -45.09 20.07
C GLU B 113 -2.23 -45.90 18.79
N ASP B 114 -2.36 -47.22 18.90
CA ASP B 114 -2.19 -48.12 17.75
C ASP B 114 -0.80 -48.06 17.14
N ASP B 115 0.18 -47.60 17.93
CA ASP B 115 1.56 -47.50 17.47
C ASP B 115 1.68 -46.68 16.18
N ALA B 116 0.79 -45.71 16.01
CA ALA B 116 0.82 -44.85 14.82
C ALA B 116 2.14 -44.09 14.79
N MET B 117 2.85 -44.16 13.67
CA MET B 117 4.13 -43.47 13.55
C MET B 117 4.28 -42.58 12.31
N THR B 118 3.23 -42.48 11.50
CA THR B 118 3.28 -41.63 10.31
C THR B 118 2.97 -40.19 10.73
N TYR B 119 3.59 -39.24 10.03
CA TYR B 119 3.41 -37.83 10.36
C TYR B 119 2.26 -37.11 9.64
N HIS B 120 1.37 -36.46 10.40
CA HIS B 120 0.28 -35.70 9.81
C HIS B 120 0.45 -34.19 10.06
N CYS B 121 0.58 -33.80 11.32
CA CYS B 121 0.75 -32.40 11.68
C CYS B 121 1.29 -32.28 13.11
N THR B 122 1.57 -31.06 13.55
CA THR B 122 2.09 -30.84 14.89
C THR B 122 1.28 -29.79 15.67
N ILE B 123 1.09 -30.02 16.97
CA ILE B 123 0.37 -29.06 17.80
C ILE B 123 1.38 -28.28 18.62
N SER B 124 0.98 -27.12 19.15
CA SER B 124 1.88 -26.26 19.92
C SER B 124 1.38 -25.90 21.32
N PRO B 125 1.19 -26.91 22.19
CA PRO B 125 0.72 -26.65 23.55
C PRO B 125 1.84 -26.20 24.50
N ILE B 126 1.47 -25.36 25.47
CA ILE B 126 2.42 -24.88 26.47
C ILE B 126 2.43 -25.91 27.60
N VAL B 127 3.62 -26.32 28.05
CA VAL B 127 3.71 -27.28 29.15
C VAL B 127 4.31 -26.65 30.40
N GLY B 128 4.68 -25.37 30.30
CA GLY B 128 5.26 -24.70 31.44
C GLY B 128 6.07 -23.48 31.07
N LYS B 129 6.51 -22.74 32.09
CA LYS B 129 7.33 -21.56 31.87
C LYS B 129 8.77 -22.04 31.70
N ALA B 130 9.51 -21.34 30.85
CA ALA B 130 10.90 -21.70 30.60
C ALA B 130 11.85 -20.65 31.17
N SER B 131 13.00 -20.51 30.52
CA SER B 131 14.01 -19.55 30.94
C SER B 131 14.06 -18.34 30.00
N ASP C 1 1.62 -57.92 35.73
CA ASP C 1 1.92 -59.15 36.53
C ASP C 1 2.86 -58.86 37.70
N LYS C 2 3.94 -58.14 37.43
CA LYS C 2 4.91 -57.82 38.47
C LYS C 2 4.68 -56.45 39.10
N ALA C 3 3.66 -55.74 38.60
CA ALA C 3 3.33 -54.42 39.13
C ALA C 3 1.91 -54.01 38.74
N THR C 4 1.28 -53.21 39.60
CA THR C 4 -0.07 -52.73 39.35
C THR C 4 -0.03 -51.22 39.22
N ILE C 5 -0.97 -50.66 38.45
CA ILE C 5 -1.01 -49.22 38.23
C ILE C 5 -2.12 -48.54 39.05
N PRO C 6 -1.74 -47.93 40.19
CA PRO C 6 -2.70 -47.24 41.06
C PRO C 6 -3.54 -46.20 40.32
N SER C 7 -2.94 -45.58 39.31
CA SER C 7 -3.63 -44.56 38.52
C SER C 7 -3.12 -44.56 37.09
N GLU C 8 -4.04 -44.67 36.13
CA GLU C 8 -3.67 -44.69 34.72
C GLU C 8 -3.14 -43.34 34.25
N SER C 9 -3.69 -42.26 34.77
CA SER C 9 -3.25 -40.92 34.40
C SER C 9 -2.49 -40.25 35.53
N PRO C 10 -1.54 -39.35 35.20
CA PRO C 10 -0.76 -38.66 36.23
C PRO C 10 -1.64 -37.73 37.07
N PHE C 11 -1.26 -37.52 38.32
CA PHE C 11 -2.02 -36.67 39.23
C PHE C 11 -1.16 -35.59 39.85
N ALA C 12 -1.82 -34.61 40.47
CA ALA C 12 -1.12 -33.51 41.12
C ALA C 12 -0.20 -34.06 42.20
N ALA C 13 1.00 -33.52 42.29
CA ALA C 13 1.97 -33.95 43.29
C ALA C 13 1.46 -33.67 44.71
N ALA C 14 0.54 -32.71 44.82
CA ALA C 14 -0.01 -32.35 46.12
C ALA C 14 -0.80 -33.52 46.71
N GLU C 15 -1.26 -34.43 45.86
CA GLU C 15 -2.04 -35.59 46.30
C GLU C 15 -1.13 -36.72 46.79
N VAL C 16 0.17 -36.58 46.56
CA VAL C 16 1.10 -37.61 46.99
C VAL C 16 1.12 -37.74 48.51
N ALA C 17 0.81 -38.94 48.99
CA ALA C 17 0.78 -39.21 50.42
C ALA C 17 2.09 -38.78 51.09
N ASP C 18 1.97 -38.25 52.30
CA ASP C 18 3.14 -37.80 53.04
C ASP C 18 3.90 -39.04 53.51
N GLY C 19 5.22 -39.05 53.31
CA GLY C 19 6.02 -40.19 53.71
C GLY C 19 5.97 -41.34 52.73
N ALA C 20 5.58 -41.06 51.49
CA ALA C 20 5.52 -42.07 50.45
C ALA C 20 6.88 -42.22 49.79
N ILE C 21 7.16 -43.38 49.21
CA ILE C 21 8.43 -43.60 48.53
C ILE C 21 8.41 -42.79 47.23
N VAL C 22 9.21 -41.73 47.18
CA VAL C 22 9.24 -40.85 46.02
C VAL C 22 10.58 -40.76 45.28
N VAL C 23 10.50 -40.74 43.95
CA VAL C 23 11.69 -40.59 43.11
C VAL C 23 11.48 -39.26 42.36
N ASP C 24 12.29 -38.26 42.67
CA ASP C 24 12.16 -36.97 42.01
C ASP C 24 12.85 -36.97 40.65
N ILE C 25 12.23 -36.30 39.68
CA ILE C 25 12.80 -36.19 38.35
C ILE C 25 13.13 -34.72 38.13
N ALA C 26 14.41 -34.43 37.91
CA ALA C 26 14.84 -33.06 37.69
C ALA C 26 16.20 -33.03 37.01
N LYS C 27 16.45 -31.97 36.26
CA LYS C 27 17.72 -31.80 35.57
C LYS C 27 18.07 -33.01 34.72
N MET C 28 17.10 -33.46 33.94
CA MET C 28 17.28 -34.60 33.04
C MET C 28 17.76 -35.87 33.73
N LYS C 29 17.23 -36.17 34.92
CA LYS C 29 17.64 -37.38 35.63
C LYS C 29 16.67 -37.79 36.74
N TYR C 30 16.69 -39.08 37.05
CA TYR C 30 15.89 -39.61 38.14
C TYR C 30 16.85 -39.43 39.30
N GLU C 31 16.52 -38.54 40.23
CA GLU C 31 17.40 -38.23 41.36
C GLU C 31 17.85 -39.40 42.23
N THR C 32 17.06 -40.47 42.28
CA THR C 32 17.43 -41.66 43.04
C THR C 32 17.47 -42.80 42.01
N PRO C 33 18.64 -43.01 41.38
CA PRO C 33 18.89 -44.02 40.36
C PRO C 33 18.71 -45.50 40.71
N GLU C 34 18.99 -45.87 41.96
CA GLU C 34 18.84 -47.27 42.36
C GLU C 34 17.99 -47.37 43.63
N LEU C 35 16.68 -47.26 43.46
CA LEU C 35 15.74 -47.32 44.57
C LEU C 35 15.51 -48.76 45.02
N HIS C 36 15.61 -48.99 46.32
CA HIS C 36 15.37 -50.31 46.89
C HIS C 36 14.06 -50.23 47.68
N VAL C 37 13.14 -51.14 47.39
CA VAL C 37 11.85 -51.17 48.08
C VAL C 37 11.44 -52.61 48.36
N LYS C 38 10.49 -52.80 49.27
CA LYS C 38 10.03 -54.13 49.62
C LYS C 38 8.77 -54.49 48.83
N VAL C 39 8.60 -55.77 48.55
CA VAL C 39 7.44 -56.24 47.80
C VAL C 39 6.17 -55.65 48.41
N GLY C 40 5.31 -55.11 47.55
CA GLY C 40 4.08 -54.53 48.04
C GLY C 40 4.13 -53.01 48.07
N ASP C 41 5.34 -52.46 48.10
CA ASP C 41 5.51 -51.01 48.14
C ASP C 41 5.03 -50.32 46.87
N THR C 42 4.59 -49.07 47.03
CA THR C 42 4.14 -48.28 45.91
C THR C 42 5.13 -47.13 45.69
N VAL C 43 5.78 -47.13 44.54
CA VAL C 43 6.75 -46.10 44.20
C VAL C 43 6.08 -44.99 43.40
N THR C 44 6.41 -43.75 43.73
CA THR C 44 5.83 -42.61 43.05
C THR C 44 6.88 -41.69 42.43
N TRP C 45 6.73 -41.43 41.13
CA TRP C 45 7.65 -40.54 40.42
C TRP C 45 7.01 -39.17 40.33
N ILE C 46 7.79 -38.13 40.60
CA ILE C 46 7.29 -36.77 40.52
C ILE C 46 8.24 -35.92 39.68
N ASN C 47 7.73 -35.36 38.58
CA ASN C 47 8.53 -34.52 37.72
C ASN C 47 8.60 -33.14 38.35
N ARG C 48 9.82 -32.65 38.59
CA ARG C 48 10.02 -31.35 39.22
C ARG C 48 10.41 -30.23 38.26
N GLU C 49 10.52 -30.54 36.97
CA GLU C 49 10.91 -29.52 36.00
C GLU C 49 9.91 -29.41 34.84
N ALA C 50 9.96 -28.28 34.13
CA ALA C 50 9.06 -28.03 33.00
C ALA C 50 9.16 -29.11 31.93
N MET C 51 10.38 -29.55 31.64
CA MET C 51 10.62 -30.60 30.64
C MET C 51 9.83 -31.87 30.99
N PRO C 52 8.88 -32.27 30.12
CA PRO C 52 8.09 -33.47 30.39
C PRO C 52 8.91 -34.76 30.39
N HIS C 53 8.56 -35.68 31.29
CA HIS C 53 9.25 -36.97 31.42
C HIS C 53 8.24 -38.05 31.78
N ASN C 54 8.66 -39.31 31.69
CA ASN C 54 7.79 -40.43 32.04
C ASN C 54 8.69 -41.59 32.41
N VAL C 55 8.10 -42.73 32.74
CA VAL C 55 8.87 -43.92 33.06
C VAL C 55 8.45 -44.93 32.01
N HIS C 56 9.41 -45.68 31.50
CA HIS C 56 9.13 -46.65 30.46
C HIS C 56 9.92 -47.94 30.69
N PHE C 57 9.20 -49.04 30.86
CA PHE C 57 9.81 -50.35 31.07
C PHE C 57 9.56 -51.16 29.80
N VAL C 58 10.61 -51.67 29.18
CA VAL C 58 10.45 -52.44 27.95
C VAL C 58 9.69 -53.74 28.18
N ALA C 59 9.22 -54.34 27.10
CA ALA C 59 8.46 -55.59 27.18
C ALA C 59 9.29 -56.70 27.85
N GLY C 60 8.64 -57.43 28.75
CA GLY C 60 9.31 -58.50 29.44
C GLY C 60 9.89 -58.12 30.79
N VAL C 61 9.61 -56.90 31.25
CA VAL C 61 10.12 -56.44 32.54
C VAL C 61 9.07 -56.53 33.63
N LEU C 62 7.91 -55.91 33.40
CA LEU C 62 6.83 -55.93 34.37
C LEU C 62 5.74 -56.88 33.86
N GLY C 63 5.84 -57.25 32.59
CA GLY C 63 4.87 -58.14 31.99
C GLY C 63 5.35 -58.54 30.61
N GLU C 64 4.49 -59.21 29.85
CA GLU C 64 4.87 -59.63 28.51
C GLU C 64 4.99 -58.40 27.62
N ALA C 65 4.15 -57.41 27.90
CA ALA C 65 4.16 -56.16 27.14
C ALA C 65 4.99 -55.12 27.88
N ALA C 66 5.31 -54.03 27.19
CA ALA C 66 6.08 -52.96 27.79
C ALA C 66 5.10 -52.07 28.53
N LEU C 67 5.62 -51.22 29.41
CA LEU C 67 4.75 -50.30 30.14
C LEU C 67 5.25 -48.89 29.85
N LYS C 68 4.55 -48.21 28.93
CA LYS C 68 4.91 -46.85 28.57
C LYS C 68 4.08 -45.89 29.41
N GLY C 69 4.63 -45.51 30.55
CA GLY C 69 3.93 -44.61 31.44
C GLY C 69 3.57 -43.31 30.75
N PRO C 70 2.58 -42.57 31.26
CA PRO C 70 2.17 -41.29 30.67
C PRO C 70 3.20 -40.21 30.94
N MET C 71 3.24 -39.21 30.07
CA MET C 71 4.18 -38.11 30.23
C MET C 71 3.73 -37.20 31.36
N MET C 72 4.64 -36.88 32.28
CA MET C 72 4.33 -36.02 33.40
C MET C 72 4.83 -34.60 33.20
N LYS C 73 3.95 -33.64 33.45
CA LYS C 73 4.32 -32.24 33.33
C LYS C 73 4.88 -31.85 34.69
N LYS C 74 5.37 -30.62 34.83
CA LYS C 74 5.92 -30.17 36.10
C LYS C 74 4.90 -30.34 37.22
N GLU C 75 5.34 -30.90 38.33
CA GLU C 75 4.48 -31.11 39.50
C GLU C 75 3.39 -32.17 39.31
N GLN C 76 3.65 -33.15 38.46
CA GLN C 76 2.70 -34.24 38.23
C GLN C 76 3.35 -35.53 38.69
N ALA C 77 2.53 -36.48 39.16
CA ALA C 77 3.05 -37.74 39.65
C ALA C 77 2.43 -38.95 38.97
N TYR C 78 3.10 -40.09 39.12
CA TYR C 78 2.64 -41.35 38.55
C TYR C 78 3.18 -42.45 39.46
N SER C 79 2.34 -43.42 39.77
CA SER C 79 2.73 -44.50 40.68
C SER C 79 2.69 -45.90 40.11
N LEU C 80 3.44 -46.79 40.76
CA LEU C 80 3.50 -48.20 40.40
C LEU C 80 3.71 -49.00 41.67
N THR C 81 2.91 -50.05 41.84
CA THR C 81 3.03 -50.92 43.00
C THR C 81 3.65 -52.23 42.55
N PHE C 82 4.84 -52.53 43.05
CA PHE C 82 5.52 -53.76 42.68
C PHE C 82 5.06 -54.95 43.52
N THR C 83 4.71 -56.02 42.82
CA THR C 83 4.20 -57.22 43.46
C THR C 83 5.20 -58.38 43.50
N GLU C 84 6.17 -58.37 42.61
CA GLU C 84 7.17 -59.42 42.56
C GLU C 84 8.53 -58.89 42.98
N ALA C 85 9.39 -59.79 43.45
CA ALA C 85 10.73 -59.41 43.85
C ALA C 85 11.61 -59.44 42.60
N GLY C 86 12.56 -58.52 42.50
CA GLY C 86 13.44 -58.49 41.36
C GLY C 86 13.90 -57.08 41.04
N THR C 87 14.77 -56.95 40.04
CA THR C 87 15.27 -55.65 39.63
C THR C 87 14.58 -55.22 38.35
N TYR C 88 14.06 -54.00 38.34
CA TYR C 88 13.36 -53.48 37.18
C TYR C 88 13.98 -52.20 36.62
N ASP C 89 14.47 -52.27 35.39
CA ASP C 89 15.08 -51.12 34.75
C ASP C 89 14.05 -50.34 33.95
N TYR C 90 14.26 -49.04 33.83
CA TYR C 90 13.35 -48.19 33.08
C TYR C 90 14.11 -46.98 32.54
N HIS C 91 13.46 -46.24 31.64
CA HIS C 91 14.04 -45.04 31.05
C HIS C 91 12.91 -44.11 30.66
N CYS C 92 13.27 -42.92 30.17
CA CYS C 92 12.29 -41.93 29.74
C CYS C 92 12.15 -42.09 28.22
N THR C 93 10.93 -42.32 27.75
CA THR C 93 10.69 -42.53 26.32
C THR C 93 11.43 -41.61 25.35
N PRO C 94 11.20 -40.28 25.40
CA PRO C 94 11.90 -39.40 24.47
C PRO C 94 13.37 -39.12 24.83
N HIS C 95 13.77 -39.52 26.03
CA HIS C 95 15.13 -39.31 26.51
C HIS C 95 15.73 -40.64 26.95
N PRO C 96 16.05 -41.51 25.97
CA PRO C 96 16.62 -42.84 26.22
C PRO C 96 17.85 -42.86 27.12
N PHE C 97 18.57 -41.74 27.17
CA PHE C 97 19.76 -41.64 28.00
C PHE C 97 19.45 -41.54 29.48
N MET C 98 18.19 -41.24 29.82
CA MET C 98 17.77 -41.14 31.22
C MET C 98 17.38 -42.54 31.69
N ARG C 99 18.14 -43.08 32.63
CA ARG C 99 17.88 -44.42 33.13
C ARG C 99 17.72 -44.48 34.64
N GLY C 100 16.88 -45.40 35.08
CA GLY C 100 16.62 -45.58 36.50
C GLY C 100 16.48 -47.06 36.77
N LYS C 101 16.40 -47.42 38.05
CA LYS C 101 16.27 -48.82 38.41
C LYS C 101 15.52 -48.94 39.73
N VAL C 102 14.67 -49.97 39.83
CA VAL C 102 13.92 -50.22 41.05
C VAL C 102 14.28 -51.65 41.47
N VAL C 103 14.76 -51.79 42.70
CA VAL C 103 15.11 -53.11 43.22
C VAL C 103 14.09 -53.49 44.28
N VAL C 104 13.32 -54.53 43.99
CA VAL C 104 12.28 -55.00 44.91
C VAL C 104 12.80 -56.19 45.73
N GLU C 105 12.82 -56.02 47.05
CA GLU C 105 13.28 -57.07 47.95
C GLU C 105 12.26 -57.34 49.05
N ALA D 1 22.35 -12.79 62.71
CA ALA D 1 22.60 -14.22 63.03
C ALA D 1 21.58 -15.11 62.31
N PRO D 2 22.04 -16.25 61.77
CA PRO D 2 21.17 -17.18 61.06
C PRO D 2 20.16 -17.89 61.96
N GLN D 3 19.06 -18.34 61.38
CA GLN D 3 18.06 -19.08 62.13
C GLN D 3 18.27 -20.57 61.83
N PHE D 4 18.60 -21.34 62.84
CA PHE D 4 18.83 -22.77 62.68
C PHE D 4 17.62 -23.57 63.15
N PHE D 5 16.84 -24.03 62.19
CA PHE D 5 15.63 -24.79 62.46
C PHE D 5 15.66 -26.19 61.87
N ASN D 6 14.92 -27.11 62.48
CA ASN D 6 14.82 -28.48 61.98
C ASN D 6 14.06 -28.35 60.67
N ILE D 7 14.63 -28.87 59.59
CA ILE D 7 14.00 -28.74 58.28
C ILE D 7 12.68 -29.48 58.10
N ILE D 8 12.33 -30.34 59.05
CA ILE D 8 11.09 -31.08 58.94
C ILE D 8 9.95 -30.51 59.78
N ASP D 9 10.20 -30.27 61.08
CA ASP D 9 9.15 -29.77 61.93
C ASP D 9 9.32 -28.30 62.34
N GLY D 10 10.35 -27.66 61.81
CA GLY D 10 10.59 -26.26 62.10
C GLY D 10 10.98 -25.88 63.52
N SER D 11 11.29 -26.86 64.36
CA SER D 11 11.67 -26.55 65.74
C SER D 11 13.12 -26.05 65.78
N PRO D 12 13.46 -25.24 66.78
CA PRO D 12 14.83 -24.74 66.89
C PRO D 12 15.80 -25.89 67.13
N LEU D 13 16.97 -25.82 66.50
CA LEU D 13 17.96 -26.88 66.69
C LEU D 13 18.60 -26.69 68.04
N ASN D 14 18.88 -27.78 68.74
CA ASN D 14 19.49 -27.71 70.05
C ASN D 14 20.97 -28.06 69.97
N PHE D 15 21.81 -27.04 70.00
CA PHE D 15 23.25 -27.24 69.92
C PHE D 15 23.86 -27.79 71.20
N ASP D 16 23.01 -28.05 72.20
CA ASP D 16 23.49 -28.59 73.46
C ASP D 16 23.81 -30.07 73.30
N ASP D 17 23.35 -30.66 72.20
CA ASP D 17 23.60 -32.07 71.92
C ASP D 17 24.89 -32.26 71.12
N ALA D 18 25.44 -31.15 70.62
CA ALA D 18 26.67 -31.21 69.85
C ALA D 18 27.82 -31.72 70.70
N MET D 19 28.74 -32.45 70.08
CA MET D 19 29.91 -32.96 70.78
C MET D 19 30.73 -31.76 71.25
N GLU D 20 31.39 -31.88 72.40
CA GLU D 20 32.18 -30.77 72.92
C GLU D 20 33.39 -30.49 72.04
N GLU D 21 33.92 -31.53 71.42
CA GLU D 21 35.08 -31.38 70.54
C GLU D 21 34.67 -30.86 69.17
N GLY D 22 35.39 -29.85 68.67
CA GLY D 22 35.11 -29.30 67.36
C GLY D 22 34.04 -28.23 67.26
N ARG D 23 33.72 -27.58 68.38
CA ARG D 23 32.72 -26.50 68.37
C ARG D 23 33.43 -25.17 68.55
N ASP D 24 34.74 -25.24 68.70
CA ASP D 24 35.58 -24.08 68.95
C ASP D 24 36.25 -23.46 67.74
N THR D 25 36.44 -24.23 66.69
CA THR D 25 37.12 -23.74 65.49
C THR D 25 36.64 -22.39 64.98
N GLU D 26 37.55 -21.69 64.32
CA GLU D 26 37.24 -20.39 63.74
C GLU D 26 36.13 -20.57 62.70
N ALA D 27 36.17 -21.69 62.00
CA ALA D 27 35.18 -22.00 60.98
C ALA D 27 33.79 -22.09 61.60
N VAL D 28 33.66 -22.88 62.67
CA VAL D 28 32.37 -23.04 63.32
C VAL D 28 31.86 -21.71 63.87
N LYS D 29 32.71 -20.99 64.59
CA LYS D 29 32.32 -19.70 65.14
C LYS D 29 31.84 -18.74 64.04
N HIS D 30 32.61 -18.65 62.96
CA HIS D 30 32.22 -17.77 61.87
C HIS D 30 30.87 -18.19 61.28
N PHE D 31 30.69 -19.50 61.11
CA PHE D 31 29.46 -20.05 60.56
C PHE D 31 28.23 -19.74 61.42
N LEU D 32 28.32 -20.03 62.70
CA LEU D 32 27.20 -19.79 63.61
C LEU D 32 26.82 -18.31 63.67
N GLU D 33 27.80 -17.45 63.40
CA GLU D 33 27.60 -16.01 63.43
C GLU D 33 27.10 -15.43 62.11
N THR D 34 27.61 -15.95 61.00
CA THR D 34 27.24 -15.42 59.68
C THR D 34 26.46 -16.36 58.78
N GLY D 35 26.55 -17.65 59.02
CA GLY D 35 25.86 -18.61 58.16
C GLY D 35 26.72 -18.92 56.95
N GLU D 36 27.95 -18.44 56.99
CA GLU D 36 28.91 -18.66 55.91
C GLU D 36 29.93 -19.73 56.30
N ASN D 37 30.18 -20.66 55.39
CA ASN D 37 31.13 -21.76 55.62
C ASN D 37 32.45 -21.46 54.91
N VAL D 38 33.45 -21.03 55.66
CA VAL D 38 34.73 -20.68 55.08
C VAL D 38 35.52 -21.83 54.47
N TYR D 39 35.06 -23.07 54.69
CA TYR D 39 35.77 -24.23 54.14
C TYR D 39 35.47 -24.47 52.66
N ASN D 40 34.41 -23.86 52.15
CA ASN D 40 34.07 -24.05 50.75
C ASN D 40 35.24 -23.77 49.82
N GLU D 41 35.57 -24.76 48.99
CA GLU D 41 36.67 -24.65 48.03
C GLU D 41 38.01 -24.33 48.67
N ASP D 42 38.17 -24.71 49.93
CA ASP D 42 39.42 -24.47 50.64
C ASP D 42 40.35 -25.67 50.39
N PRO D 43 41.32 -25.51 49.48
CA PRO D 43 42.29 -26.55 49.11
C PRO D 43 42.92 -27.28 50.28
N GLU D 44 43.05 -26.57 51.40
CA GLU D 44 43.68 -27.15 52.58
C GLU D 44 42.83 -28.13 53.37
N ILE D 45 41.51 -28.13 53.15
CA ILE D 45 40.65 -29.06 53.90
C ILE D 45 39.93 -30.05 53.00
N LEU D 46 39.95 -29.81 51.69
CA LEU D 46 39.28 -30.70 50.75
C LEU D 46 39.67 -32.17 50.84
N PRO D 47 40.97 -32.46 50.93
CA PRO D 47 41.40 -33.86 51.02
C PRO D 47 40.69 -34.61 52.14
N GLU D 48 40.68 -34.01 53.34
CA GLU D 48 40.01 -34.65 54.47
C GLU D 48 38.49 -34.65 54.28
N ALA D 49 37.96 -33.57 53.73
CA ALA D 49 36.52 -33.49 53.51
C ALA D 49 36.06 -34.66 52.64
N GLU D 50 36.87 -34.99 51.64
CA GLU D 50 36.54 -36.09 50.74
C GLU D 50 36.51 -37.42 51.48
N GLU D 51 37.43 -37.59 52.44
CA GLU D 51 37.51 -38.82 53.20
C GLU D 51 36.29 -38.97 54.10
N LEU D 52 35.86 -37.85 54.68
CA LEU D 52 34.69 -37.83 55.56
C LEU D 52 33.45 -38.25 54.77
N TYR D 53 33.29 -37.66 53.59
CA TYR D 53 32.13 -37.98 52.75
C TYR D 53 32.16 -39.45 52.33
N ALA D 54 33.34 -39.93 51.94
CA ALA D 54 33.49 -41.31 51.50
C ALA D 54 33.03 -42.32 52.55
N GLY D 55 33.48 -42.13 53.79
CA GLY D 55 33.10 -43.08 54.82
C GLY D 55 31.71 -42.94 55.39
N MET D 56 31.17 -41.73 55.39
CA MET D 56 29.85 -41.46 55.96
C MET D 56 28.67 -41.25 55.02
N CYS D 57 28.93 -40.88 53.76
CA CYS D 57 27.82 -40.59 52.84
C CYS D 57 27.77 -41.31 51.51
N SER D 58 28.93 -41.68 50.97
CA SER D 58 29.01 -42.31 49.66
C SER D 58 28.20 -43.59 49.50
N GLY D 59 28.06 -44.34 50.58
CA GLY D 59 27.30 -45.58 50.50
C GLY D 59 25.85 -45.38 50.05
N CYS D 60 25.25 -44.27 50.46
CA CYS D 60 23.88 -43.98 50.10
C CYS D 60 23.69 -42.97 48.97
N HIS D 61 24.53 -41.94 48.94
CA HIS D 61 24.42 -40.88 47.96
C HIS D 61 25.32 -41.02 46.72
N GLY D 62 26.16 -42.05 46.71
CA GLY D 62 27.02 -42.26 45.56
C GLY D 62 28.43 -41.73 45.77
N HIS D 63 29.39 -42.32 45.07
CA HIS D 63 30.78 -41.92 45.18
C HIS D 63 30.99 -40.43 44.89
N TYR D 64 30.24 -39.91 43.92
CA TYR D 64 30.36 -38.50 43.54
C TYR D 64 29.07 -37.71 43.80
N ALA D 65 28.28 -38.19 44.75
CA ALA D 65 27.02 -37.54 45.11
C ALA D 65 26.06 -37.49 43.93
N GLU D 66 26.20 -38.43 43.00
CA GLU D 66 25.31 -38.48 41.84
C GLU D 66 24.03 -39.23 42.22
N GLY D 67 24.03 -39.82 43.43
CA GLY D 67 22.88 -40.56 43.90
C GLY D 67 22.97 -42.05 43.67
N LYS D 68 22.38 -42.84 44.57
CA LYS D 68 22.36 -44.30 44.44
C LYS D 68 21.07 -44.81 45.07
N ILE D 69 21.14 -45.29 46.32
CA ILE D 69 19.91 -45.75 46.97
C ILE D 69 19.29 -44.53 47.63
N GLY D 70 20.08 -43.46 47.70
CA GLY D 70 19.63 -42.21 48.27
C GLY D 70 19.68 -41.20 47.14
N PRO D 71 19.05 -40.02 47.28
CA PRO D 71 19.03 -38.98 46.25
C PRO D 71 20.35 -38.28 45.94
N GLY D 72 20.51 -37.88 44.68
CA GLY D 72 21.73 -37.19 44.27
C GLY D 72 21.83 -35.84 44.99
N LEU D 73 23.04 -35.33 45.13
CA LEU D 73 23.24 -34.06 45.81
C LEU D 73 24.14 -33.15 45.00
N ASN D 74 24.36 -33.49 43.73
CA ASN D 74 25.28 -32.70 42.91
C ASN D 74 24.69 -31.74 41.87
N ASP D 75 23.40 -31.44 41.96
CA ASP D 75 22.81 -30.50 41.02
C ASP D 75 21.95 -29.46 41.72
N ALA D 76 21.38 -28.54 40.94
CA ALA D 76 20.57 -27.45 41.45
C ALA D 76 19.23 -27.82 42.08
N TYR D 77 18.84 -29.08 41.97
CA TYR D 77 17.56 -29.47 42.56
C TYR D 77 17.73 -29.98 43.99
N TRP D 78 16.87 -29.53 44.88
CA TRP D 78 16.89 -29.96 46.28
C TRP D 78 15.48 -30.27 46.76
N THR D 79 15.30 -31.43 47.37
CA THR D 79 14.00 -31.82 47.91
C THR D 79 13.60 -30.78 48.94
N TYR D 80 14.59 -30.35 49.71
CA TYR D 80 14.38 -29.34 50.73
C TYR D 80 15.10 -28.11 50.18
N PRO D 81 14.33 -27.15 49.63
CA PRO D 81 14.81 -25.91 49.03
C PRO D 81 15.90 -25.15 49.79
N GLY D 82 15.80 -25.12 51.11
CA GLY D 82 16.79 -24.40 51.90
C GLY D 82 18.20 -24.94 51.75
N ASN D 83 18.35 -26.14 51.20
CA ASN D 83 19.69 -26.72 51.05
C ASN D 83 20.57 -26.05 50.02
N GLU D 84 20.05 -25.05 49.33
CA GLU D 84 20.84 -24.30 48.36
C GLU D 84 21.70 -23.31 49.14
N THR D 85 21.41 -23.17 50.44
CA THR D 85 22.18 -22.28 51.31
C THR D 85 22.92 -23.16 52.32
N ASP D 86 24.07 -22.71 52.81
CA ASP D 86 24.79 -23.53 53.78
C ASP D 86 24.09 -23.63 55.12
N VAL D 87 23.29 -22.63 55.47
CA VAL D 87 22.56 -22.70 56.73
C VAL D 87 21.59 -23.88 56.64
N GLY D 88 20.93 -24.00 55.48
CA GLY D 88 19.99 -25.09 55.27
C GLY D 88 20.65 -26.45 55.22
N LEU D 89 21.77 -26.54 54.50
CA LEU D 89 22.49 -27.79 54.37
C LEU D 89 22.92 -28.27 55.75
N PHE D 90 23.46 -27.34 56.54
CA PHE D 90 23.90 -27.66 57.89
C PHE D 90 22.73 -28.18 58.71
N SER D 91 21.60 -27.49 58.63
CA SER D 91 20.42 -27.87 59.39
C SER D 91 19.96 -29.28 59.06
N THR D 92 20.09 -29.66 57.79
CA THR D 92 19.69 -30.99 57.36
C THR D 92 20.57 -32.05 58.03
N LEU D 93 21.89 -31.83 58.02
CA LEU D 93 22.80 -32.78 58.63
C LEU D 93 22.62 -32.84 60.15
N TYR D 94 22.59 -31.69 60.80
CA TYR D 94 22.46 -31.66 62.25
C TYR D 94 21.15 -32.25 62.74
N GLY D 95 20.04 -31.70 62.28
CA GLY D 95 18.72 -32.17 62.70
C GLY D 95 18.15 -33.36 61.97
N GLY D 96 18.72 -33.71 60.82
CA GLY D 96 18.24 -34.85 60.06
C GLY D 96 17.00 -34.57 59.22
N ALA D 97 16.72 -35.47 58.29
CA ALA D 97 15.54 -35.34 57.43
C ALA D 97 14.60 -36.47 57.84
N THR D 98 14.19 -37.30 56.88
CA THR D 98 13.31 -38.41 57.20
C THR D 98 13.98 -39.74 56.82
N GLY D 99 13.37 -40.84 57.24
CA GLY D 99 13.91 -42.15 56.93
C GLY D 99 15.29 -42.41 57.52
N GLN D 100 16.18 -42.94 56.69
CA GLN D 100 17.52 -43.25 57.12
C GLN D 100 18.45 -42.05 57.19
N MET D 101 17.97 -40.89 56.75
CA MET D 101 18.75 -39.67 56.82
C MET D 101 18.44 -38.98 58.15
N GLY D 102 19.08 -39.47 59.22
CA GLY D 102 18.83 -38.92 60.54
C GLY D 102 19.88 -37.93 61.01
N PRO D 103 19.74 -37.39 62.22
CA PRO D 103 20.69 -36.43 62.78
C PRO D 103 22.12 -36.95 62.83
N MET D 104 23.08 -36.09 62.55
CA MET D 104 24.48 -36.47 62.53
C MET D 104 25.26 -35.94 63.73
N TRP D 105 24.58 -35.25 64.65
CA TRP D 105 25.31 -34.69 65.79
C TRP D 105 25.95 -35.71 66.70
N GLY D 106 25.48 -36.96 66.63
CA GLY D 106 26.05 -38.00 67.46
C GLY D 106 27.28 -38.63 66.85
N SER D 107 27.54 -38.37 65.58
CA SER D 107 28.70 -38.95 64.91
C SER D 107 29.72 -37.95 64.37
N LEU D 108 29.28 -36.74 64.06
CA LEU D 108 30.19 -35.72 63.53
C LEU D 108 30.24 -34.49 64.42
N THR D 109 31.43 -33.91 64.57
CA THR D 109 31.57 -32.70 65.37
C THR D 109 31.09 -31.56 64.47
N LEU D 110 30.78 -30.42 65.06
CA LEU D 110 30.31 -29.29 64.28
C LEU D 110 31.31 -28.97 63.17
N ASP D 111 32.60 -29.02 63.48
CA ASP D 111 33.62 -28.71 62.47
C ASP D 111 33.62 -29.71 61.32
N GLU D 112 33.50 -30.99 61.65
CA GLU D 112 33.49 -32.05 60.64
C GLU D 112 32.28 -31.90 59.70
N MET D 113 31.16 -31.47 60.25
CA MET D 113 29.97 -31.27 59.42
C MET D 113 30.26 -30.21 58.36
N LEU D 114 30.90 -29.11 58.77
CA LEU D 114 31.24 -28.04 57.84
C LEU D 114 32.20 -28.51 56.76
N ARG D 115 33.16 -29.36 57.13
CA ARG D 115 34.11 -29.88 56.18
C ARG D 115 33.43 -30.82 55.19
N THR D 116 32.54 -31.66 55.71
CA THR D 116 31.79 -32.60 54.88
C THR D 116 30.96 -31.81 53.89
N MET D 117 30.33 -30.74 54.39
CA MET D 117 29.50 -29.87 53.55
C MET D 117 30.33 -29.29 52.41
N ALA D 118 31.55 -28.88 52.71
CA ALA D 118 32.44 -28.31 51.70
C ALA D 118 32.67 -29.28 50.55
N TRP D 119 32.78 -30.58 50.85
CA TRP D 119 33.00 -31.57 49.80
C TRP D 119 31.74 -31.72 48.94
N VAL D 120 30.58 -31.69 49.58
CA VAL D 120 29.32 -31.80 48.85
C VAL D 120 29.22 -30.62 47.86
N ARG D 121 29.60 -29.43 48.32
CA ARG D 121 29.56 -28.26 47.45
C ARG D 121 30.56 -28.41 46.31
N HIS D 122 31.69 -29.04 46.59
CA HIS D 122 32.73 -29.24 45.59
C HIS D 122 32.28 -30.18 44.46
N LEU D 123 31.36 -31.07 44.77
CA LEU D 123 30.84 -32.03 43.81
C LEU D 123 29.74 -31.45 42.90
N TYR D 124 29.35 -30.20 43.14
CA TYR D 124 28.31 -29.56 42.34
C TYR D 124 28.69 -29.63 40.85
N THR D 125 27.74 -30.03 40.01
CA THR D 125 28.00 -30.14 38.57
C THR D 125 27.28 -29.04 37.80
N GLY D 126 26.57 -28.18 38.52
CA GLY D 126 25.83 -27.11 37.89
C GLY D 126 26.71 -25.95 37.46
N ASP D 127 26.06 -24.88 37.00
CA ASP D 127 26.79 -23.70 36.55
C ASP D 127 27.26 -22.88 37.74
N PRO D 128 28.55 -22.49 37.75
CA PRO D 128 29.17 -21.70 38.81
C PRO D 128 28.33 -20.48 39.19
N LYS D 129 27.78 -19.83 38.17
CA LYS D 129 26.96 -18.64 38.38
C LYS D 129 25.78 -18.96 39.30
N ASP D 130 25.39 -20.23 39.34
CA ASP D 130 24.27 -20.67 40.17
C ASP D 130 24.67 -21.16 41.57
N ALA D 131 25.95 -21.05 41.90
CA ALA D 131 26.44 -21.47 43.20
C ALA D 131 26.41 -20.29 44.17
N SER D 132 25.22 -19.98 44.66
CA SER D 132 25.02 -18.87 45.57
C SER D 132 25.71 -19.03 46.92
N TRP D 133 26.27 -20.21 47.18
CA TRP D 133 26.96 -20.47 48.44
C TRP D 133 28.44 -20.11 48.32
N LEU D 134 28.83 -19.65 47.13
CA LEU D 134 30.22 -19.28 46.87
C LEU D 134 30.40 -17.77 46.73
N THR D 135 31.55 -17.27 47.17
CA THR D 135 31.85 -15.84 47.05
C THR D 135 32.28 -15.62 45.59
N ASP D 136 32.38 -14.36 45.20
CA ASP D 136 32.79 -14.04 43.84
C ASP D 136 34.15 -14.63 43.50
N GLU D 137 35.10 -14.50 44.42
CA GLU D 137 36.44 -15.05 44.20
C GLU D 137 36.37 -16.56 44.05
N GLN D 138 35.54 -17.21 44.87
CA GLN D 138 35.40 -18.67 44.81
C GLN D 138 34.74 -19.09 43.50
N LYS D 139 33.74 -18.34 43.04
CA LYS D 139 33.07 -18.67 41.78
C LYS D 139 34.09 -18.63 40.64
N ALA D 140 34.94 -17.62 40.64
CA ALA D 140 35.96 -17.45 39.60
C ALA D 140 36.82 -18.69 39.44
N GLY D 141 37.15 -19.34 40.56
CA GLY D 141 37.99 -20.53 40.48
C GLY D 141 37.25 -21.86 40.53
N PHE D 142 35.94 -21.80 40.51
CA PHE D 142 35.14 -23.03 40.56
C PHE D 142 34.87 -23.63 39.19
N THR D 143 35.00 -24.95 39.10
CA THR D 143 34.72 -25.65 37.85
C THR D 143 33.80 -26.82 38.19
N PRO D 144 32.67 -26.94 37.48
CA PRO D 144 31.73 -28.04 37.73
C PRO D 144 32.50 -29.35 37.84
N PHE D 145 32.14 -30.16 38.83
CA PHE D 145 32.83 -31.42 39.06
C PHE D 145 32.69 -32.43 37.92
N GLN D 146 33.73 -33.23 37.75
CA GLN D 146 33.79 -34.28 36.73
C GLN D 146 34.65 -35.41 37.26
N PRO D 147 34.14 -36.65 37.22
CA PRO D 147 34.90 -37.81 37.71
C PRO D 147 36.26 -37.96 37.01
N GLU E 5 0.76 -22.10 3.22
CA GLU E 5 1.76 -21.00 3.00
C GLU E 5 1.02 -19.66 2.90
N ALA E 6 0.37 -19.42 1.76
CA ALA E 6 -0.37 -18.19 1.54
C ALA E 6 -1.73 -18.36 2.22
N GLU E 7 -2.14 -17.34 2.97
CA GLU E 7 -3.42 -17.41 3.67
C GLU E 7 -4.56 -16.71 2.94
N THR E 8 -5.70 -17.39 2.87
CA THR E 8 -6.89 -16.82 2.23
C THR E 8 -7.56 -15.95 3.28
N GLN E 9 -8.48 -15.08 2.87
CA GLN E 9 -9.17 -14.22 3.83
C GLN E 9 -9.80 -15.01 4.96
N ALA E 10 -10.47 -16.11 4.63
CA ALA E 10 -11.12 -16.96 5.62
C ALA E 10 -10.10 -17.55 6.60
N GLN E 11 -8.96 -18.00 6.07
CA GLN E 11 -7.91 -18.59 6.88
C GLN E 11 -7.42 -17.60 7.93
N GLU E 12 -7.07 -16.41 7.44
CA GLU E 12 -6.57 -15.33 8.26
C GLU E 12 -7.54 -14.97 9.39
N THR E 13 -8.83 -14.96 9.08
CA THR E 13 -9.83 -14.66 10.09
C THR E 13 -9.83 -15.75 11.16
N GLN E 14 -9.83 -17.00 10.72
CA GLN E 14 -9.82 -18.12 11.66
C GLN E 14 -8.55 -18.12 12.52
N GLY E 15 -7.41 -17.92 11.87
CA GLY E 15 -6.14 -17.92 12.59
C GLY E 15 -6.04 -16.80 13.61
N GLN E 16 -6.58 -15.65 13.27
CA GLN E 16 -6.55 -14.49 14.16
C GLN E 16 -7.47 -14.70 15.35
N ALA E 17 -8.64 -15.29 15.09
CA ALA E 17 -9.59 -15.57 16.16
C ALA E 17 -8.92 -16.54 17.13
N ALA E 18 -8.40 -17.64 16.59
CA ALA E 18 -7.73 -18.64 17.41
C ALA E 18 -6.62 -18.04 18.27
N ALA E 19 -5.85 -17.13 17.70
CA ALA E 19 -4.78 -16.49 18.43
C ALA E 19 -5.33 -15.69 19.61
N ARG E 20 -6.41 -14.95 19.36
CA ARG E 20 -7.03 -14.13 20.40
C ARG E 20 -7.50 -14.98 21.57
N ALA E 21 -8.16 -16.10 21.27
CA ALA E 21 -8.66 -17.01 22.29
C ALA E 21 -7.53 -17.65 23.09
N ALA E 22 -6.48 -18.09 22.41
CA ALA E 22 -5.35 -18.72 23.09
C ALA E 22 -4.68 -17.72 24.04
N ALA E 23 -4.50 -16.49 23.57
CA ALA E 23 -3.87 -15.45 24.37
C ALA E 23 -4.65 -15.19 25.66
N ALA E 24 -5.98 -15.08 25.53
CA ALA E 24 -6.84 -14.84 26.69
C ALA E 24 -6.75 -16.00 27.68
N ASP E 25 -6.77 -17.23 27.16
CA ASP E 25 -6.67 -18.41 28.01
C ASP E 25 -5.38 -18.39 28.81
N LEU E 26 -4.28 -18.12 28.13
CA LEU E 26 -2.97 -18.07 28.78
C LEU E 26 -3.03 -17.08 29.93
N ALA E 27 -3.51 -15.87 29.64
CA ALA E 27 -3.63 -14.83 30.65
C ALA E 27 -4.49 -15.28 31.82
N ALA E 28 -5.55 -16.02 31.52
CA ALA E 28 -6.46 -16.50 32.56
C ALA E 28 -5.88 -17.69 33.31
N GLY E 29 -4.72 -18.16 32.89
CA GLY E 29 -4.10 -19.29 33.55
C GLY E 29 -4.72 -20.65 33.27
N GLN E 30 -5.36 -20.77 32.11
CA GLN E 30 -5.99 -22.04 31.74
C GLN E 30 -4.91 -22.93 31.13
N ASP E 31 -4.89 -24.20 31.51
CA ASP E 31 -3.88 -25.14 31.01
C ASP E 31 -4.23 -25.76 29.66
N ASP E 32 -3.20 -26.03 28.86
CA ASP E 32 -3.37 -26.67 27.56
C ASP E 32 -3.37 -28.17 27.81
N GLU E 33 -4.47 -28.83 27.45
CA GLU E 33 -4.61 -30.27 27.63
C GLU E 33 -4.98 -30.88 26.28
N PRO E 34 -3.97 -31.19 25.45
CA PRO E 34 -4.20 -31.77 24.12
C PRO E 34 -5.09 -33.01 24.08
N ARG E 35 -5.92 -33.09 23.04
CA ARG E 35 -6.82 -34.21 22.83
C ARG E 35 -7.15 -34.32 21.35
N ILE E 36 -7.84 -35.41 20.97
CA ILE E 36 -8.24 -35.64 19.60
C ILE E 36 -9.66 -35.11 19.40
N LEU E 37 -9.82 -34.12 18.53
CA LEU E 37 -11.13 -33.54 18.28
C LEU E 37 -12.07 -34.40 17.44
N GLU E 38 -13.34 -34.04 17.49
CA GLU E 38 -14.37 -34.70 16.69
C GLU E 38 -14.84 -33.60 15.75
N ALA E 39 -15.22 -33.99 14.53
CA ALA E 39 -15.68 -33.02 13.56
C ALA E 39 -17.11 -32.61 13.88
N PRO E 40 -17.51 -31.40 13.45
CA PRO E 40 -18.88 -30.92 13.69
C PRO E 40 -19.83 -31.90 13.02
N ALA E 41 -21.06 -31.99 13.51
CA ALA E 41 -22.03 -32.90 12.92
C ALA E 41 -22.22 -32.54 11.45
N PRO E 42 -22.39 -33.55 10.59
CA PRO E 42 -22.57 -33.23 9.17
C PRO E 42 -23.85 -32.43 8.89
N ASP E 43 -23.74 -31.41 8.05
CA ASP E 43 -24.88 -30.59 7.68
C ASP E 43 -24.90 -30.36 6.17
N ALA E 44 -25.85 -29.56 5.71
CA ALA E 44 -25.99 -29.30 4.28
C ALA E 44 -24.82 -28.54 3.69
N ARG E 45 -24.06 -27.87 4.55
CA ARG E 45 -22.92 -27.07 4.11
C ARG E 45 -21.58 -27.79 4.12
N ARG E 46 -21.57 -29.06 4.49
CA ARG E 46 -20.33 -29.82 4.49
C ARG E 46 -20.07 -30.22 3.03
N VAL E 47 -18.81 -30.10 2.60
CA VAL E 47 -18.46 -30.47 1.23
C VAL E 47 -17.18 -31.29 1.26
N TYR E 48 -17.12 -32.30 0.40
CA TYR E 48 -15.97 -33.18 0.31
C TYR E 48 -15.20 -32.95 -0.97
N VAL E 49 -13.88 -32.87 -0.87
CA VAL E 49 -13.03 -32.68 -2.03
C VAL E 49 -12.03 -33.82 -2.11
N ASN E 50 -12.06 -34.55 -3.22
CA ASN E 50 -11.14 -35.66 -3.41
C ASN E 50 -10.00 -35.24 -4.32
N ASP E 51 -8.79 -35.63 -3.93
CA ASP E 51 -7.58 -35.30 -4.68
C ASP E 51 -6.95 -36.57 -5.24
N PRO E 52 -7.23 -36.88 -6.53
CA PRO E 52 -6.67 -38.07 -7.19
C PRO E 52 -5.16 -37.91 -7.41
N ALA E 53 -4.67 -36.71 -7.09
CA ALA E 53 -3.25 -36.38 -7.20
C ALA E 53 -2.55 -36.79 -8.49
N HIS E 54 -3.17 -36.52 -9.63
CA HIS E 54 -2.60 -36.85 -10.94
C HIS E 54 -2.12 -38.29 -11.06
N PHE E 55 -2.95 -39.22 -10.60
CA PHE E 55 -2.67 -40.66 -10.65
C PHE E 55 -1.62 -41.18 -9.67
N ALA E 56 -1.39 -40.48 -8.56
CA ALA E 56 -0.41 -40.93 -7.57
C ALA E 56 -0.93 -42.19 -6.86
N ALA E 57 -0.01 -42.99 -6.33
CA ALA E 57 -0.36 -44.23 -5.65
C ALA E 57 -1.20 -44.03 -4.38
N VAL E 58 -1.07 -42.88 -3.73
CA VAL E 58 -1.85 -42.57 -2.53
C VAL E 58 -2.54 -41.23 -2.75
N THR E 59 -3.74 -41.09 -2.20
CA THR E 59 -4.53 -39.89 -2.40
C THR E 59 -5.14 -39.39 -1.10
N GLN E 60 -5.79 -38.23 -1.16
CA GLN E 60 -6.40 -37.64 0.02
C GLN E 60 -7.77 -37.03 -0.28
N GLN E 61 -8.59 -36.98 0.76
CA GLN E 61 -9.92 -36.37 0.67
C GLN E 61 -9.94 -35.32 1.77
N PHE E 62 -10.49 -34.15 1.46
CA PHE E 62 -10.58 -33.08 2.43
C PHE E 62 -12.05 -32.89 2.78
N VAL E 63 -12.35 -32.83 4.08
CA VAL E 63 -13.72 -32.61 4.55
C VAL E 63 -13.75 -31.13 4.91
N ILE E 64 -14.61 -30.38 4.24
CA ILE E 64 -14.69 -28.95 4.45
C ILE E 64 -16.04 -28.40 4.90
N ASP E 65 -16.00 -27.37 5.74
CA ASP E 65 -17.22 -26.71 6.19
C ASP E 65 -17.37 -25.55 5.20
N GLY E 66 -18.31 -25.70 4.26
CA GLY E 66 -18.53 -24.68 3.25
C GLY E 66 -18.95 -23.33 3.79
N GLU E 67 -19.61 -23.32 4.95
CA GLU E 67 -20.06 -22.07 5.54
C GLU E 67 -18.90 -21.23 6.05
N ALA E 68 -17.97 -21.87 6.76
CA ALA E 68 -16.83 -21.16 7.32
C ALA E 68 -15.61 -21.17 6.40
N GLY E 69 -15.59 -22.07 5.42
CA GLY E 69 -14.43 -22.14 4.53
C GLY E 69 -13.26 -22.68 5.33
N ARG E 70 -13.49 -23.78 6.04
CA ARG E 70 -12.46 -24.39 6.87
C ARG E 70 -12.37 -25.90 6.70
N VAL E 71 -11.15 -26.41 6.67
CA VAL E 71 -10.95 -27.85 6.56
C VAL E 71 -11.24 -28.40 7.96
N ILE E 72 -12.20 -29.31 8.06
CA ILE E 72 -12.55 -29.89 9.35
C ILE E 72 -12.10 -31.34 9.50
N GLY E 73 -11.49 -31.88 8.45
CA GLY E 73 -11.01 -33.25 8.53
C GLY E 73 -10.44 -33.74 7.21
N MET E 74 -9.79 -34.90 7.25
CA MET E 74 -9.20 -35.48 6.04
C MET E 74 -9.31 -37.00 6.12
N ILE E 75 -9.17 -37.66 4.98
CA ILE E 75 -9.24 -39.11 4.88
C ILE E 75 -8.21 -39.57 3.87
N ASP E 76 -7.43 -40.60 4.21
CA ASP E 76 -6.42 -41.10 3.28
C ASP E 76 -7.00 -42.19 2.38
N GLY E 77 -6.64 -42.15 1.11
CA GLY E 77 -7.12 -43.14 0.17
C GLY E 77 -5.98 -43.74 -0.62
N GLY E 78 -6.26 -44.81 -1.36
CA GLY E 78 -5.24 -45.46 -2.15
C GLY E 78 -5.16 -44.90 -3.57
N PHE E 79 -5.01 -45.78 -4.53
CA PHE E 79 -4.91 -45.43 -5.95
C PHE E 79 -6.30 -45.22 -6.55
N LEU E 80 -6.53 -44.03 -7.10
CA LEU E 80 -7.80 -43.67 -7.75
C LEU E 80 -9.04 -44.19 -7.04
N PRO E 81 -9.22 -43.81 -5.77
CA PRO E 81 -10.41 -44.30 -5.05
C PRO E 81 -11.71 -43.62 -5.49
N ASN E 82 -12.82 -44.34 -5.31
CA ASN E 82 -14.15 -43.82 -5.65
C ASN E 82 -14.87 -43.50 -4.36
N PRO E 83 -15.14 -42.22 -4.10
CA PRO E 83 -15.83 -41.83 -2.87
C PRO E 83 -17.34 -41.82 -3.01
N VAL E 84 -18.01 -42.04 -1.89
CA VAL E 84 -19.48 -41.99 -1.83
C VAL E 84 -19.80 -41.37 -0.49
N VAL E 85 -20.92 -40.67 -0.45
CA VAL E 85 -21.36 -40.00 0.76
C VAL E 85 -22.85 -40.24 0.93
N ALA E 86 -23.26 -40.81 2.05
CA ALA E 86 -24.68 -41.07 2.30
C ALA E 86 -25.41 -39.74 2.36
N ASP E 87 -26.53 -39.62 1.66
CA ASP E 87 -27.28 -38.38 1.64
C ASP E 87 -27.84 -37.98 3.00
N ASP E 88 -28.06 -38.95 3.89
CA ASP E 88 -28.60 -38.65 5.21
C ASP E 88 -27.52 -38.30 6.21
N GLY E 89 -26.27 -38.23 5.75
CA GLY E 89 -25.15 -37.89 6.62
C GLY E 89 -24.75 -38.96 7.62
N SER E 90 -25.29 -40.17 7.49
CA SER E 90 -24.97 -41.23 8.42
C SER E 90 -23.56 -41.79 8.28
N PHE E 91 -23.00 -41.71 7.08
CA PHE E 91 -21.65 -42.24 6.87
C PHE E 91 -21.04 -41.83 5.53
N ILE E 92 -19.75 -42.11 5.38
CA ILE E 92 -19.03 -41.83 4.15
C ILE E 92 -18.19 -43.07 3.90
N ALA E 93 -17.84 -43.31 2.64
CA ALA E 93 -17.06 -44.49 2.31
C ALA E 93 -16.38 -44.33 0.97
N HIS E 94 -15.48 -45.26 0.65
CA HIS E 94 -14.80 -45.26 -0.63
C HIS E 94 -14.32 -46.65 -1.01
N ALA E 95 -14.22 -46.90 -2.31
CA ALA E 95 -13.70 -48.15 -2.83
C ALA E 95 -12.27 -47.72 -3.11
N SER E 96 -11.29 -48.44 -2.56
CA SER E 96 -9.89 -48.07 -2.72
C SER E 96 -8.97 -49.22 -3.12
N THR E 97 -7.74 -48.90 -3.45
CA THR E 97 -6.75 -49.89 -3.89
C THR E 97 -5.37 -49.59 -3.34
N VAL E 98 -4.74 -50.60 -2.73
CA VAL E 98 -3.39 -50.43 -2.20
C VAL E 98 -2.53 -51.60 -2.67
N PHE E 99 -1.22 -51.45 -2.54
CA PHE E 99 -0.27 -52.48 -2.95
C PHE E 99 0.71 -52.73 -1.79
N SER E 100 1.27 -53.93 -1.73
CA SER E 100 2.20 -54.29 -0.67
C SER E 100 3.50 -53.50 -0.69
N ARG E 101 3.93 -53.07 -1.86
CA ARG E 101 5.16 -52.29 -1.98
C ARG E 101 4.92 -50.97 -2.74
N ILE E 102 4.04 -50.14 -2.17
CA ILE E 102 3.68 -48.83 -2.71
C ILE E 102 2.89 -48.86 -4.02
N ALA E 103 3.54 -49.24 -5.12
CA ALA E 103 2.86 -49.26 -6.40
C ALA E 103 3.01 -50.60 -7.10
N ARG E 104 3.60 -51.56 -6.40
CA ARG E 104 3.80 -52.90 -6.95
C ARG E 104 3.63 -53.92 -5.83
N GLY E 105 3.66 -55.20 -6.20
CA GLY E 105 3.48 -56.25 -5.21
C GLY E 105 2.04 -56.70 -5.22
N GLU E 106 1.58 -57.26 -4.11
CA GLU E 106 0.21 -57.75 -4.01
C GLU E 106 -0.80 -56.60 -4.04
N ARG E 107 -1.81 -56.72 -4.89
CA ARG E 107 -2.84 -55.69 -4.99
C ARG E 107 -4.03 -56.04 -4.10
N THR E 108 -4.54 -55.06 -3.37
CA THR E 108 -5.70 -55.26 -2.51
C THR E 108 -6.75 -54.19 -2.77
N ASP E 109 -7.93 -54.62 -3.25
CA ASP E 109 -9.03 -53.70 -3.47
C ASP E 109 -9.94 -53.86 -2.26
N TYR E 110 -10.46 -52.75 -1.75
CA TYR E 110 -11.32 -52.82 -0.56
C TYR E 110 -12.26 -51.63 -0.45
N VAL E 111 -13.29 -51.81 0.38
CA VAL E 111 -14.24 -50.74 0.63
C VAL E 111 -14.06 -50.39 2.09
N GLU E 112 -14.03 -49.10 2.39
CA GLU E 112 -13.86 -48.65 3.75
C GLU E 112 -14.98 -47.69 4.10
N VAL E 113 -15.58 -47.89 5.27
CA VAL E 113 -16.67 -47.04 5.74
C VAL E 113 -16.14 -46.23 6.92
N PHE E 114 -16.51 -44.96 6.99
CA PHE E 114 -16.05 -44.08 8.06
C PHE E 114 -17.18 -43.40 8.82
N ASP E 115 -16.93 -43.12 10.09
CA ASP E 115 -17.89 -42.40 10.93
C ASP E 115 -17.66 -40.94 10.52
N PRO E 116 -18.74 -40.23 10.16
CA PRO E 116 -18.65 -38.83 9.72
C PRO E 116 -18.24 -37.79 10.77
N VAL E 117 -18.16 -38.21 12.03
CA VAL E 117 -17.79 -37.29 13.10
C VAL E 117 -16.41 -37.58 13.66
N THR E 118 -16.12 -38.84 13.89
CA THR E 118 -14.83 -39.26 14.42
C THR E 118 -13.87 -39.54 13.26
N LEU E 119 -14.43 -39.75 12.08
CA LEU E 119 -13.67 -40.05 10.88
C LEU E 119 -12.88 -41.36 11.01
N LEU E 120 -13.28 -42.16 11.99
CA LEU E 120 -12.66 -43.46 12.23
C LEU E 120 -13.31 -44.51 11.34
N PRO E 121 -12.52 -45.45 10.79
CA PRO E 121 -13.12 -46.47 9.94
C PRO E 121 -13.99 -47.40 10.79
N THR E 122 -15.15 -47.77 10.26
CA THR E 122 -16.07 -48.65 10.97
C THR E 122 -16.21 -49.98 10.24
N ALA E 123 -15.61 -50.06 9.06
CA ALA E 123 -15.65 -51.28 8.27
C ALA E 123 -14.56 -51.25 7.22
N ASP E 124 -13.97 -52.42 6.97
CA ASP E 124 -12.93 -52.60 5.96
C ASP E 124 -13.30 -53.92 5.31
N ILE E 125 -13.88 -53.83 4.12
CA ILE E 125 -14.35 -55.00 3.39
C ILE E 125 -13.48 -55.27 2.16
N GLU E 126 -12.85 -56.44 2.13
CA GLU E 126 -12.00 -56.79 1.00
C GLU E 126 -12.80 -57.23 -0.21
N LEU E 127 -12.36 -56.81 -1.39
CA LEU E 127 -13.02 -57.16 -2.64
C LEU E 127 -12.15 -58.23 -3.31
N PRO E 128 -12.70 -59.43 -3.52
CA PRO E 128 -12.00 -60.56 -4.13
C PRO E 128 -11.48 -60.32 -5.56
N ASP E 129 -10.26 -60.77 -5.80
CA ASP E 129 -9.62 -60.67 -7.11
C ASP E 129 -9.54 -59.29 -7.75
N ALA E 130 -9.24 -58.26 -6.95
CA ALA E 130 -9.10 -56.88 -7.43
C ALA E 130 -9.97 -56.59 -8.65
N PRO E 131 -11.28 -56.39 -8.45
CA PRO E 131 -12.20 -56.12 -9.55
C PRO E 131 -12.47 -54.64 -9.87
N ARG E 132 -11.83 -53.72 -9.14
CA ARG E 132 -12.09 -52.31 -9.40
C ARG E 132 -11.62 -51.82 -10.76
N PHE E 133 -12.39 -50.90 -11.33
CA PHE E 133 -12.06 -50.29 -12.61
C PHE E 133 -11.20 -49.08 -12.28
N LEU E 134 -9.93 -49.12 -12.69
CA LEU E 134 -9.00 -48.02 -12.41
C LEU E 134 -9.09 -47.01 -13.55
N VAL E 135 -9.71 -45.87 -13.25
CA VAL E 135 -9.91 -44.82 -14.24
C VAL E 135 -10.00 -43.47 -13.54
N GLY E 136 -9.77 -42.40 -14.30
CA GLY E 136 -9.89 -41.05 -13.74
C GLY E 136 -11.20 -41.09 -12.98
N THR E 137 -11.26 -40.43 -11.83
CA THR E 137 -12.44 -40.48 -10.99
C THR E 137 -13.77 -39.94 -11.50
N TYR E 138 -14.70 -40.87 -11.73
CA TYR E 138 -16.07 -40.56 -12.16
C TYR E 138 -16.96 -40.93 -10.96
N PRO E 139 -17.65 -39.94 -10.38
CA PRO E 139 -18.51 -40.23 -9.24
C PRO E 139 -19.48 -41.39 -9.39
N TRP E 140 -20.09 -41.54 -10.57
CA TRP E 140 -21.05 -42.63 -10.73
C TRP E 140 -20.57 -44.00 -11.23
N MET E 141 -19.32 -44.33 -10.92
CA MET E 141 -18.77 -45.64 -11.26
C MET E 141 -18.80 -46.47 -9.97
N THR E 142 -19.25 -45.84 -8.89
CA THR E 142 -19.38 -46.48 -7.58
C THR E 142 -20.51 -45.72 -6.91
N SER E 143 -21.60 -46.43 -6.57
CA SER E 143 -22.76 -45.77 -5.99
C SER E 143 -23.49 -46.51 -4.87
N LEU E 144 -24.21 -45.75 -4.06
CA LEU E 144 -24.99 -46.29 -2.96
C LEU E 144 -26.44 -46.41 -3.35
N THR E 145 -27.11 -47.44 -2.86
CA THR E 145 -28.52 -47.61 -3.12
C THR E 145 -29.18 -46.58 -2.21
N PRO E 146 -30.44 -46.22 -2.49
CA PRO E 146 -31.20 -45.23 -1.71
C PRO E 146 -31.32 -45.53 -0.21
N ASP E 147 -31.34 -46.81 0.16
CA ASP E 147 -31.46 -47.21 1.56
C ASP E 147 -30.10 -47.14 2.25
N GLY E 148 -29.06 -46.88 1.46
CA GLY E 148 -27.72 -46.78 2.02
C GLY E 148 -27.13 -48.07 2.57
N LYS E 149 -27.75 -49.20 2.23
CA LYS E 149 -27.27 -50.49 2.72
C LYS E 149 -26.38 -51.24 1.74
N THR E 150 -26.40 -50.82 0.48
CA THR E 150 -25.61 -51.49 -0.54
C THR E 150 -24.76 -50.53 -1.38
N LEU E 151 -23.55 -50.98 -1.70
CA LEU E 151 -22.63 -50.21 -2.52
C LEU E 151 -22.36 -51.00 -3.79
N LEU E 152 -22.50 -50.34 -4.93
CA LEU E 152 -22.28 -50.96 -6.23
C LEU E 152 -21.07 -50.34 -6.91
N PHE E 153 -20.21 -51.17 -7.50
CA PHE E 153 -19.03 -50.64 -8.19
C PHE E 153 -18.87 -51.32 -9.55
N TYR E 154 -18.28 -50.58 -10.49
CA TYR E 154 -18.10 -51.08 -11.84
C TYR E 154 -16.78 -51.77 -12.13
N GLN E 155 -16.85 -52.84 -12.92
CA GLN E 155 -15.68 -53.57 -13.35
C GLN E 155 -15.70 -53.50 -14.89
N PHE E 156 -14.58 -53.12 -15.47
CA PHE E 156 -14.46 -52.98 -16.92
C PHE E 156 -13.90 -54.23 -17.60
N SER E 157 -12.82 -54.76 -17.05
CA SER E 157 -12.17 -55.94 -17.61
C SER E 157 -12.20 -57.09 -16.61
N PRO E 158 -12.21 -58.35 -17.09
CA PRO E 158 -12.21 -58.78 -18.49
C PRO E 158 -13.57 -58.69 -19.18
N ALA E 159 -14.60 -58.39 -18.40
CA ALA E 159 -15.95 -58.25 -18.94
C ALA E 159 -16.73 -57.28 -18.07
N PRO E 160 -17.73 -56.59 -18.66
CA PRO E 160 -18.50 -55.66 -17.84
C PRO E 160 -19.24 -56.37 -16.71
N ALA E 161 -19.13 -55.82 -15.50
CA ALA E 161 -19.82 -56.40 -14.35
C ALA E 161 -19.98 -55.35 -13.26
N VAL E 162 -20.97 -55.57 -12.40
CA VAL E 162 -21.23 -54.66 -11.29
C VAL E 162 -21.08 -55.45 -9.98
N GLY E 163 -20.20 -54.97 -9.11
CA GLY E 163 -19.98 -55.64 -7.84
C GLY E 163 -20.99 -55.20 -6.79
N VAL E 164 -21.48 -56.17 -6.02
CA VAL E 164 -22.45 -55.87 -4.98
C VAL E 164 -21.82 -56.06 -3.60
N VAL E 165 -21.78 -54.97 -2.84
CA VAL E 165 -21.21 -54.98 -1.51
C VAL E 165 -22.29 -54.68 -0.47
N ASP E 166 -22.43 -55.58 0.50
CA ASP E 166 -23.41 -55.42 1.57
C ASP E 166 -22.74 -54.65 2.70
N LEU E 167 -23.10 -53.38 2.85
CA LEU E 167 -22.52 -52.53 3.87
C LEU E 167 -23.03 -52.87 5.26
N GLU E 168 -24.29 -53.28 5.34
CA GLU E 168 -24.91 -53.63 6.60
C GLU E 168 -24.23 -54.86 7.22
N GLY E 169 -24.11 -55.93 6.44
CA GLY E 169 -23.46 -57.13 6.94
C GLY E 169 -21.97 -57.11 6.70
N LYS E 170 -21.46 -55.96 6.27
CA LYS E 170 -20.03 -55.79 6.00
C LYS E 170 -19.43 -56.94 5.20
N ALA E 171 -19.91 -57.16 4.00
CA ALA E 171 -19.39 -58.25 3.20
C ALA E 171 -19.61 -58.08 1.71
N PHE E 172 -18.71 -58.64 0.91
CA PHE E 172 -18.82 -58.60 -0.54
C PHE E 172 -19.84 -59.69 -0.88
N LYS E 173 -20.81 -59.36 -1.73
CA LYS E 173 -21.84 -60.33 -2.09
C LYS E 173 -21.55 -61.12 -3.36
N ARG E 174 -21.50 -60.42 -4.49
CA ARG E 174 -21.29 -61.09 -5.77
C ARG E 174 -21.03 -60.09 -6.90
N MET E 175 -20.67 -60.64 -8.07
CA MET E 175 -20.43 -59.85 -9.26
C MET E 175 -21.63 -60.09 -10.19
N LEU E 176 -22.24 -59.02 -10.67
CA LEU E 176 -23.38 -59.12 -11.58
C LEU E 176 -22.92 -58.97 -13.02
N ASP E 177 -23.30 -59.90 -13.88
CA ASP E 177 -22.93 -59.81 -15.29
C ASP E 177 -23.89 -58.82 -15.95
N VAL E 178 -23.35 -57.83 -16.64
CA VAL E 178 -24.18 -56.84 -17.31
C VAL E 178 -23.75 -56.67 -18.77
N PRO E 179 -24.60 -56.01 -19.59
CA PRO E 179 -24.27 -55.79 -21.00
C PRO E 179 -23.13 -54.77 -21.09
N ASP E 180 -22.74 -54.40 -22.31
CA ASP E 180 -21.66 -53.44 -22.48
C ASP E 180 -22.20 -52.05 -22.19
N CYS E 181 -22.32 -51.75 -20.90
CA CYS E 181 -22.83 -50.48 -20.43
C CYS E 181 -21.91 -49.90 -19.34
N TYR E 182 -22.03 -48.61 -19.09
CA TYR E 182 -21.15 -47.94 -18.13
C TYR E 182 -21.91 -47.00 -17.20
N HIS E 183 -21.33 -46.76 -16.02
CA HIS E 183 -21.91 -45.91 -14.98
C HIS E 183 -23.02 -46.66 -14.25
N ILE E 184 -23.29 -46.26 -13.01
CA ILE E 184 -24.29 -46.92 -12.18
C ILE E 184 -25.18 -45.91 -11.47
N PHE E 185 -26.47 -45.91 -11.79
CA PHE E 185 -27.42 -44.98 -11.19
C PHE E 185 -28.51 -45.73 -10.44
N PRO E 186 -28.34 -45.92 -9.11
CA PRO E 186 -29.35 -46.64 -8.33
C PRO E 186 -30.65 -45.85 -8.13
N THR E 187 -31.76 -46.55 -8.30
CA THR E 187 -33.09 -45.95 -8.15
C THR E 187 -33.87 -46.63 -7.02
N ALA E 188 -33.39 -47.80 -6.61
CA ALA E 188 -34.03 -48.57 -5.54
C ALA E 188 -33.01 -49.51 -4.91
N PRO E 189 -33.40 -50.22 -3.84
CA PRO E 189 -32.50 -51.15 -3.15
C PRO E 189 -32.02 -52.32 -4.02
N ASP E 190 -32.75 -52.60 -5.09
CA ASP E 190 -32.39 -53.73 -5.95
C ASP E 190 -32.42 -53.36 -7.43
N THR E 191 -32.39 -52.07 -7.73
CA THR E 191 -32.44 -51.63 -9.12
C THR E 191 -31.49 -50.48 -9.43
N PHE E 192 -30.92 -50.51 -10.63
CA PHE E 192 -30.03 -49.43 -11.06
C PHE E 192 -29.96 -49.39 -12.58
N PHE E 193 -29.68 -48.20 -13.13
CA PHE E 193 -29.57 -48.02 -14.57
C PHE E 193 -28.13 -47.78 -14.98
N MET E 194 -27.82 -48.08 -16.23
CA MET E 194 -26.49 -47.89 -16.78
C MET E 194 -26.66 -47.29 -18.17
N HIS E 195 -25.59 -46.69 -18.71
CA HIS E 195 -25.64 -46.11 -20.04
C HIS E 195 -24.85 -47.06 -20.94
N CYS E 196 -25.47 -47.51 -22.02
CA CYS E 196 -24.82 -48.47 -22.91
C CYS E 196 -24.19 -47.92 -24.18
N ARG E 197 -23.24 -48.68 -24.71
CA ARG E 197 -22.51 -48.32 -25.93
C ARG E 197 -23.46 -48.02 -27.09
N ASP E 198 -24.59 -48.73 -27.16
CA ASP E 198 -25.52 -48.52 -28.26
C ASP E 198 -26.39 -47.26 -28.11
N GLY E 199 -26.22 -46.52 -27.03
CA GLY E 199 -27.00 -45.31 -26.85
C GLY E 199 -28.28 -45.52 -26.06
N SER E 200 -28.50 -46.73 -25.58
CA SER E 200 -29.69 -47.03 -24.80
C SER E 200 -29.31 -47.01 -23.32
N LEU E 201 -30.32 -47.07 -22.47
CA LEU E 201 -30.09 -47.11 -21.03
C LEU E 201 -30.47 -48.54 -20.66
N ALA E 202 -29.75 -49.15 -19.73
CA ALA E 202 -30.07 -50.51 -19.32
C ALA E 202 -30.56 -50.50 -17.88
N LYS E 203 -31.67 -51.20 -17.63
CA LYS E 203 -32.22 -51.29 -16.29
C LYS E 203 -31.85 -52.65 -15.74
N VAL E 204 -31.24 -52.67 -14.56
CA VAL E 204 -30.82 -53.91 -13.95
C VAL E 204 -31.44 -54.10 -12.56
N ALA E 205 -32.20 -55.18 -12.42
CA ALA E 205 -32.85 -55.52 -11.16
C ALA E 205 -32.17 -56.80 -10.70
N PHE E 206 -31.57 -56.78 -9.52
CA PHE E 206 -30.86 -57.96 -9.03
C PHE E 206 -31.41 -58.55 -7.75
N GLY E 207 -30.94 -59.77 -7.46
CA GLY E 207 -31.35 -60.47 -6.26
C GLY E 207 -30.12 -60.95 -5.52
N THR E 208 -30.32 -61.65 -4.40
CA THR E 208 -29.21 -62.15 -3.60
C THR E 208 -28.40 -63.25 -4.28
N GLU E 209 -29.04 -64.02 -5.15
CA GLU E 209 -28.34 -65.11 -5.84
C GLU E 209 -28.91 -65.45 -7.21
N GLY E 210 -29.97 -64.74 -7.60
CA GLY E 210 -30.56 -65.01 -8.90
C GLY E 210 -29.99 -64.14 -10.01
N THR E 211 -30.05 -64.63 -11.24
CA THR E 211 -29.55 -63.89 -12.40
C THR E 211 -30.34 -62.58 -12.51
N PRO E 212 -29.64 -61.46 -12.71
CA PRO E 212 -30.30 -60.16 -12.83
C PRO E 212 -31.20 -60.01 -14.06
N GLU E 213 -32.33 -59.33 -13.88
CA GLU E 213 -33.24 -59.09 -14.99
C GLU E 213 -32.80 -57.77 -15.63
N ILE E 214 -32.42 -57.83 -16.89
CA ILE E 214 -31.94 -56.64 -17.60
C ILE E 214 -32.86 -56.26 -18.76
N THR E 215 -33.24 -54.98 -18.82
CA THR E 215 -34.09 -54.49 -19.89
C THR E 215 -33.56 -53.15 -20.40
N HIS E 216 -33.63 -52.97 -21.72
CA HIS E 216 -33.15 -51.75 -22.37
C HIS E 216 -34.26 -50.76 -22.69
N THR E 217 -33.92 -49.48 -22.62
CA THR E 217 -34.87 -48.44 -22.97
C THR E 217 -34.60 -48.21 -24.45
N GLU E 218 -35.23 -47.19 -25.02
CA GLU E 218 -35.01 -46.86 -26.42
C GLU E 218 -33.66 -46.15 -26.49
N VAL E 219 -33.06 -46.11 -27.67
CA VAL E 219 -31.80 -45.39 -27.82
C VAL E 219 -32.21 -43.93 -27.73
N PHE E 220 -31.57 -43.15 -26.87
CA PHE E 220 -31.96 -41.75 -26.73
C PHE E 220 -31.00 -40.70 -27.25
N HIS E 221 -29.94 -41.13 -27.93
CA HIS E 221 -28.98 -40.19 -28.51
C HIS E 221 -28.23 -40.85 -29.66
N PRO E 222 -27.92 -40.08 -30.71
CA PRO E 222 -27.20 -40.58 -31.88
C PRO E 222 -25.79 -41.06 -31.56
N GLU E 223 -25.22 -41.84 -32.46
CA GLU E 223 -23.87 -42.39 -32.33
C GLU E 223 -22.84 -41.26 -32.26
N ASP E 224 -23.10 -40.16 -32.97
CA ASP E 224 -22.19 -39.03 -33.03
C ASP E 224 -22.48 -37.92 -32.02
N GLU E 225 -23.30 -38.20 -31.02
CA GLU E 225 -23.60 -37.21 -29.99
C GLU E 225 -22.93 -37.80 -28.75
N PHE E 226 -21.92 -37.10 -28.22
CA PHE E 226 -21.17 -37.63 -27.08
C PHE E 226 -21.56 -37.10 -25.71
N LEU E 227 -21.98 -38.01 -24.84
CA LEU E 227 -22.38 -37.67 -23.48
C LEU E 227 -21.15 -37.71 -22.57
N ILE E 228 -20.93 -36.64 -21.82
CA ILE E 228 -19.76 -36.55 -20.96
C ILE E 228 -19.68 -37.63 -19.88
N ASN E 229 -18.48 -37.84 -19.33
CA ASN E 229 -18.29 -38.87 -18.30
C ASN E 229 -18.80 -38.47 -16.91
N HIS E 230 -19.14 -37.20 -16.73
CA HIS E 230 -19.61 -36.73 -15.43
C HIS E 230 -21.02 -36.15 -15.40
N PRO E 231 -22.05 -36.98 -15.62
CA PRO E 231 -23.42 -36.46 -15.58
C PRO E 231 -23.79 -36.18 -14.13
N ALA E 232 -24.84 -35.39 -13.91
CA ALA E 232 -25.28 -35.09 -12.56
C ALA E 232 -26.51 -35.95 -12.30
N TYR E 233 -26.58 -36.56 -11.13
CA TYR E 233 -27.69 -37.42 -10.79
C TYR E 233 -28.18 -37.16 -9.36
N SER E 234 -29.46 -36.85 -9.24
CA SER E 234 -30.07 -36.60 -7.92
C SER E 234 -30.87 -37.85 -7.61
N GLN E 235 -30.38 -38.66 -6.69
CA GLN E 235 -31.08 -39.89 -6.34
C GLN E 235 -32.47 -39.61 -5.75
N LYS E 236 -32.54 -38.64 -4.85
CA LYS E 236 -33.81 -38.29 -4.23
C LYS E 236 -34.87 -37.80 -5.21
N ALA E 237 -34.44 -37.09 -6.25
CA ALA E 237 -35.38 -36.58 -7.25
C ALA E 237 -35.50 -37.52 -8.44
N GLY E 238 -34.61 -38.51 -8.51
CA GLY E 238 -34.63 -39.44 -9.62
C GLY E 238 -34.37 -38.74 -10.94
N ARG E 239 -33.63 -37.63 -10.88
CA ARG E 239 -33.31 -36.86 -12.09
C ARG E 239 -31.85 -37.08 -12.53
N LEU E 240 -31.68 -37.47 -13.79
CA LEU E 240 -30.34 -37.69 -14.36
C LEU E 240 -30.15 -36.57 -15.38
N VAL E 241 -29.16 -35.71 -15.15
CA VAL E 241 -28.88 -34.60 -16.08
C VAL E 241 -27.60 -34.93 -16.83
N TRP E 242 -27.71 -35.15 -18.15
CA TRP E 242 -26.56 -35.54 -18.95
C TRP E 242 -26.24 -34.66 -20.15
N PRO E 243 -25.22 -33.80 -20.02
CA PRO E 243 -24.81 -32.90 -21.10
C PRO E 243 -23.99 -33.62 -22.18
N THR E 244 -23.98 -33.06 -23.38
CA THR E 244 -23.19 -33.60 -24.49
C THR E 244 -22.02 -32.64 -24.64
N TYR E 245 -21.10 -32.94 -25.54
CA TYR E 245 -19.93 -32.10 -25.79
C TYR E 245 -20.30 -30.67 -26.21
N THR E 246 -21.49 -30.49 -26.76
CA THR E 246 -21.93 -29.17 -27.22
C THR E 246 -22.78 -28.39 -26.23
N GLY E 247 -23.12 -29.02 -25.11
CA GLY E 247 -23.93 -28.32 -24.14
C GLY E 247 -25.40 -28.65 -24.24
N LYS E 248 -25.77 -29.50 -25.18
CA LYS E 248 -27.16 -29.92 -25.32
C LYS E 248 -27.37 -30.80 -24.08
N ILE E 249 -28.50 -30.66 -23.39
CA ILE E 249 -28.75 -31.44 -22.19
C ILE E 249 -29.89 -32.44 -22.26
N HIS E 250 -29.55 -33.71 -22.00
CA HIS E 250 -30.54 -34.77 -21.98
C HIS E 250 -30.94 -34.95 -20.52
N GLN E 251 -32.24 -35.02 -20.25
CA GLN E 251 -32.69 -35.24 -18.88
C GLN E 251 -33.54 -36.51 -18.87
N ILE E 252 -33.30 -37.35 -17.88
CA ILE E 252 -34.04 -38.58 -17.75
C ILE E 252 -34.67 -38.62 -16.36
N ASP E 253 -35.96 -38.91 -16.30
CA ASP E 253 -36.65 -38.99 -15.02
C ASP E 253 -36.81 -40.46 -14.68
N LEU E 254 -36.23 -40.87 -13.56
CA LEU E 254 -36.29 -42.26 -13.12
C LEU E 254 -37.14 -42.43 -11.86
N SER E 255 -37.76 -41.34 -11.41
CA SER E 255 -38.57 -41.36 -10.20
C SER E 255 -39.70 -42.40 -10.17
N SER E 256 -40.29 -42.68 -11.33
CA SER E 256 -41.38 -43.64 -11.40
C SER E 256 -40.88 -45.08 -11.41
N GLY E 257 -39.56 -45.26 -11.43
CA GLY E 257 -39.02 -46.60 -11.46
C GLY E 257 -38.66 -47.01 -12.87
N ASP E 258 -39.14 -46.24 -13.84
CA ASP E 258 -38.85 -46.49 -15.25
C ASP E 258 -38.31 -45.21 -15.87
N ALA E 259 -37.53 -45.35 -16.93
CA ALA E 259 -36.95 -44.18 -17.59
C ALA E 259 -37.95 -43.41 -18.43
N LYS E 260 -38.05 -42.12 -18.15
CA LYS E 260 -38.94 -41.22 -18.87
C LYS E 260 -38.02 -40.12 -19.39
N PHE E 261 -37.90 -40.01 -20.71
CA PHE E 261 -37.04 -39.01 -21.32
C PHE E 261 -37.72 -37.66 -21.50
N LEU E 262 -37.15 -36.64 -20.88
CA LEU E 262 -37.69 -35.30 -20.97
C LEU E 262 -37.15 -34.66 -22.24
N PRO E 263 -37.75 -33.56 -22.69
CA PRO E 263 -37.26 -32.92 -23.91
C PRO E 263 -35.88 -32.32 -23.66
N ALA E 264 -35.00 -32.43 -24.64
CA ALA E 264 -33.64 -31.89 -24.54
C ALA E 264 -33.65 -30.38 -24.61
N VAL E 265 -32.70 -29.75 -23.93
CA VAL E 265 -32.59 -28.30 -23.94
C VAL E 265 -31.15 -27.91 -24.22
N GLU E 266 -30.97 -26.76 -24.88
CA GLU E 266 -29.63 -26.25 -25.18
C GLU E 266 -29.22 -25.36 -24.02
N ALA E 267 -28.05 -25.61 -23.44
CA ALA E 267 -27.58 -24.80 -22.32
C ALA E 267 -26.92 -23.51 -22.82
N LEU E 268 -26.41 -23.54 -24.05
CA LEU E 268 -25.76 -22.38 -24.65
C LEU E 268 -26.68 -21.75 -25.69
N THR E 269 -26.67 -20.41 -25.77
CA THR E 269 -27.51 -19.71 -26.71
C THR E 269 -27.03 -19.92 -28.14
N GLU E 270 -27.87 -19.57 -29.11
CA GLU E 270 -27.50 -19.72 -30.50
C GLU E 270 -26.26 -18.87 -30.76
N ALA E 271 -26.22 -17.68 -30.17
CA ALA E 271 -25.09 -16.78 -30.35
C ALA E 271 -23.81 -17.32 -29.72
N GLU E 272 -23.92 -17.97 -28.57
CA GLU E 272 -22.73 -18.50 -27.91
C GLU E 272 -22.16 -19.67 -28.70
N ARG E 273 -23.02 -20.55 -29.19
CA ARG E 273 -22.57 -21.70 -29.95
C ARG E 273 -21.92 -21.24 -31.26
N ALA E 274 -22.46 -20.19 -31.86
CA ALA E 274 -21.91 -19.65 -33.09
C ALA E 274 -20.52 -19.05 -32.79
N ASP E 275 -20.35 -18.50 -31.59
CA ASP E 275 -19.09 -17.90 -31.18
C ASP E 275 -18.10 -18.90 -30.57
N GLY E 276 -18.39 -20.18 -30.69
CA GLY E 276 -17.49 -21.20 -30.18
C GLY E 276 -17.53 -21.55 -28.70
N TRP E 277 -18.66 -21.33 -28.04
CA TRP E 277 -18.78 -21.66 -26.62
C TRP E 277 -19.14 -23.12 -26.50
N ARG E 278 -18.53 -23.80 -25.54
CA ARG E 278 -18.77 -25.21 -25.31
C ARG E 278 -18.50 -25.53 -23.85
N PRO E 279 -19.13 -26.58 -23.31
CA PRO E 279 -18.84 -26.90 -21.91
C PRO E 279 -17.44 -27.51 -21.88
N GLY E 280 -16.82 -27.57 -20.70
CA GLY E 280 -15.49 -28.13 -20.59
C GLY E 280 -15.04 -28.18 -19.15
N GLY E 281 -14.28 -29.22 -18.81
CA GLY E 281 -13.78 -29.37 -17.45
C GLY E 281 -13.87 -30.82 -17.02
N TRP E 282 -14.03 -31.05 -15.72
CA TRP E 282 -14.15 -32.40 -15.19
C TRP E 282 -15.63 -32.54 -14.80
N GLN E 283 -15.99 -32.17 -13.57
CA GLN E 283 -17.40 -32.22 -13.17
C GLN E 283 -18.01 -30.96 -13.76
N GLN E 284 -18.40 -31.04 -15.03
CA GLN E 284 -18.94 -29.89 -15.75
C GLN E 284 -20.37 -29.49 -15.44
N VAL E 285 -21.13 -30.36 -14.79
CA VAL E 285 -22.52 -30.04 -14.51
C VAL E 285 -22.98 -30.32 -13.08
N ALA E 286 -23.87 -29.46 -12.58
CA ALA E 286 -24.43 -29.60 -11.25
C ALA E 286 -25.93 -29.41 -11.36
N TYR E 287 -26.67 -29.97 -10.40
CA TYR E 287 -28.13 -29.87 -10.40
C TYR E 287 -28.64 -29.66 -8.98
N HIS E 288 -29.50 -28.66 -8.81
CA HIS E 288 -30.08 -28.38 -7.51
C HIS E 288 -31.51 -28.91 -7.53
N ARG E 289 -31.79 -29.90 -6.67
CA ARG E 289 -33.10 -30.52 -6.62
C ARG E 289 -34.26 -29.58 -6.27
N ALA E 290 -34.14 -28.89 -5.13
CA ALA E 290 -35.19 -27.99 -4.68
C ALA E 290 -35.55 -26.89 -5.67
N LEU E 291 -34.55 -26.23 -6.24
CA LEU E 291 -34.80 -25.16 -7.20
C LEU E 291 -34.98 -25.71 -8.62
N ASP E 292 -34.63 -26.97 -8.81
CA ASP E 292 -34.77 -27.61 -10.11
C ASP E 292 -34.01 -26.79 -11.16
N ARG E 293 -32.76 -26.47 -10.83
CA ARG E 293 -31.89 -25.68 -11.70
C ARG E 293 -30.63 -26.43 -12.10
N ILE E 294 -30.13 -26.13 -13.29
CA ILE E 294 -28.92 -26.76 -13.81
C ILE E 294 -27.80 -25.73 -13.94
N TYR E 295 -26.60 -26.11 -13.51
CA TYR E 295 -25.43 -25.24 -13.60
C TYR E 295 -24.44 -25.95 -14.52
N LEU E 296 -23.88 -25.22 -15.50
CA LEU E 296 -22.94 -25.82 -16.44
C LEU E 296 -21.68 -24.99 -16.64
N LEU E 297 -20.53 -25.64 -16.57
CA LEU E 297 -19.23 -25.00 -16.77
C LEU E 297 -19.00 -24.83 -18.26
N VAL E 298 -18.82 -23.59 -18.71
CA VAL E 298 -18.60 -23.32 -20.13
C VAL E 298 -17.57 -22.22 -20.37
N ASP E 299 -17.13 -22.12 -21.62
CA ASP E 299 -16.16 -21.12 -22.02
C ASP E 299 -16.01 -21.24 -23.54
N GLN E 300 -15.24 -20.33 -24.15
CA GLN E 300 -14.99 -20.38 -25.57
C GLN E 300 -13.79 -21.29 -25.73
N ARG E 301 -13.95 -22.36 -26.52
CA ARG E 301 -12.87 -23.31 -26.69
C ARG E 301 -13.01 -24.09 -27.99
N ASP E 302 -11.90 -24.70 -28.41
CA ASP E 302 -11.92 -25.53 -29.60
C ASP E 302 -12.69 -26.78 -29.19
N GLU E 303 -13.29 -27.48 -30.16
CA GLU E 303 -14.08 -28.68 -29.86
C GLU E 303 -13.37 -29.85 -29.19
N TRP E 304 -12.06 -29.95 -29.31
CA TRP E 304 -11.37 -31.07 -28.67
C TRP E 304 -10.58 -30.67 -27.42
N ARG E 305 -11.03 -29.59 -26.78
CA ARG E 305 -10.41 -29.10 -25.54
C ARG E 305 -11.47 -29.23 -24.44
N HIS E 306 -12.25 -30.30 -24.49
CA HIS E 306 -13.32 -30.53 -23.53
C HIS E 306 -12.93 -30.82 -22.08
N LYS E 307 -11.65 -31.08 -21.80
CA LYS E 307 -11.26 -31.34 -20.42
C LYS E 307 -10.47 -30.20 -19.78
N THR E 308 -10.38 -29.06 -20.47
CA THR E 308 -9.69 -27.91 -19.92
C THR E 308 -10.61 -27.12 -18.99
N ALA E 309 -10.03 -26.31 -18.12
CA ALA E 309 -10.80 -25.51 -17.19
C ALA E 309 -11.67 -24.47 -17.90
N SER E 310 -12.75 -24.05 -17.26
CA SER E 310 -13.66 -23.04 -17.81
C SER E 310 -13.77 -21.90 -16.80
N ARG E 311 -14.04 -20.69 -17.30
CA ARG E 311 -14.14 -19.53 -16.45
C ARG E 311 -15.57 -19.00 -16.25
N PHE E 312 -16.54 -19.70 -16.83
CA PHE E 312 -17.93 -19.26 -16.70
C PHE E 312 -18.87 -20.38 -16.30
N VAL E 313 -19.99 -20.01 -15.70
CA VAL E 313 -21.02 -20.97 -15.32
C VAL E 313 -22.36 -20.40 -15.73
N VAL E 314 -23.14 -21.16 -16.50
CA VAL E 314 -24.45 -20.70 -16.91
C VAL E 314 -25.48 -21.47 -16.10
N VAL E 315 -26.55 -20.78 -15.71
CA VAL E 315 -27.62 -21.37 -14.92
C VAL E 315 -28.92 -21.34 -15.70
N LEU E 316 -29.59 -22.47 -15.79
CA LEU E 316 -30.86 -22.53 -16.51
C LEU E 316 -31.92 -23.31 -15.76
N ASP E 317 -33.18 -23.06 -16.11
CA ASP E 317 -34.29 -23.75 -15.50
C ASP E 317 -34.38 -25.11 -16.17
N ALA E 318 -34.38 -26.17 -15.37
CA ALA E 318 -34.44 -27.54 -15.88
C ALA E 318 -35.75 -27.89 -16.56
N LYS E 319 -36.82 -27.18 -16.23
CA LYS E 319 -38.12 -27.45 -16.81
C LYS E 319 -38.26 -26.82 -18.20
N THR E 320 -37.97 -25.54 -18.29
CA THR E 320 -38.12 -24.79 -19.53
C THR E 320 -36.89 -24.55 -20.39
N GLY E 321 -35.71 -24.66 -19.79
CA GLY E 321 -34.49 -24.41 -20.56
C GLY E 321 -34.16 -22.93 -20.58
N GLU E 322 -34.93 -22.16 -19.82
CA GLU E 322 -34.73 -20.71 -19.74
C GLU E 322 -33.39 -20.33 -19.10
N ARG E 323 -32.64 -19.46 -19.77
CA ARG E 323 -31.36 -18.99 -19.25
C ARG E 323 -31.64 -18.09 -18.05
N LEU E 324 -31.11 -18.46 -16.89
CA LEU E 324 -31.33 -17.70 -15.67
C LEU E 324 -30.18 -16.76 -15.33
N ALA E 325 -28.95 -17.20 -15.60
CA ALA E 325 -27.80 -16.36 -15.30
C ALA E 325 -26.54 -16.92 -15.95
N LYS E 326 -25.51 -16.07 -16.02
CA LYS E 326 -24.21 -16.45 -16.57
C LYS E 326 -23.20 -15.76 -15.66
N PHE E 327 -22.44 -16.56 -14.90
CA PHE E 327 -21.46 -16.01 -13.98
C PHE E 327 -20.04 -16.05 -14.50
N GLU E 328 -19.30 -14.96 -14.28
CA GLU E 328 -17.89 -14.92 -14.66
C GLU E 328 -17.23 -15.35 -13.36
N MET E 329 -16.64 -16.54 -13.35
CA MET E 329 -16.03 -17.07 -12.13
C MET E 329 -14.74 -16.40 -11.68
N GLY E 330 -13.99 -15.82 -12.62
CA GLY E 330 -12.75 -15.15 -12.25
C GLY E 330 -11.56 -16.07 -12.01
N HIS E 331 -11.74 -17.38 -12.23
CA HIS E 331 -10.66 -18.34 -12.06
C HIS E 331 -10.82 -19.50 -13.04
N GLU E 332 -9.76 -20.30 -13.17
CA GLU E 332 -9.80 -21.47 -14.04
C GLU E 332 -10.48 -22.58 -13.26
N ILE E 333 -11.75 -22.83 -13.54
CA ILE E 333 -12.51 -23.85 -12.81
C ILE E 333 -12.66 -25.17 -13.56
N ASP E 334 -12.40 -26.26 -12.86
CA ASP E 334 -12.48 -27.60 -13.42
C ASP E 334 -13.74 -28.37 -13.03
N SER E 335 -14.22 -28.16 -11.81
CA SER E 335 -15.41 -28.86 -11.36
C SER E 335 -16.31 -27.97 -10.50
N ILE E 336 -17.60 -28.22 -10.59
CA ILE E 336 -18.56 -27.48 -9.81
C ILE E 336 -19.56 -28.43 -9.18
N ASN E 337 -20.22 -27.97 -8.14
CA ASN E 337 -21.26 -28.72 -7.46
C ASN E 337 -21.96 -27.69 -6.58
N VAL E 338 -23.12 -28.04 -6.04
CA VAL E 338 -23.85 -27.12 -5.19
C VAL E 338 -24.39 -27.82 -3.94
N SER E 339 -24.60 -27.04 -2.89
CA SER E 339 -25.17 -27.60 -1.67
C SER E 339 -26.67 -27.70 -1.98
N GLN E 340 -27.37 -28.64 -1.34
CA GLN E 340 -28.78 -28.83 -1.63
C GLN E 340 -29.77 -28.14 -0.69
N ASP E 341 -29.31 -27.16 0.09
CA ASP E 341 -30.20 -26.43 0.99
C ASP E 341 -30.94 -25.34 0.20
N GLU E 342 -31.85 -24.61 0.85
CA GLU E 342 -32.61 -23.61 0.11
C GLU E 342 -31.88 -22.39 -0.47
N LYS E 343 -30.85 -21.88 0.21
CA LYS E 343 -30.08 -20.77 -0.36
C LYS E 343 -28.70 -21.41 -0.56
N PRO E 344 -28.57 -22.20 -1.63
CA PRO E 344 -27.36 -22.94 -2.02
C PRO E 344 -26.07 -22.19 -2.28
N LEU E 345 -24.98 -22.88 -2.03
CA LEU E 345 -23.63 -22.37 -2.25
C LEU E 345 -23.21 -23.04 -3.57
N LEU E 346 -22.42 -22.34 -4.37
CA LEU E 346 -21.93 -22.90 -5.62
C LEU E 346 -20.45 -23.17 -5.40
N TYR E 347 -20.05 -24.44 -5.47
CA TYR E 347 -18.66 -24.81 -5.26
C TYR E 347 -17.92 -24.87 -6.59
N ALA E 348 -16.79 -24.16 -6.68
CA ALA E 348 -15.99 -24.14 -7.90
C ALA E 348 -14.54 -24.53 -7.56
N LEU E 349 -14.17 -25.73 -7.98
CA LEU E 349 -12.83 -26.26 -7.70
C LEU E 349 -11.85 -26.10 -8.87
N SER E 350 -10.68 -25.56 -8.57
CA SER E 350 -9.64 -25.37 -9.57
C SER E 350 -8.51 -26.37 -9.32
N THR E 351 -8.34 -27.31 -10.23
CA THR E 351 -7.30 -28.32 -10.12
C THR E 351 -5.92 -27.65 -10.14
N GLY E 352 -5.75 -26.66 -11.01
CA GLY E 352 -4.47 -25.98 -11.12
C GLY E 352 -4.10 -25.12 -9.92
N ASP E 353 -5.08 -24.47 -9.32
CA ASP E 353 -4.85 -23.62 -8.16
C ASP E 353 -4.90 -24.44 -6.86
N LYS E 354 -5.35 -25.68 -6.96
CA LYS E 354 -5.49 -26.55 -5.78
C LYS E 354 -6.33 -25.77 -4.76
N THR E 355 -7.34 -25.09 -5.26
CA THR E 355 -8.20 -24.26 -4.42
C THR E 355 -9.68 -24.44 -4.70
N LEU E 356 -10.47 -24.41 -3.62
CA LEU E 356 -11.92 -24.52 -3.74
C LEU E 356 -12.50 -23.12 -3.52
N TYR E 357 -13.14 -22.57 -4.56
CA TYR E 357 -13.76 -21.25 -4.44
C TYR E 357 -15.23 -21.47 -4.10
N ILE E 358 -15.73 -20.70 -3.13
CA ILE E 358 -17.10 -20.81 -2.69
C ILE E 358 -17.90 -19.57 -3.06
N HIS E 359 -18.91 -19.75 -3.91
CA HIS E 359 -19.74 -18.66 -4.39
C HIS E 359 -21.20 -18.77 -3.96
N ASP E 360 -21.90 -17.65 -4.04
CA ASP E 360 -23.33 -17.62 -3.74
C ASP E 360 -23.94 -18.10 -5.06
N ALA E 361 -24.70 -19.18 -5.02
CA ALA E 361 -25.29 -19.74 -6.24
C ALA E 361 -26.34 -18.83 -6.90
N GLU E 362 -26.83 -17.85 -6.15
CA GLU E 362 -27.84 -16.94 -6.64
C GLU E 362 -27.22 -15.78 -7.42
N SER E 363 -26.27 -15.10 -6.79
CA SER E 363 -25.61 -13.95 -7.40
C SER E 363 -24.30 -14.30 -8.10
N GLY E 364 -23.69 -15.42 -7.73
CA GLY E 364 -22.43 -15.81 -8.34
C GLY E 364 -21.24 -15.17 -7.65
N GLU E 365 -21.51 -14.29 -6.68
CA GLU E 365 -20.45 -13.60 -5.95
C GLU E 365 -19.51 -14.57 -5.21
N GLU E 366 -18.21 -14.30 -5.26
CA GLU E 366 -17.26 -15.14 -4.55
C GLU E 366 -17.28 -14.78 -3.08
N LEU E 367 -17.59 -15.76 -2.24
CA LEU E 367 -17.67 -15.54 -0.79
C LEU E 367 -16.38 -15.83 -0.05
N ARG E 368 -15.76 -16.97 -0.36
CA ARG E 368 -14.52 -17.36 0.31
C ARG E 368 -13.84 -18.46 -0.48
N SER E 369 -12.63 -18.81 -0.07
CA SER E 369 -11.87 -19.85 -0.75
C SER E 369 -11.01 -20.64 0.23
N VAL E 370 -10.71 -21.88 -0.13
CA VAL E 370 -9.89 -22.76 0.68
C VAL E 370 -8.80 -23.31 -0.23
N ASN E 371 -7.55 -22.95 0.05
CA ASN E 371 -6.43 -23.39 -0.78
C ASN E 371 -5.67 -24.60 -0.24
N GLN E 372 -4.54 -24.90 -0.89
CA GLN E 372 -3.69 -26.02 -0.51
C GLN E 372 -4.47 -27.32 -0.39
N LEU E 373 -5.30 -27.62 -1.37
CA LEU E 373 -6.08 -28.85 -1.33
C LEU E 373 -5.41 -29.98 -2.12
N GLY E 374 -4.23 -30.40 -1.66
CA GLY E 374 -3.54 -31.50 -2.32
C GLY E 374 -2.72 -31.14 -3.54
N HIS E 375 -2.60 -32.10 -4.45
CA HIS E 375 -1.79 -31.94 -5.65
C HIS E 375 -2.58 -31.70 -6.92
N GLY E 376 -3.75 -32.32 -7.03
CA GLY E 376 -4.59 -32.14 -8.21
C GLY E 376 -6.03 -32.45 -7.89
N PRO E 377 -6.66 -31.66 -7.01
CA PRO E 377 -8.06 -31.90 -6.63
C PRO E 377 -9.01 -31.80 -7.84
N GLN E 378 -9.92 -32.76 -7.94
CA GLN E 378 -10.86 -32.81 -9.06
C GLN E 378 -12.34 -33.09 -8.76
N VAL E 379 -12.62 -33.75 -7.65
CA VAL E 379 -14.01 -34.12 -7.36
C VAL E 379 -14.61 -33.48 -6.12
N ILE E 380 -15.84 -32.96 -6.29
CA ILE E 380 -16.58 -32.32 -5.21
C ILE E 380 -17.79 -33.18 -4.92
N THR E 381 -18.04 -33.47 -3.65
CA THR E 381 -19.21 -34.27 -3.30
C THR E 381 -19.97 -33.62 -2.15
N THR E 382 -21.29 -33.57 -2.26
CA THR E 382 -22.13 -33.01 -1.21
C THR E 382 -23.27 -33.98 -0.94
N ALA E 383 -23.88 -33.87 0.24
CA ALA E 383 -24.98 -34.73 0.61
C ALA E 383 -26.30 -33.96 0.48
N ASP E 384 -27.35 -34.66 0.05
CA ASP E 384 -28.66 -34.03 -0.07
C ASP E 384 -29.43 -34.48 1.17
N MET E 385 -29.39 -33.65 2.21
CA MET E 385 -30.04 -33.98 3.47
C MET E 385 -31.48 -33.47 3.60
N GLY E 386 -31.94 -32.71 2.60
CA GLY E 386 -33.29 -32.18 2.65
C GLY E 386 -34.34 -33.19 2.19
N THR F 7 0.06 -19.04 -22.88
CA THR F 7 -0.73 -19.77 -23.91
C THR F 7 -2.10 -20.23 -23.39
N ASP F 8 -3.13 -19.94 -24.18
CA ASP F 8 -4.50 -20.29 -23.83
C ASP F 8 -4.73 -21.80 -23.93
N PRO F 9 -5.07 -22.44 -22.81
CA PRO F 9 -5.31 -23.89 -22.80
C PRO F 9 -6.56 -24.28 -23.59
N ARG F 10 -7.48 -23.35 -23.75
CA ARG F 10 -8.73 -23.60 -24.47
C ARG F 10 -8.62 -23.45 -25.99
N ALA F 11 -7.52 -22.86 -26.44
CA ALA F 11 -7.32 -22.65 -27.88
C ALA F 11 -7.03 -23.96 -28.62
N LYS F 12 -7.31 -23.96 -29.92
CA LYS F 12 -7.08 -25.14 -30.74
C LYS F 12 -5.64 -25.62 -30.58
N TRP F 13 -5.47 -26.91 -30.37
CA TRP F 13 -4.16 -27.49 -30.18
C TRP F 13 -3.35 -27.40 -31.49
N VAL F 14 -2.10 -26.95 -31.39
CA VAL F 14 -1.24 -26.81 -32.54
C VAL F 14 0.01 -27.68 -32.34
N PRO F 15 0.12 -28.78 -33.11
CA PRO F 15 1.27 -29.68 -33.00
C PRO F 15 2.58 -29.18 -33.59
N GLN F 16 3.68 -29.65 -33.02
CA GLN F 16 5.02 -29.31 -33.48
C GLN F 16 5.78 -30.62 -33.59
N ASP F 17 6.89 -30.63 -34.33
CA ASP F 17 7.67 -31.85 -34.49
C ASP F 17 9.14 -31.58 -34.21
N ASN F 18 9.43 -30.89 -33.12
CA ASN F 18 10.82 -30.59 -32.77
C ASN F 18 11.24 -30.82 -31.32
N ASP F 19 10.30 -31.16 -30.44
CA ASP F 19 10.65 -31.41 -29.03
C ASP F 19 9.63 -32.38 -28.43
N ILE F 20 10.06 -33.62 -28.16
CA ILE F 20 9.13 -34.61 -27.60
C ILE F 20 8.80 -34.43 -26.13
N GLN F 21 9.53 -33.55 -25.43
CA GLN F 21 9.24 -33.34 -24.02
C GLN F 21 8.23 -32.24 -23.76
N ALA F 22 7.72 -31.64 -24.84
CA ALA F 22 6.73 -30.58 -24.73
C ALA F 22 5.34 -31.18 -25.00
N CYS F 23 4.33 -30.66 -24.31
CA CYS F 23 2.98 -31.19 -24.47
C CYS F 23 2.35 -30.99 -25.84
N ASP F 24 2.95 -30.14 -26.69
CA ASP F 24 2.38 -29.93 -28.01
C ASP F 24 3.10 -30.73 -29.11
N TYR F 25 3.92 -31.71 -28.70
CA TYR F 25 4.60 -32.55 -29.68
C TYR F 25 3.47 -33.31 -30.37
N TRP F 26 3.52 -33.39 -31.70
CA TRP F 26 2.43 -34.01 -32.44
C TRP F 26 1.94 -35.41 -32.04
N ARG F 27 2.83 -36.29 -31.59
CA ARG F 27 2.39 -37.63 -31.21
C ARG F 27 1.63 -37.69 -29.88
N HIS F 28 1.64 -36.60 -29.13
CA HIS F 28 0.96 -36.58 -27.84
C HIS F 28 -0.45 -36.02 -27.93
N CYS F 29 -1.05 -36.05 -29.13
CA CYS F 29 -2.38 -35.47 -29.30
C CYS F 29 -3.47 -36.04 -28.39
N SER F 30 -3.23 -37.21 -27.80
CA SER F 30 -4.21 -37.79 -26.88
C SER F 30 -3.52 -38.46 -25.70
N ILE F 31 -2.40 -37.89 -25.27
CA ILE F 31 -1.69 -38.44 -24.14
C ILE F 31 -2.37 -37.91 -22.87
N ASP F 32 -2.38 -38.74 -21.84
CA ASP F 32 -2.97 -38.36 -20.56
C ASP F 32 -2.05 -38.91 -19.48
N GLY F 33 -1.35 -38.02 -18.80
CA GLY F 33 -0.45 -38.45 -17.75
C GLY F 33 0.91 -37.79 -17.84
N ASN F 34 1.94 -38.59 -18.06
CA ASN F 34 3.31 -38.08 -18.14
C ASN F 34 4.10 -38.69 -19.29
N ILE F 35 4.99 -37.90 -19.87
CA ILE F 35 5.83 -38.32 -20.98
C ILE F 35 6.97 -39.18 -20.45
N CYS F 36 6.99 -40.45 -20.86
CA CYS F 36 8.03 -41.38 -20.40
C CYS F 36 9.47 -40.96 -20.62
N ASP F 37 9.72 -40.18 -21.67
CA ASP F 37 11.08 -39.76 -21.94
C ASP F 37 11.67 -38.94 -20.79
N CYS F 38 10.79 -38.40 -19.94
CA CYS F 38 11.24 -37.58 -18.82
C CYS F 38 11.54 -38.36 -17.54
N SER F 39 11.41 -39.68 -17.58
CA SER F 39 11.72 -40.47 -16.38
C SER F 39 12.58 -41.70 -16.70
N GLY F 40 13.35 -41.63 -17.78
CA GLY F 40 14.24 -42.74 -18.10
C GLY F 40 13.83 -43.62 -19.26
N GLY F 41 12.65 -43.37 -19.82
CA GLY F 41 12.22 -44.16 -20.97
C GLY F 41 12.60 -43.37 -22.20
N SER F 42 11.87 -43.55 -23.29
CA SER F 42 12.13 -42.81 -24.52
C SER F 42 10.76 -42.52 -25.12
N LEU F 43 10.74 -41.98 -26.33
CA LEU F 43 9.46 -41.68 -26.96
C LEU F 43 8.58 -42.93 -27.07
N THR F 44 9.20 -44.06 -27.37
CA THR F 44 8.46 -45.30 -27.54
C THR F 44 8.84 -46.45 -26.62
N ASN F 45 9.69 -46.20 -25.63
CA ASN F 45 10.10 -47.26 -24.70
C ASN F 45 9.85 -46.90 -23.24
N CYS F 46 9.58 -47.91 -22.42
CA CYS F 46 9.34 -47.71 -20.99
C CYS F 46 10.64 -47.58 -20.21
N PRO F 47 10.60 -46.84 -19.07
CA PRO F 47 11.79 -46.66 -18.24
C PRO F 47 12.16 -47.98 -17.55
N PRO F 48 13.41 -48.12 -17.12
CA PRO F 48 13.84 -49.37 -16.45
C PRO F 48 12.99 -49.64 -15.21
N GLY F 49 12.69 -50.91 -14.95
CA GLY F 49 11.92 -51.27 -13.77
C GLY F 49 10.40 -51.24 -13.91
N THR F 50 9.89 -50.56 -14.93
CA THR F 50 8.45 -50.48 -15.13
C THR F 50 7.97 -51.63 -16.01
N LYS F 51 6.66 -51.83 -16.08
CA LYS F 51 6.09 -52.90 -16.88
C LYS F 51 5.30 -52.32 -18.06
N LEU F 52 5.56 -52.84 -19.26
CA LEU F 52 4.91 -52.36 -20.47
C LEU F 52 3.56 -52.99 -20.73
N ALA F 53 2.54 -52.15 -20.85
CA ALA F 53 1.18 -52.62 -21.10
C ALA F 53 1.06 -53.03 -22.57
N THR F 54 0.12 -53.91 -22.87
CA THR F 54 -0.08 -54.34 -24.26
C THR F 54 -1.32 -53.68 -24.84
N ALA F 55 -2.33 -53.47 -24.01
CA ALA F 55 -3.58 -52.86 -24.47
C ALA F 55 -3.56 -51.36 -24.21
N SER F 56 -4.27 -50.60 -25.04
CA SER F 56 -4.32 -49.16 -24.85
C SER F 56 -5.40 -48.48 -25.68
N TRQ F 57 -5.58 -47.19 -25.43
CA TRQ F 57 -6.53 -46.38 -26.18
C TRQ F 57 -5.67 -45.83 -27.32
O TRQ F 57 -4.45 -45.82 -27.23
CB TRQ F 57 -7.09 -45.28 -25.28
CG TRQ F 57 -6.12 -44.20 -24.84
CD1 TRQ F 57 -5.79 -43.08 -25.57
NE1 TRQ F 57 -4.89 -42.32 -24.88
CE2 TRQ F 57 -4.60 -42.94 -23.69
CZ2 TRQ F 57 -3.73 -42.51 -22.68
CH2 TRQ F 57 -3.60 -43.30 -21.57
CZ3 TRQ F 57 -4.33 -44.50 -21.44
CE3 TRQ F 57 -5.20 -44.94 -22.44
CD2 TRQ F 57 -5.36 -44.14 -23.61
O6 TRQ F 57 -2.81 -42.93 -20.67
O7 TRQ F 57 -3.11 -41.44 -22.85
N VAL F 58 -6.31 -45.39 -28.40
CA VAL F 58 -5.56 -44.84 -29.51
C VAL F 58 -6.12 -43.50 -29.94
N ALA F 59 -5.42 -42.85 -30.86
CA ALA F 59 -5.86 -41.56 -31.39
C ALA F 59 -5.15 -41.33 -32.72
N SER F 60 -5.83 -40.65 -33.61
CA SER F 60 -5.26 -40.33 -34.91
C SER F 60 -4.63 -38.94 -34.75
N CYS F 61 -3.31 -38.87 -34.80
CA CYS F 61 -2.63 -37.59 -34.65
C CYS F 61 -2.04 -37.08 -35.95
N TYR F 62 -2.23 -35.79 -36.21
CA TYR F 62 -1.73 -35.15 -37.42
C TYR F 62 -0.24 -34.80 -37.30
N ASN F 63 0.56 -35.23 -38.27
CA ASN F 63 1.99 -34.94 -38.27
C ASN F 63 2.21 -33.74 -39.19
N PRO F 64 2.55 -32.57 -38.61
CA PRO F 64 2.77 -31.36 -39.41
C PRO F 64 3.95 -31.43 -40.38
N THR F 65 4.87 -32.36 -40.13
CA THR F 65 6.04 -32.50 -40.98
C THR F 65 5.71 -33.08 -42.35
N ASP F 66 4.98 -34.19 -42.39
CA ASP F 66 4.64 -34.80 -43.67
C ASP F 66 3.17 -34.66 -44.02
N GLY F 67 2.42 -33.96 -43.18
CA GLY F 67 1.01 -33.75 -43.43
C GLY F 67 0.14 -34.99 -43.38
N GLN F 68 0.65 -36.08 -42.82
CA GLN F 68 -0.10 -37.33 -42.71
C GLN F 68 -0.61 -37.51 -41.28
N SER F 69 -1.66 -38.32 -41.13
CA SER F 69 -2.21 -38.62 -39.81
C SER F 69 -1.85 -40.06 -39.47
N TYR F 70 -1.30 -40.25 -38.28
CA TYR F 70 -0.91 -41.59 -37.84
C TYR F 70 -1.67 -42.01 -36.60
N LEU F 71 -1.87 -43.32 -36.47
CA LEU F 71 -2.57 -43.87 -35.32
C LEU F 71 -1.52 -44.11 -34.24
N ILE F 72 -1.70 -43.46 -33.09
CA ILE F 72 -0.78 -43.60 -31.98
C ILE F 72 -1.42 -44.51 -30.91
N ALA F 73 -0.67 -45.48 -30.42
CA ALA F 73 -1.16 -46.38 -29.38
C ALA F 73 -0.58 -45.95 -28.04
N TYR F 74 -1.42 -45.34 -27.20
CA TYR F 74 -0.96 -44.85 -25.91
C TYR F 74 -0.88 -45.92 -24.83
N ARG F 75 0.16 -46.74 -24.91
CA ARG F 75 0.36 -47.81 -23.94
C ARG F 75 1.04 -47.18 -22.72
N ASP F 76 0.58 -47.51 -21.52
CA ASP F 76 1.18 -46.96 -20.32
C ASP F 76 2.29 -47.87 -19.79
N CYS F 77 3.23 -47.28 -19.06
CA CYS F 77 4.32 -48.03 -18.43
C CYS F 77 3.82 -48.07 -16.99
N CYS F 78 3.75 -49.28 -16.43
CA CYS F 78 3.15 -49.48 -15.13
C CYS F 78 3.98 -50.12 -14.02
N GLY F 79 3.39 -50.19 -12.83
CA GLY F 79 4.05 -50.80 -11.69
C GLY F 79 4.94 -49.85 -10.91
N TYR F 80 4.71 -48.56 -11.11
CA TYR F 80 5.48 -47.50 -10.44
C TYR F 80 4.52 -46.38 -10.10
N ASN F 81 4.90 -45.56 -9.12
CA ASN F 81 4.08 -44.40 -8.75
C ASN F 81 4.28 -43.41 -9.91
N VAL F 82 3.32 -42.50 -10.12
CA VAL F 82 3.40 -41.53 -11.21
C VAL F 82 4.73 -40.77 -11.17
N SER F 83 5.36 -40.61 -12.34
CA SER F 83 6.65 -39.93 -12.40
C SER F 83 6.66 -38.51 -11.86
N GLY F 84 5.63 -37.74 -12.19
CA GLY F 84 5.57 -36.36 -11.73
C GLY F 84 6.36 -35.41 -12.63
N ARG F 85 6.94 -35.95 -13.71
CA ARG F 85 7.71 -35.12 -14.64
C ARG F 85 7.01 -35.07 -15.99
N CYS F 86 7.05 -33.88 -16.61
CA CYS F 86 6.44 -33.65 -17.92
C CYS F 86 4.97 -34.08 -18.01
N PRO F 87 4.11 -33.51 -17.15
CA PRO F 87 2.70 -33.89 -17.19
C PRO F 87 2.02 -33.23 -18.40
N CYS F 88 1.11 -33.96 -19.03
CA CYS F 88 0.37 -33.47 -20.19
C CYS F 88 -1.00 -34.11 -20.27
N LEU F 89 -1.93 -33.38 -20.85
CA LEU F 89 -3.28 -33.88 -21.05
C LEU F 89 -3.85 -33.25 -22.32
N ASN F 90 -3.91 -34.05 -23.38
CA ASN F 90 -4.46 -33.61 -24.66
C ASN F 90 -5.59 -34.57 -24.98
N THR F 91 -6.57 -34.11 -25.75
CA THR F 91 -7.73 -34.93 -26.05
C THR F 91 -8.26 -34.81 -27.48
N GLU F 92 -7.35 -34.82 -28.45
CA GLU F 92 -7.77 -34.72 -29.84
C GLU F 92 -8.53 -35.99 -30.25
N GLY F 93 -9.82 -35.85 -30.54
CA GLY F 93 -10.63 -36.99 -30.92
C GLY F 93 -10.98 -37.92 -29.77
N GLU F 94 -10.68 -37.50 -28.55
CA GLU F 94 -10.97 -38.34 -27.37
C GLU F 94 -12.47 -38.41 -27.11
N LEU F 95 -12.98 -39.65 -27.00
CA LEU F 95 -14.41 -39.90 -26.77
C LEU F 95 -14.69 -40.36 -25.34
N PRO F 96 -15.97 -40.30 -24.90
CA PRO F 96 -16.36 -40.72 -23.55
C PRO F 96 -16.02 -42.18 -23.27
N VAL F 97 -16.10 -42.56 -21.99
CA VAL F 97 -15.75 -43.91 -21.56
C VAL F 97 -16.50 -45.06 -22.24
N TYR F 98 -17.72 -44.80 -22.74
CA TYR F 98 -18.48 -45.86 -23.39
C TYR F 98 -17.98 -46.17 -24.80
N ARG F 99 -16.91 -45.50 -25.20
CA ARG F 99 -16.22 -45.72 -26.48
C ARG F 99 -14.76 -45.80 -26.02
N PRO F 100 -14.46 -46.80 -25.18
CA PRO F 100 -13.13 -47.04 -24.61
C PRO F 100 -11.95 -47.05 -25.57
N GLU F 101 -12.17 -47.51 -26.79
CA GLU F 101 -11.09 -47.55 -27.77
C GLU F 101 -10.44 -46.19 -27.94
N PHE F 102 -11.19 -45.11 -27.67
CA PHE F 102 -10.65 -43.75 -27.81
C PHE F 102 -10.68 -42.93 -26.51
N ALA F 103 -10.92 -43.59 -25.37
CA ALA F 103 -11.01 -42.89 -24.08
C ALA F 103 -9.68 -42.84 -23.33
N ASN F 104 -9.26 -41.66 -22.86
CA ASN F 104 -7.98 -41.61 -22.18
C ASN F 104 -7.89 -41.35 -20.67
N ASP F 105 -9.00 -41.50 -19.94
CA ASP F 105 -8.96 -41.35 -18.48
C ASP F 105 -8.68 -42.74 -17.89
N ILE F 106 -8.88 -43.76 -18.71
CA ILE F 106 -8.67 -45.13 -18.31
C ILE F 106 -7.18 -45.41 -18.15
N ILE F 107 -6.82 -46.19 -17.13
CA ILE F 107 -5.43 -46.55 -16.93
C ILE F 107 -5.18 -47.74 -17.87
N TRP F 108 -4.50 -47.48 -18.98
CA TRP F 108 -4.23 -48.51 -19.97
C TRP F 108 -2.98 -49.33 -19.63
N CYS F 109 -3.11 -50.13 -18.56
CA CYS F 109 -2.03 -50.99 -18.09
C CYS F 109 -2.28 -52.48 -18.32
N PHE F 110 -3.44 -52.81 -18.90
CA PHE F 110 -3.77 -54.21 -19.16
C PHE F 110 -2.69 -54.90 -19.98
N GLY F 111 -2.35 -56.12 -19.61
CA GLY F 111 -1.33 -56.86 -20.34
C GLY F 111 0.07 -56.71 -19.80
N ALA F 112 0.27 -55.75 -18.89
CA ALA F 112 1.60 -55.55 -18.31
C ALA F 112 1.99 -56.75 -17.47
N GLU F 113 3.28 -57.06 -17.44
CA GLU F 113 3.79 -58.19 -16.68
C GLU F 113 3.48 -58.00 -15.18
N ASP F 114 3.31 -59.12 -14.47
CA ASP F 114 3.02 -59.09 -13.03
C ASP F 114 1.71 -58.39 -12.69
N ASP F 115 0.81 -58.29 -13.67
CA ASP F 115 -0.47 -57.63 -13.46
C ASP F 115 -0.31 -56.21 -12.92
N ALA F 116 0.77 -55.54 -13.29
CA ALA F 116 1.02 -54.18 -12.84
C ALA F 116 -0.11 -53.27 -13.36
N MET F 117 -0.72 -52.50 -12.47
CA MET F 117 -1.81 -51.61 -12.87
C MET F 117 -1.67 -50.16 -12.42
N THR F 118 -0.57 -49.83 -11.75
CA THR F 118 -0.33 -48.46 -11.31
C THR F 118 0.26 -47.65 -12.46
N TYR F 119 -0.09 -46.37 -12.51
CA TYR F 119 0.37 -45.51 -13.59
C TYR F 119 1.70 -44.78 -13.37
N HIS F 120 2.63 -44.92 -14.30
CA HIS F 120 3.91 -44.22 -14.19
C HIS F 120 4.07 -43.16 -15.28
N CYS F 121 3.91 -43.57 -16.54
CA CYS F 121 4.02 -42.66 -17.68
C CYS F 121 3.44 -43.31 -18.93
N THR F 122 3.41 -42.56 -20.02
CA THR F 122 2.84 -43.07 -21.27
C THR F 122 3.80 -42.88 -22.44
N ILE F 123 3.85 -43.86 -23.34
CA ILE F 123 4.71 -43.77 -24.53
C ILE F 123 3.83 -43.43 -25.73
N SER F 124 4.44 -42.92 -26.80
CA SER F 124 3.69 -42.52 -27.99
C SER F 124 4.15 -43.18 -29.30
N PRO F 125 4.04 -44.52 -29.40
CA PRO F 125 4.47 -45.22 -30.62
C PRO F 125 3.41 -45.19 -31.73
N ILE F 126 3.88 -45.18 -32.96
CA ILE F 126 2.99 -45.20 -34.12
C ILE F 126 2.67 -46.67 -34.43
N VAL F 127 1.40 -46.99 -34.63
CA VAL F 127 1.02 -48.37 -34.94
C VAL F 127 0.48 -48.48 -36.36
N GLY F 128 0.40 -47.36 -37.06
CA GLY F 128 -0.09 -47.38 -38.42
C GLY F 128 -0.58 -46.04 -38.90
N LYS F 129 -0.94 -45.98 -40.18
CA LYS F 129 -1.46 -44.77 -40.78
C LYS F 129 -2.94 -44.71 -40.46
N ALA F 130 -3.46 -43.50 -40.25
CA ALA F 130 -4.87 -43.33 -39.94
C ALA F 130 -5.60 -42.65 -41.08
N SER F 131 -6.65 -41.90 -40.72
CA SER F 131 -7.46 -41.18 -41.70
C SER F 131 -7.16 -39.68 -41.66
N ASP G 1 -2.71 -78.13 -21.25
CA ASP G 1 -3.43 -76.98 -21.87
C ASP G 1 -4.34 -77.40 -23.01
N LYS G 2 -5.39 -76.62 -23.23
CA LYS G 2 -6.36 -76.91 -24.27
C LYS G 2 -5.86 -76.51 -25.66
N ALA G 3 -4.81 -75.69 -25.70
CA ALA G 3 -4.27 -75.25 -26.99
C ALA G 3 -2.78 -74.93 -26.93
N THR G 4 -2.14 -74.97 -28.10
CA THR G 4 -0.71 -74.68 -28.21
C THR G 4 -0.55 -73.41 -29.04
N ILE G 5 0.54 -72.69 -28.81
CA ILE G 5 0.79 -71.44 -29.52
C ILE G 5 1.91 -71.55 -30.56
N PRO G 6 1.55 -71.68 -31.84
CA PRO G 6 2.54 -71.79 -32.92
C PRO G 6 3.62 -70.71 -32.84
N SER G 7 3.19 -69.45 -32.95
CA SER G 7 4.12 -68.32 -32.91
C SER G 7 3.70 -67.39 -31.77
N GLU G 8 4.57 -67.21 -30.79
CA GLU G 8 4.22 -66.36 -29.66
C GLU G 8 4.16 -64.88 -30.01
N SER G 9 4.65 -64.53 -31.20
CA SER G 9 4.60 -63.15 -31.66
C SER G 9 3.79 -63.13 -32.95
N PRO G 10 3.12 -61.99 -33.22
CA PRO G 10 2.32 -61.87 -34.44
C PRO G 10 3.25 -61.94 -35.65
N PHE G 11 2.70 -62.36 -36.79
CA PHE G 11 3.49 -62.43 -38.01
C PHE G 11 2.71 -61.86 -39.18
N ALA G 12 3.37 -61.73 -40.32
CA ALA G 12 2.74 -61.17 -41.51
C ALA G 12 1.58 -62.03 -42.00
N ALA G 13 0.49 -61.37 -42.36
CA ALA G 13 -0.69 -62.06 -42.85
C ALA G 13 -0.35 -62.79 -44.15
N ALA G 14 0.56 -62.22 -44.93
CA ALA G 14 0.97 -62.81 -46.20
C ALA G 14 1.56 -64.20 -46.03
N GLU G 15 2.03 -64.51 -44.82
CA GLU G 15 2.61 -65.82 -44.55
C GLU G 15 1.58 -66.86 -44.14
N VAL G 16 0.32 -66.45 -44.01
CA VAL G 16 -0.73 -67.38 -43.62
C VAL G 16 -1.05 -68.32 -44.78
N ALA G 17 -0.93 -69.62 -44.53
CA ALA G 17 -1.21 -70.62 -45.54
C ALA G 17 -2.63 -70.45 -46.07
N ASP G 18 -2.76 -69.75 -47.19
CA ASP G 18 -4.07 -69.51 -47.80
C ASP G 18 -4.83 -70.81 -47.94
N GLY G 19 -5.66 -71.10 -46.95
CA GLY G 19 -6.44 -72.32 -46.93
C GLY G 19 -6.64 -72.73 -45.49
N ALA G 20 -5.91 -72.07 -44.59
CA ALA G 20 -5.99 -72.36 -43.16
C ALA G 20 -7.27 -71.75 -42.60
N ILE G 21 -7.64 -72.16 -41.39
CA ILE G 21 -8.85 -71.65 -40.75
C ILE G 21 -8.57 -70.22 -40.28
N VAL G 22 -9.24 -69.26 -40.89
CA VAL G 22 -9.01 -67.87 -40.54
C VAL G 22 -10.22 -67.09 -40.03
N VAL G 23 -10.00 -66.30 -38.99
CA VAL G 23 -11.04 -65.45 -38.43
C VAL G 23 -10.52 -64.03 -38.66
N ASP G 24 -11.19 -63.28 -39.51
CA ASP G 24 -10.76 -61.92 -39.77
C ASP G 24 -11.30 -60.94 -38.73
N ILE G 25 -10.51 -59.92 -38.43
CA ILE G 25 -10.91 -58.90 -37.48
C ILE G 25 -11.04 -57.59 -38.25
N ALA G 26 -12.24 -57.03 -38.27
CA ALA G 26 -12.46 -55.78 -38.98
C ALA G 26 -13.68 -55.08 -38.43
N LYS G 27 -13.69 -53.75 -38.55
CA LYS G 27 -14.80 -52.95 -38.07
C LYS G 27 -15.17 -53.27 -36.63
N MET G 28 -14.17 -53.30 -35.77
CA MET G 28 -14.36 -53.58 -34.35
C MET G 28 -15.12 -54.88 -34.05
N LYS G 29 -14.89 -55.94 -34.82
CA LYS G 29 -15.57 -57.20 -34.56
C LYS G 29 -14.84 -58.41 -35.14
N TYR G 30 -15.09 -59.57 -34.55
CA TYR G 30 -14.53 -60.82 -35.03
C TYR G 30 -15.58 -61.22 -36.08
N GLU G 31 -15.20 -61.23 -37.36
CA GLU G 31 -16.15 -61.53 -38.44
C GLU G 31 -16.88 -62.87 -38.36
N THR G 32 -16.25 -63.90 -37.80
CA THR G 32 -16.91 -65.19 -37.63
C THR G 32 -16.97 -65.40 -36.11
N PRO G 33 -18.12 -65.05 -35.49
CA PRO G 33 -18.37 -65.16 -34.05
C PRO G 33 -18.36 -66.56 -33.45
N GLU G 34 -18.90 -67.53 -34.16
CA GLU G 34 -18.96 -68.89 -33.67
C GLU G 34 -18.27 -69.85 -34.62
N LEU G 35 -16.95 -69.85 -34.57
CA LEU G 35 -16.14 -70.71 -35.44
C LEU G 35 -16.18 -72.15 -34.95
N HIS G 36 -16.40 -73.07 -35.86
CA HIS G 36 -16.43 -74.49 -35.51
C HIS G 36 -15.27 -75.16 -36.22
N VAL G 37 -14.43 -75.84 -35.44
CA VAL G 37 -13.28 -76.55 -35.98
C VAL G 37 -13.18 -77.92 -35.33
N LYS G 38 -12.17 -78.70 -35.72
CA LYS G 38 -11.98 -80.03 -35.18
C LYS G 38 -10.76 -80.09 -34.26
N VAL G 39 -10.75 -81.04 -33.33
CA VAL G 39 -9.64 -81.19 -32.42
C VAL G 39 -8.35 -81.28 -33.25
N GLY G 40 -7.35 -80.50 -32.88
CA GLY G 40 -6.10 -80.52 -33.62
C GLY G 40 -5.96 -79.40 -34.63
N ASP G 41 -7.07 -78.77 -35.01
CA ASP G 41 -7.01 -77.68 -35.98
C ASP G 41 -6.31 -76.44 -35.44
N THR G 42 -5.74 -75.67 -36.36
CA THR G 42 -5.05 -74.44 -36.01
C THR G 42 -5.92 -73.28 -36.50
N VAL G 43 -6.26 -72.38 -35.59
CA VAL G 43 -7.08 -71.21 -35.93
C VAL G 43 -6.17 -69.99 -36.01
N THR G 44 -6.33 -69.20 -37.06
CA THR G 44 -5.52 -68.01 -37.23
C THR G 44 -6.39 -66.76 -37.30
N TRP G 45 -6.08 -65.78 -36.45
CA TRP G 45 -6.81 -64.52 -36.44
C TRP G 45 -5.94 -63.54 -37.21
N ILE G 46 -6.57 -62.68 -38.01
CA ILE G 46 -5.83 -61.70 -38.78
C ILE G 46 -6.51 -60.33 -38.67
N ASN G 47 -5.78 -59.36 -38.15
CA ASN G 47 -6.34 -58.03 -38.01
C ASN G 47 -6.32 -57.33 -39.37
N ARG G 48 -7.49 -56.89 -39.82
CA ARG G 48 -7.61 -56.23 -41.11
C ARG G 48 -7.71 -54.71 -41.05
N GLU G 49 -7.62 -54.14 -39.85
CA GLU G 49 -7.70 -52.69 -39.72
C GLU G 49 -6.56 -52.10 -38.89
N ALA G 50 -6.42 -50.78 -38.95
CA ALA G 50 -5.35 -50.08 -38.24
C ALA G 50 -5.47 -50.23 -36.72
N MET G 51 -6.70 -50.23 -36.22
CA MET G 51 -6.96 -50.39 -34.79
C MET G 51 -6.38 -51.71 -34.30
N PRO G 52 -5.46 -51.68 -33.33
CA PRO G 52 -4.87 -52.93 -32.82
C PRO G 52 -5.87 -53.78 -32.04
N HIS G 53 -5.83 -55.09 -32.25
CA HIS G 53 -6.72 -56.02 -31.56
C HIS G 53 -5.93 -57.27 -31.20
N ASN G 54 -6.46 -58.06 -30.27
CA ASN G 54 -5.82 -59.31 -29.87
C ASN G 54 -6.94 -60.27 -29.51
N VAL G 55 -6.58 -61.44 -29.00
CA VAL G 55 -7.57 -62.41 -28.53
C VAL G 55 -7.17 -62.65 -27.08
N HIS G 56 -8.17 -62.74 -26.20
CA HIS G 56 -7.92 -62.91 -24.76
C HIS G 56 -8.91 -63.91 -24.17
N PHE G 57 -8.38 -65.01 -23.65
CA PHE G 57 -9.19 -66.06 -23.02
C PHE G 57 -8.92 -65.95 -21.51
N VAL G 58 -9.97 -65.84 -20.70
CA VAL G 58 -9.76 -65.71 -19.26
C VAL G 58 -9.24 -66.98 -18.60
N ALA G 59 -8.82 -66.84 -17.35
CA ALA G 59 -8.29 -67.96 -16.59
C ALA G 59 -9.26 -69.13 -16.50
N GLY G 60 -8.75 -70.33 -16.75
CA GLY G 60 -9.58 -71.51 -16.68
C GLY G 60 -10.20 -71.95 -17.99
N VAL G 61 -10.10 -71.11 -19.01
CA VAL G 61 -10.66 -71.44 -20.31
C VAL G 61 -9.77 -72.39 -21.11
N LEU G 62 -8.55 -71.97 -21.36
CA LEU G 62 -7.60 -72.79 -22.12
C LEU G 62 -6.61 -73.45 -21.16
N GLY G 63 -6.73 -73.12 -19.88
CA GLY G 63 -5.84 -73.68 -18.89
C GLY G 63 -5.91 -72.91 -17.57
N GLU G 64 -5.06 -73.30 -16.63
CA GLU G 64 -5.01 -72.65 -15.32
C GLU G 64 -4.94 -71.13 -15.46
N ALA G 65 -3.97 -70.67 -16.26
CA ALA G 65 -3.78 -69.25 -16.47
C ALA G 65 -4.57 -68.72 -17.66
N ALA G 66 -4.67 -67.41 -17.75
CA ALA G 66 -5.39 -66.77 -18.85
C ALA G 66 -4.42 -66.61 -20.01
N LEU G 67 -4.96 -66.61 -21.22
CA LEU G 67 -4.12 -66.43 -22.40
C LEU G 67 -4.43 -65.05 -22.96
N LYS G 68 -3.51 -64.11 -22.73
CA LYS G 68 -3.69 -62.76 -23.24
C LYS G 68 -2.77 -62.61 -24.43
N GLY G 69 -3.31 -62.87 -25.62
CA GLY G 69 -2.54 -62.79 -26.85
C GLY G 69 -1.94 -61.43 -27.14
N PRO G 70 -0.88 -61.39 -27.97
CA PRO G 70 -0.22 -60.14 -28.33
C PRO G 70 -1.10 -59.29 -29.23
N MET G 71 -0.91 -57.97 -29.17
CA MET G 71 -1.70 -57.06 -29.99
C MET G 71 -1.25 -57.18 -31.43
N MET G 72 -2.21 -57.28 -32.34
CA MET G 72 -1.93 -57.39 -33.77
C MET G 72 -2.17 -56.04 -34.44
N LYS G 73 -1.21 -55.60 -35.24
CA LYS G 73 -1.34 -54.36 -35.99
C LYS G 73 -2.01 -54.77 -37.31
N LYS G 74 -2.35 -53.79 -38.14
CA LYS G 74 -2.99 -54.11 -39.41
C LYS G 74 -2.16 -55.12 -40.21
N GLU G 75 -2.84 -56.11 -40.78
CA GLU G 75 -2.21 -57.16 -41.58
C GLU G 75 -1.25 -58.06 -40.81
N GLN G 76 -1.51 -58.24 -39.52
CA GLN G 76 -0.71 -59.15 -38.72
C GLN G 76 -1.62 -60.29 -38.30
N ALA G 77 -1.04 -61.46 -38.06
CA ALA G 77 -1.80 -62.65 -37.70
C ALA G 77 -1.28 -63.30 -36.43
N TYR G 78 -2.14 -64.12 -35.83
CA TYR G 78 -1.80 -64.84 -34.61
C TYR G 78 -2.56 -66.17 -34.65
N SER G 79 -1.88 -67.25 -34.27
CA SER G 79 -2.50 -68.57 -34.31
C SER G 79 -2.54 -69.32 -32.99
N LEU G 80 -3.47 -70.24 -32.90
CA LEU G 80 -3.66 -71.09 -31.73
C LEU G 80 -4.13 -72.44 -32.25
N THR G 81 -3.54 -73.51 -31.74
CA THR G 81 -3.91 -74.85 -32.15
C THR G 81 -4.67 -75.50 -30.99
N PHE G 82 -5.94 -75.83 -31.22
CA PHE G 82 -6.74 -76.43 -30.18
C PHE G 82 -6.58 -77.95 -30.17
N THR G 83 -6.18 -78.48 -29.03
CA THR G 83 -5.93 -79.91 -28.87
C THR G 83 -6.98 -80.63 -28.04
N GLU G 84 -8.04 -79.94 -27.66
CA GLU G 84 -9.10 -80.54 -26.86
C GLU G 84 -10.46 -79.99 -27.21
N ALA G 85 -11.42 -80.89 -27.42
CA ALA G 85 -12.79 -80.53 -27.75
C ALA G 85 -13.41 -79.66 -26.67
N GLY G 86 -14.32 -78.78 -27.05
CA GLY G 86 -14.97 -77.91 -26.09
C GLY G 86 -15.29 -76.56 -26.70
N THR G 87 -15.89 -75.67 -25.91
CA THR G 87 -16.25 -74.34 -26.37
C THR G 87 -15.40 -73.31 -25.64
N TYR G 88 -14.63 -72.52 -26.41
CA TYR G 88 -13.75 -71.53 -25.83
C TYR G 88 -14.11 -70.10 -26.22
N ASP G 89 -14.53 -69.33 -25.21
CA ASP G 89 -14.89 -67.93 -25.41
C ASP G 89 -13.66 -67.04 -25.27
N TYR G 90 -13.68 -65.92 -25.99
CA TYR G 90 -12.58 -64.96 -25.94
C TYR G 90 -13.10 -63.55 -26.27
N HIS G 91 -12.29 -62.55 -25.95
CA HIS G 91 -12.65 -61.17 -26.24
C HIS G 91 -11.38 -60.39 -26.54
N CYS G 92 -11.52 -59.11 -26.86
CA CYS G 92 -10.37 -58.26 -27.14
C CYS G 92 -10.09 -57.48 -25.86
N THR G 93 -8.87 -57.60 -25.34
CA THR G 93 -8.50 -56.96 -24.09
C THR G 93 -8.97 -55.51 -23.87
N PRO G 94 -8.59 -54.56 -24.74
CA PRO G 94 -9.03 -53.17 -24.55
C PRO G 94 -10.46 -52.90 -25.03
N HIS G 95 -11.03 -53.88 -25.73
CA HIS G 95 -12.37 -53.75 -26.29
C HIS G 95 -13.21 -54.95 -25.83
N PRO G 96 -13.63 -54.95 -24.55
CA PRO G 96 -14.43 -56.03 -23.95
C PRO G 96 -15.74 -56.33 -24.69
N PHE G 97 -16.27 -55.35 -25.40
CA PHE G 97 -17.50 -55.55 -26.15
C PHE G 97 -17.30 -56.45 -27.37
N MET G 98 -16.03 -56.66 -27.74
CA MET G 98 -15.69 -57.52 -28.88
C MET G 98 -15.52 -58.94 -28.36
N ARG G 99 -16.44 -59.82 -28.73
CA ARG G 99 -16.40 -61.19 -28.27
C ARG G 99 -16.62 -62.22 -29.37
N GLY G 100 -16.06 -63.40 -29.16
CA GLY G 100 -16.22 -64.48 -30.10
C GLY G 100 -16.01 -65.78 -29.37
N LYS G 101 -16.24 -66.89 -30.06
CA LYS G 101 -16.04 -68.19 -29.43
C LYS G 101 -15.57 -69.19 -30.48
N VAL G 102 -14.89 -70.22 -30.01
CA VAL G 102 -14.40 -71.26 -30.90
C VAL G 102 -14.95 -72.57 -30.35
N VAL G 103 -15.62 -73.33 -31.21
CA VAL G 103 -16.19 -74.60 -30.83
C VAL G 103 -15.33 -75.70 -31.44
N VAL G 104 -14.61 -76.41 -30.60
CA VAL G 104 -13.74 -77.48 -31.06
C VAL G 104 -14.47 -78.81 -30.86
N GLU G 105 -14.70 -79.51 -31.97
CA GLU G 105 -15.41 -80.77 -31.94
C GLU G 105 -14.50 -81.90 -32.44
N ALA H 1 -17.81 -57.65 -71.26
CA ALA H 1 -18.98 -58.03 -70.42
C ALA H 1 -18.52 -58.73 -69.15
N PRO H 2 -19.36 -58.74 -68.10
CA PRO H 2 -19.02 -59.38 -66.83
C PRO H 2 -18.42 -60.77 -67.02
N GLN H 3 -17.31 -61.03 -66.34
CA GLN H 3 -16.65 -62.34 -66.41
C GLN H 3 -16.94 -63.09 -65.11
N PHE H 4 -17.47 -64.31 -65.26
CA PHE H 4 -17.82 -65.11 -64.10
C PHE H 4 -16.90 -66.30 -63.85
N PHE H 5 -16.12 -66.20 -62.78
CA PHE H 5 -15.17 -67.25 -62.39
C PHE H 5 -15.46 -67.73 -60.97
N ASN H 6 -15.09 -68.96 -60.68
CA ASN H 6 -15.26 -69.52 -59.34
C ASN H 6 -14.30 -68.69 -58.49
N ILE H 7 -14.77 -68.15 -57.36
CA ILE H 7 -13.92 -67.32 -56.52
C ILE H 7 -12.76 -68.06 -55.85
N ILE H 8 -12.87 -69.37 -55.73
CA ILE H 8 -11.81 -70.16 -55.09
C ILE H 8 -10.77 -70.72 -56.05
N ASP H 9 -11.20 -71.41 -57.12
CA ASP H 9 -10.23 -71.98 -58.04
C ASP H 9 -10.04 -71.26 -59.38
N GLY H 10 -10.76 -70.18 -59.59
CA GLY H 10 -10.60 -69.40 -60.82
C GLY H 10 -11.17 -70.00 -62.09
N SER H 11 -11.78 -71.19 -62.00
CA SER H 11 -12.36 -71.80 -63.20
C SER H 11 -13.65 -71.10 -63.58
N PRO H 12 -13.97 -71.06 -64.88
CA PRO H 12 -15.21 -70.42 -65.34
C PRO H 12 -16.46 -71.11 -64.82
N LEU H 13 -17.45 -70.32 -64.44
CA LEU H 13 -18.70 -70.87 -63.95
C LEU H 13 -19.48 -71.40 -65.15
N ASN H 14 -20.10 -72.57 -64.99
CA ASN H 14 -20.87 -73.17 -66.07
C ASN H 14 -22.35 -72.93 -65.87
N PHE H 15 -22.92 -72.01 -66.64
CA PHE H 15 -24.32 -71.70 -66.51
C PHE H 15 -25.25 -72.79 -67.04
N ASP H 16 -24.66 -73.87 -67.57
CA ASP H 16 -25.45 -74.97 -68.08
C ASP H 16 -25.92 -75.86 -66.94
N ASP H 17 -25.68 -75.42 -65.71
CA ASP H 17 -26.07 -76.17 -64.54
C ASP H 17 -27.25 -75.51 -63.81
N ALA H 18 -27.42 -74.21 -64.04
CA ALA H 18 -28.51 -73.46 -63.40
C ALA H 18 -29.87 -74.01 -63.81
N MET H 19 -30.84 -73.93 -62.91
CA MET H 19 -32.18 -74.40 -63.19
C MET H 19 -32.68 -73.71 -64.45
N GLU H 20 -33.42 -74.44 -65.26
CA GLU H 20 -33.95 -73.88 -66.50
C GLU H 20 -35.01 -72.82 -66.27
N GLU H 21 -35.65 -72.79 -65.11
CA GLU H 21 -36.57 -71.70 -64.94
C GLU H 21 -35.99 -70.57 -64.12
N GLY H 22 -36.34 -69.36 -64.52
CA GLY H 22 -35.88 -68.16 -63.84
C GLY H 22 -34.60 -67.62 -64.45
N ARG H 23 -34.35 -67.88 -65.74
CA ARG H 23 -33.14 -67.36 -66.38
C ARG H 23 -33.57 -66.27 -67.36
N ASP H 24 -34.84 -66.35 -67.74
CA ASP H 24 -35.45 -65.46 -68.71
C ASP H 24 -35.82 -64.06 -68.19
N THR H 25 -35.88 -63.87 -66.88
CA THR H 25 -36.25 -62.57 -66.34
C THR H 25 -35.40 -61.42 -66.90
N GLU H 26 -35.96 -60.22 -66.86
CA GLU H 26 -35.28 -59.05 -67.35
C GLU H 26 -34.07 -58.74 -66.48
N ALA H 27 -34.22 -58.98 -65.18
CA ALA H 27 -33.14 -58.72 -64.23
C ALA H 27 -31.91 -59.58 -64.52
N VAL H 28 -32.14 -60.87 -64.78
CA VAL H 28 -31.03 -61.78 -65.07
C VAL H 28 -30.33 -61.38 -66.37
N LYS H 29 -31.09 -61.07 -67.41
CA LYS H 29 -30.50 -60.67 -68.69
C LYS H 29 -29.64 -59.43 -68.51
N HIS H 30 -30.17 -58.45 -67.80
CA HIS H 30 -29.45 -57.20 -67.56
C HIS H 30 -28.19 -57.44 -66.74
N PHE H 31 -28.27 -58.36 -65.78
CA PHE H 31 -27.14 -58.68 -64.93
C PHE H 31 -26.02 -59.38 -65.69
N LEU H 32 -26.36 -60.42 -66.44
CA LEU H 32 -25.36 -61.16 -67.21
C LEU H 32 -24.76 -60.27 -68.28
N GLU H 33 -25.48 -59.20 -68.60
CA GLU H 33 -25.06 -58.25 -69.61
C GLU H 33 -24.22 -57.10 -69.05
N THR H 34 -24.62 -56.56 -67.92
CA THR H 34 -23.91 -55.43 -67.32
C THR H 34 -23.25 -55.67 -65.97
N GLY H 35 -23.62 -56.76 -65.31
CA GLY H 35 -23.04 -57.05 -64.01
C GLY H 35 -23.75 -56.23 -62.95
N GLU H 36 -24.86 -55.62 -63.34
CA GLU H 36 -25.65 -54.80 -62.43
C GLU H 36 -26.91 -55.55 -61.99
N ASN H 37 -27.24 -55.46 -60.70
CA ASN H 37 -28.42 -56.13 -60.17
C ASN H 37 -29.52 -55.10 -59.90
N VAL H 38 -30.48 -55.01 -60.82
CA VAL H 38 -31.56 -54.06 -60.69
C VAL H 38 -32.44 -54.27 -59.47
N TYR H 39 -32.34 -55.43 -58.82
CA TYR H 39 -33.16 -55.70 -57.64
C TYR H 39 -32.70 -54.97 -56.36
N ASN H 40 -31.48 -54.44 -56.36
CA ASN H 40 -31.00 -53.74 -55.17
C ASN H 40 -31.95 -52.63 -54.72
N GLU H 41 -32.32 -52.68 -53.45
CA GLU H 41 -33.21 -51.69 -52.83
C GLU H 41 -34.53 -51.52 -53.55
N ASP H 42 -34.93 -52.54 -54.29
CA ASP H 42 -36.20 -52.54 -55.03
C ASP H 42 -37.28 -53.01 -54.04
N PRO H 43 -38.08 -52.06 -53.51
CA PRO H 43 -39.14 -52.42 -52.56
C PRO H 43 -40.11 -53.48 -53.01
N GLU H 44 -40.22 -53.69 -54.31
CA GLU H 44 -41.16 -54.68 -54.83
C GLU H 44 -40.70 -56.13 -54.65
N ILE H 45 -39.42 -56.34 -54.42
CA ILE H 45 -38.90 -57.70 -54.24
C ILE H 45 -38.32 -57.98 -52.86
N LEU H 46 -38.05 -56.94 -52.08
CA LEU H 46 -37.47 -57.12 -50.76
C LEU H 46 -38.22 -58.08 -49.84
N PRO H 47 -39.57 -58.06 -49.86
CA PRO H 47 -40.29 -58.99 -48.99
C PRO H 47 -39.94 -60.45 -49.29
N GLU H 48 -39.86 -60.78 -50.56
CA GLU H 48 -39.52 -62.15 -50.96
C GLU H 48 -38.04 -62.43 -50.70
N ALA H 49 -37.19 -61.45 -50.97
CA ALA H 49 -35.75 -61.58 -50.77
C ALA H 49 -35.44 -61.95 -49.33
N GLU H 50 -36.07 -61.25 -48.40
CA GLU H 50 -35.88 -61.51 -46.98
C GLU H 50 -36.21 -62.96 -46.63
N GLU H 51 -37.30 -63.47 -47.17
CA GLU H 51 -37.70 -64.85 -46.88
C GLU H 51 -36.74 -65.85 -47.51
N LEU H 52 -36.24 -65.51 -48.70
CA LEU H 52 -35.28 -66.35 -49.41
C LEU H 52 -34.00 -66.45 -48.58
N TYR H 53 -33.57 -65.33 -48.02
CA TYR H 53 -32.38 -65.32 -47.19
C TYR H 53 -32.60 -66.12 -45.91
N ALA H 54 -33.73 -65.89 -45.25
CA ALA H 54 -34.05 -66.59 -44.01
C ALA H 54 -34.06 -68.11 -44.19
N GLY H 55 -34.69 -68.57 -45.26
CA GLY H 55 -34.75 -70.01 -45.48
C GLY H 55 -33.43 -70.65 -45.84
N MET H 56 -32.58 -69.94 -46.56
CA MET H 56 -31.32 -70.51 -47.01
C MET H 56 -30.01 -70.07 -46.35
N CYS H 57 -29.96 -68.85 -45.82
CA CYS H 57 -28.71 -68.34 -45.27
C CYS H 57 -28.60 -68.05 -43.77
N SER H 58 -29.73 -67.74 -43.12
CA SER H 58 -29.72 -67.38 -41.70
C SER H 58 -29.12 -68.42 -40.77
N GLY H 59 -29.33 -69.69 -41.06
CA GLY H 59 -28.80 -70.74 -40.21
C GLY H 59 -27.30 -70.63 -40.00
N CYS H 60 -26.56 -70.30 -41.07
CA CYS H 60 -25.11 -70.19 -40.96
C CYS H 60 -24.60 -68.76 -40.80
N HIS H 61 -25.23 -67.80 -41.48
CA HIS H 61 -24.78 -66.41 -41.42
C HIS H 61 -25.53 -65.51 -40.44
N GLY H 62 -26.55 -66.05 -39.77
CA GLY H 62 -27.28 -65.25 -38.80
C GLY H 62 -28.54 -64.63 -39.38
N HIS H 63 -29.48 -64.27 -38.52
CA HIS H 63 -30.74 -63.67 -38.95
C HIS H 63 -30.55 -62.37 -39.71
N TYR H 64 -29.60 -61.56 -39.29
CA TYR H 64 -29.34 -60.28 -39.94
C TYR H 64 -27.97 -60.25 -40.60
N ALA H 65 -27.45 -61.43 -40.94
CA ALA H 65 -26.15 -61.56 -41.58
C ALA H 65 -25.03 -60.95 -40.74
N GLU H 66 -25.21 -60.97 -39.42
CA GLU H 66 -24.20 -60.43 -38.51
C GLU H 66 -23.09 -61.46 -38.34
N GLY H 67 -23.35 -62.68 -38.84
CA GLY H 67 -22.37 -63.74 -38.74
C GLY H 67 -22.69 -64.75 -37.65
N LYS H 68 -22.24 -65.98 -37.83
CA LYS H 68 -22.47 -67.03 -36.85
C LYS H 68 -21.46 -68.15 -37.13
N ILE H 69 -21.93 -69.20 -37.81
CA ILE H 69 -21.07 -70.32 -38.18
C ILE H 69 -20.19 -69.82 -39.33
N GLY H 70 -20.81 -69.00 -40.17
CA GLY H 70 -20.11 -68.41 -41.30
C GLY H 70 -19.88 -66.95 -40.97
N PRO H 71 -19.03 -66.24 -41.73
CA PRO H 71 -18.75 -64.83 -41.47
C PRO H 71 -19.91 -63.86 -41.70
N GLY H 72 -19.82 -62.71 -41.06
CA GLY H 72 -20.84 -61.70 -41.23
C GLY H 72 -20.79 -61.20 -42.67
N LEU H 73 -21.92 -60.68 -43.16
CA LEU H 73 -22.00 -60.18 -44.52
C LEU H 73 -22.59 -58.77 -44.52
N ASN H 74 -22.69 -58.15 -43.34
CA ASN H 74 -23.28 -56.84 -43.25
C ASN H 74 -22.37 -55.64 -43.05
N ASP H 75 -21.08 -55.78 -43.39
CA ASP H 75 -20.18 -54.64 -43.26
C ASP H 75 -19.24 -54.48 -44.45
N ALA H 76 -18.38 -53.48 -44.37
CA ALA H 76 -17.45 -53.18 -45.46
C ALA H 76 -16.35 -54.19 -45.74
N TYR H 77 -16.10 -55.11 -44.81
CA TYR H 77 -15.03 -56.08 -45.02
C TYR H 77 -15.46 -57.42 -45.61
N TRP H 78 -14.71 -57.89 -46.60
CA TRP H 78 -14.99 -59.17 -47.24
C TRP H 78 -13.76 -60.06 -47.28
N THR H 79 -13.95 -61.34 -46.99
CA THR H 79 -12.86 -62.32 -47.02
C THR H 79 -12.39 -62.42 -48.47
N TYR H 80 -13.34 -62.38 -49.38
CA TYR H 80 -13.06 -62.44 -50.81
C TYR H 80 -13.43 -61.04 -51.32
N PRO H 81 -12.44 -60.16 -51.47
CA PRO H 81 -12.57 -58.78 -51.93
C PRO H 81 -13.59 -58.48 -53.04
N GLY H 82 -13.66 -59.36 -54.03
CA GLY H 82 -14.58 -59.16 -55.13
C GLY H 82 -16.05 -59.14 -54.74
N ASN H 83 -16.37 -59.54 -53.52
CA ASN H 83 -17.75 -59.56 -53.08
C ASN H 83 -18.30 -58.16 -52.84
N GLU H 84 -17.46 -57.16 -53.02
CA GLU H 84 -17.88 -55.77 -52.85
C GLU H 84 -18.70 -55.39 -54.08
N THR H 85 -18.59 -56.20 -55.13
CA THR H 85 -19.33 -55.98 -56.37
C THR H 85 -20.36 -57.10 -56.51
N ASP H 86 -21.40 -56.87 -57.30
CA ASP H 86 -22.42 -57.90 -57.47
C ASP H 86 -21.98 -59.06 -58.36
N VAL H 87 -21.00 -58.83 -59.22
CA VAL H 87 -20.51 -59.90 -60.07
C VAL H 87 -19.82 -60.91 -59.15
N GLY H 88 -19.06 -60.40 -58.18
CA GLY H 88 -18.35 -61.26 -57.25
C GLY H 88 -19.30 -61.93 -56.27
N LEU H 89 -20.27 -61.20 -55.75
CA LEU H 89 -21.23 -61.78 -54.79
C LEU H 89 -21.99 -62.91 -55.49
N PHE H 90 -22.35 -62.69 -56.75
CA PHE H 90 -23.07 -63.70 -57.53
C PHE H 90 -22.19 -64.94 -57.74
N SER H 91 -20.93 -64.72 -58.08
CA SER H 91 -20.01 -65.82 -58.31
C SER H 91 -19.85 -66.67 -57.06
N THR H 92 -19.82 -66.02 -55.90
CA THR H 92 -19.69 -66.74 -54.64
C THR H 92 -20.89 -67.67 -54.43
N LEU H 93 -22.09 -67.16 -54.67
CA LEU H 93 -23.30 -67.97 -54.49
C LEU H 93 -23.43 -69.08 -55.52
N TYR H 94 -23.14 -68.77 -56.77
CA TYR H 94 -23.26 -69.74 -57.85
C TYR H 94 -22.22 -70.86 -57.78
N GLY H 95 -20.98 -70.52 -57.52
CA GLY H 95 -19.93 -71.52 -57.46
C GLY H 95 -19.57 -71.99 -56.07
N GLY H 96 -19.94 -71.22 -55.06
CA GLY H 96 -19.62 -71.58 -53.70
C GLY H 96 -18.22 -71.15 -53.29
N ALA H 97 -17.90 -71.32 -52.02
CA ALA H 97 -16.59 -70.98 -51.51
C ALA H 97 -15.96 -72.28 -51.02
N THR H 98 -15.54 -72.31 -49.75
CA THR H 98 -14.94 -73.53 -49.22
C THR H 98 -15.74 -74.02 -48.02
N GLY H 99 -15.48 -75.28 -47.63
CA GLY H 99 -16.18 -75.86 -46.50
C GLY H 99 -17.68 -75.90 -46.62
N GLN H 100 -18.35 -75.35 -45.61
CA GLN H 100 -19.81 -75.31 -45.56
C GLN H 100 -20.48 -74.56 -46.72
N MET H 101 -19.84 -73.48 -47.17
CA MET H 101 -20.37 -72.66 -48.26
C MET H 101 -20.28 -73.33 -49.63
N GLY H 102 -21.31 -74.06 -50.01
CA GLY H 102 -21.30 -74.72 -51.30
C GLY H 102 -22.07 -73.95 -52.36
N PRO H 103 -22.10 -74.46 -53.60
CA PRO H 103 -22.82 -73.79 -54.69
C PRO H 103 -24.32 -73.75 -54.41
N MET H 104 -25.04 -72.87 -55.09
CA MET H 104 -26.48 -72.73 -54.88
C MET H 104 -27.30 -72.93 -56.16
N TRP H 105 -26.63 -73.20 -57.27
CA TRP H 105 -27.30 -73.37 -58.55
C TRP H 105 -28.31 -74.49 -58.66
N GLY H 106 -28.19 -75.50 -57.80
CA GLY H 106 -29.12 -76.60 -57.85
C GLY H 106 -30.41 -76.31 -57.12
N SER H 107 -30.39 -75.28 -56.28
CA SER H 107 -31.58 -74.92 -55.49
C SER H 107 -32.24 -73.59 -55.82
N LEU H 108 -31.43 -72.55 -56.04
CA LEU H 108 -31.97 -71.23 -56.37
C LEU H 108 -31.86 -70.96 -57.86
N THR H 109 -32.87 -70.32 -58.42
CA THR H 109 -32.84 -69.97 -59.83
C THR H 109 -31.97 -68.74 -59.95
N LEU H 110 -31.51 -68.44 -61.15
CA LEU H 110 -30.68 -67.25 -61.37
C LEU H 110 -31.37 -66.01 -60.82
N ASP H 111 -32.66 -65.88 -61.08
CA ASP H 111 -33.41 -64.72 -60.60
C ASP H 111 -33.49 -64.69 -59.08
N GLU H 112 -33.71 -65.85 -58.47
CA GLU H 112 -33.80 -65.93 -57.01
C GLU H 112 -32.46 -65.59 -56.37
N MET H 113 -31.37 -65.93 -57.04
CA MET H 113 -30.05 -65.60 -56.51
C MET H 113 -29.91 -64.09 -56.44
N LEU H 114 -30.35 -63.40 -57.50
CA LEU H 114 -30.28 -61.94 -57.55
C LEU H 114 -31.15 -61.31 -56.47
N ARG H 115 -32.32 -61.89 -56.22
CA ARG H 115 -33.20 -61.35 -55.18
C ARG H 115 -32.55 -61.58 -53.82
N THR H 116 -31.96 -62.74 -53.62
CA THR H 116 -31.31 -63.05 -52.35
C THR H 116 -30.19 -62.03 -52.12
N MET H 117 -29.40 -61.80 -53.17
CA MET H 117 -28.30 -60.85 -53.11
C MET H 117 -28.78 -59.47 -52.70
N ALA H 118 -29.94 -59.06 -53.22
CA ALA H 118 -30.50 -57.75 -52.89
C ALA H 118 -30.74 -57.64 -51.40
N TRP H 119 -31.18 -58.73 -50.77
CA TRP H 119 -31.43 -58.68 -49.33
C TRP H 119 -30.11 -58.57 -48.56
N VAL H 120 -29.07 -59.26 -49.05
CA VAL H 120 -27.78 -59.19 -48.39
C VAL H 120 -27.31 -57.73 -48.40
N ARG H 121 -27.45 -57.08 -49.56
CA ARG H 121 -27.05 -55.69 -49.69
C ARG H 121 -27.89 -54.81 -48.76
N HIS H 122 -29.16 -55.15 -48.62
CA HIS H 122 -30.07 -54.38 -47.78
C HIS H 122 -29.70 -54.45 -46.30
N LEU H 123 -29.07 -55.54 -45.88
CA LEU H 123 -28.67 -55.74 -44.49
C LEU H 123 -27.40 -54.97 -44.10
N TYR H 124 -26.79 -54.32 -45.08
CA TYR H 124 -25.57 -53.56 -44.87
C TYR H 124 -25.73 -52.56 -43.71
N THR H 125 -24.72 -52.48 -42.85
CA THR H 125 -24.76 -51.59 -41.70
C THR H 125 -23.74 -50.45 -41.82
N GLY H 126 -22.97 -50.43 -42.90
CA GLY H 126 -21.98 -49.39 -43.09
C GLY H 126 -22.60 -48.07 -43.56
N ASP H 127 -21.76 -47.15 -44.01
CA ASP H 127 -22.25 -45.85 -44.47
C ASP H 127 -22.63 -45.90 -45.95
N PRO H 128 -23.76 -45.28 -46.30
CA PRO H 128 -24.26 -45.23 -47.68
C PRO H 128 -23.20 -44.86 -48.71
N LYS H 129 -22.25 -44.01 -48.32
CA LYS H 129 -21.20 -43.58 -49.22
C LYS H 129 -20.28 -44.74 -49.59
N ASP H 130 -20.16 -45.71 -48.69
CA ASP H 130 -19.30 -46.86 -48.91
C ASP H 130 -19.96 -47.96 -49.74
N ALA H 131 -21.28 -47.89 -49.87
CA ALA H 131 -22.02 -48.89 -50.63
C ALA H 131 -21.81 -48.68 -52.13
N SER H 132 -20.68 -49.16 -52.64
CA SER H 132 -20.33 -49.01 -54.04
C SER H 132 -21.23 -49.76 -55.01
N TRP H 133 -21.94 -50.78 -54.52
CA TRP H 133 -22.84 -51.57 -55.35
C TRP H 133 -24.17 -50.85 -55.62
N LEU H 134 -24.35 -49.71 -54.97
CA LEU H 134 -25.58 -48.94 -55.10
C LEU H 134 -25.44 -47.74 -56.04
N THR H 135 -26.53 -47.38 -56.73
CA THR H 135 -26.52 -46.23 -57.62
C THR H 135 -26.73 -45.00 -56.73
N ASP H 136 -26.58 -43.81 -57.30
CA ASP H 136 -26.77 -42.59 -56.52
C ASP H 136 -28.17 -42.49 -55.93
N GLU H 137 -29.18 -42.76 -56.75
CA GLU H 137 -30.56 -42.71 -56.28
C GLU H 137 -30.81 -43.77 -55.20
N GLN H 138 -30.22 -44.94 -55.38
CA GLN H 138 -30.36 -46.01 -54.41
C GLN H 138 -29.70 -45.61 -53.08
N LYS H 139 -28.49 -45.07 -53.16
CA LYS H 139 -27.80 -44.63 -51.95
C LYS H 139 -28.67 -43.61 -51.21
N ALA H 140 -29.22 -42.67 -51.96
CA ALA H 140 -30.06 -41.61 -51.41
C ALA H 140 -31.22 -42.13 -50.57
N GLY H 141 -31.74 -43.30 -50.91
CA GLY H 141 -32.84 -43.86 -50.14
C GLY H 141 -32.42 -44.94 -49.17
N PHE H 142 -31.12 -45.21 -49.13
CA PHE H 142 -30.60 -46.25 -48.26
C PHE H 142 -30.30 -45.80 -46.82
N THR H 143 -30.74 -46.60 -45.86
CA THR H 143 -30.50 -46.32 -44.46
C THR H 143 -29.85 -47.56 -43.87
N PRO H 144 -28.70 -47.40 -43.19
CA PRO H 144 -28.01 -48.54 -42.59
C PRO H 144 -29.01 -49.43 -41.87
N PHE H 145 -28.93 -50.73 -42.12
CA PHE H 145 -29.87 -51.66 -41.50
C PHE H 145 -29.80 -51.68 -39.98
N GLN H 146 -30.97 -51.77 -39.36
CA GLN H 146 -31.08 -51.82 -37.91
C GLN H 146 -32.30 -52.68 -37.58
N PRO H 147 -32.13 -53.73 -36.76
CA PRO H 147 -33.23 -54.62 -36.39
C PRO H 147 -34.42 -53.88 -35.77
N GLU I 5 3.49 51.45 -14.40
CA GLU I 5 2.81 52.65 -14.98
C GLU I 5 3.80 53.60 -15.64
N ALA I 6 4.89 53.91 -14.93
CA ALA I 6 5.93 54.78 -15.48
C ALA I 6 7.08 53.84 -15.84
N GLU I 7 7.69 54.04 -17.00
CA GLU I 7 8.78 53.17 -17.43
C GLU I 7 10.17 53.75 -17.24
N THR I 8 11.05 53.02 -16.57
CA THR I 8 12.42 53.48 -16.38
C THR I 8 13.12 53.29 -17.72
N GLN I 9 14.24 53.98 -17.91
CA GLN I 9 14.99 53.88 -19.15
C GLN I 9 15.36 52.42 -19.43
N ALA I 10 15.74 51.70 -18.37
CA ALA I 10 16.11 50.30 -18.50
C ALA I 10 14.90 49.49 -18.98
N GLN I 11 13.72 49.82 -18.46
CA GLN I 11 12.48 49.13 -18.84
C GLN I 11 12.18 49.25 -20.33
N GLU I 12 12.26 50.48 -20.84
CA GLU I 12 11.99 50.73 -22.26
C GLU I 12 12.89 49.85 -23.10
N THR I 13 14.18 49.85 -22.77
CA THR I 13 15.15 49.06 -23.49
C THR I 13 14.68 47.62 -23.61
N GLN I 14 14.42 46.99 -22.46
CA GLN I 14 13.96 45.61 -22.42
C GLN I 14 12.64 45.41 -23.15
N GLY I 15 11.72 46.36 -22.95
CA GLY I 15 10.41 46.26 -23.59
C GLY I 15 10.45 46.32 -25.10
N GLN I 16 11.33 47.18 -25.63
CA GLN I 16 11.47 47.33 -27.07
C GLN I 16 12.15 46.11 -27.69
N ALA I 17 13.22 45.63 -27.05
CA ALA I 17 13.92 44.47 -27.56
C ALA I 17 12.96 43.29 -27.67
N ALA I 18 12.17 43.07 -26.63
CA ALA I 18 11.21 41.96 -26.63
C ALA I 18 10.18 42.12 -27.76
N ALA I 19 9.83 43.35 -28.07
CA ALA I 19 8.86 43.63 -29.12
C ALA I 19 9.46 43.28 -30.48
N ARG I 20 10.73 43.58 -30.65
CA ARG I 20 11.44 43.29 -31.90
C ARG I 20 11.51 41.79 -32.10
N ALA I 21 11.87 41.06 -31.04
CA ALA I 21 11.96 39.61 -31.11
C ALA I 21 10.60 39.00 -31.42
N ALA I 22 9.55 39.50 -30.76
CA ALA I 22 8.19 39.00 -30.96
C ALA I 22 7.73 39.23 -32.40
N ALA I 23 7.96 40.44 -32.91
CA ALA I 23 7.55 40.77 -34.28
C ALA I 23 8.28 39.87 -35.29
N ALA I 24 9.56 39.61 -35.05
CA ALA I 24 10.36 38.78 -35.94
C ALA I 24 9.84 37.35 -35.96
N ASP I 25 9.56 36.81 -34.77
CA ASP I 25 9.07 35.45 -34.66
C ASP I 25 7.71 35.28 -35.35
N LEU I 26 6.89 36.32 -35.27
CA LEU I 26 5.56 36.28 -35.88
C LEU I 26 5.77 36.19 -37.39
N ALA I 27 6.65 37.04 -37.91
CA ALA I 27 6.96 37.06 -39.33
C ALA I 27 7.50 35.71 -39.81
N ALA I 28 8.35 35.11 -38.99
CA ALA I 28 8.94 33.81 -39.33
C ALA I 28 7.96 32.65 -39.12
N GLY I 29 6.74 32.96 -38.70
CA GLY I 29 5.76 31.92 -38.48
C GLY I 29 6.04 31.06 -37.26
N GLN I 30 6.65 31.66 -36.25
CA GLN I 30 6.98 30.96 -35.02
C GLN I 30 5.78 30.94 -34.09
N ASP I 31 5.24 29.75 -33.83
CA ASP I 31 4.09 29.59 -32.94
C ASP I 31 4.49 29.85 -31.49
N ASP I 32 3.64 30.57 -30.77
CA ASP I 32 3.91 30.86 -29.36
C ASP I 32 3.60 29.60 -28.57
N GLU I 33 4.54 29.15 -27.76
CA GLU I 33 4.38 27.95 -26.94
C GLU I 33 4.72 28.30 -25.51
N PRO I 34 3.74 28.83 -24.76
CA PRO I 34 3.92 29.23 -23.36
C PRO I 34 4.49 28.16 -22.43
N ARG I 35 5.47 28.57 -21.63
CA ARG I 35 6.08 27.67 -20.65
C ARG I 35 6.46 28.47 -19.42
N ILE I 36 6.87 27.78 -18.36
CA ILE I 36 7.29 28.46 -17.15
C ILE I 36 8.80 28.64 -17.23
N LEU I 37 9.25 29.89 -17.15
CA LEU I 37 10.68 30.16 -17.23
C LEU I 37 11.40 29.88 -15.92
N GLU I 38 12.72 29.81 -15.99
CA GLU I 38 13.51 29.64 -14.79
C GLU I 38 14.49 30.80 -14.82
N ALA I 39 14.83 31.31 -13.64
CA ALA I 39 15.73 32.44 -13.55
C ALA I 39 17.16 32.09 -13.93
N PRO I 40 17.91 33.08 -14.42
CA PRO I 40 19.31 32.81 -14.79
C PRO I 40 20.06 32.43 -13.51
N ALA I 41 21.16 31.72 -13.66
CA ALA I 41 21.94 31.30 -12.50
C ALA I 41 22.36 32.51 -11.66
N PRO I 42 22.39 32.36 -10.33
CA PRO I 42 22.79 33.47 -9.46
C PRO I 42 24.24 33.91 -9.66
N ASP I 43 24.46 35.22 -9.73
CA ASP I 43 25.81 35.76 -9.88
C ASP I 43 26.01 36.94 -8.95
N ALA I 44 27.20 37.52 -8.98
CA ALA I 44 27.53 38.65 -8.11
C ALA I 44 26.62 39.85 -8.28
N ARG I 45 25.99 39.98 -9.45
CA ARG I 45 25.12 41.11 -9.73
C ARG I 45 23.65 40.91 -9.40
N ARG I 46 23.29 39.73 -8.90
CA ARG I 46 21.91 39.51 -8.52
C ARG I 46 21.69 40.25 -7.20
N VAL I 47 20.53 40.88 -7.05
CA VAL I 47 20.24 41.62 -5.82
C VAL I 47 18.80 41.36 -5.39
N TYR I 48 18.59 41.21 -4.08
CA TYR I 48 17.27 40.94 -3.54
C TYR I 48 16.72 42.15 -2.79
N VAL I 49 15.47 42.48 -3.05
CA VAL I 49 14.82 43.59 -2.40
C VAL I 49 13.58 43.09 -1.68
N ASN I 50 13.54 43.26 -0.36
CA ASN I 50 12.38 42.83 0.41
C ASN I 50 11.48 44.00 0.74
N ASP I 51 10.18 43.76 0.61
CA ASP I 51 9.16 44.77 0.88
C ASP I 51 8.30 44.38 2.09
N PRO I 52 8.62 44.92 3.29
CA PRO I 52 7.86 44.63 4.51
C PRO I 52 6.48 45.27 4.42
N ALA I 53 6.26 46.03 3.36
CA ALA I 53 5.00 46.69 3.08
C ALA I 53 4.33 47.43 4.24
N HIS I 54 5.11 48.19 4.99
CA HIS I 54 4.60 48.97 6.12
C HIS I 54 3.81 48.12 7.12
N PHE I 55 4.34 46.93 7.44
CA PHE I 55 3.73 46.02 8.39
C PHE I 55 2.49 45.28 7.89
N ALA I 56 2.36 45.11 6.57
CA ALA I 56 1.21 44.38 6.05
C ALA I 56 1.32 42.90 6.39
N ALA I 57 0.17 42.22 6.50
CA ALA I 57 0.13 40.81 6.83
C ALA I 57 0.87 39.94 5.81
N VAL I 58 0.90 40.38 4.55
CA VAL I 58 1.62 39.64 3.51
C VAL I 58 2.65 40.57 2.88
N THR I 59 3.75 39.99 2.41
CA THR I 59 4.86 40.75 1.86
C THR I 59 5.45 40.11 0.60
N GLN I 60 6.39 40.82 -0.03
CA GLN I 60 7.01 40.32 -1.25
C GLN I 60 8.51 40.61 -1.32
N GLN I 61 9.22 39.74 -2.03
CA GLN I 61 10.65 39.87 -2.24
C GLN I 61 10.86 39.88 -3.74
N PHE I 62 11.67 40.82 -4.21
CA PHE I 62 11.95 40.93 -5.64
C PHE I 62 13.39 40.48 -5.92
N VAL I 63 13.56 39.60 -6.90
CA VAL I 63 14.89 39.12 -7.28
C VAL I 63 15.25 39.92 -8.52
N ILE I 64 16.31 40.71 -8.43
CA ILE I 64 16.72 41.58 -9.52
C ILE I 64 18.12 41.33 -10.09
N ASP I 65 18.25 41.51 -11.39
CA ASP I 65 19.54 41.40 -12.07
C ASP I 65 20.04 42.85 -12.06
N GLY I 66 21.03 43.13 -11.22
CA GLY I 66 21.56 44.49 -11.13
C GLY I 66 22.24 45.01 -12.38
N GLU I 67 22.78 44.11 -13.19
CA GLU I 67 23.47 44.51 -14.41
C GLU I 67 22.49 45.08 -15.42
N ALA I 68 21.37 44.38 -15.64
CA ALA I 68 20.37 44.82 -16.60
C ALA I 68 19.27 45.68 -15.98
N GLY I 69 19.11 45.60 -14.66
CA GLY I 69 18.06 46.37 -14.02
C GLY I 69 16.73 45.76 -14.40
N ARG I 70 16.63 44.45 -14.25
CA ARG I 70 15.43 43.71 -14.61
C ARG I 70 15.00 42.79 -13.47
N VAL I 71 13.69 42.73 -13.22
CA VAL I 71 13.17 41.83 -12.20
C VAL I 71 13.15 40.45 -12.85
N ILE I 72 13.85 39.50 -12.25
CA ILE I 72 13.90 38.14 -12.80
C ILE I 72 13.07 37.13 -12.01
N GLY I 73 12.48 37.60 -10.91
CA GLY I 73 11.67 36.70 -10.11
C GLY I 73 11.13 37.38 -8.85
N MET I 74 10.24 36.68 -8.16
CA MET I 74 9.64 37.18 -6.94
C MET I 74 9.36 36.03 -5.99
N ILE I 75 9.14 36.36 -4.72
CA ILE I 75 8.84 35.38 -3.70
C ILE I 75 7.84 35.99 -2.72
N ASP I 76 6.80 35.23 -2.38
CA ASP I 76 5.78 35.71 -1.45
C ASP I 76 6.17 35.35 -0.03
N GLY I 77 5.99 36.29 0.89
CA GLY I 77 6.31 36.06 2.28
C GLY I 77 5.14 36.42 3.18
N GLY I 78 5.25 36.11 4.46
CA GLY I 78 4.18 36.42 5.39
C GLY I 78 4.40 37.75 6.09
N PHE I 79 4.11 37.77 7.39
CA PHE I 79 4.25 38.96 8.21
C PHE I 79 5.70 39.20 8.66
N LEU I 80 6.26 40.35 8.29
CA LEU I 80 7.62 40.73 8.66
C LEU I 80 8.63 39.58 8.60
N PRO I 81 8.78 38.95 7.43
CA PRO I 81 9.73 37.84 7.35
C PRO I 81 11.20 38.29 7.34
N ASN I 82 12.08 37.37 7.74
CA ASN I 82 13.52 37.62 7.76
C ASN I 82 14.15 36.84 6.63
N PRO I 83 14.74 37.56 5.64
CA PRO I 83 15.36 36.88 4.51
C PRO I 83 16.84 36.62 4.68
N VAL I 84 17.31 35.50 4.13
CA VAL I 84 18.73 35.15 4.13
C VAL I 84 19.09 34.60 2.76
N VAL I 85 20.34 34.81 2.37
CA VAL I 85 20.81 34.34 1.08
C VAL I 85 22.17 33.70 1.29
N ALA I 86 22.32 32.46 0.86
CA ALA I 86 23.61 31.78 1.00
C ALA I 86 24.63 32.48 0.11
N ASP I 87 25.81 32.76 0.65
CA ASP I 87 26.86 33.43 -0.12
C ASP I 87 27.31 32.68 -1.36
N ASP I 88 27.25 31.35 -1.34
CA ASP I 88 27.68 30.56 -2.49
C ASP I 88 26.59 30.44 -3.55
N GLY I 89 25.47 31.11 -3.32
CA GLY I 89 24.36 31.09 -4.27
C GLY I 89 23.61 29.79 -4.43
N SER I 90 23.77 28.88 -3.49
CA SER I 90 23.12 27.58 -3.57
C SER I 90 21.65 27.60 -3.17
N PHE I 91 21.23 28.59 -2.39
CA PHE I 91 19.84 28.68 -1.98
C PHE I 91 19.50 30.01 -1.33
N ILE I 92 18.21 30.24 -1.12
CA ILE I 92 17.73 31.44 -0.45
C ILE I 92 16.65 30.94 0.48
N ALA I 93 16.40 31.67 1.55
CA ALA I 93 15.38 31.25 2.49
C ALA I 93 14.85 32.42 3.32
N HIS I 94 13.80 32.15 4.08
CA HIS I 94 13.26 33.16 4.97
C HIS I 94 12.51 32.52 6.12
N ALA I 95 12.45 33.23 7.23
CA ALA I 95 11.71 32.79 8.41
C ALA I 95 10.48 33.67 8.24
N SER I 96 9.30 33.06 8.18
CA SER I 96 8.08 33.81 7.94
C SER I 96 6.97 33.46 8.92
N THR I 97 5.89 34.20 8.86
CA THR I 97 4.74 34.00 9.75
C THR I 97 3.43 34.19 9.00
N VAL I 98 2.53 33.22 9.11
CA VAL I 98 1.21 33.32 8.49
C VAL I 98 0.13 33.03 9.52
N PHE I 99 -1.12 33.34 9.17
CA PHE I 99 -2.25 33.13 10.05
C PHE I 99 -3.38 32.43 9.27
N SER I 100 -4.23 31.68 9.99
CA SER I 100 -5.31 30.94 9.36
C SER I 100 -6.38 31.83 8.74
N ARG I 101 -6.55 33.03 9.27
CA ARG I 101 -7.53 33.98 8.74
C ARG I 101 -6.91 35.36 8.51
N ILE I 102 -5.94 35.40 7.59
CA ILE I 102 -5.22 36.60 7.20
C ILE I 102 -4.31 37.21 8.28
N ALA I 103 -4.90 37.83 9.29
CA ALA I 103 -4.10 38.46 10.34
C ALA I 103 -4.53 38.03 11.73
N ARG I 104 -5.39 37.01 11.79
CA ARG I 104 -5.88 36.47 13.06
C ARG I 104 -6.07 34.96 12.91
N GLY I 105 -6.47 34.29 13.99
CA GLY I 105 -6.63 32.85 13.92
C GLY I 105 -5.33 32.21 14.38
N GLU I 106 -5.08 30.94 14.08
CA GLU I 106 -3.82 30.36 14.54
C GLU I 106 -2.61 30.82 13.74
N ARG I 107 -1.54 31.07 14.47
CA ARG I 107 -0.30 31.53 13.90
C ARG I 107 0.64 30.39 13.60
N THR I 108 1.31 30.46 12.45
CA THR I 108 2.29 29.46 12.08
C THR I 108 3.59 30.15 11.69
N ASP I 109 4.66 29.85 12.41
CA ASP I 109 5.97 30.41 12.09
C ASP I 109 6.70 29.28 11.39
N TYR I 110 7.39 29.59 10.30
CA TYR I 110 8.08 28.56 9.55
C TYR I 110 9.24 29.11 8.77
N VAL I 111 10.15 28.20 8.39
CA VAL I 111 11.30 28.57 7.58
C VAL I 111 11.05 27.91 6.24
N GLU I 112 11.26 28.65 5.17
CA GLU I 112 11.05 28.13 3.84
C GLU I 112 12.33 28.34 3.05
N VAL I 113 12.80 27.29 2.38
CA VAL I 113 14.01 27.34 1.57
C VAL I 113 13.62 27.26 0.10
N PHE I 114 14.27 28.06 -0.74
CA PHE I 114 13.93 28.07 -2.17
C PHE I 114 15.12 27.78 -3.07
N ASP I 115 14.84 27.16 -4.21
CA ASP I 115 15.87 26.88 -5.21
C ASP I 115 16.07 28.24 -5.89
N PRO I 116 17.33 28.69 -6.05
CA PRO I 116 17.66 29.97 -6.67
C PRO I 116 17.32 30.16 -8.15
N VAL I 117 17.05 29.06 -8.85
CA VAL I 117 16.76 29.14 -10.28
C VAL I 117 15.29 28.93 -10.61
N THR I 118 14.70 27.89 -10.03
CA THR I 118 13.30 27.58 -10.28
C THR I 118 12.40 28.38 -9.33
N LEU I 119 12.98 28.85 -8.23
CA LEU I 119 12.25 29.61 -7.22
C LEU I 119 11.19 28.78 -6.50
N LEU I 120 11.27 27.47 -6.67
CA LEU I 120 10.32 26.56 -6.02
C LEU I 120 10.79 26.24 -4.60
N PRO I 121 9.84 26.06 -3.65
CA PRO I 121 10.19 25.73 -2.26
C PRO I 121 10.78 24.32 -2.21
N THR I 122 11.90 24.16 -1.50
CA THR I 122 12.53 22.85 -1.38
C THR I 122 12.42 22.35 0.04
N ALA I 123 11.93 23.21 0.93
CA ALA I 123 11.77 22.86 2.33
C ALA I 123 10.81 23.81 3.00
N ASP I 124 9.99 23.28 3.90
CA ASP I 124 9.04 24.08 4.65
C ASP I 124 9.16 23.50 6.04
N ILE I 125 9.87 24.22 6.90
CA ILE I 125 10.13 23.79 8.26
C ILE I 125 9.35 24.60 9.29
N GLU I 126 8.45 23.94 9.99
CA GLU I 126 7.66 24.64 10.99
C GLU I 126 8.45 24.89 12.28
N LEU I 127 8.25 26.06 12.86
CA LEU I 127 8.92 26.45 14.10
C LEU I 127 7.95 26.35 15.26
N PRO I 128 8.19 25.44 16.20
CA PRO I 128 7.34 25.21 17.38
C PRO I 128 7.04 26.45 18.22
N ASP I 129 5.79 26.56 18.65
CA ASP I 129 5.32 27.64 19.51
C ASP I 129 5.57 29.09 19.08
N ALA I 130 5.40 29.37 17.78
CA ALA I 130 5.57 30.72 17.24
C ALA I 130 6.64 31.52 17.98
N PRO I 131 7.92 31.15 17.82
CA PRO I 131 9.01 31.86 18.50
C PRO I 131 9.62 33.11 17.82
N ARG I 132 9.25 33.37 16.57
CA ARG I 132 9.82 34.53 15.87
C ARG I 132 9.62 35.88 16.57
N PHE I 133 10.63 36.74 16.48
CA PHE I 133 10.59 38.09 17.03
C PHE I 133 10.02 38.95 15.90
N LEU I 134 8.82 39.49 16.10
CA LEU I 134 8.20 40.32 15.08
C LEU I 134 8.63 41.76 15.28
N VAL I 135 9.45 42.25 14.36
CA VAL I 135 9.99 43.60 14.44
C VAL I 135 10.33 44.09 13.03
N GLY I 136 10.51 45.40 12.88
CA GLY I 136 10.90 45.96 11.60
C GLY I 136 12.10 45.15 11.15
N THR I 137 12.17 44.83 9.87
CA THR I 137 13.24 43.96 9.38
C THR I 137 14.71 44.35 9.56
N TYR I 138 15.39 43.57 10.41
CA TYR I 138 16.82 43.73 10.69
C TYR I 138 17.48 42.48 10.12
N PRO I 139 18.33 42.65 9.10
CA PRO I 139 19.01 41.51 8.49
C PRO I 139 19.64 40.49 9.45
N TRP I 140 20.29 40.97 10.52
CA TRP I 140 20.95 40.04 11.43
C TRP I 140 20.18 39.51 12.64
N MET I 141 18.86 39.44 12.53
CA MET I 141 18.03 38.86 13.57
C MET I 141 17.73 37.42 13.14
N THR I 142 18.24 37.05 11.97
CA THR I 142 18.09 35.69 11.43
C THR I 142 19.32 35.51 10.55
N SER I 143 20.14 34.51 10.86
CA SER I 143 21.40 34.35 10.12
C SER I 143 21.82 32.93 9.78
N LEU I 144 22.64 32.81 8.75
CA LEU I 144 23.16 31.52 8.32
C LEU I 144 24.57 31.32 8.85
N THR I 145 24.90 30.08 9.19
CA THR I 145 26.25 29.76 9.63
C THR I 145 27.06 29.78 8.33
N PRO I 146 28.39 29.98 8.42
CA PRO I 146 29.20 30.00 7.21
C PRO I 146 29.12 28.79 6.28
N ASP I 147 28.81 27.61 6.83
CA ASP I 147 28.70 26.40 6.01
C ASP I 147 27.34 26.32 5.33
N GLY I 148 26.42 27.21 5.71
CA GLY I 148 25.10 27.23 5.12
C GLY I 148 24.18 26.09 5.53
N LYS I 149 24.55 25.33 6.55
CA LYS I 149 23.73 24.21 6.98
C LYS I 149 22.81 24.51 8.17
N THR I 150 23.01 25.66 8.80
CA THR I 150 22.22 26.04 9.97
C THR I 150 21.67 27.46 9.89
N LEU I 151 20.44 27.64 10.33
CA LEU I 151 19.81 28.96 10.34
C LEU I 151 19.51 29.28 11.81
N LEU I 152 19.89 30.49 12.22
CA LEU I 152 19.67 30.93 13.60
C LEU I 152 18.74 32.14 13.59
N PHE I 153 17.74 32.13 14.46
CA PHE I 153 16.80 33.25 14.54
C PHE I 153 16.63 33.68 15.98
N TYR I 154 16.33 34.96 16.18
CA TYR I 154 16.17 35.51 17.52
C TYR I 154 14.76 35.50 18.06
N GLN I 155 14.65 35.24 19.37
CA GLN I 155 13.37 35.28 20.06
C GLN I 155 13.56 36.32 21.15
N PHE I 156 12.60 37.23 21.27
CA PHE I 156 12.65 38.32 22.25
C PHE I 156 11.85 38.01 23.52
N SER I 157 10.61 37.54 23.34
CA SER I 157 9.72 37.22 24.44
C SER I 157 9.37 35.74 24.40
N PRO I 158 9.13 35.11 25.57
CA PRO I 158 9.16 35.63 26.94
C PRO I 158 10.55 35.86 27.52
N ALA I 159 11.58 35.38 26.82
CA ALA I 159 12.96 35.54 27.28
C ALA I 159 13.89 35.45 26.08
N PRO I 160 15.07 36.08 26.18
CA PRO I 160 16.02 36.03 25.06
C PRO I 160 16.42 34.60 24.74
N ALA I 161 16.29 34.23 23.47
CA ALA I 161 16.66 32.88 23.04
C ALA I 161 17.00 32.88 21.56
N VAL I 162 17.82 31.93 21.15
CA VAL I 162 18.19 31.80 19.75
C VAL I 162 17.76 30.42 19.28
N GLY I 163 16.95 30.37 18.22
CA GLY I 163 16.49 29.10 17.71
C GLY I 163 17.47 28.51 16.71
N VAL I 164 17.60 27.19 16.74
CA VAL I 164 18.52 26.50 15.84
C VAL I 164 17.75 25.65 14.84
N VAL I 165 17.91 25.96 13.56
CA VAL I 165 17.23 25.23 12.50
C VAL I 165 18.25 24.52 11.61
N ASP I 166 18.11 23.21 11.50
CA ASP I 166 18.99 22.39 10.68
C ASP I 166 18.44 22.36 9.26
N LEU I 167 19.04 23.15 8.37
CA LEU I 167 18.58 23.20 6.99
C LEU I 167 18.91 21.93 6.22
N GLU I 168 19.99 21.26 6.61
CA GLU I 168 20.38 20.03 5.94
C GLU I 168 19.37 18.93 6.27
N GLY I 169 19.07 18.76 7.56
CA GLY I 169 18.12 17.76 7.97
C GLY I 169 16.69 18.26 7.87
N LYS I 170 16.54 19.52 7.51
CA LYS I 170 15.22 20.15 7.36
C LYS I 170 14.37 19.98 8.60
N ALA I 171 14.90 20.41 9.75
CA ALA I 171 14.16 20.28 10.98
C ALA I 171 14.57 21.29 12.04
N PHE I 172 13.61 21.69 12.87
CA PHE I 172 13.88 22.61 13.95
C PHE I 172 14.67 21.76 14.96
N LYS I 173 15.74 22.32 15.51
CA LYS I 173 16.56 21.58 16.44
C LYS I 173 16.30 21.91 17.91
N ARG I 174 16.50 23.15 18.29
CA ARG I 174 16.32 23.54 19.69
C ARG I 174 16.41 25.05 19.86
N MET I 175 15.98 25.53 21.03
CA MET I 175 16.06 26.94 21.36
C MET I 175 17.24 27.05 22.31
N LEU I 176 18.07 28.06 22.11
CA LEU I 176 19.25 28.28 22.96
C LEU I 176 18.99 29.46 23.89
N ASP I 177 19.19 29.25 25.19
CA ASP I 177 19.00 30.34 26.14
C ASP I 177 20.25 31.20 26.13
N VAL I 178 20.06 32.51 25.96
CA VAL I 178 21.18 33.43 25.92
C VAL I 178 20.93 34.61 26.84
N PRO I 179 21.96 35.43 27.11
CA PRO I 179 21.78 36.58 27.99
C PRO I 179 20.96 37.66 27.28
N ASP I 180 20.76 38.79 27.95
CA ASP I 180 20.00 39.89 27.37
C ASP I 180 20.82 40.58 26.29
N CYS I 181 20.92 39.90 25.15
CA CYS I 181 21.69 40.37 24.01
C CYS I 181 20.84 40.31 22.73
N TYR I 182 21.29 40.97 21.68
CA TYR I 182 20.53 41.05 20.44
C TYR I 182 21.38 40.93 19.18
N HIS I 183 20.74 40.51 18.08
CA HIS I 183 21.39 40.28 16.79
C HIS I 183 22.23 39.00 16.88
N ILE I 184 22.49 38.40 15.71
CA ILE I 184 23.23 37.14 15.63
C ILE I 184 24.27 37.19 14.50
N PHE I 185 25.54 37.12 14.87
CA PHE I 185 26.62 37.15 13.89
C PHE I 185 27.38 35.82 13.96
N PRO I 186 27.06 34.86 13.08
CA PRO I 186 27.72 33.55 13.07
C PRO I 186 29.15 33.62 12.55
N THR I 187 30.06 32.92 13.22
CA THR I 187 31.46 32.90 12.81
C THR I 187 31.91 31.47 12.50
N ALA I 188 31.13 30.50 12.93
CA ALA I 188 31.46 29.10 12.72
C ALA I 188 30.19 28.26 12.72
N PRO I 189 30.30 26.96 12.37
CA PRO I 189 29.12 26.11 12.37
C PRO I 189 28.44 26.02 13.73
N ASP I 190 29.21 26.30 14.78
CA ASP I 190 28.69 26.20 16.15
C ASP I 190 28.98 27.43 17.02
N THR I 191 29.24 28.58 16.41
CA THR I 191 29.56 29.78 17.17
C THR I 191 29.00 31.06 16.56
N PHE I 192 28.51 31.96 17.41
CA PHE I 192 28.00 33.24 16.94
C PHE I 192 28.13 34.30 18.04
N PHE I 193 28.10 35.57 17.64
CA PHE I 193 28.21 36.66 18.59
C PHE I 193 26.92 37.47 18.61
N MET I 194 26.67 38.12 19.75
CA MET I 194 25.49 38.95 19.93
C MET I 194 25.93 40.23 20.62
N HIS I 195 25.14 41.29 20.48
CA HIS I 195 25.45 42.56 21.13
C HIS I 195 24.52 42.64 22.34
N CYS I 196 25.09 42.91 23.52
CA CYS I 196 24.31 42.94 24.75
C CYS I 196 23.96 44.33 25.30
N ARG I 197 22.90 44.36 26.11
CA ARG I 197 22.42 45.58 26.74
C ARG I 197 23.52 46.33 27.49
N ASP I 198 24.45 45.60 28.10
CA ASP I 198 25.53 46.25 28.87
C ASP I 198 26.65 46.84 28.01
N GLY I 199 26.56 46.66 26.69
CA GLY I 199 27.58 47.22 25.81
C GLY I 199 28.69 46.24 25.44
N SER I 200 28.59 45.01 25.94
CA SER I 200 29.59 44.01 25.62
C SER I 200 29.05 43.15 24.49
N LEU I 201 29.93 42.29 23.97
CA LEU I 201 29.57 41.35 22.92
C LEU I 201 29.54 40.02 23.66
N ALA I 202 28.62 39.13 23.29
CA ALA I 202 28.56 37.82 23.92
C ALA I 202 28.92 36.79 22.86
N LYS I 203 29.80 35.86 23.21
CA LYS I 203 30.22 34.80 22.31
C LYS I 203 29.46 33.56 22.74
N VAL I 204 28.73 32.96 21.82
CA VAL I 204 27.94 31.77 22.12
C VAL I 204 28.39 30.56 21.32
N ALA I 205 28.80 29.51 22.04
CA ALA I 205 29.22 28.27 21.39
C ALA I 205 28.22 27.20 21.82
N PHE I 206 27.62 26.52 20.85
CA PHE I 206 26.63 25.49 21.12
C PHE I 206 26.96 24.15 20.46
N GLY I 207 26.20 23.12 20.81
CA GLY I 207 26.40 21.80 20.24
C GLY I 207 25.03 21.17 20.06
N THR I 208 25.00 19.92 19.59
CA THR I 208 23.73 19.22 19.37
C THR I 208 23.19 18.71 20.71
N GLU I 209 23.67 19.29 21.80
CA GLU I 209 23.23 18.89 23.13
C GLU I 209 23.98 19.64 24.21
N GLY I 210 23.31 19.91 25.31
CA GLY I 210 23.95 20.59 26.41
C GLY I 210 23.85 22.08 26.42
N THR I 211 24.10 22.68 27.58
CA THR I 211 24.03 24.13 27.72
C THR I 211 25.16 24.79 26.95
N PRO I 212 24.87 25.89 26.23
CA PRO I 212 25.90 26.59 25.46
C PRO I 212 26.87 27.36 26.35
N GLU I 213 28.13 27.44 25.93
CA GLU I 213 29.12 28.18 26.70
C GLU I 213 29.07 29.62 26.22
N ILE I 214 28.85 30.52 27.15
CA ILE I 214 28.74 31.93 26.83
C ILE I 214 29.80 32.74 27.55
N THR I 215 30.53 33.54 26.78
CA THR I 215 31.57 34.41 27.31
C THR I 215 31.35 35.82 26.78
N HIS I 216 31.65 36.81 27.61
CA HIS I 216 31.48 38.21 27.23
C HIS I 216 32.82 38.85 26.92
N THR I 217 32.79 39.87 26.06
CA THR I 217 34.00 40.61 25.74
C THR I 217 33.92 41.81 26.66
N GLU I 218 34.88 42.71 26.54
CA GLU I 218 34.86 43.93 27.33
C GLU I 218 33.76 44.82 26.76
N VAL I 219 33.25 45.75 27.56
CA VAL I 219 32.23 46.68 27.08
C VAL I 219 32.97 47.57 26.09
N PHE I 220 32.49 47.67 24.86
CA PHE I 220 33.21 48.48 23.88
C PHE I 220 32.61 49.84 23.53
N HIS I 221 31.55 50.23 24.21
CA HIS I 221 30.94 51.53 23.95
C HIS I 221 30.15 51.95 25.17
N PRO I 222 30.17 53.25 25.49
CA PRO I 222 29.44 53.76 26.64
C PRO I 222 27.93 53.69 26.46
N GLU I 223 27.24 53.78 27.59
CA GLU I 223 25.79 53.73 27.67
C GLU I 223 25.08 54.77 26.80
N ASP I 224 25.70 55.93 26.64
CA ASP I 224 25.08 57.00 25.87
C ASP I 224 25.50 57.06 24.40
N GLU I 225 26.17 56.03 23.94
CA GLU I 225 26.59 55.97 22.54
C GLU I 225 25.69 54.90 21.92
N PHE I 226 24.82 55.32 21.01
CA PHE I 226 23.86 54.40 20.41
C PHE I 226 24.25 53.75 19.10
N LEU I 227 24.32 52.43 19.09
CA LEU I 227 24.66 51.65 17.91
C LEU I 227 23.38 51.33 17.14
N ILE I 228 23.34 51.68 15.86
CA ILE I 228 22.16 51.44 15.04
C ILE I 228 21.74 49.97 14.94
N ASN I 229 20.49 49.75 14.52
CA ASN I 229 19.96 48.41 14.40
C ASN I 229 20.39 47.67 13.14
N HIS I 230 21.06 48.37 12.22
CA HIS I 230 21.48 47.76 10.97
C HIS I 230 22.98 47.77 10.68
N PRO I 231 23.79 47.09 11.51
CA PRO I 231 25.23 47.11 11.23
C PRO I 231 25.51 46.28 9.98
N ALA I 232 26.71 46.43 9.41
CA ALA I 232 27.07 45.65 8.25
C ALA I 232 28.02 44.57 8.75
N TYR I 233 27.76 43.33 8.33
CA TYR I 233 28.61 42.21 8.73
C TYR I 233 29.02 41.42 7.51
N SER I 234 30.33 41.20 7.36
CA SER I 234 30.88 40.43 6.25
C SER I 234 31.39 39.12 6.83
N GLN I 235 30.60 38.08 6.67
CA GLN I 235 30.97 36.77 7.21
C GLN I 235 32.29 36.26 6.62
N LYS I 236 32.51 36.48 5.33
CA LYS I 236 33.75 36.02 4.70
C LYS I 236 34.99 36.78 5.20
N ALA I 237 34.81 38.01 5.67
CA ALA I 237 35.94 38.78 6.16
C ALA I 237 35.99 38.80 7.69
N GLY I 238 34.91 38.30 8.30
CA GLY I 238 34.83 38.29 9.75
C GLY I 238 34.87 39.72 10.26
N ARG I 239 34.35 40.66 9.45
CA ARG I 239 34.34 42.08 9.81
C ARG I 239 32.93 42.57 10.13
N LEU I 240 32.78 43.19 11.30
CA LEU I 240 31.51 43.75 11.75
C LEU I 240 31.71 45.26 11.78
N VAL I 241 30.95 45.99 10.96
CA VAL I 241 31.05 47.44 10.89
C VAL I 241 29.80 48.02 11.54
N TRP I 242 29.97 48.66 12.69
CA TRP I 242 28.82 49.18 13.45
C TRP I 242 28.86 50.69 13.69
N PRO I 243 28.02 51.45 12.97
CA PRO I 243 27.96 52.91 13.14
C PRO I 243 27.11 53.31 14.35
N THR I 244 27.34 54.51 14.88
CA THR I 244 26.54 55.02 15.99
C THR I 244 25.66 56.10 15.37
N TYR I 245 24.76 56.67 16.16
CA TYR I 245 23.88 57.74 15.70
C TYR I 245 24.63 58.94 15.14
N THR I 246 25.88 59.12 15.55
CA THR I 246 26.66 60.27 15.09
C THR I 246 27.60 60.02 13.92
N GLY I 247 27.71 58.76 13.49
CA GLY I 247 28.58 58.49 12.37
C GLY I 247 29.92 57.91 12.81
N LYS I 248 30.12 57.80 14.12
CA LYS I 248 31.36 57.20 14.61
C LYS I 248 31.21 55.72 14.25
N ILE I 249 32.28 55.10 13.78
CA ILE I 249 32.19 53.71 13.38
C ILE I 249 33.07 52.76 14.19
N HIS I 250 32.42 51.77 14.79
CA HIS I 250 33.11 50.75 15.57
C HIS I 250 33.31 49.57 14.61
N GLN I 251 34.51 49.03 14.55
CA GLN I 251 34.75 47.87 13.70
C GLN I 251 35.25 46.75 14.59
N ILE I 252 34.69 45.57 14.42
CA ILE I 252 35.10 44.42 15.22
C ILE I 252 35.60 43.34 14.29
N ASP I 253 36.80 42.82 14.59
CA ASP I 253 37.39 41.75 13.80
C ASP I 253 37.15 40.44 14.53
N LEU I 254 36.43 39.54 13.86
CA LEU I 254 36.11 38.24 14.46
C LEU I 254 36.83 37.12 13.72
N SER I 255 37.72 37.47 12.79
CA SER I 255 38.42 36.47 11.99
C SER I 255 39.28 35.47 12.76
N SER I 256 39.67 35.80 13.98
CA SER I 256 40.49 34.89 14.78
C SER I 256 39.62 33.95 15.58
N GLY I 257 38.31 34.22 15.60
CA GLY I 257 37.41 33.39 16.37
C GLY I 257 37.05 34.10 17.66
N ASP I 258 37.81 35.15 17.96
CA ASP I 258 37.58 35.98 19.13
C ASP I 258 37.48 37.43 18.68
N ALA I 259 36.73 38.24 19.40
CA ALA I 259 36.56 39.64 19.03
C ALA I 259 37.78 40.51 19.30
N LYS I 260 38.20 41.23 18.27
CA LYS I 260 39.31 42.17 18.37
C LYS I 260 38.72 43.52 17.97
N PHE I 261 38.83 44.52 18.84
CA PHE I 261 38.28 45.83 18.56
C PHE I 261 39.25 46.77 17.85
N LEU I 262 38.88 47.19 16.65
CA LEU I 262 39.72 48.11 15.87
C LEU I 262 39.49 49.54 16.31
N PRO I 263 40.40 50.45 15.94
CA PRO I 263 40.25 51.85 16.32
C PRO I 263 39.00 52.45 15.68
N ALA I 264 38.20 53.15 16.46
CA ALA I 264 36.98 53.77 15.95
C ALA I 264 37.37 54.91 15.02
N VAL I 265 36.55 55.15 13.99
CA VAL I 265 36.83 56.23 13.06
C VAL I 265 35.57 57.06 12.88
N GLU I 266 35.73 58.35 12.65
CA GLU I 266 34.61 59.24 12.43
C GLU I 266 34.35 59.26 10.92
N ALA I 267 33.11 58.94 10.53
CA ALA I 267 32.76 58.91 9.12
C ALA I 267 32.47 60.30 8.58
N LEU I 268 32.11 61.22 9.48
CA LEU I 268 31.81 62.60 9.09
C LEU I 268 32.95 63.51 9.56
N THR I 269 33.24 64.54 8.77
CA THR I 269 34.30 65.48 9.10
C THR I 269 33.88 66.38 10.25
N GLU I 270 34.86 67.06 10.83
CA GLU I 270 34.60 67.98 11.93
C GLU I 270 33.60 69.04 11.48
N ALA I 271 33.79 69.54 10.26
CA ALA I 271 32.92 70.56 9.71
C ALA I 271 31.50 70.02 9.48
N GLU I 272 31.40 68.81 8.92
CA GLU I 272 30.10 68.23 8.68
C GLU I 272 29.34 68.06 9.99
N ARG I 273 29.99 67.50 11.00
CA ARG I 273 29.32 67.30 12.28
C ARG I 273 28.87 68.64 12.88
N ALA I 274 29.68 69.68 12.71
CA ALA I 274 29.32 71.00 13.23
C ALA I 274 28.13 71.58 12.47
N ASP I 275 28.02 71.25 11.18
CA ASP I 275 26.92 71.74 10.36
C ASP I 275 25.67 70.89 10.50
N GLY I 276 25.70 69.92 11.41
CA GLY I 276 24.54 69.08 11.63
C GLY I 276 24.38 67.84 10.78
N TRP I 277 25.47 67.32 10.22
CA TRP I 277 25.36 66.11 9.41
C TRP I 277 25.36 64.89 10.32
N ARG I 278 24.53 63.92 9.99
CA ARG I 278 24.42 62.68 10.77
C ARG I 278 23.94 61.56 9.85
N PRO I 279 24.22 60.30 10.22
CA PRO I 279 23.74 59.23 9.34
C PRO I 279 22.22 59.12 9.55
N GLY I 280 21.51 58.52 8.61
CA GLY I 280 20.08 58.38 8.75
C GLY I 280 19.48 57.49 7.68
N GLY I 281 18.49 56.69 8.07
CA GLY I 281 17.85 55.79 7.13
C GLY I 281 17.55 54.45 7.76
N TRP I 282 17.49 53.39 6.95
CA TRP I 282 17.23 52.05 7.45
C TRP I 282 18.59 51.32 7.37
N GLN I 283 18.91 50.71 6.24
CA GLN I 283 20.23 50.06 6.09
C GLN I 283 21.19 51.20 5.75
N GLN I 284 21.70 51.85 6.78
CA GLN I 284 22.58 53.01 6.62
C GLN I 284 24.03 52.75 6.24
N VAL I 285 24.50 51.53 6.42
CA VAL I 285 25.89 51.24 6.12
C VAL I 285 26.10 49.99 5.28
N ALA I 286 27.13 50.01 4.44
CA ALA I 286 27.46 48.87 3.60
C ALA I 286 28.98 48.71 3.67
N TYR I 287 29.46 47.50 3.41
CA TYR I 287 30.88 47.22 3.47
C TYR I 287 31.31 46.36 2.28
N HIS I 288 32.35 46.81 1.57
CA HIS I 288 32.86 46.03 0.44
C HIS I 288 34.11 45.31 0.93
N ARG I 289 34.05 43.99 0.97
CA ARG I 289 35.16 43.18 1.45
C ARG I 289 36.47 43.31 0.67
N ALA I 290 36.41 43.08 -0.64
CA ALA I 290 37.60 43.15 -1.47
C ALA I 290 38.31 44.49 -1.38
N LEU I 291 37.55 45.58 -1.46
CA LEU I 291 38.14 46.91 -1.40
C LEU I 291 38.34 47.41 0.03
N ASP I 292 37.75 46.73 1.00
CA ASP I 292 37.85 47.13 2.40
C ASP I 292 37.41 48.60 2.52
N ARG I 293 36.22 48.88 2.01
CA ARG I 293 35.67 50.23 2.03
C ARG I 293 34.30 50.25 2.69
N ILE I 294 34.01 51.36 3.37
CA ILE I 294 32.74 51.56 4.06
C ILE I 294 31.93 52.65 3.39
N TYR I 295 30.64 52.39 3.22
CA TYR I 295 29.72 53.34 2.62
C TYR I 295 28.67 53.69 3.68
N LEU I 296 28.42 54.98 3.86
CA LEU I 296 27.46 55.41 4.88
C LEU I 296 26.47 56.45 4.38
N LEU I 297 25.18 56.21 4.63
CA LEU I 297 24.11 57.11 4.24
C LEU I 297 24.05 58.28 5.20
N VAL I 298 24.27 59.50 4.71
CA VAL I 298 24.24 60.66 5.58
C VAL I 298 23.52 61.86 4.97
N ASP I 299 23.21 62.84 5.81
CA ASP I 299 22.55 64.05 5.37
C ASP I 299 22.50 65.02 6.55
N GLN I 300 22.02 66.23 6.33
CA GLN I 300 21.90 67.19 7.42
C GLN I 300 20.55 66.91 8.03
N ARG I 301 20.52 66.68 9.34
CA ARG I 301 19.28 66.36 10.02
C ARG I 301 19.36 66.61 11.50
N ASP I 302 18.19 66.75 12.13
CA ASP I 302 18.11 66.95 13.56
C ASP I 302 18.49 65.61 14.19
N GLU I 303 18.97 65.66 15.43
CA GLU I 303 19.39 64.49 16.15
C GLU I 303 18.40 63.33 16.28
N TRP I 304 17.10 63.61 16.31
CA TRP I 304 16.12 62.54 16.46
C TRP I 304 15.35 62.22 15.19
N ARG I 305 15.99 62.44 14.05
CA ARG I 305 15.38 62.15 12.76
C ARG I 305 16.25 61.08 12.08
N HIS I 306 16.73 60.13 12.89
CA HIS I 306 17.62 59.08 12.40
C HIS I 306 17.03 58.02 11.48
N LYS I 307 15.71 57.98 11.31
CA LYS I 307 15.15 56.97 10.42
C LYS I 307 14.64 57.56 9.10
N THR I 308 14.89 58.85 8.89
CA THR I 308 14.46 59.49 7.65
C THR I 308 15.45 59.21 6.54
N ALA I 309 15.01 59.37 5.29
CA ALA I 309 15.88 59.13 4.14
C ALA I 309 17.02 60.15 4.09
N SER I 310 18.13 59.76 3.44
CA SER I 310 19.30 60.63 3.28
C SER I 310 19.58 60.76 1.79
N ARG I 311 20.23 61.84 1.39
CA ARG I 311 20.52 62.06 -0.02
C ARG I 311 22.00 61.96 -0.39
N PHE I 312 22.84 61.65 0.59
CA PHE I 312 24.27 61.54 0.33
C PHE I 312 24.86 60.24 0.87
N VAL I 313 25.97 59.83 0.28
CA VAL I 313 26.68 58.63 0.71
C VAL I 313 28.16 58.98 0.78
N VAL I 314 28.77 58.76 1.95
CA VAL I 314 30.19 59.02 2.07
C VAL I 314 30.90 57.68 1.99
N VAL I 315 32.08 57.69 1.39
CA VAL I 315 32.87 56.48 1.23
C VAL I 315 34.21 56.71 1.93
N LEU I 316 34.61 55.77 2.79
CA LEU I 316 35.87 55.90 3.49
C LEU I 316 36.65 54.59 3.55
N ASP I 317 37.96 54.73 3.72
CA ASP I 317 38.85 53.58 3.81
C ASP I 317 38.66 52.97 5.19
N ALA I 318 38.32 51.69 5.24
CA ALA I 318 38.08 51.02 6.52
C ALA I 318 39.33 50.88 7.38
N LYS I 319 40.50 50.91 6.74
CA LYS I 319 41.75 50.75 7.49
C LYS I 319 42.26 52.04 8.12
N THR I 320 42.15 53.16 7.40
CA THR I 320 42.66 54.43 7.89
C THR I 320 41.60 55.44 8.30
N GLY I 321 40.42 55.34 7.72
CA GLY I 321 39.37 56.29 8.05
C GLY I 321 39.39 57.47 7.08
N GLU I 322 40.27 57.39 6.08
CA GLU I 322 40.36 58.45 5.10
C GLU I 322 39.11 58.56 4.23
N ARG I 323 38.62 59.79 4.08
CA ARG I 323 37.44 60.07 3.25
C ARG I 323 37.88 59.86 1.79
N LEU I 324 37.22 58.95 1.09
CA LEU I 324 37.55 58.68 -0.30
C LEU I 324 36.61 59.39 -1.26
N ALA I 325 35.36 59.57 -0.85
CA ALA I 325 34.39 60.21 -1.71
C ALA I 325 33.10 60.57 -0.99
N LYS I 326 32.30 61.41 -1.63
CA LYS I 326 31.01 61.83 -1.11
C LYS I 326 30.09 62.02 -2.31
N PHE I 327 29.14 61.11 -2.46
CA PHE I 327 28.22 61.17 -3.60
C PHE I 327 26.90 61.85 -3.28
N GLU I 328 26.39 62.60 -4.25
CA GLU I 328 25.09 63.25 -4.12
C GLU I 328 24.20 62.26 -4.86
N MET I 329 23.37 61.54 -4.12
CA MET I 329 22.52 60.52 -4.71
C MET I 329 21.38 61.03 -5.60
N GLY I 330 20.92 62.25 -5.34
CA GLY I 330 19.86 62.82 -6.16
C GLY I 330 18.46 62.28 -5.88
N HIS I 331 18.32 61.46 -4.84
CA HIS I 331 17.04 60.89 -4.45
C HIS I 331 17.02 60.65 -2.95
N GLU I 332 15.82 60.48 -2.40
CA GLU I 332 15.66 60.20 -0.97
C GLU I 332 15.97 58.71 -0.81
N ILE I 333 17.16 58.40 -0.30
CA ILE I 333 17.56 57.01 -0.12
C ILE I 333 17.42 56.53 1.32
N ASP I 334 16.83 55.35 1.48
CA ASP I 334 16.62 54.74 2.80
C ASP I 334 17.62 53.65 3.14
N SER I 335 17.99 52.85 2.14
CA SER I 335 18.91 51.76 2.38
C SER I 335 19.93 51.61 1.26
N ILE I 336 21.12 51.16 1.62
CA ILE I 336 22.15 50.93 0.62
C ILE I 336 22.83 49.59 0.86
N ASN I 337 23.52 49.12 -0.17
CA ASN I 337 24.28 47.89 -0.10
C ASN I 337 25.13 47.90 -1.36
N VAL I 338 26.04 46.95 -1.48
CA VAL I 338 26.90 46.89 -2.66
C VAL I 338 27.09 45.45 -3.10
N SER I 339 27.46 45.27 -4.36
CA SER I 339 27.74 43.93 -4.87
C SER I 339 29.18 43.69 -4.42
N GLN I 340 29.55 42.43 -4.19
CA GLN I 340 30.89 42.11 -3.73
C GLN I 340 31.91 41.72 -4.80
N ASP I 341 31.65 42.11 -6.04
CA ASP I 341 32.57 41.80 -7.12
C ASP I 341 33.60 42.93 -7.33
N GLU I 342 34.54 42.69 -8.24
CA GLU I 342 35.63 43.62 -8.53
C GLU I 342 35.24 45.09 -8.70
N LYS I 343 34.41 45.39 -9.71
CA LYS I 343 33.97 46.76 -9.95
C LYS I 343 32.53 46.82 -9.45
N PRO I 344 32.36 47.05 -8.14
CA PRO I 344 31.07 47.13 -7.44
C PRO I 344 30.01 48.15 -7.86
N LEU I 345 28.77 47.71 -7.73
CA LEU I 345 27.59 48.52 -8.01
C LEU I 345 27.11 48.96 -6.62
N LEU I 346 26.62 50.19 -6.52
CA LEU I 346 26.11 50.71 -5.27
C LEU I 346 24.58 50.73 -5.41
N TYR I 347 23.91 49.99 -4.54
CA TYR I 347 22.45 49.92 -4.56
C TYR I 347 21.88 50.93 -3.58
N ALA I 348 20.97 51.77 -4.06
CA ALA I 348 20.34 52.79 -3.24
C ALA I 348 18.82 52.62 -3.35
N LEU I 349 18.21 52.19 -2.25
CA LEU I 349 16.78 51.93 -2.23
C LEU I 349 15.97 53.06 -1.61
N SER I 350 14.94 53.50 -2.32
CA SER I 350 14.05 54.55 -1.85
C SER I 350 12.72 53.91 -1.47
N THR I 351 12.40 53.95 -0.19
CA THR I 351 11.16 53.38 0.30
C THR I 351 9.98 54.20 -0.22
N GLY I 352 10.15 55.51 -0.23
CA GLY I 352 9.11 56.42 -0.70
C GLY I 352 8.85 56.33 -2.19
N ASP I 353 9.90 56.18 -2.99
CA ASP I 353 9.76 56.06 -4.44
C ASP I 353 9.47 54.62 -4.85
N LYS I 354 9.62 53.69 -3.90
CA LYS I 354 9.43 52.26 -4.17
C LYS I 354 10.32 51.94 -5.38
N THR I 355 11.51 52.53 -5.38
CA THR I 355 12.44 52.36 -6.48
C THR I 355 13.86 52.04 -6.06
N LEU I 356 14.51 51.18 -6.83
CA LEU I 356 15.90 50.83 -6.56
C LEU I 356 16.77 51.54 -7.59
N TYR I 357 17.63 52.44 -7.11
CA TYR I 357 18.54 53.16 -7.98
C TYR I 357 19.88 52.43 -7.97
N ILE I 358 20.41 52.15 -9.15
CA ILE I 358 21.67 51.42 -9.25
C ILE I 358 22.78 52.35 -9.71
N HIS I 359 23.79 52.53 -8.86
CA HIS I 359 24.92 53.41 -9.15
C HIS I 359 26.25 52.68 -9.27
N ASP I 360 27.23 53.37 -9.86
CA ASP I 360 28.57 52.83 -9.96
C ASP I 360 29.17 53.20 -8.61
N ALA I 361 29.65 52.20 -7.87
CA ALA I 361 30.21 52.43 -6.55
C ALA I 361 31.49 53.26 -6.52
N GLU I 362 32.15 53.35 -7.67
CA GLU I 362 33.40 54.10 -7.78
C GLU I 362 33.17 55.59 -8.00
N SER I 363 32.41 55.92 -9.04
CA SER I 363 32.11 57.30 -9.39
C SER I 363 30.87 57.81 -8.69
N GLY I 364 29.92 56.91 -8.42
CA GLY I 364 28.69 57.31 -7.76
C GLY I 364 27.59 57.72 -8.73
N GLU I 365 27.85 57.62 -10.03
CA GLU I 365 26.83 58.02 -10.99
C GLU I 365 25.73 56.96 -11.15
N GLU I 366 24.50 57.45 -11.32
CA GLU I 366 23.34 56.58 -11.48
C GLU I 366 23.40 55.91 -12.85
N LEU I 367 23.34 54.59 -12.87
CA LEU I 367 23.40 53.82 -14.11
C LEU I 367 22.01 53.46 -14.61
N ARG I 368 21.16 52.98 -13.70
CA ARG I 368 19.81 52.58 -14.05
C ARG I 368 18.95 52.51 -12.80
N SER I 369 17.67 52.24 -12.99
CA SER I 369 16.74 52.13 -11.86
C SER I 369 15.64 51.10 -12.17
N VAL I 370 15.07 50.55 -11.11
CA VAL I 370 14.01 49.57 -11.20
C VAL I 370 12.91 50.08 -10.26
N ASN I 371 11.74 50.42 -10.81
CA ASN I 371 10.65 50.96 -9.98
C ASN I 371 9.56 49.95 -9.66
N GLN I 372 8.45 50.46 -9.11
CA GLN I 372 7.31 49.65 -8.75
C GLN I 372 7.71 48.44 -7.90
N LEU I 373 8.55 48.66 -6.90
CA LEU I 373 9.00 47.56 -6.05
C LEU I 373 8.16 47.42 -4.78
N GLY I 374 6.90 47.03 -4.94
CA GLY I 374 6.04 46.85 -3.78
C GLY I 374 5.44 48.11 -3.19
N HIS I 375 5.15 48.07 -1.89
CA HIS I 375 4.52 49.18 -1.20
C HIS I 375 5.46 50.02 -0.34
N GLY I 376 6.43 49.38 0.28
CA GLY I 376 7.38 50.09 1.13
C GLY I 376 8.68 49.30 1.22
N PRO I 377 9.38 49.09 0.09
CA PRO I 377 10.63 48.33 0.11
C PRO I 377 11.67 48.92 1.05
N GLN I 378 12.35 48.06 1.82
CA GLN I 378 13.34 48.53 2.78
C GLN I 378 14.66 47.76 2.87
N VAL I 379 14.68 46.48 2.53
CA VAL I 379 15.90 45.71 2.67
C VAL I 379 16.54 45.18 1.40
N ILE I 380 17.84 45.45 1.27
CA ILE I 380 18.62 45.00 0.12
C ILE I 380 19.57 43.92 0.61
N THR I 381 19.64 42.81 -0.10
CA THR I 381 20.54 41.72 0.28
C THR I 381 21.28 41.26 -0.96
N THR I 382 22.59 41.06 -0.83
CA THR I 382 23.41 40.58 -1.94
C THR I 382 24.28 39.44 -1.43
N ALA I 383 24.74 38.59 -2.33
CA ALA I 383 25.60 37.48 -1.93
C ALA I 383 27.06 37.81 -2.23
N ASP I 384 27.96 37.31 -1.37
CA ASP I 384 29.40 37.51 -1.54
C ASP I 384 29.88 36.17 -2.07
N MET I 385 29.88 36.03 -3.39
CA MET I 385 30.28 34.78 -4.02
C MET I 385 31.77 34.64 -4.29
N GLY I 386 32.52 35.71 -4.07
CA GLY I 386 33.95 35.66 -4.30
C GLY I 386 34.72 35.12 -3.12
N THR J 7 7.53 70.18 3.29
CA THR J 7 8.21 70.13 4.61
C THR J 7 9.36 69.13 4.63
N ASP J 8 10.52 69.59 5.13
CA ASP J 8 11.72 68.78 5.21
C ASP J 8 11.59 67.70 6.29
N PRO J 9 11.63 66.42 5.89
CA PRO J 9 11.51 65.32 6.85
C PRO J 9 12.69 65.23 7.81
N ARG J 10 13.83 65.78 7.41
CA ARG J 10 15.04 65.76 8.22
C ARG J 10 15.12 66.90 9.24
N ALA J 11 14.24 67.88 9.12
CA ALA J 11 14.24 69.01 10.04
C ALA J 11 13.73 68.63 11.43
N LYS J 12 14.12 69.40 12.44
CA LYS J 12 13.70 69.15 13.81
C LYS J 12 12.18 69.07 13.87
N TRP J 13 11.68 68.03 14.53
CA TRP J 13 10.24 67.82 14.67
C TRP J 13 9.61 68.93 15.51
N VAL J 14 8.52 69.49 15.03
CA VAL J 14 7.82 70.57 15.74
C VAL J 14 6.39 70.12 16.05
N PRO J 15 6.09 69.87 17.33
CA PRO J 15 4.75 69.43 17.74
C PRO J 15 3.68 70.50 17.74
N GLN J 16 2.44 70.06 17.51
CA GLN J 16 1.27 70.94 17.53
C GLN J 16 0.23 70.24 18.39
N ASP J 17 -0.76 71.00 18.86
CA ASP J 17 -1.80 70.43 19.71
C ASP J 17 -3.18 70.80 19.20
N ASN J 18 -3.40 70.66 17.89
CA ASN J 18 -4.70 70.99 17.32
C ASN J 18 -5.31 69.99 16.33
N ASP J 19 -4.57 68.94 15.96
CA ASP J 19 -5.09 67.93 15.04
C ASP J 19 -4.41 66.59 15.31
N ILE J 20 -5.15 65.62 15.87
CA ILE J 20 -4.56 64.32 16.19
C ILE J 20 -4.34 63.41 14.98
N GLN J 21 -4.90 63.76 13.82
CA GLN J 21 -4.72 62.92 12.65
C GLN J 21 -3.49 63.31 11.82
N ALA J 22 -2.74 64.30 12.29
CA ALA J 22 -1.54 64.75 11.61
C ALA J 22 -0.33 64.14 12.32
N CYS J 23 0.72 63.82 11.57
CA CYS J 23 1.91 63.21 12.16
C CYS J 23 2.69 64.11 13.11
N ASP J 24 2.40 65.41 13.13
CA ASP J 24 3.12 66.28 14.04
C ASP J 24 2.35 66.60 15.32
N TYR J 25 1.28 65.84 15.58
CA TYR J 25 0.51 66.02 16.81
C TYR J 25 1.48 65.65 17.93
N TRP J 26 1.56 66.48 18.97
CA TRP J 26 2.53 66.23 20.05
C TRP J 26 2.63 64.85 20.67
N ARG J 27 1.51 64.15 20.85
CA ARG J 27 1.57 62.82 21.47
C ARG J 27 2.16 61.73 20.57
N HIS J 28 2.33 62.02 19.28
CA HIS J 28 2.87 61.04 18.35
C HIS J 28 4.39 61.16 18.19
N CYS J 29 5.07 61.74 19.17
CA CYS J 29 6.50 61.95 19.04
C CYS J 29 7.32 60.68 18.84
N SER J 30 6.75 59.51 19.12
CA SER J 30 7.46 58.27 18.90
C SER J 30 6.53 57.18 18.37
N ILE J 31 5.55 57.61 17.59
CA ILE J 31 4.62 56.65 17.02
C ILE J 31 5.27 56.03 15.79
N ASP J 32 4.98 54.76 15.55
CA ASP J 32 5.52 54.06 14.39
C ASP J 32 4.39 53.18 13.86
N GLY J 33 3.87 53.54 12.69
CA GLY J 33 2.79 52.77 12.10
C GLY J 33 1.65 53.64 11.62
N ASN J 34 0.47 53.47 12.23
CA ASN J 34 -0.71 54.22 11.83
C ASN J 34 -1.51 54.73 13.02
N ILE J 35 -2.11 55.91 12.86
CA ILE J 35 -2.91 56.53 13.91
C ILE J 35 -4.28 55.85 13.98
N CYS J 36 -4.58 55.22 15.11
CA CYS J 36 -5.85 54.50 15.29
C CYS J 36 -7.12 55.31 15.06
N ASP J 37 -7.06 56.61 15.31
CA ASP J 37 -8.25 57.42 15.11
C ASP J 37 -8.73 57.40 13.65
N CYS J 38 -7.84 57.03 12.74
CA CYS J 38 -8.18 56.99 11.33
C CYS J 38 -8.79 55.68 10.84
N SER J 39 -8.99 54.72 11.74
CA SER J 39 -9.59 53.46 11.33
C SER J 39 -10.69 52.99 12.29
N GLY J 40 -11.32 53.93 12.98
CA GLY J 40 -12.41 53.57 13.88
C GLY J 40 -12.12 53.59 15.36
N GLY J 41 -10.86 53.84 15.74
CA GLY J 41 -10.53 53.91 17.14
C GLY J 41 -10.58 55.38 17.52
N SER J 42 -9.80 55.77 18.51
CA SER J 42 -9.75 57.17 18.93
C SER J 42 -8.31 57.43 19.33
N LEU J 43 -8.03 58.60 19.90
CA LEU J 43 -6.66 58.91 20.28
C LEU J 43 -6.10 57.86 21.25
N THR J 44 -6.95 57.40 22.17
CA THR J 44 -6.52 56.43 23.17
C THR J 44 -7.26 55.10 23.19
N ASN J 45 -8.11 54.84 22.20
CA ASN J 45 -8.86 53.59 22.17
C ASN J 45 -8.66 52.83 20.85
N CYS J 46 -8.74 51.51 20.91
CA CYS J 46 -8.59 50.67 19.72
C CYS J 46 -9.91 50.57 18.94
N PRO J 47 -9.80 50.37 17.61
CA PRO J 47 -10.99 50.25 16.74
C PRO J 47 -11.72 48.94 17.07
N PRO J 48 -13.03 48.85 16.72
CA PRO J 48 -13.79 47.64 16.98
C PRO J 48 -13.17 46.43 16.30
N GLY J 49 -13.22 45.27 16.96
CA GLY J 49 -12.67 44.06 16.37
C GLY J 49 -11.19 43.79 16.60
N THR J 50 -10.42 44.81 16.96
CA THR J 50 -9.00 44.64 17.19
C THR J 50 -8.74 44.27 18.66
N LYS J 51 -7.51 43.86 18.95
CA LYS J 51 -7.13 43.47 20.31
C LYS J 51 -6.12 44.46 20.88
N LEU J 52 -6.37 44.92 22.09
CA LEU J 52 -5.51 45.90 22.76
C LEU J 52 -4.32 45.27 23.49
N ALA J 53 -3.13 45.68 23.10
CA ALA J 53 -1.91 45.17 23.73
C ALA J 53 -1.77 45.81 25.11
N THR J 54 -1.03 45.15 26.00
CA THR J 54 -0.82 45.70 27.33
C THR J 54 0.61 46.24 27.45
N ALA J 55 1.55 45.59 26.77
CA ALA J 55 2.94 46.02 26.83
C ALA J 55 3.27 46.95 25.66
N SER J 56 4.22 47.85 25.86
CA SER J 56 4.60 48.76 24.78
C SER J 56 5.89 49.52 25.05
N TRQ J 57 6.35 50.23 24.02
CA TRQ J 57 7.54 51.05 24.16
C TRQ J 57 6.96 52.40 24.59
O TRQ J 57 5.76 52.64 24.43
CB TRQ J 57 8.27 51.14 22.81
CG TRQ J 57 7.55 51.87 21.70
CD1 TRQ J 57 7.57 53.22 21.48
NE1 TRQ J 57 6.82 53.54 20.39
CE2 TRQ J 57 6.28 52.41 19.87
CZ2 TRQ J 57 5.43 52.27 18.75
CH2 TRQ J 57 5.02 51.00 18.42
CZ3 TRQ J 57 5.42 49.88 19.17
CE3 TRQ J 57 6.24 50.01 20.28
CD2 TRQ J 57 6.69 51.30 20.66
O6 TRQ J 57 4.26 50.90 17.43
O7 TRQ J 57 5.09 53.28 18.13
N VAL J 58 7.80 53.27 25.15
CA VAL J 58 7.32 54.57 25.58
C VAL J 58 8.22 55.67 25.06
N ALA J 59 7.80 56.92 25.28
CA ALA J 59 8.58 58.07 24.89
C ALA J 59 8.09 59.27 25.68
N SER J 60 9.00 60.18 25.97
CA SER J 60 8.66 61.40 26.68
C SER J 60 8.37 62.44 25.60
N CYS J 61 7.11 62.86 25.47
CA CYS J 61 6.75 63.85 24.47
C CYS J 61 6.43 65.21 25.07
N TYR J 62 6.95 66.25 24.44
CA TYR J 62 6.75 67.62 24.88
C TYR J 62 5.39 68.17 24.43
N ASN J 63 4.60 68.68 25.38
CA ASN J 63 3.29 69.25 25.06
C ASN J 63 3.46 70.76 24.95
N PRO J 64 3.37 71.31 23.73
CA PRO J 64 3.52 72.75 23.53
C PRO J 64 2.47 73.62 24.20
N THR J 65 1.33 73.02 24.53
CA THR J 65 0.25 73.77 25.17
C THR J 65 0.55 74.16 26.61
N ASP J 66 0.98 73.20 27.42
CA ASP J 66 1.29 73.51 28.83
C ASP J 66 2.79 73.49 29.13
N GLY J 67 3.60 73.24 28.10
CA GLY J 67 5.04 73.21 28.28
C GLY J 67 5.57 72.07 29.13
N GLN J 68 4.75 71.06 29.35
CA GLN J 68 5.17 69.91 30.15
C GLN J 68 5.46 68.72 29.25
N SER J 69 6.27 67.78 29.76
CA SER J 69 6.60 66.58 29.00
C SER J 69 5.88 65.40 29.64
N TYR J 70 5.17 64.64 28.82
CA TYR J 70 4.43 63.48 29.33
C TYR J 70 4.94 62.18 28.75
N LEU J 71 4.80 61.11 29.52
CA LEU J 71 5.22 59.80 29.07
C LEU J 71 4.05 59.18 28.32
N ILE J 72 4.27 58.85 27.05
CA ILE J 72 3.24 58.25 26.21
C ILE J 72 3.54 56.75 26.06
N ALA J 73 2.52 55.91 26.25
CA ALA J 73 2.68 54.46 26.10
C ALA J 73 2.09 54.05 24.76
N TYR J 74 2.96 53.74 23.80
CA TYR J 74 2.50 53.37 22.47
C TYR J 74 2.07 51.92 22.35
N ARG J 75 0.87 51.63 22.85
CA ARG J 75 0.32 50.29 22.79
C ARG J 75 -0.31 50.11 21.41
N ASP J 76 -0.05 48.97 20.78
CA ASP J 76 -0.62 48.73 19.46
C ASP J 76 -1.96 48.02 19.56
N CYS J 77 -2.80 48.19 18.54
CA CYS J 77 -4.09 47.52 18.45
C CYS J 77 -3.75 46.44 17.44
N CYS J 78 -4.04 45.19 17.80
CA CYS J 78 -3.63 44.06 16.99
C CYS J 78 -4.70 43.07 16.51
N GLY J 79 -4.26 42.11 15.71
CA GLY J 79 -5.17 41.10 15.19
C GLY J 79 -5.87 41.49 13.91
N TYR J 80 -5.32 42.48 13.24
CA TYR J 80 -5.85 43.00 11.99
C TYR J 80 -4.68 43.35 11.08
N ASN J 81 -4.94 43.39 9.78
CA ASN J 81 -3.91 43.77 8.81
C ASN J 81 -3.75 45.30 9.02
N VAL J 82 -2.59 45.83 8.67
CA VAL J 82 -2.31 47.27 8.84
C VAL J 82 -3.42 48.12 8.21
N SER J 83 -3.87 49.15 8.92
CA SER J 83 -4.96 49.99 8.42
C SER J 83 -4.67 50.68 7.09
N GLY J 84 -3.45 51.18 6.92
CA GLY J 84 -3.10 51.86 5.69
C GLY J 84 -3.54 53.31 5.68
N ARG J 85 -4.12 53.78 6.79
CA ARG J 85 -4.58 55.17 6.87
C ARG J 85 -3.75 55.91 7.92
N CYS J 86 -3.46 57.18 7.62
CA CYS J 86 -2.67 58.04 8.49
C CYS J 86 -1.36 57.42 8.97
N PRO J 87 -0.48 57.06 8.03
CA PRO J 87 0.80 56.48 8.45
C PRO J 87 1.73 57.56 8.98
N CYS J 88 2.50 57.22 10.02
CA CYS J 88 3.43 58.15 10.62
C CYS J 88 4.61 57.40 11.23
N LEU J 89 5.75 58.08 11.27
CA LEU J 89 6.95 57.51 11.87
C LEU J 89 7.78 58.64 12.46
N ASN J 90 7.75 58.75 13.79
CA ASN J 90 8.51 59.76 14.52
C ASN J 90 9.39 59.00 15.48
N THR J 91 10.52 59.59 15.85
CA THR J 91 11.47 58.90 16.71
C THR J 91 12.14 59.78 17.76
N GLU J 92 11.37 60.64 18.41
CA GLU J 92 11.94 61.51 19.43
C GLU J 92 12.41 60.68 20.63
N GLY J 93 13.71 60.65 20.86
CA GLY J 93 14.26 59.88 21.97
C GLY J 93 14.26 58.37 21.75
N GLU J 94 13.95 57.94 20.53
CA GLU J 94 13.90 56.52 20.21
C GLU J 94 15.32 55.92 20.20
N LEU J 95 15.50 54.84 20.96
CA LEU J 95 16.78 54.15 21.08
C LEU J 95 16.80 52.82 20.31
N PRO J 96 18.00 52.26 20.08
CA PRO J 96 18.14 50.99 19.36
C PRO J 96 17.43 49.84 20.07
N VAL J 97 17.29 48.72 19.36
CA VAL J 97 16.58 47.55 19.88
C VAL J 97 17.10 46.97 21.20
N TYR J 98 18.38 47.20 21.52
CA TYR J 98 18.92 46.66 22.77
C TYR J 98 18.49 47.49 24.00
N ARG J 99 17.66 48.49 23.75
CA ARG J 99 17.08 49.35 24.81
C ARG J 99 15.60 49.33 24.39
N PRO J 100 14.99 48.15 24.38
CA PRO J 100 13.60 47.93 23.99
C PRO J 100 12.55 48.83 24.62
N GLU J 101 12.78 49.25 25.86
CA GLU J 101 11.82 50.11 26.54
C GLU J 101 11.53 51.37 25.71
N PHE J 102 12.48 51.79 24.87
CA PHE J 102 12.31 52.98 24.04
C PHE J 102 12.40 52.72 22.53
N ALA J 103 12.36 51.45 22.12
CA ALA J 103 12.49 51.09 20.71
C ALA J 103 11.16 50.97 19.99
N ASN J 104 11.00 51.61 18.83
CA ASN J 104 9.71 51.53 18.18
C ASN J 104 9.53 50.75 16.88
N ASP J 105 10.51 49.90 16.50
CA ASP J 105 10.36 49.07 15.30
C ASP J 105 9.69 47.77 15.74
N ILE J 106 9.72 47.52 17.03
CA ILE J 106 9.13 46.32 17.62
C ILE J 106 7.62 46.37 17.55
N ILE J 107 6.99 45.25 17.23
CA ILE J 107 5.53 45.21 17.19
C ILE J 107 5.10 45.02 18.66
N TRP J 108 4.61 46.09 19.26
CA TRP J 108 4.20 46.07 20.67
C TRP J 108 2.77 45.56 20.84
N CYS J 109 2.59 44.27 20.57
CA CYS J 109 1.28 43.61 20.67
C CYS J 109 1.19 42.63 21.84
N PHE J 110 2.27 42.47 22.60
CA PHE J 110 2.29 41.55 23.72
C PHE J 110 1.15 41.87 24.71
N GLY J 111 0.48 40.83 25.17
CA GLY J 111 -0.60 41.03 26.13
C GLY J 111 -1.98 41.13 25.51
N ALA J 112 -2.02 41.28 24.19
CA ALA J 112 -3.31 41.39 23.50
C ALA J 112 -4.05 40.06 23.61
N GLU J 113 -5.38 40.14 23.69
CA GLU J 113 -6.22 38.95 23.78
C GLU J 113 -6.03 38.04 22.57
N ASP J 114 -6.20 36.74 22.78
CA ASP J 114 -6.07 35.75 21.70
C ASP J 114 -4.67 35.71 21.10
N ASP J 115 -3.68 36.19 21.84
CA ASP J 115 -2.30 36.21 21.37
C ASP J 115 -2.15 36.92 20.02
N ALA J 116 -3.00 37.91 19.78
CA ALA J 116 -2.95 38.66 18.52
C ALA J 116 -1.60 39.36 18.43
N MET J 117 -0.90 39.19 17.31
CA MET J 117 0.41 39.81 17.14
C MET J 117 0.58 40.60 15.83
N THR J 118 -0.47 40.67 15.01
CA THR J 118 -0.39 41.42 13.76
C THR J 118 -0.64 42.90 14.06
N TYR J 119 0.00 43.77 13.29
CA TYR J 119 -0.13 45.21 13.50
C TYR J 119 -1.24 45.92 12.74
N HIS J 120 -2.10 46.65 13.45
CA HIS J 120 -3.17 47.40 12.80
C HIS J 120 -2.96 48.91 12.92
N CYS J 121 -2.80 49.39 14.15
CA CYS J 121 -2.57 50.82 14.40
C CYS J 121 -2.05 51.02 15.82
N THR J 122 -1.72 52.26 16.16
CA THR J 122 -1.17 52.58 17.49
C THR J 122 -1.94 53.71 18.17
N ILE J 123 -2.14 53.60 19.48
CA ILE J 123 -2.82 54.64 20.23
C ILE J 123 -1.78 55.46 21.00
N SER J 124 -2.14 56.66 21.42
CA SER J 124 -1.20 57.55 22.12
C SER J 124 -1.68 58.03 23.49
N PRO J 125 -1.89 57.12 24.45
CA PRO J 125 -2.35 57.50 25.78
C PRO J 125 -1.22 57.98 26.69
N ILE J 126 -1.54 58.91 27.59
CA ILE J 126 -0.58 59.44 28.55
C ILE J 126 -0.59 58.50 29.76
N VAL J 127 0.57 58.07 30.23
CA VAL J 127 0.63 57.19 31.40
C VAL J 127 1.27 57.90 32.58
N GLY J 128 1.69 59.15 32.39
CA GLY J 128 2.29 59.89 33.46
C GLY J 128 3.14 61.05 33.01
N LYS J 129 3.62 61.84 33.97
CA LYS J 129 4.48 62.97 33.66
C LYS J 129 5.90 62.44 33.52
N ALA J 130 6.66 63.04 32.62
CA ALA J 130 8.03 62.60 32.39
C ALA J 130 9.02 63.66 32.87
N SER J 131 10.17 63.71 32.21
CA SER J 131 11.23 64.66 32.55
C SER J 131 11.31 65.79 31.51
N ASP K 1 -3.91 28.33 39.75
CA ASP K 1 -3.76 27.05 40.49
C ASP K 1 -2.83 27.20 41.70
N LYS K 2 -1.62 27.70 41.45
CA LYS K 2 -0.65 27.90 42.52
C LYS K 2 -0.83 29.26 43.19
N ALA K 3 -1.64 30.12 42.59
CA ALA K 3 -1.87 31.45 43.14
C ALA K 3 -3.24 32.03 42.78
N THR K 4 -3.73 32.92 43.63
CA THR K 4 -5.02 33.57 43.40
C THR K 4 -4.79 35.07 43.24
N ILE K 5 -5.67 35.73 42.50
CA ILE K 5 -5.54 37.17 42.26
C ILE K 5 -6.56 37.97 43.05
N PRO K 6 -6.12 38.64 44.13
CA PRO K 6 -6.99 39.47 44.97
C PRO K 6 -7.67 40.59 44.20
N SER K 7 -6.98 41.12 43.19
CA SER K 7 -7.51 42.20 42.37
C SER K 7 -6.93 42.09 40.95
N GLU K 8 -7.83 41.84 40.00
CA GLU K 8 -7.52 41.70 38.57
C GLU K 8 -6.91 42.97 38.00
N SER K 9 -7.28 44.10 38.56
CA SER K 9 -6.79 45.41 38.11
C SER K 9 -5.88 46.05 39.16
N PRO K 10 -4.93 46.88 38.71
CA PRO K 10 -4.01 47.53 39.65
C PRO K 10 -4.79 48.48 40.55
N PHE K 11 -4.29 48.72 41.75
CA PHE K 11 -4.95 49.64 42.66
C PHE K 11 -3.94 50.62 43.25
N ALA K 12 -4.45 51.68 43.85
CA ALA K 12 -3.60 52.70 44.44
C ALA K 12 -2.66 52.11 45.48
N ALA K 13 -1.41 52.57 45.46
CA ALA K 13 -0.41 52.10 46.41
C ALA K 13 -0.78 52.49 47.82
N ALA K 14 -1.47 53.62 47.98
CA ALA K 14 -1.87 54.11 49.29
C ALA K 14 -2.76 53.12 50.03
N GLU K 15 -3.40 52.21 49.30
CA GLU K 15 -4.28 51.22 49.89
C GLU K 15 -3.58 49.95 50.34
N VAL K 16 -2.28 49.86 50.12
CA VAL K 16 -1.53 48.67 50.53
C VAL K 16 -1.39 48.68 52.05
N ALA K 17 -1.87 47.62 52.69
CA ALA K 17 -1.80 47.50 54.14
C ALA K 17 -0.36 47.56 54.63
N ASP K 18 -0.14 48.32 55.71
CA ASP K 18 1.20 48.43 56.28
C ASP K 18 1.59 47.07 56.83
N GLY K 19 2.87 46.73 56.72
CA GLY K 19 3.31 45.44 57.20
C GLY K 19 3.09 44.33 56.19
N ALA K 20 2.54 44.70 55.03
CA ALA K 20 2.28 43.73 53.97
C ALA K 20 3.60 43.46 53.25
N ILE K 21 3.71 42.29 52.62
CA ILE K 21 4.92 41.93 51.90
C ILE K 21 4.93 42.67 50.57
N VAL K 22 5.90 43.56 50.38
CA VAL K 22 5.98 44.35 49.17
C VAL K 22 7.29 44.24 48.41
N VAL K 23 7.17 44.23 47.08
CA VAL K 23 8.33 44.21 46.20
C VAL K 23 8.22 45.52 45.42
N ASP K 24 9.15 46.45 45.65
CA ASP K 24 9.11 47.71 44.93
C ASP K 24 9.77 47.58 43.56
N ILE K 25 9.22 48.28 42.57
CA ILE K 25 9.77 48.27 41.23
C ILE K 25 10.29 49.69 40.99
N ALA K 26 11.58 49.81 40.74
CA ALA K 26 12.19 51.12 40.50
C ALA K 26 13.49 50.97 39.72
N LYS K 27 13.87 52.02 39.01
CA LYS K 27 15.12 52.00 38.23
C LYS K 27 15.22 50.74 37.36
N MET K 28 14.15 50.41 36.67
CA MET K 28 14.12 49.26 35.79
C MET K 28 14.49 47.94 36.47
N LYS K 29 14.04 47.74 37.70
CA LYS K 29 14.35 46.49 38.39
C LYS K 29 13.39 46.19 39.53
N TYR K 30 13.26 44.91 39.86
CA TYR K 30 12.46 44.46 40.99
C TYR K 30 13.49 44.56 42.11
N GLU K 31 13.32 45.53 43.01
CA GLU K 31 14.26 45.76 44.11
C GLU K 31 14.60 44.57 45.01
N THR K 32 13.69 43.61 45.11
CA THR K 32 13.93 42.40 45.90
C THR K 32 13.78 41.25 44.92
N PRO K 33 14.90 40.80 44.33
CA PRO K 33 15.04 39.73 43.34
C PRO K 33 14.66 38.32 43.77
N GLU K 34 14.85 38.00 45.04
CA GLU K 34 14.54 36.65 45.53
C GLU K 34 13.78 36.73 46.86
N LEU K 35 12.49 37.04 46.76
CA LEU K 35 11.63 37.17 47.92
C LEU K 35 11.24 35.80 48.48
N HIS K 36 11.39 35.60 49.79
CA HIS K 36 11.00 34.34 50.41
C HIS K 36 9.76 34.58 51.25
N VAL K 37 8.69 33.84 50.97
CA VAL K 37 7.45 33.96 51.72
C VAL K 37 6.94 32.58 52.10
N LYS K 38 5.86 32.54 52.87
CA LYS K 38 5.27 31.29 53.31
C LYS K 38 3.97 31.01 52.56
N VAL K 39 3.59 29.74 52.49
CA VAL K 39 2.36 29.36 51.82
C VAL K 39 1.19 30.20 52.35
N GLY K 40 0.35 30.68 51.45
CA GLY K 40 -0.78 31.48 51.85
C GLY K 40 -0.49 32.96 51.93
N ASP K 41 0.78 33.34 51.85
CA ASP K 41 1.15 34.76 51.91
C ASP K 41 0.75 35.52 50.65
N THR K 42 0.50 36.81 50.81
CA THR K 42 0.13 37.66 49.68
C THR K 42 1.30 38.60 49.38
N VAL K 43 1.79 38.53 48.14
CA VAL K 43 2.89 39.37 47.70
C VAL K 43 2.31 40.53 46.89
N THR K 44 2.80 41.74 47.15
CA THR K 44 2.31 42.91 46.44
C THR K 44 3.44 43.68 45.78
N TRP K 45 3.31 43.89 44.48
CA TRP K 45 4.29 44.65 43.71
C TRP K 45 3.77 46.07 43.59
N ILE K 46 4.66 47.03 43.78
CA ILE K 46 4.29 48.42 43.65
C ILE K 46 5.27 49.11 42.72
N ASN K 47 4.76 49.67 41.62
CA ASN K 47 5.61 50.36 40.68
C ASN K 47 5.90 51.76 41.22
N ARG K 48 7.17 52.07 41.43
CA ARG K 48 7.56 53.36 41.97
C ARG K 48 8.00 54.38 40.93
N GLU K 49 8.01 54.00 39.66
CA GLU K 49 8.44 54.95 38.63
C GLU K 49 7.40 55.15 37.53
N ALA K 50 7.58 56.20 36.73
CA ALA K 50 6.66 56.53 35.64
C ALA K 50 6.58 55.44 34.58
N MET K 51 7.73 54.83 34.28
CA MET K 51 7.80 53.75 33.30
C MET K 51 6.87 52.60 33.72
N PRO K 52 5.88 52.27 32.89
CA PRO K 52 4.97 51.18 33.25
C PRO K 52 5.67 49.82 33.32
N HIS K 53 5.24 49.00 34.28
CA HIS K 53 5.80 47.65 34.50
C HIS K 53 4.69 46.72 34.96
N ASN K 54 4.92 45.41 34.83
CA ASN K 54 3.97 44.41 35.28
C ASN K 54 4.77 43.19 35.73
N VAL K 55 4.09 42.11 36.08
CA VAL K 55 4.75 40.86 36.46
C VAL K 55 4.17 39.83 35.49
N HIS K 56 5.02 38.96 34.97
CA HIS K 56 4.61 37.98 33.99
C HIS K 56 5.21 36.60 34.30
N PHE K 57 4.35 35.61 34.50
CA PHE K 57 4.78 34.24 34.78
C PHE K 57 4.43 33.39 33.56
N VAL K 58 5.42 32.73 32.96
CA VAL K 58 5.16 31.93 31.77
C VAL K 58 4.25 30.73 32.05
N ALA K 59 3.68 30.18 30.98
CA ALA K 59 2.77 29.04 31.11
C ALA K 59 3.44 27.88 31.86
N GLY K 60 2.67 27.26 32.76
CA GLY K 60 3.18 26.14 33.52
C GLY K 60 3.78 26.48 34.87
N VAL K 61 4.08 27.75 35.11
CA VAL K 61 4.69 28.15 36.37
C VAL K 61 3.68 28.24 37.53
N LEU K 62 2.61 29.01 37.33
CA LEU K 62 1.59 29.15 38.36
C LEU K 62 0.34 28.36 37.95
N GLY K 63 0.38 27.80 36.74
CA GLY K 63 -0.72 27.02 36.21
C GLY K 63 -0.37 26.72 34.77
N GLU K 64 -1.21 25.94 34.08
CA GLU K 64 -0.88 25.63 32.69
C GLU K 64 -0.95 26.88 31.83
N ALA K 65 -1.75 27.84 32.27
CA ALA K 65 -1.89 29.11 31.55
C ALA K 65 -0.88 30.11 32.10
N ALA K 66 -0.26 30.87 31.21
CA ALA K 66 0.71 31.88 31.63
C ALA K 66 -0.06 33.02 32.31
N LEU K 67 0.55 33.64 33.30
CA LEU K 67 -0.10 34.75 33.98
C LEU K 67 0.60 36.04 33.60
N LYS K 68 -0.10 36.86 32.80
CA LYS K 68 0.44 38.14 32.37
C LYS K 68 -0.30 39.23 33.14
N GLY K 69 0.36 39.79 34.14
CA GLY K 69 -0.26 40.82 34.95
C GLY K 69 -0.52 42.12 34.21
N PRO K 70 -1.45 42.94 34.72
CA PRO K 70 -1.79 44.22 34.09
C PRO K 70 -0.64 45.20 34.32
N MET K 71 -0.45 46.14 33.41
CA MET K 71 0.61 47.13 33.54
C MET K 71 0.31 48.12 34.66
N MET K 72 1.30 48.35 35.51
CA MET K 72 1.14 49.28 36.62
C MET K 72 1.76 50.63 36.29
N LYS K 73 1.01 51.69 36.52
CA LYS K 73 1.53 53.04 36.32
C LYS K 73 2.16 53.42 37.67
N LYS K 74 2.87 54.55 37.70
CA LYS K 74 3.52 54.99 38.92
C LYS K 74 2.57 55.00 40.12
N GLU K 75 3.04 54.47 41.24
CA GLU K 75 2.26 54.40 42.47
C GLU K 75 1.03 53.51 42.42
N GLN K 76 1.06 52.49 41.56
CA GLN K 76 -0.04 51.53 41.47
C GLN K 76 0.53 50.20 41.95
N ALA K 77 -0.34 49.35 42.49
CA ALA K 77 0.09 48.06 43.02
C ALA K 77 -0.71 46.90 42.43
N TYR K 78 -0.15 45.70 42.57
CA TYR K 78 -0.79 44.48 42.08
C TYR K 78 -0.38 43.36 43.04
N SER K 79 -1.34 42.51 43.42
CA SER K 79 -1.08 41.43 44.38
C SER K 79 -1.36 40.03 43.89
N LEU K 80 -0.64 39.07 44.46
CA LEU K 80 -0.81 37.65 44.14
C LEU K 80 -0.69 36.90 45.45
N THR K 81 -1.58 35.95 45.68
CA THR K 81 -1.53 35.12 46.89
C THR K 81 -1.09 33.74 46.48
N PHE K 82 0.06 33.30 46.98
CA PHE K 82 0.58 31.98 46.65
C PHE K 82 0.02 30.95 47.61
N THR K 83 -0.50 29.86 47.04
CA THR K 83 -1.12 28.81 47.83
C THR K 83 -0.38 27.47 47.81
N GLU K 84 0.80 27.45 47.19
CA GLU K 84 1.58 26.23 47.11
C GLU K 84 3.07 26.51 47.16
N ALA K 85 3.81 25.69 47.89
CA ALA K 85 5.25 25.88 48.00
C ALA K 85 5.89 25.67 46.64
N GLY K 86 7.07 26.27 46.46
CA GLY K 86 7.79 26.14 45.20
C GLY K 86 8.48 27.44 44.83
N THR K 87 9.22 27.42 43.72
CA THR K 87 9.92 28.60 43.24
C THR K 87 9.25 29.08 41.96
N TYR K 88 8.86 30.35 41.95
CA TYR K 88 8.17 30.92 40.80
C TYR K 88 8.90 32.11 40.23
N ASP K 89 9.45 31.94 39.02
CA ASP K 89 10.16 33.01 38.34
C ASP K 89 9.22 33.88 37.54
N TYR K 90 9.58 35.15 37.37
CA TYR K 90 8.76 36.07 36.61
C TYR K 90 9.61 37.16 35.97
N HIS K 91 9.02 37.91 35.05
CA HIS K 91 9.71 39.00 34.38
C HIS K 91 8.69 40.05 33.98
N CYS K 92 9.18 41.14 33.39
CA CYS K 92 8.31 42.22 32.93
C CYS K 92 8.10 42.01 31.43
N THR K 93 6.85 41.87 31.01
CA THR K 93 6.55 41.60 29.60
C THR K 93 7.38 42.37 28.56
N PRO K 94 7.32 43.72 28.57
CA PRO K 94 8.10 44.48 27.59
C PRO K 94 9.58 44.64 27.92
N HIS K 95 9.96 44.30 29.15
CA HIS K 95 11.34 44.42 29.60
C HIS K 95 11.81 43.07 30.11
N PRO K 96 12.01 42.11 29.19
CA PRO K 96 12.45 40.74 29.51
C PRO K 96 13.72 40.65 30.34
N PHE K 97 14.51 41.72 30.34
CA PHE K 97 15.74 41.76 31.11
C PHE K 97 15.47 41.98 32.59
N MET K 98 14.24 42.34 32.92
CA MET K 98 13.83 42.56 34.32
C MET K 98 13.28 41.24 34.83
N ARG K 99 14.02 40.60 35.72
CA ARG K 99 13.60 39.31 36.27
C ARG K 99 13.65 39.26 37.78
N GLY K 100 12.89 38.32 38.34
CA GLY K 100 12.84 38.14 39.78
C GLY K 100 12.16 36.82 40.06
N LYS K 101 12.13 36.42 41.33
CA LYS K 101 11.47 35.17 41.68
C LYS K 101 10.88 35.23 43.07
N VAL K 102 9.91 34.35 43.32
CA VAL K 102 9.30 34.27 44.63
C VAL K 102 9.48 32.84 45.12
N VAL K 103 10.08 32.67 46.29
CA VAL K 103 10.30 31.35 46.86
C VAL K 103 9.26 31.15 47.95
N VAL K 104 8.33 30.22 47.72
CA VAL K 104 7.28 29.95 48.67
C VAL K 104 7.64 28.70 49.47
N GLU K 105 7.68 28.84 50.78
CA GLU K 105 8.05 27.74 51.66
C GLU K 105 7.00 27.42 52.71
N ALA L 1 21.46 69.27 66.38
CA ALA L 1 21.88 67.85 66.41
C ALA L 1 20.79 66.96 65.84
N PRO L 2 21.19 65.92 65.08
CA PRO L 2 20.22 65.00 64.47
C PRO L 2 19.36 64.29 65.50
N GLN L 3 18.20 63.81 65.05
CA GLN L 3 17.27 63.09 65.92
C GLN L 3 17.25 61.63 65.49
N PHE L 4 17.33 60.73 66.47
CA PHE L 4 17.35 59.30 66.15
C PHE L 4 16.10 58.56 66.60
N PHE L 5 15.28 58.18 65.62
CA PHE L 5 14.05 57.45 65.90
C PHE L 5 14.04 56.09 65.18
N ASN L 6 13.28 55.15 65.71
CA ASN L 6 13.16 53.84 65.08
C ASN L 6 12.35 54.11 63.81
N ILE L 7 12.87 53.69 62.67
CA ILE L 7 12.19 53.94 61.40
C ILE L 7 10.83 53.30 61.20
N ILE L 8 10.46 52.32 62.02
CA ILE L 8 9.15 51.70 61.83
C ILE L 8 8.12 52.06 62.90
N ASP L 9 8.51 52.07 64.19
CA ASP L 9 7.55 52.40 65.24
C ASP L 9 7.70 53.81 65.82
N GLY L 10 8.66 54.55 65.30
CA GLY L 10 8.88 55.92 65.72
C GLY L 10 9.39 56.20 67.12
N SER L 11 9.70 55.17 67.90
CA SER L 11 10.21 55.41 69.24
C SER L 11 11.67 55.85 69.20
N PRO L 12 12.13 56.60 70.21
CA PRO L 12 13.52 57.05 70.22
C PRO L 12 14.51 55.90 70.36
N LEU L 13 15.63 55.98 69.65
CA LEU L 13 16.63 54.94 69.73
C LEU L 13 17.35 55.06 71.06
N ASN L 14 17.52 53.93 71.74
CA ASN L 14 18.20 53.93 73.03
C ASN L 14 19.66 53.54 72.88
N PHE L 15 20.54 54.53 72.98
CA PHE L 15 21.96 54.27 72.85
C PHE L 15 22.56 53.54 74.05
N ASP L 16 21.74 53.29 75.06
CA ASP L 16 22.20 52.57 76.24
C ASP L 16 22.40 51.09 75.90
N ASP L 17 21.79 50.64 74.81
CA ASP L 17 21.91 49.24 74.40
C ASP L 17 23.20 49.02 73.60
N ALA L 18 23.82 50.10 73.17
CA ALA L 18 25.05 50.04 72.37
C ALA L 18 26.22 49.45 73.13
N MET L 19 27.15 48.84 72.41
CA MET L 19 28.33 48.25 73.02
C MET L 19 29.16 49.37 73.66
N GLU L 20 29.95 49.00 74.65
CA GLU L 20 30.81 49.96 75.36
C GLU L 20 31.97 50.41 74.48
N GLU L 21 32.53 49.47 73.73
CA GLU L 21 33.65 49.76 72.85
C GLU L 21 33.22 50.40 71.53
N GLY L 22 34.11 51.21 70.96
CA GLY L 22 33.84 51.86 69.69
C GLY L 22 32.74 52.90 69.66
N ARG L 23 32.45 53.55 70.78
CA ARG L 23 31.40 54.55 70.79
C ARG L 23 31.99 55.91 71.15
N ASP L 24 33.31 55.97 71.17
CA ASP L 24 34.02 57.19 71.55
C ASP L 24 34.99 57.70 70.49
N THR L 25 34.90 57.17 69.27
CA THR L 25 35.79 57.60 68.20
C THR L 25 35.39 58.98 67.67
N GLU L 26 36.32 59.65 67.00
CA GLU L 26 36.05 60.96 66.45
C GLU L 26 34.91 60.87 65.44
N ALA L 27 34.86 59.77 64.70
CA ALA L 27 33.81 59.57 63.71
C ALA L 27 32.44 59.49 64.40
N VAL L 28 32.34 58.65 65.43
CA VAL L 28 31.07 58.51 66.13
C VAL L 28 30.63 59.85 66.74
N LYS L 29 31.54 60.52 67.43
CA LYS L 29 31.23 61.80 68.05
C LYS L 29 30.76 62.81 67.01
N HIS L 30 31.51 62.93 65.92
CA HIS L 30 31.15 63.86 64.87
C HIS L 30 29.77 63.55 64.30
N PHE L 31 29.50 62.27 64.08
CA PHE L 31 28.22 61.83 63.53
C PHE L 31 27.03 62.15 64.44
N LEU L 32 27.13 61.80 65.71
CA LEU L 32 26.06 62.03 66.66
C LEU L 32 25.77 63.52 66.83
N GLU L 33 26.78 64.33 66.51
CA GLU L 33 26.66 65.77 66.64
C GLU L 33 26.18 66.47 65.37
N THR L 34 26.66 66.03 64.22
CA THR L 34 26.30 66.65 62.96
C THR L 34 25.47 65.80 62.01
N GLY L 35 25.43 64.49 62.26
CA GLY L 35 24.67 63.62 61.39
C GLY L 35 25.43 63.25 60.13
N GLU L 36 26.70 63.61 60.05
CA GLU L 36 27.50 63.27 58.87
C GLU L 36 28.52 62.19 59.22
N ASN L 37 28.70 61.26 58.29
CA ASN L 37 29.64 60.15 58.44
C ASN L 37 30.97 60.45 57.73
N VAL L 38 32.00 60.79 58.50
CA VAL L 38 33.29 61.11 57.93
C VAL L 38 33.97 59.94 57.22
N TYR L 39 33.46 58.73 57.44
CA TYR L 39 34.05 57.56 56.81
C TYR L 39 33.69 57.39 55.33
N ASN L 40 32.69 58.12 54.85
CA ASN L 40 32.30 58.00 53.45
C ASN L 40 33.47 58.23 52.50
N GLU L 41 33.72 57.27 51.62
CA GLU L 41 34.81 57.34 50.64
C GLU L 41 36.19 57.53 51.25
N ASP L 42 36.32 57.19 52.53
CA ASP L 42 37.58 57.32 53.24
C ASP L 42 38.45 56.09 52.91
N PRO L 43 39.45 56.28 52.04
CA PRO L 43 40.37 55.22 51.60
C PRO L 43 40.92 54.36 52.73
N GLU L 44 41.23 55.00 53.84
CA GLU L 44 41.79 54.33 55.01
C GLU L 44 40.91 53.23 55.61
N ILE L 45 39.59 53.37 55.50
CA ILE L 45 38.71 52.38 56.11
C ILE L 45 37.92 51.46 55.18
N LEU L 46 37.91 51.77 53.89
CA LEU L 46 37.14 50.97 52.93
C LEU L 46 37.45 49.48 52.95
N PRO L 47 38.73 49.09 53.02
CA PRO L 47 39.06 47.66 53.02
C PRO L 47 38.35 46.94 54.17
N GLU L 48 38.43 47.53 55.35
CA GLU L 48 37.80 46.97 56.53
C GLU L 48 36.27 46.99 56.39
N ALA L 49 35.74 48.09 55.87
CA ALA L 49 34.30 48.24 55.68
C ALA L 49 33.74 47.15 54.77
N GLU L 50 34.46 46.86 53.70
CA GLU L 50 34.05 45.83 52.75
C GLU L 50 33.86 44.48 53.43
N GLU L 51 34.78 44.13 54.32
CA GLU L 51 34.69 42.86 55.02
C GLU L 51 33.57 42.86 56.04
N LEU L 52 33.28 44.02 56.62
CA LEU L 52 32.20 44.14 57.59
C LEU L 52 30.89 43.81 56.85
N TYR L 53 30.73 44.40 55.67
CA TYR L 53 29.53 44.18 54.86
C TYR L 53 29.43 42.71 54.41
N ALA L 54 30.54 42.16 53.93
CA ALA L 54 30.58 40.78 53.47
C ALA L 54 30.10 39.81 54.55
N GLY L 55 30.62 39.97 55.76
CA GLY L 55 30.24 39.07 56.83
C GLY L 55 28.84 39.24 57.40
N MET L 56 28.40 40.48 57.53
CA MET L 56 27.09 40.76 58.12
C MET L 56 25.92 41.03 57.18
N CYS L 57 26.18 41.48 55.95
CA CYS L 57 25.08 41.83 55.06
C CYS L 57 24.92 41.12 53.71
N SER L 58 26.03 40.69 53.11
CA SER L 58 25.96 40.09 51.79
C SER L 58 25.05 38.88 51.63
N GLY L 59 24.91 38.09 52.69
CA GLY L 59 24.04 36.91 52.62
C GLY L 59 22.62 37.24 52.23
N CYS L 60 22.11 38.37 52.72
CA CYS L 60 20.74 38.77 52.41
C CYS L 60 20.60 39.85 51.35
N HIS L 61 21.57 40.76 51.28
CA HIS L 61 21.48 41.87 50.32
C HIS L 61 22.33 41.70 49.04
N GLY L 62 23.11 40.64 48.99
CA GLY L 62 23.93 40.41 47.81
C GLY L 62 25.38 40.85 47.97
N HIS L 63 26.24 40.18 47.23
CA HIS L 63 27.66 40.45 47.26
C HIS L 63 27.95 41.94 47.03
N TYR L 64 27.21 42.56 46.12
CA TYR L 64 27.41 43.98 45.81
C TYR L 64 26.17 44.81 46.13
N ALA L 65 25.39 44.37 47.10
CA ALA L 65 24.17 45.07 47.50
C ALA L 65 23.20 45.26 46.34
N GLU L 66 23.22 44.33 45.39
CA GLU L 66 22.33 44.42 44.24
C GLU L 66 20.97 43.87 44.66
N GLY L 67 20.91 43.28 45.84
CA GLY L 67 19.67 42.72 46.35
C GLY L 67 19.61 41.20 46.23
N LYS L 68 18.81 40.56 47.08
CA LYS L 68 18.65 39.12 47.06
C LYS L 68 17.44 38.79 47.91
N ILE L 69 17.68 38.35 49.15
CA ILE L 69 16.60 38.03 50.09
C ILE L 69 15.99 39.35 50.52
N GLY L 70 16.86 40.33 50.73
CA GLY L 70 16.42 41.66 51.12
C GLY L 70 16.57 42.54 49.89
N PRO L 71 16.05 43.78 49.91
CA PRO L 71 16.16 44.68 48.76
C PRO L 71 17.56 45.20 48.44
N GLY L 72 17.74 45.61 47.18
CA GLY L 72 19.01 46.16 46.77
C GLY L 72 19.26 47.46 47.50
N LEU L 73 20.53 47.79 47.71
CA LEU L 73 20.89 49.01 48.41
C LEU L 73 21.85 49.86 47.57
N ASN L 74 21.98 49.54 46.28
CA ASN L 74 22.93 50.26 45.43
C ASN L 74 22.40 51.25 44.42
N ASP L 75 21.14 51.67 44.55
CA ASP L 75 20.60 52.65 43.62
C ASP L 75 19.89 53.79 44.35
N ALA L 76 19.28 54.70 43.60
CA ALA L 76 18.62 55.86 44.18
C ALA L 76 17.30 55.63 44.90
N TYR L 77 16.71 54.45 44.78
CA TYR L 77 15.42 54.19 45.43
C TYR L 77 15.52 53.50 46.79
N TRP L 78 14.76 54.01 47.77
CA TRP L 78 14.75 53.46 49.12
C TRP L 78 13.33 53.19 49.58
N THR L 79 13.12 52.05 50.22
CA THR L 79 11.81 51.66 50.74
C THR L 79 11.45 52.61 51.87
N TYR L 80 12.46 53.04 52.62
CA TYR L 80 12.31 53.99 53.71
C TYR L 80 13.11 55.20 53.25
N PRO L 81 12.43 56.20 52.67
CA PRO L 81 13.01 57.44 52.14
C PRO L 81 14.15 58.09 52.93
N GLY L 82 14.09 58.03 54.25
CA GLY L 82 15.15 58.62 55.04
C GLY L 82 16.51 57.97 54.86
N ASN L 83 16.55 56.81 54.22
CA ASN L 83 17.82 56.13 54.03
C ASN L 83 18.74 56.80 53.02
N GLU L 84 18.27 57.90 52.43
CA GLU L 84 19.10 58.64 51.48
C GLU L 84 20.07 59.49 52.32
N THR L 85 19.75 59.65 53.61
CA THR L 85 20.61 60.42 54.50
C THR L 85 21.34 59.44 55.40
N ASP L 86 22.52 59.81 55.90
CA ASP L 86 23.23 58.90 56.78
C ASP L 86 22.57 58.78 58.15
N VAL L 87 21.78 59.77 58.55
CA VAL L 87 21.09 59.67 59.84
C VAL L 87 20.04 58.56 59.69
N GLY L 88 19.37 58.54 58.55
CA GLY L 88 18.35 57.54 58.31
C GLY L 88 18.92 56.14 58.18
N LEU L 89 19.99 56.00 57.40
CA LEU L 89 20.61 54.71 57.19
C LEU L 89 21.06 54.13 58.53
N PHE L 90 21.70 54.97 59.35
CA PHE L 90 22.16 54.57 60.68
C PHE L 90 20.99 54.09 61.54
N SER L 91 19.90 54.85 61.50
CA SER L 91 18.71 54.53 62.29
C SER L 91 18.15 53.17 61.89
N THR L 92 18.21 52.87 60.59
CA THR L 92 17.73 51.60 60.09
C THR L 92 18.59 50.45 60.63
N LEU L 93 19.90 50.64 60.60
CA LEU L 93 20.81 49.61 61.08
C LEU L 93 20.73 49.41 62.58
N TYR L 94 20.67 50.52 63.31
CA TYR L 94 20.61 50.45 64.77
C TYR L 94 19.31 49.84 65.28
N GLY L 95 18.18 50.39 64.86
CA GLY L 95 16.89 49.89 65.33
C GLY L 95 16.26 48.77 64.52
N GLY L 96 16.79 48.51 63.33
CA GLY L 96 16.23 47.47 62.49
C GLY L 96 15.00 47.93 61.72
N ALA L 97 14.51 47.07 60.84
CA ALA L 97 13.33 47.36 60.03
C ALA L 97 12.31 46.29 60.38
N THR L 98 11.77 45.59 59.38
CA THR L 98 10.81 44.52 59.65
C THR L 98 11.38 43.17 59.22
N GLY L 99 10.66 42.11 59.54
CA GLY L 99 11.09 40.78 59.17
C GLY L 99 12.46 40.42 59.72
N GLN L 100 13.31 39.91 58.84
CA GLN L 100 14.66 39.48 59.22
C GLN L 100 15.67 40.61 59.36
N MET L 101 15.28 41.83 59.02
CA MET L 101 16.19 42.96 59.15
C MET L 101 16.03 43.49 60.58
N GLY L 102 16.79 42.92 61.50
CA GLY L 102 16.70 43.33 62.88
C GLY L 102 17.73 44.35 63.30
N PRO L 103 17.74 44.74 64.58
CA PRO L 103 18.69 45.72 65.12
C PRO L 103 20.10 45.15 65.04
N MET L 104 21.09 46.02 64.82
CA MET L 104 22.47 45.60 64.72
C MET L 104 23.31 45.98 65.94
N TRP L 105 22.73 46.66 66.92
CA TRP L 105 23.50 47.07 68.09
C TRP L 105 24.12 45.94 68.89
N GLY L 106 23.55 44.74 68.79
CA GLY L 106 24.09 43.62 69.53
C GLY L 106 25.30 42.97 68.87
N SER L 107 25.59 43.35 67.62
CA SER L 107 26.71 42.75 66.90
C SER L 107 27.79 43.73 66.43
N LEU L 108 27.40 44.97 66.16
CA LEU L 108 28.36 45.97 65.70
C LEU L 108 28.47 47.15 66.65
N THR L 109 29.68 47.68 66.78
CA THR L 109 29.88 48.85 67.63
C THR L 109 29.39 50.04 66.81
N LEU L 110 29.16 51.17 67.46
CA LEU L 110 28.70 52.37 66.76
C LEU L 110 29.67 52.71 65.63
N ASP L 111 30.98 52.62 65.90
CA ASP L 111 31.97 52.93 64.90
C ASP L 111 31.93 51.95 63.72
N GLU L 112 31.73 50.67 64.01
CA GLU L 112 31.65 49.65 62.95
C GLU L 112 30.43 49.88 62.08
N MET L 113 29.34 50.36 62.68
CA MET L 113 28.14 50.64 61.92
C MET L 113 28.42 51.72 60.88
N LEU L 114 29.14 52.76 61.30
CA LEU L 114 29.48 53.85 60.39
C LEU L 114 30.40 53.36 59.27
N ARG L 115 31.32 52.45 59.58
CA ARG L 115 32.22 51.91 58.56
C ARG L 115 31.43 51.05 57.57
N THR L 116 30.51 50.24 58.08
CA THR L 116 29.70 49.40 57.21
C THR L 116 28.88 50.30 56.29
N MET L 117 28.35 51.38 56.85
CA MET L 117 27.57 52.34 56.09
C MET L 117 28.37 52.95 54.94
N ALA L 118 29.64 53.24 55.22
CA ALA L 118 30.51 53.81 54.21
C ALA L 118 30.60 52.87 53.01
N TRP L 119 30.69 51.57 53.27
CA TRP L 119 30.78 50.60 52.19
C TRP L 119 29.49 50.55 51.37
N VAL L 120 28.34 50.63 52.04
CA VAL L 120 27.06 50.63 51.34
C VAL L 120 27.02 51.83 50.39
N ARG L 121 27.48 52.99 50.86
CA ARG L 121 27.50 54.19 50.03
C ARG L 121 28.47 54.02 48.86
N HIS L 122 29.58 53.32 49.11
CA HIS L 122 30.59 53.09 48.07
C HIS L 122 30.06 52.21 46.93
N LEU L 123 29.07 51.36 47.24
CA LEU L 123 28.49 50.46 46.25
C LEU L 123 27.45 51.14 45.37
N TYR L 124 27.14 52.39 45.67
CA TYR L 124 26.15 53.13 44.89
C TYR L 124 26.54 53.09 43.40
N THR L 125 25.55 52.85 42.55
CA THR L 125 25.79 52.76 41.11
C THR L 125 25.16 53.91 40.34
N GLY L 126 24.49 54.81 41.05
CA GLY L 126 23.84 55.92 40.40
C GLY L 126 24.75 57.06 40.00
N ASP L 127 24.13 58.19 39.66
CA ASP L 127 24.85 59.38 39.24
C ASP L 127 25.43 60.09 40.45
N PRO L 128 26.75 60.37 40.41
CA PRO L 128 27.44 61.05 41.53
C PRO L 128 26.70 62.31 41.95
N LYS L 129 25.98 62.91 41.02
CA LYS L 129 25.22 64.12 41.28
C LYS L 129 24.05 63.83 42.20
N ASP L 130 23.68 62.55 42.30
CA ASP L 130 22.57 62.14 43.16
C ASP L 130 23.01 61.73 44.55
N ALA L 131 24.31 61.50 44.72
CA ALA L 131 24.86 61.11 46.02
C ALA L 131 24.83 62.27 47.00
N SER L 132 23.63 62.61 47.47
CA SER L 132 23.46 63.72 48.41
C SER L 132 24.22 63.56 49.72
N TRP L 133 24.54 62.32 50.09
CA TRP L 133 25.27 62.05 51.33
C TRP L 133 26.76 62.36 51.22
N LEU L 134 27.20 62.74 50.02
CA LEU L 134 28.60 63.05 49.76
C LEU L 134 28.85 64.55 49.67
N THR L 135 30.02 64.99 50.15
CA THR L 135 30.38 66.40 50.09
C THR L 135 30.85 66.67 48.66
N ASP L 136 30.97 67.94 48.27
CA ASP L 136 31.40 68.26 46.92
C ASP L 136 32.75 67.62 46.58
N GLU L 137 33.69 67.68 47.52
CA GLU L 137 35.00 67.08 47.28
C GLU L 137 34.89 65.57 47.09
N GLN L 138 34.06 64.91 47.89
CA GLN L 138 33.88 63.46 47.77
C GLN L 138 33.20 63.11 46.44
N LYS L 139 32.21 63.90 46.05
CA LYS L 139 31.51 63.65 44.79
C LYS L 139 32.51 63.73 43.63
N ALA L 140 33.44 64.68 43.73
CA ALA L 140 34.46 64.89 42.69
C ALA L 140 35.32 63.65 42.47
N GLY L 141 35.56 62.89 43.52
CA GLY L 141 36.38 61.69 43.38
C GLY L 141 35.58 60.40 43.39
N PHE L 142 34.26 60.51 43.31
CA PHE L 142 33.42 59.33 43.31
C PHE L 142 33.12 58.82 41.91
N THR L 143 33.16 57.50 41.77
CA THR L 143 32.87 56.86 40.50
C THR L 143 31.89 55.73 40.77
N PRO L 144 30.77 55.67 40.01
CA PRO L 144 29.75 54.63 40.18
C PRO L 144 30.40 53.26 40.30
N PHE L 145 29.98 52.49 41.30
CA PHE L 145 30.56 51.18 41.52
C PHE L 145 30.23 50.18 40.42
N GLN L 146 31.16 49.27 40.18
CA GLN L 146 30.98 48.23 39.18
C GLN L 146 32.06 47.17 39.38
N PRO L 147 31.66 45.89 39.42
CA PRO L 147 32.61 44.79 39.60
C PRO L 147 33.46 44.52 38.36
N GLU M 5 -1.82 60.44 4.93
CA GLU M 5 -0.76 61.47 4.71
C GLU M 5 -1.36 62.84 4.37
N ALA M 6 -2.42 62.86 3.58
CA ALA M 6 -3.10 64.10 3.22
C ALA M 6 -4.46 64.05 3.91
N GLU M 7 -4.93 65.18 4.42
CA GLU M 7 -6.21 65.22 5.11
C GLU M 7 -7.33 65.91 4.36
N THR M 8 -8.49 65.26 4.30
CA THR M 8 -9.65 65.86 3.64
C THR M 8 -10.26 66.77 4.70
N GLN M 9 -11.12 67.70 4.28
CA GLN M 9 -11.75 68.63 5.23
C GLN M 9 -12.44 67.92 6.39
N ALA M 10 -13.35 67.01 6.07
CA ALA M 10 -14.08 66.28 7.11
C ALA M 10 -13.09 65.66 8.10
N GLN M 11 -12.06 65.04 7.54
CA GLN M 11 -11.01 64.40 8.32
C GLN M 11 -10.33 65.39 9.27
N GLU M 12 -10.03 66.58 8.76
CA GLU M 12 -9.39 67.62 9.55
C GLU M 12 -10.31 68.11 10.67
N THR M 13 -11.61 68.15 10.41
CA THR M 13 -12.57 68.60 11.42
C THR M 13 -12.62 67.59 12.56
N GLN M 14 -12.62 66.30 12.22
CA GLN M 14 -12.65 65.25 13.22
C GLN M 14 -11.36 65.29 14.05
N GLY M 15 -10.23 65.41 13.35
CA GLY M 15 -8.95 65.47 14.03
C GLY M 15 -8.84 66.65 14.99
N GLN M 16 -9.33 67.80 14.56
CA GLN M 16 -9.30 68.99 15.40
C GLN M 16 -10.22 68.84 16.61
N ALA M 17 -11.41 68.28 16.40
CA ALA M 17 -12.35 68.08 17.50
C ALA M 17 -11.75 67.14 18.54
N ALA M 18 -11.09 66.08 18.06
CA ALA M 18 -10.47 65.11 18.95
C ALA M 18 -9.33 65.76 19.74
N ALA M 19 -8.54 66.61 19.08
CA ALA M 19 -7.44 67.29 19.73
C ALA M 19 -7.97 68.21 20.84
N ARG M 20 -9.05 68.93 20.54
CA ARG M 20 -9.65 69.83 21.52
C ARG M 20 -10.14 69.07 22.74
N ALA M 21 -10.77 67.92 22.52
CA ALA M 21 -11.27 67.09 23.61
C ALA M 21 -10.12 66.59 24.47
N ALA M 22 -9.10 66.00 23.82
CA ALA M 22 -7.94 65.48 24.54
C ALA M 22 -7.29 66.56 25.42
N ALA M 23 -7.10 67.75 24.84
CA ALA M 23 -6.50 68.87 25.55
C ALA M 23 -7.35 69.30 26.75
N ALA M 24 -8.65 69.46 26.52
CA ALA M 24 -9.56 69.87 27.59
C ALA M 24 -9.60 68.80 28.69
N ASP M 25 -9.62 67.53 28.28
CA ASP M 25 -9.65 66.43 29.24
C ASP M 25 -8.41 66.45 30.11
N LEU M 26 -7.25 66.67 29.50
CA LEU M 26 -5.98 66.72 30.22
C LEU M 26 -6.02 67.86 31.25
N ALA M 27 -6.45 69.03 30.78
CA ALA M 27 -6.52 70.22 31.64
C ALA M 27 -7.52 70.06 32.77
N ALA M 28 -8.54 69.23 32.57
CA ALA M 28 -9.55 69.01 33.60
C ALA M 28 -9.16 67.88 34.55
N GLY M 29 -7.97 67.30 34.35
CA GLY M 29 -7.52 66.23 35.22
C GLY M 29 -8.03 64.83 34.95
N GLN M 30 -8.61 64.60 33.78
CA GLN M 30 -9.11 63.27 33.41
C GLN M 30 -7.96 62.49 32.80
N ASP M 31 -7.73 61.26 33.24
CA ASP M 31 -6.65 60.47 32.66
C ASP M 31 -7.12 59.45 31.63
N ASP M 32 -6.17 58.97 30.83
CA ASP M 32 -6.44 58.02 29.76
C ASP M 32 -6.53 56.56 30.19
N GLU M 33 -7.64 55.90 29.86
CA GLU M 33 -7.82 54.50 30.18
C GLU M 33 -8.28 53.78 28.92
N PRO M 34 -7.32 53.33 28.10
CA PRO M 34 -7.53 52.62 26.83
C PRO M 34 -8.47 51.42 26.89
N ARG M 35 -9.32 51.30 25.87
CA ARG M 35 -10.24 50.18 25.76
C ARG M 35 -10.52 49.95 24.27
N ILE M 36 -11.29 48.92 23.97
CA ILE M 36 -11.65 48.60 22.60
C ILE M 36 -13.04 49.16 22.36
N LEU M 37 -13.17 50.02 21.36
CA LEU M 37 -14.47 50.64 21.05
C LEU M 37 -15.45 49.74 20.33
N GLU M 38 -16.71 50.15 20.35
CA GLU M 38 -17.77 49.45 19.64
C GLU M 38 -18.20 50.47 18.60
N ALA M 39 -18.54 50.03 17.40
CA ALA M 39 -18.97 50.97 16.36
C ALA M 39 -20.38 51.43 16.70
N PRO M 40 -20.78 52.61 16.19
CA PRO M 40 -22.13 53.10 16.46
C PRO M 40 -23.13 52.17 15.78
N ALA M 41 -24.36 52.15 16.28
CA ALA M 41 -25.40 51.30 15.71
C ALA M 41 -25.55 51.53 14.22
N PRO M 42 -25.83 50.46 13.46
CA PRO M 42 -26.00 50.58 12.01
C PRO M 42 -27.19 51.50 11.70
N ASP M 43 -27.03 52.38 10.73
CA ASP M 43 -28.12 53.26 10.33
C ASP M 43 -28.13 53.40 8.81
N ALA M 44 -29.05 54.18 8.29
CA ALA M 44 -29.18 54.37 6.85
C ALA M 44 -27.96 55.00 6.20
N ARG M 45 -27.16 55.73 6.98
CA ARG M 45 -25.99 56.40 6.41
C ARG M 45 -24.69 55.62 6.52
N ARG M 46 -24.75 54.40 7.05
CA ARG M 46 -23.53 53.61 7.12
C ARG M 46 -23.29 53.13 5.69
N VAL M 47 -22.04 53.13 5.25
CA VAL M 47 -21.73 52.68 3.90
C VAL M 47 -20.48 51.82 3.97
N TYR M 48 -20.47 50.72 3.23
CA TYR M 48 -19.34 49.81 3.21
C TYR M 48 -18.59 49.93 1.90
N VAL M 49 -17.26 49.96 1.98
CA VAL M 49 -16.42 50.04 0.78
C VAL M 49 -15.44 48.88 0.77
N ASN M 50 -15.50 48.08 -0.29
CA ASN M 50 -14.60 46.94 -0.40
C ASN M 50 -13.44 47.24 -1.33
N ASP M 51 -12.27 46.76 -0.94
CA ASP M 51 -11.06 46.97 -1.72
C ASP M 51 -10.47 45.64 -2.16
N PRO M 52 -10.78 45.23 -3.41
CA PRO M 52 -10.26 43.96 -3.97
C PRO M 52 -8.77 44.08 -4.25
N ALA M 53 -8.27 45.31 -4.06
CA ALA M 53 -6.85 45.64 -4.20
C ALA M 53 -6.12 45.09 -5.43
N HIS M 54 -6.71 45.29 -6.60
CA HIS M 54 -6.11 44.86 -7.85
C HIS M 54 -5.70 43.39 -7.89
N PHE M 55 -6.58 42.55 -7.33
CA PHE M 55 -6.38 41.10 -7.27
C PHE M 55 -5.36 40.58 -6.25
N ALA M 56 -5.11 41.35 -5.18
CA ALA M 56 -4.16 40.92 -4.17
C ALA M 56 -4.73 39.75 -3.37
N ALA M 57 -3.85 38.94 -2.79
CA ALA M 57 -4.26 37.77 -2.01
C ALA M 57 -5.09 38.11 -0.77
N VAL M 58 -4.85 39.28 -0.19
CA VAL M 58 -5.62 39.70 0.99
C VAL M 58 -6.26 41.04 0.66
N THR M 59 -7.42 41.31 1.25
CA THR M 59 -8.16 42.52 0.96
C THR M 59 -8.74 43.14 2.23
N GLN M 60 -9.34 44.31 2.08
CA GLN M 60 -9.92 44.99 3.23
C GLN M 60 -11.26 45.62 2.89
N GLN M 61 -12.10 45.74 3.91
CA GLN M 61 -13.40 46.38 3.74
C GLN M 61 -13.43 47.51 4.76
N PHE M 62 -13.91 48.68 4.34
CA PHE M 62 -13.99 49.83 5.21
C PHE M 62 -15.44 50.11 5.59
N VAL M 63 -15.70 50.27 6.88
CA VAL M 63 -17.04 50.59 7.35
C VAL M 63 -17.02 52.09 7.59
N ILE M 64 -17.89 52.80 6.90
CA ILE M 64 -17.90 54.26 6.99
C ILE M 64 -19.23 54.91 7.37
N ASP M 65 -19.14 55.95 8.19
CA ASP M 65 -20.33 56.71 8.60
C ASP M 65 -20.44 57.79 7.52
N GLY M 66 -21.39 57.63 6.60
CA GLY M 66 -21.57 58.59 5.53
C GLY M 66 -21.93 60.00 5.95
N GLU M 67 -22.59 60.14 7.09
CA GLU M 67 -22.99 61.46 7.57
C GLU M 67 -21.78 62.29 7.99
N ALA M 68 -20.86 61.65 8.70
CA ALA M 68 -19.66 62.32 9.20
C ALA M 68 -18.45 62.19 8.26
N GLY M 69 -18.49 61.21 7.37
CA GLY M 69 -17.35 61.01 6.49
C GLY M 69 -16.21 60.50 7.35
N ARG M 70 -16.49 59.47 8.15
CA ARG M 70 -15.52 58.90 9.06
C ARG M 70 -15.50 57.38 9.03
N VAL M 71 -14.29 56.81 9.03
CA VAL M 71 -14.13 55.36 9.06
C VAL M 71 -14.44 54.95 10.49
N ILE M 72 -15.42 54.09 10.68
CA ILE M 72 -15.78 53.63 12.03
C ILE M 72 -15.39 52.18 12.27
N GLY M 73 -14.81 51.55 11.27
CA GLY M 73 -14.39 50.16 11.43
C GLY M 73 -13.84 49.59 10.14
N MET M 74 -13.24 48.40 10.25
CA MET M 74 -12.68 47.70 9.09
C MET M 74 -12.87 46.18 9.27
N ILE M 75 -12.74 45.45 8.18
CA ILE M 75 -12.87 43.98 8.18
C ILE M 75 -11.85 43.43 7.19
N ASP M 76 -11.10 42.39 7.59
CA ASP M 76 -10.10 41.79 6.70
C ASP M 76 -10.72 40.67 5.87
N GLY M 77 -10.31 40.57 4.61
CA GLY M 77 -10.82 39.53 3.75
C GLY M 77 -9.71 38.83 3.00
N GLY M 78 -10.04 37.72 2.36
CA GLY M 78 -9.05 36.98 1.60
C GLY M 78 -9.01 37.40 0.14
N PHE M 79 -8.84 36.41 -0.73
CA PHE M 79 -8.76 36.66 -2.17
C PHE M 79 -10.14 36.90 -2.80
N LEU M 80 -10.34 38.10 -3.35
CA LEU M 80 -11.59 38.46 -4.02
C LEU M 80 -12.87 38.06 -3.31
N PRO M 81 -13.03 38.47 -2.04
CA PRO M 81 -14.25 38.10 -1.31
C PRO M 81 -15.51 38.79 -1.83
N ASN M 82 -16.67 38.18 -1.57
CA ASN M 82 -17.96 38.73 -1.98
C ASN M 82 -18.67 39.21 -0.72
N PRO M 83 -18.89 40.52 -0.60
CA PRO M 83 -19.56 41.04 0.59
C PRO M 83 -21.08 41.10 0.47
N VAL M 84 -21.77 40.93 1.60
CA VAL M 84 -23.22 41.04 1.64
C VAL M 84 -23.55 41.72 2.95
N VAL M 85 -24.61 42.52 2.94
CA VAL M 85 -25.03 43.23 4.13
C VAL M 85 -26.53 43.06 4.29
N ALA M 86 -26.97 42.60 5.46
CA ALA M 86 -28.39 42.42 5.70
C ALA M 86 -29.06 43.79 5.70
N ASP M 87 -30.17 43.92 4.97
CA ASP M 87 -30.87 45.19 4.91
C ASP M 87 -31.37 45.70 6.26
N ASP M 88 -31.62 44.79 7.20
CA ASP M 88 -32.09 45.23 8.51
C ASP M 88 -30.95 45.61 9.46
N GLY M 89 -29.73 45.52 8.96
CA GLY M 89 -28.56 45.88 9.77
C GLY M 89 -28.19 44.91 10.88
N SER M 90 -28.79 43.72 10.87
CA SER M 90 -28.53 42.72 11.90
C SER M 90 -27.15 42.06 11.79
N PHE M 91 -26.56 42.07 10.61
CA PHE M 91 -25.24 41.47 10.45
C PHE M 91 -24.56 41.81 9.13
N ILE M 92 -23.29 41.41 9.05
CA ILE M 92 -22.45 41.61 7.87
C ILE M 92 -21.80 40.26 7.61
N ALA M 93 -21.48 39.99 6.36
CA ALA M 93 -20.84 38.72 6.04
C ALA M 93 -20.15 38.79 4.69
N HIS M 94 -19.31 37.79 4.43
CA HIS M 94 -18.64 37.71 3.15
C HIS M 94 -18.21 36.28 2.87
N ALA M 95 -18.11 35.94 1.59
CA ALA M 95 -17.66 34.63 1.18
C ALA M 95 -16.22 34.95 0.83
N SER M 96 -15.27 34.28 1.47
CA SER M 96 -13.87 34.57 1.26
C SER M 96 -13.02 33.34 0.98
N THR M 97 -11.78 33.58 0.56
CA THR M 97 -10.85 32.50 0.21
C THR M 97 -9.45 32.77 0.72
N VAL M 98 -8.85 31.77 1.39
CA VAL M 98 -7.49 31.91 1.89
C VAL M 98 -6.66 30.67 1.52
N PHE M 99 -5.34 30.80 1.65
CA PHE M 99 -4.41 29.73 1.31
C PHE M 99 -3.44 29.53 2.49
N SER M 100 -2.95 28.30 2.66
CA SER M 100 -2.03 27.99 3.76
C SER M 100 -0.70 28.73 3.70
N ARG M 101 -0.25 29.04 2.50
CA ARG M 101 1.01 29.76 2.33
C ARG M 101 0.84 31.02 1.48
N ILE M 102 0.05 31.95 2.01
CA ILE M 102 -0.24 33.23 1.36
C ILE M 102 -1.04 33.14 0.06
N ALA M 103 -0.40 32.69 -1.01
CA ALA M 103 -1.07 32.59 -2.30
C ALA M 103 -1.03 31.19 -2.90
N ARG M 104 -0.51 30.23 -2.14
CA ARG M 104 -0.41 28.86 -2.62
C ARG M 104 -0.61 27.91 -1.43
N GLY M 105 -0.65 26.62 -1.73
CA GLY M 105 -0.87 25.64 -0.68
C GLY M 105 -2.34 25.28 -0.64
N GLU M 106 -2.82 24.80 0.51
CA GLU M 106 -4.21 24.41 0.65
C GLU M 106 -5.16 25.60 0.61
N ARG M 107 -6.17 25.51 -0.24
CA ARG M 107 -7.16 26.57 -0.38
C ARG M 107 -8.37 26.30 0.49
N THR M 108 -8.83 27.33 1.19
CA THR M 108 -10.00 27.19 2.03
C THR M 108 -11.01 28.29 1.68
N ASP M 109 -12.20 27.89 1.27
CA ASP M 109 -13.26 28.85 0.97
C ASP M 109 -14.15 28.81 2.21
N TYR M 110 -14.61 29.97 2.65
CA TYR M 110 -15.44 30.02 3.83
C TYR M 110 -16.34 31.24 3.81
N VAL M 111 -17.31 31.23 4.72
CA VAL M 111 -18.24 32.33 4.88
C VAL M 111 -18.09 32.78 6.33
N GLU M 112 -17.91 34.08 6.54
CA GLU M 112 -17.79 34.63 7.87
C GLU M 112 -18.91 35.62 8.10
N VAL M 113 -19.51 35.58 9.29
CA VAL M 113 -20.59 36.48 9.65
C VAL M 113 -20.05 37.34 10.80
N PHE M 114 -20.36 38.63 10.77
CA PHE M 114 -19.87 39.56 11.78
C PHE M 114 -20.94 40.34 12.53
N ASP M 115 -20.68 40.59 13.80
CA ASP M 115 -21.58 41.37 14.64
C ASP M 115 -21.41 42.78 14.06
N PRO M 116 -22.51 43.48 13.77
CA PRO M 116 -22.45 44.83 13.19
C PRO M 116 -21.96 45.95 14.10
N VAL M 117 -21.78 45.66 15.38
CA VAL M 117 -21.33 46.67 16.33
C VAL M 117 -19.92 46.40 16.85
N THR M 118 -19.64 45.16 17.22
CA THR M 118 -18.32 44.79 17.73
C THR M 118 -17.40 44.36 16.59
N LEU M 119 -18.00 44.00 15.45
CA LEU M 119 -17.24 43.56 14.27
C LEU M 119 -16.52 42.22 14.49
N LEU M 120 -16.88 41.51 15.56
CA LEU M 120 -16.26 40.21 15.81
C LEU M 120 -16.97 39.15 14.97
N PRO M 121 -16.26 38.10 14.56
CA PRO M 121 -16.90 37.05 13.77
C PRO M 121 -17.86 36.29 14.67
N THR M 122 -19.05 35.95 14.15
CA THR M 122 -20.03 35.21 14.92
C THR M 122 -20.23 33.84 14.29
N ALA M 123 -19.61 33.63 13.14
CA ALA M 123 -19.71 32.36 12.44
C ALA M 123 -18.63 32.26 11.38
N ASP M 124 -18.08 31.06 11.23
CA ASP M 124 -17.06 30.80 10.22
C ASP M 124 -17.46 29.44 9.65
N ILE M 125 -18.10 29.49 8.48
CA ILE M 125 -18.59 28.28 7.82
C ILE M 125 -17.74 27.91 6.61
N GLU M 126 -17.08 26.75 6.67
CA GLU M 126 -16.24 26.32 5.55
C GLU M 126 -17.07 25.79 4.38
N LEU M 127 -16.58 26.04 3.17
CA LEU M 127 -17.28 25.59 1.97
C LEU M 127 -16.52 24.43 1.35
N PRO M 128 -17.16 23.24 1.27
CA PRO M 128 -16.56 22.03 0.72
C PRO M 128 -16.03 22.16 -0.69
N ASP M 129 -14.81 21.67 -0.89
CA ASP M 129 -14.15 21.66 -2.20
C ASP M 129 -13.98 22.97 -2.96
N ALA M 130 -13.57 24.03 -2.27
CA ALA M 130 -13.34 25.34 -2.88
C ALA M 130 -14.26 25.61 -4.08
N PRO M 131 -15.55 25.83 -3.82
CA PRO M 131 -16.53 26.09 -4.88
C PRO M 131 -16.71 27.53 -5.35
N ARG M 132 -16.08 28.50 -4.68
CA ARG M 132 -16.25 29.90 -5.05
C ARG M 132 -15.77 30.27 -6.46
N PHE M 133 -16.51 31.18 -7.08
CA PHE M 133 -16.18 31.69 -8.40
C PHE M 133 -15.27 32.90 -8.17
N LEU M 134 -14.01 32.79 -8.56
CA LEU M 134 -13.04 33.87 -8.39
C LEU M 134 -13.07 34.78 -9.60
N VAL M 135 -13.64 35.97 -9.40
CA VAL M 135 -13.80 36.96 -10.48
C VAL M 135 -13.83 38.36 -9.87
N GLY M 136 -13.53 39.38 -10.67
CA GLY M 136 -13.61 40.75 -10.19
C GLY M 136 -14.94 40.84 -9.46
N THR M 137 -14.96 41.56 -8.35
CA THR M 137 -16.15 41.62 -7.52
C THR M 137 -17.48 42.13 -8.11
N TYR M 138 -18.43 41.20 -8.23
CA TYR M 138 -19.78 41.50 -8.73
C TYR M 138 -20.70 41.27 -7.50
N PRO M 139 -21.34 42.33 -7.00
CA PRO M 139 -22.22 42.15 -5.84
C PRO M 139 -23.22 40.99 -5.90
N TRP M 140 -23.87 40.81 -7.04
CA TRP M 140 -24.87 39.75 -7.13
C TRP M 140 -24.44 38.35 -7.53
N MET M 141 -23.19 38.01 -7.21
CA MET M 141 -22.66 36.67 -7.47
C MET M 141 -22.69 35.94 -6.12
N THR M 142 -23.14 36.66 -5.10
CA THR M 142 -23.28 36.13 -3.75
C THR M 142 -24.40 36.99 -3.15
N SER M 143 -25.47 36.36 -2.70
CA SER M 143 -26.63 37.11 -2.20
C SER M 143 -27.39 36.46 -1.05
N LEU M 144 -28.07 37.30 -0.27
CA LEU M 144 -28.87 36.84 0.86
C LEU M 144 -30.33 36.76 0.47
N THR M 145 -31.05 35.81 1.06
CA THR M 145 -32.47 35.70 0.80
C THR M 145 -33.09 36.84 1.63
N PRO M 146 -34.31 37.26 1.30
CA PRO M 146 -34.98 38.35 2.02
C PRO M 146 -35.09 38.15 3.53
N ASP M 147 -35.23 36.91 3.97
CA ASP M 147 -35.34 36.62 5.40
C ASP M 147 -33.98 36.69 6.09
N GLY M 148 -32.92 36.84 5.28
CA GLY M 148 -31.58 36.93 5.83
C GLY M 148 -31.05 35.66 6.48
N LYS M 149 -31.73 34.54 6.27
CA LYS M 149 -31.31 33.28 6.87
C LYS M 149 -30.48 32.41 5.94
N THR M 150 -30.44 32.78 4.67
CA THR M 150 -29.70 31.98 3.68
C THR M 150 -28.82 32.79 2.76
N LEU M 151 -27.62 32.27 2.50
CA LEU M 151 -26.69 32.92 1.59
C LEU M 151 -26.49 32.02 0.38
N LEU M 152 -26.60 32.59 -0.81
CA LEU M 152 -26.43 31.86 -2.06
C LEU M 152 -25.20 32.39 -2.80
N PHE M 153 -24.36 31.49 -3.32
CA PHE M 153 -23.18 31.93 -4.05
C PHE M 153 -23.04 31.14 -5.35
N TYR M 154 -22.39 31.77 -6.34
CA TYR M 154 -22.22 31.16 -7.65
C TYR M 154 -20.93 30.38 -7.90
N GLN M 155 -21.06 29.25 -8.58
CA GLN M 155 -19.92 28.43 -8.96
C GLN M 155 -19.91 28.40 -10.49
N PHE M 156 -18.77 28.69 -11.08
CA PHE M 156 -18.63 28.73 -12.54
C PHE M 156 -18.17 27.41 -13.13
N SER M 157 -17.13 26.84 -12.53
CA SER M 157 -16.56 25.57 -12.99
C SER M 157 -16.62 24.52 -11.89
N PRO M 158 -16.70 23.23 -12.27
CA PRO M 158 -16.74 22.67 -13.62
C PRO M 158 -18.10 22.82 -14.33
N ALA M 159 -19.11 23.25 -13.59
CA ALA M 159 -20.44 23.43 -14.16
C ALA M 159 -21.22 24.49 -13.37
N PRO M 160 -22.12 25.21 -14.04
CA PRO M 160 -22.89 26.24 -13.31
C PRO M 160 -23.63 25.64 -12.13
N ALA M 161 -23.51 26.28 -10.97
CA ALA M 161 -24.18 25.81 -9.77
C ALA M 161 -24.30 26.92 -8.74
N VAL M 162 -25.23 26.75 -7.79
CA VAL M 162 -25.46 27.72 -6.74
C VAL M 162 -25.37 27.03 -5.38
N GLY M 163 -24.44 27.49 -4.55
CA GLY M 163 -24.27 26.90 -3.23
C GLY M 163 -25.27 27.50 -2.25
N VAL M 164 -25.80 26.66 -1.38
CA VAL M 164 -26.77 27.10 -0.38
C VAL M 164 -26.13 27.02 1.00
N VAL M 165 -26.06 28.16 1.67
CA VAL M 165 -25.47 28.23 3.00
C VAL M 165 -26.52 28.66 4.02
N ASP M 166 -26.71 27.83 5.03
CA ASP M 166 -27.69 28.13 6.07
C ASP M 166 -26.98 28.94 7.16
N LEU M 167 -27.22 30.25 7.17
CA LEU M 167 -26.60 31.14 8.14
C LEU M 167 -27.17 30.94 9.54
N GLU M 168 -28.43 30.54 9.63
CA GLU M 168 -29.07 30.30 10.92
C GLU M 168 -28.38 29.13 11.60
N GLY M 169 -28.35 27.99 10.93
CA GLY M 169 -27.72 26.80 11.48
C GLY M 169 -26.22 26.80 11.30
N LYS M 170 -25.70 27.85 10.67
CA LYS M 170 -24.26 27.97 10.44
C LYS M 170 -23.68 26.74 9.76
N ALA M 171 -24.23 26.37 8.61
CA ALA M 171 -23.74 25.20 7.89
C ALA M 171 -23.98 25.24 6.39
N PHE M 172 -23.06 24.65 5.64
CA PHE M 172 -23.20 24.58 4.19
C PHE M 172 -24.28 23.52 3.97
N LYS M 173 -25.19 23.76 3.03
CA LYS M 173 -26.26 22.81 2.77
C LYS M 173 -26.02 21.92 1.56
N ARG M 174 -26.00 22.53 0.38
CA ARG M 174 -25.82 21.77 -0.85
C ARG M 174 -25.56 22.68 -2.03
N MET M 175 -25.17 22.07 -3.15
CA MET M 175 -24.92 22.77 -4.40
C MET M 175 -26.13 22.52 -5.29
N LEU M 176 -26.67 23.58 -5.89
CA LEU M 176 -27.83 23.46 -6.77
C LEU M 176 -27.40 23.51 -8.23
N ASP M 177 -27.74 22.48 -9.01
CA ASP M 177 -27.39 22.48 -10.43
C ASP M 177 -28.32 23.45 -11.15
N VAL M 178 -27.74 24.38 -11.91
CA VAL M 178 -28.53 25.35 -12.64
C VAL M 178 -28.09 25.38 -14.10
N PRO M 179 -28.90 26.00 -14.97
CA PRO M 179 -28.57 26.10 -16.40
C PRO M 179 -27.39 27.05 -16.58
N ASP M 180 -27.01 27.30 -17.84
CA ASP M 180 -25.92 28.22 -18.11
C ASP M 180 -26.39 29.66 -17.90
N CYS M 181 -26.55 30.02 -16.63
CA CYS M 181 -27.01 31.34 -16.23
C CYS M 181 -26.06 31.94 -15.20
N TYR M 182 -26.16 33.26 -15.00
CA TYR M 182 -25.25 33.96 -14.10
C TYR M 182 -25.95 34.99 -13.22
N HIS M 183 -25.34 35.31 -12.08
CA HIS M 183 -25.88 36.23 -11.09
C HIS M 183 -27.03 35.60 -10.32
N ILE M 184 -27.27 36.09 -9.11
CA ILE M 184 -28.31 35.55 -8.25
C ILE M 184 -29.14 36.66 -7.61
N PHE M 185 -30.44 36.69 -7.94
CA PHE M 185 -31.34 37.70 -7.39
C PHE M 185 -32.45 37.01 -6.60
N PRO M 186 -32.28 36.92 -5.27
CA PRO M 186 -33.26 36.27 -4.39
C PRO M 186 -34.54 37.09 -4.22
N THR M 187 -35.68 36.41 -4.33
CA THR M 187 -36.99 37.05 -4.20
C THR M 187 -37.78 36.48 -3.05
N ALA M 188 -37.39 35.30 -2.59
CA ALA M 188 -38.07 34.63 -1.50
C ALA M 188 -37.08 33.71 -0.80
N PRO M 189 -37.47 33.11 0.33
CA PRO M 189 -36.58 32.21 1.05
C PRO M 189 -36.11 31.03 0.23
N ASP M 190 -36.91 30.64 -0.76
CA ASP M 190 -36.60 29.48 -1.59
C ASP M 190 -36.63 29.75 -3.09
N THR M 191 -36.53 31.02 -3.49
CA THR M 191 -36.59 31.36 -4.90
C THR M 191 -35.64 32.48 -5.29
N PHE M 192 -35.02 32.34 -6.45
CA PHE M 192 -34.12 33.37 -6.95
C PHE M 192 -34.07 33.33 -8.48
N PHE M 193 -33.66 34.43 -9.09
CA PHE M 193 -33.57 34.51 -10.54
C PHE M 193 -32.13 34.67 -10.98
N MET M 194 -31.85 34.26 -12.20
CA MET M 194 -30.53 34.35 -12.79
C MET M 194 -30.69 34.83 -14.23
N HIS M 195 -29.62 35.39 -14.80
CA HIS M 195 -29.67 35.85 -16.18
C HIS M 195 -28.88 34.82 -16.97
N CYS M 196 -29.48 34.30 -18.05
CA CYS M 196 -28.84 33.25 -18.83
C CYS M 196 -28.20 33.68 -20.14
N ARG M 197 -27.32 32.83 -20.66
CA ARG M 197 -26.61 33.09 -21.90
C ARG M 197 -27.52 33.37 -23.10
N ASP M 198 -28.68 32.70 -23.14
CA ASP M 198 -29.61 32.89 -24.25
C ASP M 198 -30.40 34.21 -24.21
N GLY M 199 -30.24 34.98 -23.13
CA GLY M 199 -30.94 36.26 -23.05
C GLY M 199 -32.22 36.18 -22.23
N SER M 200 -32.49 35.00 -21.68
CA SER M 200 -33.68 34.81 -20.86
C SER M 200 -33.26 34.90 -19.41
N LEU M 201 -34.26 34.93 -18.53
CA LEU M 201 -34.03 34.98 -17.10
C LEU M 201 -34.49 33.59 -16.63
N ALA M 202 -33.83 33.04 -15.62
CA ALA M 202 -34.23 31.74 -15.10
C ALA M 202 -34.73 31.89 -13.68
N LYS M 203 -35.82 31.22 -13.37
CA LYS M 203 -36.41 31.26 -12.04
C LYS M 203 -36.05 29.93 -11.40
N VAL M 204 -35.44 29.98 -10.22
CA VAL M 204 -35.04 28.76 -9.54
C VAL M 204 -35.71 28.67 -8.18
N ALA M 205 -36.57 27.66 -8.03
CA ALA M 205 -37.26 27.40 -6.78
C ALA M 205 -36.66 26.11 -6.23
N PHE M 206 -36.10 26.17 -5.03
CA PHE M 206 -35.47 25.01 -4.45
C PHE M 206 -35.97 24.64 -3.07
N GLY M 207 -35.54 23.48 -2.60
CA GLY M 207 -35.94 23.00 -1.28
C GLY M 207 -34.73 22.44 -0.57
N THR M 208 -34.91 22.03 0.67
CA THR M 208 -33.82 21.47 1.47
C THR M 208 -33.32 20.16 0.86
N GLU M 209 -34.20 19.49 0.13
CA GLU M 209 -33.86 18.21 -0.50
C GLU M 209 -34.56 18.09 -1.84
N GLY M 210 -34.05 17.20 -2.69
CA GLY M 210 -34.65 16.98 -3.99
C GLY M 210 -33.97 17.74 -5.12
N THR M 211 -34.73 18.02 -6.17
CA THR M 211 -34.20 18.75 -7.32
C THR M 211 -34.97 20.07 -7.48
N PRO M 212 -34.28 21.13 -7.89
CA PRO M 212 -34.90 22.46 -8.08
C PRO M 212 -35.76 22.61 -9.32
N GLU M 213 -36.85 23.36 -9.17
CA GLU M 213 -37.75 23.64 -10.28
C GLU M 213 -37.18 24.84 -11.02
N ILE M 214 -36.90 24.67 -12.30
CA ILE M 214 -36.32 25.75 -13.11
C ILE M 214 -37.18 26.09 -14.32
N THR M 215 -37.61 27.35 -14.39
CA THR M 215 -38.42 27.82 -15.52
C THR M 215 -37.76 29.06 -16.11
N HIS M 216 -37.85 29.20 -17.42
CA HIS M 216 -37.27 30.34 -18.12
C HIS M 216 -38.33 31.34 -18.53
N THR M 217 -37.95 32.62 -18.58
CA THR M 217 -38.87 33.66 -19.02
C THR M 217 -38.58 33.76 -20.50
N GLU M 218 -39.20 34.72 -21.16
CA GLU M 218 -38.95 34.93 -22.58
C GLU M 218 -37.57 35.58 -22.69
N VAL M 219 -37.00 35.59 -23.89
CA VAL M 219 -35.71 36.24 -24.09
C VAL M 219 -36.06 37.72 -24.12
N PHE M 220 -35.44 38.52 -23.26
CA PHE M 220 -35.77 39.95 -23.22
C PHE M 220 -34.76 40.92 -23.84
N HIS M 221 -33.72 40.40 -24.48
CA HIS M 221 -32.75 41.27 -25.13
C HIS M 221 -32.01 40.51 -26.20
N PRO M 222 -31.66 41.20 -27.30
CA PRO M 222 -30.95 40.63 -28.44
C PRO M 222 -29.58 40.10 -28.02
N GLU M 223 -28.95 39.35 -28.90
CA GLU M 223 -27.64 38.77 -28.62
C GLU M 223 -26.54 39.82 -28.74
N ASP M 224 -26.78 40.85 -29.56
CA ASP M 224 -25.80 41.90 -29.74
C ASP M 224 -26.02 43.09 -28.81
N GLU M 225 -26.87 42.90 -27.82
CA GLU M 225 -27.15 43.94 -26.83
C GLU M 225 -26.54 43.41 -25.54
N PHE M 226 -25.49 44.07 -25.06
CA PHE M 226 -24.78 43.63 -23.86
C PHE M 226 -25.17 44.28 -22.53
N LEU M 227 -25.59 43.44 -21.59
CA LEU M 227 -25.97 43.88 -20.25
C LEU M 227 -24.73 43.87 -19.34
N ILE M 228 -24.49 44.98 -18.67
CA ILE M 228 -23.32 45.09 -17.80
C ILE M 228 -23.30 44.08 -16.66
N ASN M 229 -22.12 43.90 -16.07
CA ASN M 229 -21.95 42.95 -14.98
C ASN M 229 -22.43 43.44 -13.62
N HIS M 230 -22.75 44.73 -13.54
CA HIS M 230 -23.18 45.31 -12.28
C HIS M 230 -24.57 45.94 -12.28
N PRO M 231 -25.62 45.12 -12.43
CA PRO M 231 -26.98 45.67 -12.43
C PRO M 231 -27.32 46.07 -11.01
N ALA M 232 -28.34 46.92 -10.84
CA ALA M 232 -28.75 47.32 -9.51
C ALA M 232 -29.99 46.50 -9.19
N TYR M 233 -30.04 45.94 -7.99
CA TYR M 233 -31.19 45.14 -7.59
C TYR M 233 -31.70 45.57 -6.22
N SER M 234 -32.98 45.91 -6.16
CA SER M 234 -33.60 46.32 -4.92
C SER M 234 -34.52 45.18 -4.51
N GLN M 235 -34.08 44.41 -3.52
CA GLN M 235 -34.85 43.27 -3.04
C GLN M 235 -36.19 43.69 -2.40
N LYS M 236 -36.18 44.79 -1.64
CA LYS M 236 -37.40 45.26 -1.01
C LYS M 236 -38.43 45.79 -2.01
N ALA M 237 -37.97 46.15 -3.20
CA ALA M 237 -38.88 46.67 -4.22
C ALA M 237 -39.09 45.65 -5.33
N GLY M 238 -38.29 44.60 -5.34
CA GLY M 238 -38.39 43.60 -6.38
C GLY M 238 -38.04 44.19 -7.74
N ARG M 239 -37.21 45.23 -7.74
CA ARG M 239 -36.82 45.91 -8.98
C ARG M 239 -35.40 45.58 -9.41
N LEU M 240 -35.24 45.14 -10.65
CA LEU M 240 -33.94 44.81 -11.21
C LEU M 240 -33.70 45.81 -12.33
N VAL M 241 -32.74 46.71 -12.14
CA VAL M 241 -32.41 47.74 -13.12
C VAL M 241 -31.14 47.30 -13.85
N TRP M 242 -31.27 46.99 -15.15
CA TRP M 242 -30.12 46.48 -15.91
C TRP M 242 -29.76 47.27 -17.15
N PRO M 243 -28.70 48.09 -17.07
CA PRO M 243 -28.28 48.88 -18.22
C PRO M 243 -27.51 48.06 -19.25
N THR M 244 -27.43 48.58 -20.47
CA THR M 244 -26.67 47.92 -21.53
C THR M 244 -25.46 48.83 -21.75
N TYR M 245 -24.53 48.40 -22.60
CA TYR M 245 -23.33 49.19 -22.90
C TYR M 245 -23.68 50.58 -23.44
N THR M 246 -24.86 50.73 -24.04
CA THR M 246 -25.23 52.02 -24.62
C THR M 246 -26.04 52.93 -23.71
N GLY M 247 -26.42 52.43 -22.54
CA GLY M 247 -27.19 53.27 -21.63
C GLY M 247 -28.68 53.00 -21.74
N LYS M 248 -29.06 52.01 -22.52
CA LYS M 248 -30.46 51.64 -22.63
C LYS M 248 -30.72 50.88 -21.33
N ILE M 249 -31.81 51.19 -20.65
CA ILE M 249 -32.09 50.53 -19.39
C ILE M 249 -33.28 49.57 -19.38
N HIS M 250 -32.99 48.32 -19.06
CA HIS M 250 -34.01 47.28 -18.97
C HIS M 250 -34.39 47.16 -17.50
N GLN M 251 -35.69 47.22 -17.20
CA GLN M 251 -36.14 47.08 -15.82
C GLN M 251 -37.06 45.88 -15.72
N ILE M 252 -36.82 45.05 -14.72
CA ILE M 252 -37.65 43.88 -14.52
C ILE M 252 -38.27 43.94 -13.13
N ASP M 253 -39.58 43.74 -13.07
CA ASP M 253 -40.32 43.75 -11.81
C ASP M 253 -40.55 42.31 -11.36
N LEU M 254 -40.00 41.96 -10.21
CA LEU M 254 -40.13 40.61 -9.66
C LEU M 254 -41.03 40.59 -8.44
N SER M 255 -41.64 41.72 -8.13
CA SER M 255 -42.49 41.84 -6.95
C SER M 255 -43.63 40.83 -6.84
N SER M 256 -44.13 40.35 -7.96
CA SER M 256 -45.23 39.40 -7.94
C SER M 256 -44.78 37.95 -7.74
N GLY M 257 -43.49 37.70 -7.92
CA GLY M 257 -42.98 36.33 -7.79
C GLY M 257 -42.55 35.86 -9.16
N ASP M 258 -43.09 36.50 -10.19
CA ASP M 258 -42.74 36.18 -11.57
C ASP M 258 -42.20 37.44 -12.23
N ALA M 259 -41.35 37.26 -13.24
CA ALA M 259 -40.75 38.38 -13.92
C ALA M 259 -41.69 39.11 -14.88
N LYS M 260 -41.75 40.43 -14.73
CA LYS M 260 -42.57 41.28 -15.59
C LYS M 260 -41.61 42.32 -16.18
N PHE M 261 -41.47 42.32 -17.49
CA PHE M 261 -40.56 43.25 -18.16
C PHE M 261 -41.19 44.62 -18.45
N LEU M 262 -40.63 45.65 -17.84
CA LEU M 262 -41.12 47.01 -18.02
C LEU M 262 -40.57 47.59 -19.32
N PRO M 263 -41.14 48.71 -19.80
CA PRO M 263 -40.66 49.31 -21.04
C PRO M 263 -39.24 49.82 -20.83
N ALA M 264 -38.38 49.60 -21.80
CA ALA M 264 -37.00 50.07 -21.69
C ALA M 264 -36.98 51.58 -21.90
N VAL M 265 -36.01 52.24 -21.29
CA VAL M 265 -35.87 53.69 -21.44
C VAL M 265 -34.42 53.99 -21.75
N GLU M 266 -34.20 55.10 -22.45
CA GLU M 266 -32.84 55.52 -22.79
C GLU M 266 -32.40 56.48 -21.70
N ALA M 267 -31.28 56.17 -21.04
CA ALA M 267 -30.77 57.02 -19.97
C ALA M 267 -30.03 58.24 -20.52
N LEU M 268 -29.53 58.12 -21.74
CA LEU M 268 -28.81 59.22 -22.39
C LEU M 268 -29.71 59.86 -23.44
N THR M 269 -29.62 61.19 -23.56
CA THR M 269 -30.44 61.92 -24.52
C THR M 269 -29.97 61.64 -25.94
N GLU M 270 -30.78 62.04 -26.92
CA GLU M 270 -30.45 61.85 -28.32
C GLU M 270 -29.16 62.57 -28.66
N ALA M 271 -29.01 63.79 -28.15
CA ALA M 271 -27.82 64.59 -28.40
C ALA M 271 -26.58 63.95 -27.78
N GLU M 272 -26.70 63.48 -26.55
CA GLU M 272 -25.57 62.85 -25.87
C GLU M 272 -25.12 61.60 -26.62
N ARG M 273 -26.08 60.79 -27.07
CA ARG M 273 -25.71 59.57 -27.78
C ARG M 273 -25.03 59.93 -29.11
N ALA M 274 -25.52 60.98 -29.75
CA ALA M 274 -24.93 61.43 -31.01
C ALA M 274 -23.51 61.95 -30.77
N ASP M 275 -23.28 62.53 -29.58
CA ASP M 275 -21.95 63.05 -29.26
C ASP M 275 -21.01 62.03 -28.63
N GLY M 276 -21.38 60.75 -28.67
CA GLY M 276 -20.53 59.71 -28.13
C GLY M 276 -20.56 59.44 -26.63
N TRP M 277 -21.65 59.80 -25.96
CA TRP M 277 -21.75 59.54 -24.53
C TRP M 277 -22.16 58.09 -24.33
N ARG M 278 -21.55 57.44 -23.35
CA ARG M 278 -21.85 56.05 -23.03
C ARG M 278 -21.58 55.81 -21.54
N PRO M 279 -22.30 54.86 -20.94
CA PRO M 279 -22.04 54.61 -19.51
C PRO M 279 -20.67 53.94 -19.39
N GLY M 280 -20.07 53.98 -18.21
CA GLY M 280 -18.77 53.36 -18.04
C GLY M 280 -18.29 53.37 -16.60
N GLY M 281 -17.60 52.31 -16.20
CA GLY M 281 -17.09 52.23 -14.84
C GLY M 281 -17.20 50.82 -14.29
N TRP M 282 -17.39 50.70 -12.99
CA TRP M 282 -17.52 49.39 -12.35
C TRP M 282 -18.99 49.33 -11.95
N GLN M 283 -19.33 49.81 -10.76
CA GLN M 283 -20.74 49.86 -10.35
C GLN M 283 -21.32 51.10 -11.03
N GLN M 284 -21.74 50.93 -12.29
CA GLN M 284 -22.25 52.04 -13.08
C GLN M 284 -23.66 52.55 -12.79
N VAL M 285 -24.46 51.77 -12.08
CA VAL M 285 -25.84 52.17 -11.82
C VAL M 285 -26.29 51.94 -10.38
N ALA M 286 -27.17 52.82 -9.92
CA ALA M 286 -27.73 52.74 -8.59
C ALA M 286 -29.22 53.02 -8.71
N TYR M 287 -30.00 52.51 -7.77
CA TYR M 287 -31.44 52.70 -7.78
C TYR M 287 -31.94 53.07 -6.39
N HIS M 288 -32.71 54.15 -6.29
CA HIS M 288 -33.25 54.57 -5.00
C HIS M 288 -34.71 54.12 -4.99
N ARG M 289 -35.04 53.20 -4.09
CA ARG M 289 -36.39 52.65 -3.98
C ARG M 289 -37.52 53.64 -3.70
N ALA M 290 -37.39 54.40 -2.61
CA ALA M 290 -38.42 55.35 -2.23
C ALA M 290 -38.71 56.44 -3.26
N LEU M 291 -37.67 56.97 -3.89
CA LEU M 291 -37.85 58.01 -4.90
C LEU M 291 -38.05 57.40 -6.28
N ASP M 292 -37.79 56.09 -6.38
CA ASP M 292 -37.92 55.37 -7.64
C ASP M 292 -37.13 56.08 -8.72
N ARG M 293 -35.87 56.36 -8.42
CA ARG M 293 -34.98 57.03 -9.36
C ARG M 293 -33.76 56.18 -9.68
N ILE M 294 -33.22 56.37 -10.88
CA ILE M 294 -32.05 55.64 -11.34
C ILE M 294 -30.90 56.62 -11.52
N TYR M 295 -29.69 56.20 -11.11
CA TYR M 295 -28.49 57.02 -11.25
C TYR M 295 -27.51 56.23 -12.10
N LEU M 296 -26.93 56.87 -13.12
CA LEU M 296 -26.01 56.18 -14.01
C LEU M 296 -24.73 56.96 -14.28
N LEU M 297 -23.59 56.26 -14.23
CA LEU M 297 -22.29 56.86 -14.49
C LEU M 297 -22.06 56.90 -16.00
N VAL M 298 -21.88 58.09 -16.55
CA VAL M 298 -21.68 58.24 -17.98
C VAL M 298 -20.59 59.26 -18.32
N ASP M 299 -20.17 59.26 -19.58
CA ASP M 299 -19.16 60.19 -20.04
C ASP M 299 -18.98 59.95 -21.53
N GLN M 300 -18.17 60.79 -22.18
CA GLN M 300 -17.90 60.62 -23.60
C GLN M 300 -16.74 59.65 -23.65
N ARG M 301 -16.91 58.56 -24.40
CA ARG M 301 -15.89 57.53 -24.51
C ARG M 301 -16.09 56.65 -25.73
N ASP M 302 -15.02 55.93 -26.10
CA ASP M 302 -15.07 55.00 -27.22
C ASP M 302 -15.88 53.82 -26.72
N GLU M 303 -16.52 53.08 -27.62
CA GLU M 303 -17.36 51.95 -27.23
C GLU M 303 -16.70 50.82 -26.45
N TRP M 304 -15.38 50.66 -26.59
CA TRP M 304 -14.71 49.59 -25.88
C TRP M 304 -13.90 50.06 -24.68
N ARG M 305 -14.27 51.21 -24.13
CA ARG M 305 -13.61 51.75 -22.94
C ARG M 305 -14.70 51.79 -21.86
N HIS M 306 -15.50 50.73 -21.80
CA HIS M 306 -16.60 50.64 -20.85
C HIS M 306 -16.24 50.40 -19.38
N LYS M 307 -14.97 50.17 -19.09
CA LYS M 307 -14.57 49.94 -17.71
C LYS M 307 -13.76 51.10 -17.13
N THR M 308 -13.61 52.16 -17.91
CA THR M 308 -12.85 53.33 -17.45
C THR M 308 -13.75 54.22 -16.58
N ALA M 309 -13.13 55.05 -15.75
CA ALA M 309 -13.89 55.92 -14.86
C ALA M 309 -14.70 56.95 -15.65
N SER M 310 -15.78 57.44 -15.04
CA SER M 310 -16.64 58.46 -15.66
C SER M 310 -16.69 59.68 -14.76
N ARG M 311 -16.99 60.84 -15.35
CA ARG M 311 -17.02 62.10 -14.61
C ARG M 311 -18.40 62.69 -14.43
N PHE M 312 -19.42 62.00 -14.96
CA PHE M 312 -20.79 62.50 -14.85
C PHE M 312 -21.78 61.44 -14.39
N VAL M 313 -22.86 61.91 -13.78
CA VAL M 313 -23.92 61.01 -13.32
C VAL M 313 -25.24 61.60 -13.79
N VAL M 314 -26.05 60.82 -14.48
CA VAL M 314 -27.34 61.34 -14.91
C VAL M 314 -28.39 60.71 -13.99
N VAL M 315 -29.45 61.47 -13.73
CA VAL M 315 -30.51 61.01 -12.85
C VAL M 315 -31.83 61.02 -13.62
N LEU M 316 -32.55 59.90 -13.60
CA LEU M 316 -33.81 59.81 -14.31
C LEU M 316 -34.90 59.11 -13.51
N ASP M 317 -36.15 59.43 -13.85
CA ASP M 317 -37.32 58.85 -13.20
C ASP M 317 -37.47 57.43 -13.75
N ALA M 318 -37.47 56.44 -12.86
CA ALA M 318 -37.59 55.04 -13.26
C ALA M 318 -38.92 54.71 -13.93
N LYS M 319 -39.97 55.42 -13.56
CA LYS M 319 -41.29 55.19 -14.14
C LYS M 319 -41.46 55.73 -15.56
N THR M 320 -41.07 56.98 -15.77
CA THR M 320 -41.23 57.63 -17.07
C THR M 320 -39.99 57.78 -17.94
N GLY M 321 -38.82 57.72 -17.33
CA GLY M 321 -37.60 57.86 -18.11
C GLY M 321 -37.21 59.33 -18.26
N GLU M 322 -37.93 60.21 -17.57
CA GLU M 322 -37.63 61.63 -17.62
C GLU M 322 -36.27 61.96 -17.00
N ARG M 323 -35.47 62.75 -17.71
CA ARG M 323 -34.15 63.17 -17.23
C ARG M 323 -34.38 64.20 -16.12
N LEU M 324 -33.90 63.90 -14.92
CA LEU M 324 -34.09 64.80 -13.78
C LEU M 324 -32.89 65.69 -13.54
N ALA M 325 -31.70 65.17 -13.78
CA ALA M 325 -30.49 65.94 -13.55
C ALA M 325 -29.27 65.31 -14.16
N LYS M 326 -28.22 66.11 -14.31
CA LYS M 326 -26.96 65.63 -14.83
C LYS M 326 -25.89 66.29 -13.98
N PHE M 327 -25.17 65.48 -13.21
CA PHE M 327 -24.15 66.00 -12.33
C PHE M 327 -22.72 65.85 -12.86
N GLU M 328 -22.02 66.97 -12.76
CA GLU M 328 -20.63 67.20 -13.15
C GLU M 328 -19.94 66.75 -11.84
N MET M 329 -19.41 65.54 -11.79
CA MET M 329 -18.80 65.05 -10.55
C MET M 329 -17.49 65.68 -10.10
N GLY M 330 -16.68 66.14 -11.04
CA GLY M 330 -15.42 66.76 -10.67
C GLY M 330 -14.27 65.81 -10.35
N HIS M 331 -14.48 64.51 -10.50
CA HIS M 331 -13.44 63.52 -10.24
C HIS M 331 -13.64 62.30 -11.13
N GLU M 332 -12.63 61.44 -11.21
CA GLU M 332 -12.71 60.21 -11.99
C GLU M 332 -13.44 59.20 -11.10
N ILE M 333 -14.72 58.97 -11.39
CA ILE M 333 -15.54 58.05 -10.59
C ILE M 333 -15.75 56.68 -11.22
N ASP M 334 -15.53 55.62 -10.45
CA ASP M 334 -15.69 54.26 -10.96
C ASP M 334 -16.98 53.57 -10.52
N SER M 335 -17.42 53.84 -9.31
CA SER M 335 -18.63 53.22 -8.78
C SER M 335 -19.49 54.18 -7.98
N ILE M 336 -20.81 54.01 -8.09
CA ILE M 336 -21.74 54.84 -7.35
C ILE M 336 -22.78 53.97 -6.66
N ASN M 337 -23.43 54.55 -5.66
CA ASN M 337 -24.50 53.89 -4.94
C ASN M 337 -25.17 55.00 -4.14
N VAL M 338 -26.31 54.71 -3.52
CA VAL M 338 -26.99 55.72 -2.72
C VAL M 338 -27.50 55.15 -1.42
N SER M 339 -27.70 56.01 -0.43
CA SER M 339 -28.27 55.59 0.83
C SER M 339 -29.75 55.50 0.47
N GLN M 340 -30.50 54.68 1.19
CA GLN M 340 -31.91 54.50 0.87
C GLN M 340 -32.89 55.25 1.77
N ASP M 341 -32.43 56.30 2.44
CA ASP M 341 -33.30 57.07 3.30
C ASP M 341 -33.95 58.24 2.55
N GLU M 342 -34.69 59.06 3.29
CA GLU M 342 -35.42 60.20 2.73
C GLU M 342 -34.64 61.18 1.83
N LYS M 343 -33.64 61.91 2.35
CA LYS M 343 -32.86 62.82 1.49
C LYS M 343 -31.53 62.09 1.32
N PRO M 344 -31.45 61.15 0.36
CA PRO M 344 -30.27 60.34 0.06
C PRO M 344 -28.92 61.01 -0.22
N LEU M 345 -27.87 60.27 0.06
CA LEU M 345 -26.49 60.70 -0.18
C LEU M 345 -26.12 59.94 -1.44
N LEU M 346 -25.28 60.53 -2.29
CA LEU M 346 -24.84 59.86 -3.51
C LEU M 346 -23.36 59.53 -3.26
N TYR M 347 -23.04 58.24 -3.20
CA TYR M 347 -21.66 57.83 -2.98
C TYR M 347 -20.96 57.64 -4.32
N ALA M 348 -19.79 58.26 -4.47
CA ALA M 348 -19.01 58.16 -5.71
C ALA M 348 -17.59 57.73 -5.35
N LEU M 349 -17.24 56.50 -5.70
CA LEU M 349 -15.93 55.94 -5.39
C LEU M 349 -14.94 56.01 -6.54
N SER M 350 -13.77 56.57 -6.27
CA SER M 350 -12.72 56.67 -7.27
C SER M 350 -11.65 55.63 -6.94
N THR M 351 -11.47 54.66 -7.83
CA THR M 351 -10.47 53.61 -7.63
C THR M 351 -9.08 54.23 -7.72
N GLY M 352 -8.93 55.17 -8.66
CA GLY M 352 -7.65 55.83 -8.84
C GLY M 352 -7.23 56.69 -7.65
N ASP M 353 -8.15 57.46 -7.10
CA ASP M 353 -7.85 58.33 -5.96
C ASP M 353 -7.93 57.58 -4.63
N LYS M 354 -8.48 56.36 -4.65
CA LYS M 354 -8.65 55.56 -3.43
C LYS M 354 -9.46 56.45 -2.47
N THR M 355 -10.41 57.17 -3.04
CA THR M 355 -11.23 58.09 -2.26
C THR M 355 -12.72 57.94 -2.53
N LEU M 356 -13.50 58.08 -1.47
CA LEU M 356 -14.96 58.02 -1.56
C LEU M 356 -15.46 59.46 -1.44
N TYR M 357 -16.09 59.96 -2.50
CA TYR M 357 -16.63 61.31 -2.46
C TYR M 357 -18.11 61.17 -2.14
N ILE M 358 -18.58 61.97 -1.17
CA ILE M 358 -19.96 61.91 -0.74
C ILE M 358 -20.72 63.15 -1.20
N HIS M 359 -21.74 62.93 -2.04
CA HIS M 359 -22.53 64.02 -2.60
C HIS M 359 -23.99 64.03 -2.16
N ASP M 360 -24.62 65.18 -2.32
CA ASP M 360 -26.03 65.33 -2.02
C ASP M 360 -26.68 64.75 -3.26
N ALA M 361 -27.49 63.70 -3.12
CA ALA M 361 -28.11 63.05 -4.27
C ALA M 361 -29.11 63.94 -5.01
N GLU M 362 -29.54 65.03 -4.39
CA GLU M 362 -30.51 65.92 -5.02
C GLU M 362 -29.84 67.01 -5.85
N SER M 363 -28.90 67.73 -5.24
CA SER M 363 -28.21 68.81 -5.93
C SER M 363 -26.92 68.38 -6.62
N GLY M 364 -26.41 67.21 -6.25
CA GLY M 364 -25.18 66.71 -6.84
C GLY M 364 -23.94 67.34 -6.23
N GLU M 365 -24.15 68.23 -5.26
CA GLU M 365 -23.05 68.92 -4.59
C GLU M 365 -22.19 68.00 -3.73
N GLU M 366 -20.87 68.16 -3.81
CA GLU M 366 -19.96 67.35 -3.01
C GLU M 366 -19.99 67.85 -1.58
N LEU M 367 -20.34 66.97 -0.65
CA LEU M 367 -20.42 67.32 0.77
C LEU M 367 -19.11 67.05 1.52
N ARG M 368 -18.54 65.88 1.31
CA ARG M 368 -17.31 65.51 2.00
C ARG M 368 -16.62 64.35 1.30
N SER M 369 -15.43 64.00 1.76
CA SER M 369 -14.70 62.89 1.14
C SER M 369 -13.90 62.12 2.18
N VAL M 370 -13.61 60.86 1.85
CA VAL M 370 -12.84 59.98 2.72
C VAL M 370 -11.76 59.34 1.85
N ASN M 371 -10.50 59.63 2.13
CA ASN M 371 -9.42 59.08 1.31
C ASN M 371 -8.70 57.88 1.95
N GLN M 372 -7.58 57.51 1.33
CA GLN M 372 -6.77 56.38 1.80
C GLN M 372 -7.60 55.12 2.04
N LEU M 373 -8.43 54.78 1.07
CA LEU M 373 -9.26 53.60 1.21
C LEU M 373 -8.66 52.39 0.49
N GLY M 374 -7.54 51.90 1.00
CA GLY M 374 -6.92 50.74 0.41
C GLY M 374 -6.09 51.01 -0.83
N HIS M 375 -5.91 49.98 -1.64
CA HIS M 375 -5.10 50.06 -2.85
C HIS M 375 -5.88 50.27 -4.14
N GLY M 376 -7.05 49.68 -4.23
CA GLY M 376 -7.87 49.85 -5.43
C GLY M 376 -9.34 49.60 -5.11
N PRO M 377 -9.97 50.45 -4.28
CA PRO M 377 -11.38 50.29 -3.91
C PRO M 377 -12.34 50.32 -5.10
N GLN M 378 -13.28 49.39 -5.13
CA GLN M 378 -14.24 49.27 -6.24
C GLN M 378 -15.72 49.07 -5.91
N VAL M 379 -16.03 48.55 -4.73
CA VAL M 379 -17.43 48.27 -4.43
C VAL M 379 -18.00 49.00 -3.24
N ILE M 380 -19.19 49.57 -3.45
CA ILE M 380 -19.91 50.29 -2.41
C ILE M 380 -21.17 49.50 -2.07
N THR M 381 -21.41 49.25 -0.80
CA THR M 381 -22.61 48.53 -0.40
C THR M 381 -23.33 49.31 0.69
N THR M 382 -24.65 49.43 0.56
CA THR M 382 -25.47 50.13 1.55
C THR M 382 -26.66 49.24 1.90
N ALA M 383 -27.23 49.45 3.08
CA ALA M 383 -28.37 48.66 3.51
C ALA M 383 -29.65 49.48 3.33
N ASP M 384 -30.74 48.79 3.00
CA ASP M 384 -32.03 49.45 2.83
C ASP M 384 -32.82 49.13 4.09
N MET M 385 -32.62 49.94 5.13
CA MET M 385 -33.29 49.72 6.41
C MET M 385 -34.71 50.25 6.47
N GLY M 386 -35.11 51.01 5.47
CA GLY M 386 -36.46 51.55 5.46
C GLY M 386 -37.49 50.52 5.06
N THR N 7 -2.75 61.49 -21.23
CA THR N 7 -3.58 60.71 -22.19
C THR N 7 -4.95 60.37 -21.63
N ASP N 8 -5.98 60.63 -22.44
CA ASP N 8 -7.36 60.38 -22.05
C ASP N 8 -7.66 58.88 -22.02
N PRO N 9 -8.00 58.34 -20.85
CA PRO N 9 -8.32 56.91 -20.72
C PRO N 9 -9.59 56.50 -21.47
N ARG N 10 -10.47 57.46 -21.70
CA ARG N 10 -11.73 57.21 -22.40
C ARG N 10 -11.62 57.23 -23.92
N ALA N 11 -10.49 57.72 -24.43
CA ALA N 11 -10.29 57.81 -25.88
C ALA N 11 -10.08 56.44 -26.51
N LYS N 12 -10.36 56.34 -27.81
CA LYS N 12 -10.19 55.08 -28.54
C LYS N 12 -8.77 54.56 -28.33
N TRP N 13 -8.65 53.28 -28.01
CA TRP N 13 -7.37 52.65 -27.78
C TRP N 13 -6.56 52.60 -29.09
N VAL N 14 -5.30 53.00 -29.03
CA VAL N 14 -4.43 53.01 -30.20
C VAL N 14 -3.22 52.10 -29.94
N PRO N 15 -3.16 50.94 -30.62
CA PRO N 15 -2.06 49.99 -30.44
C PRO N 15 -0.73 50.39 -31.07
N GLN N 16 0.35 49.92 -30.46
CA GLN N 16 1.70 50.16 -30.97
C GLN N 16 2.41 48.82 -30.94
N ASP N 17 3.50 48.69 -31.69
CA ASP N 17 4.22 47.43 -31.75
C ASP N 17 5.71 47.66 -31.50
N ASN N 18 6.04 48.43 -30.46
CA ASN N 18 7.44 48.70 -30.16
C ASN N 18 7.87 48.57 -28.70
N ASP N 19 6.92 48.34 -27.79
CA ASP N 19 7.26 48.20 -26.36
C ASP N 19 6.21 47.33 -25.68
N ILE N 20 6.58 46.10 -25.31
CA ILE N 20 5.63 45.20 -24.67
C ILE N 20 5.32 45.51 -23.21
N GLN N 21 6.08 46.41 -22.59
CA GLN N 21 5.82 46.75 -21.20
C GLN N 21 4.85 47.92 -21.04
N ALA N 22 4.36 48.45 -22.16
CA ALA N 22 3.41 49.55 -22.13
C ALA N 22 2.01 48.99 -22.34
N CYS N 23 1.02 49.60 -21.72
CA CYS N 23 -0.35 49.13 -21.82
C CYS N 23 -0.99 49.25 -23.21
N ASP N 24 -0.36 50.00 -24.10
CA ASP N 24 -0.92 50.13 -25.44
C ASP N 24 -0.24 49.21 -26.47
N TYR N 25 0.54 48.23 -25.98
CA TYR N 25 1.17 47.27 -26.88
C TYR N 25 0.00 46.50 -27.51
N TRP N 26 0.04 46.32 -28.82
CA TRP N 26 -1.08 45.69 -29.52
C TRP N 26 -1.63 44.35 -28.99
N ARG N 27 -0.77 43.47 -28.47
CA ARG N 27 -1.26 42.18 -27.98
C ARG N 27 -2.02 42.27 -26.66
N HIS N 28 -1.96 43.42 -25.99
CA HIS N 28 -2.64 43.58 -24.70
C HIS N 28 -4.02 44.20 -24.85
N CYS N 29 -4.63 44.09 -26.03
CA CYS N 29 -5.93 44.71 -26.24
C CYS N 29 -7.03 44.26 -25.29
N SER N 30 -6.83 43.14 -24.61
CA SER N 30 -7.83 42.69 -23.64
C SER N 30 -7.17 42.09 -22.40
N ILE N 31 -6.03 42.65 -22.03
CA ILE N 31 -5.34 42.16 -20.86
C ILE N 31 -5.99 42.82 -19.64
N ASP N 32 -6.04 42.09 -18.53
CA ASP N 32 -6.60 42.60 -17.29
C ASP N 32 -5.70 42.10 -16.17
N GLY N 33 -4.95 43.02 -15.57
CA GLY N 33 -4.07 42.63 -14.49
C GLY N 33 -2.68 43.22 -14.63
N ASN N 34 -1.68 42.35 -14.80
CA ASN N 34 -0.29 42.78 -14.92
C ASN N 34 0.47 42.04 -16.02
N ILE N 35 1.39 42.76 -16.67
CA ILE N 35 2.19 42.20 -17.74
C ILE N 35 3.30 41.33 -17.15
N CYS N 36 3.27 40.04 -17.45
CA CYS N 36 4.25 39.11 -16.92
C CYS N 36 5.71 39.44 -17.18
N ASP N 37 6.00 40.13 -18.29
CA ASP N 37 7.38 40.46 -18.59
C ASP N 37 7.99 41.35 -17.51
N CYS N 38 7.15 42.00 -16.71
CA CYS N 38 7.65 42.88 -15.66
C CYS N 38 7.93 42.20 -14.33
N SER N 39 7.74 40.89 -14.25
CA SER N 39 8.02 40.18 -13.00
C SER N 39 8.82 38.91 -13.22
N GLY N 40 9.61 38.86 -14.28
CA GLY N 40 10.43 37.70 -14.52
C GLY N 40 9.97 36.74 -15.61
N GLY N 41 8.81 36.99 -16.19
CA GLY N 41 8.34 36.12 -17.26
C GLY N 41 8.75 36.78 -18.55
N SER N 42 7.99 36.54 -19.62
CA SER N 42 8.27 37.17 -20.91
C SER N 42 6.92 37.46 -21.52
N LEU N 43 6.89 37.90 -22.78
CA LEU N 43 5.64 38.20 -23.42
C LEU N 43 4.71 36.98 -23.42
N THR N 44 5.28 35.80 -23.63
CA THR N 44 4.48 34.58 -23.70
C THR N 44 4.82 33.49 -22.68
N ASN N 45 5.68 33.80 -21.71
CA ASN N 45 6.06 32.80 -20.71
C ASN N 45 5.82 33.30 -19.29
N CYS N 46 5.53 32.37 -18.37
CA CYS N 46 5.29 32.71 -16.98
C CYS N 46 6.60 32.84 -16.21
N PRO N 47 6.62 33.67 -15.14
CA PRO N 47 7.82 33.88 -14.33
C PRO N 47 8.13 32.61 -13.54
N PRO N 48 9.38 32.44 -13.09
CA PRO N 48 9.75 31.25 -12.33
C PRO N 48 8.90 31.11 -11.06
N GLY N 49 8.56 29.89 -10.70
CA GLY N 49 7.77 29.64 -9.50
C GLY N 49 6.26 29.72 -9.64
N THR N 50 5.77 30.35 -10.70
CA THR N 50 4.33 30.46 -10.90
C THR N 50 3.80 29.27 -11.69
N LYS N 51 2.48 29.12 -11.72
CA LYS N 51 1.85 28.02 -12.45
C LYS N 51 1.10 28.53 -13.66
N LEU N 52 1.32 27.90 -14.80
CA LEU N 52 0.68 28.30 -16.06
C LEU N 52 -0.72 27.72 -16.26
N ALA N 53 -1.70 28.59 -16.44
CA ALA N 53 -3.07 28.15 -16.66
C ALA N 53 -3.21 27.63 -18.09
N THR N 54 -4.19 26.77 -18.32
CA THR N 54 -4.41 26.24 -19.65
C THR N 54 -5.63 26.90 -20.29
N ALA N 55 -6.63 27.22 -19.47
CA ALA N 55 -7.85 27.86 -19.98
C ALA N 55 -7.77 29.37 -19.84
N SER N 56 -8.45 30.08 -20.74
CA SER N 56 -8.43 31.54 -20.67
C SER N 56 -9.49 32.20 -21.54
N TRQ N 57 -9.60 33.51 -21.39
CA TRQ N 57 -10.53 34.29 -22.20
C TRQ N 57 -9.67 34.70 -23.39
O TRQ N 57 -8.43 34.62 -23.31
CB TRQ N 57 -11.04 35.50 -21.41
CG TRQ N 57 -10.01 36.56 -21.07
CD1 TRQ N 57 -9.64 37.59 -21.89
NE1 TRQ N 57 -8.70 38.37 -21.27
CE2 TRQ N 57 -8.43 37.84 -20.03
CZ2 TRQ N 57 -7.54 38.31 -19.06
CH2 TRQ N 57 -7.44 37.61 -17.89
CZ3 TRQ N 57 -8.22 36.46 -17.65
CE3 TRQ N 57 -9.11 35.99 -18.62
CD2 TRQ N 57 -9.24 36.69 -19.85
O6 TRQ N 57 -6.63 38.04 -17.02
O7 TRQ N 57 -6.88 39.33 -19.33
N VAL N 58 -10.28 35.09 -24.49
CA VAL N 58 -9.51 35.51 -25.67
C VAL N 58 -10.02 36.83 -26.19
N ALA N 59 -9.30 37.37 -27.18
CA ALA N 59 -9.68 38.62 -27.81
C ALA N 59 -8.98 38.70 -29.15
N SER N 60 -9.63 39.35 -30.10
CA SER N 60 -9.06 39.54 -31.42
C SER N 60 -8.37 40.91 -31.37
N CYS N 61 -7.04 40.91 -31.44
CA CYS N 61 -6.30 42.16 -31.39
C CYS N 61 -5.70 42.53 -32.75
N TYR N 62 -5.83 43.80 -33.11
CA TYR N 62 -5.32 44.32 -34.37
C TYR N 62 -3.82 44.61 -34.27
N ASN N 63 -3.05 44.07 -35.20
CA ASN N 63 -1.60 44.30 -35.23
C ASN N 63 -1.33 45.41 -36.25
N PRO N 64 -0.94 46.60 -35.79
CA PRO N 64 -0.67 47.73 -36.68
C PRO N 64 0.51 47.52 -37.64
N THR N 65 1.38 46.57 -37.31
CA THR N 65 2.54 46.31 -38.16
C THR N 65 2.18 45.63 -39.48
N ASP N 66 1.41 44.55 -39.42
CA ASP N 66 1.02 43.86 -40.65
C ASP N 66 -0.45 44.04 -41.00
N GLY N 67 -1.16 44.84 -40.22
CA GLY N 67 -2.56 45.09 -40.49
C GLY N 67 -3.49 43.90 -40.33
N GLN N 68 -3.01 42.84 -39.68
CA GLN N 68 -3.82 41.65 -39.46
C GLN N 68 -4.32 41.59 -38.02
N SER N 69 -5.40 40.85 -37.79
CA SER N 69 -5.96 40.69 -36.46
C SER N 69 -5.68 39.27 -35.99
N TYR N 70 -5.10 39.15 -34.80
CA TYR N 70 -4.77 37.84 -34.25
C TYR N 70 -5.56 37.56 -32.98
N LEU N 71 -5.80 36.27 -32.74
CA LEU N 71 -6.52 35.86 -31.54
C LEU N 71 -5.49 35.65 -30.44
N ILE N 72 -5.63 36.40 -29.36
CA ILE N 72 -4.72 36.31 -28.22
C ILE N 72 -5.37 35.54 -27.09
N ALA N 73 -4.66 34.57 -26.52
CA ALA N 73 -5.20 33.78 -25.41
C ALA N 73 -4.58 34.30 -24.12
N TYR N 74 -5.37 35.02 -23.33
CA TYR N 74 -4.88 35.59 -22.09
C TYR N 74 -4.84 34.61 -20.92
N ARG N 75 -3.85 33.74 -20.93
CA ARG N 75 -3.68 32.75 -19.88
C ARG N 75 -2.97 33.45 -18.73
N ASP N 76 -3.45 33.24 -17.50
CA ASP N 76 -2.81 33.86 -16.36
C ASP N 76 -1.74 32.94 -15.76
N CYS N 77 -0.76 33.56 -15.09
CA CYS N 77 0.29 32.83 -14.39
C CYS N 77 -0.22 32.92 -12.96
N CYS N 78 -0.32 31.77 -12.29
CA CYS N 78 -0.93 31.72 -10.97
C CYS N 78 -0.11 31.12 -9.81
N GLY N 79 -0.70 31.18 -8.62
CA GLY N 79 -0.05 30.63 -7.43
C GLY N 79 0.88 31.61 -6.74
N TYR N 80 0.70 32.89 -7.05
CA TYR N 80 1.52 33.95 -6.48
C TYR N 80 0.60 35.15 -6.23
N ASN N 81 1.02 36.03 -5.31
CA ASN N 81 0.26 37.24 -5.03
C ASN N 81 0.50 38.13 -6.27
N VAL N 82 -0.42 39.05 -6.55
CA VAL N 82 -0.31 39.93 -7.73
C VAL N 82 1.05 40.63 -7.75
N SER N 83 1.68 40.69 -8.93
CA SER N 83 3.00 41.29 -9.06
C SER N 83 3.08 42.75 -8.66
N GLY N 84 2.07 43.52 -9.03
CA GLY N 84 2.07 44.94 -8.70
C GLY N 84 2.89 45.76 -9.67
N ARG N 85 3.46 45.12 -10.69
CA ARG N 85 4.25 45.84 -11.69
C ARG N 85 3.54 45.81 -13.04
N CYS N 86 3.63 46.93 -13.76
CA CYS N 86 3.02 47.09 -15.08
C CYS N 86 1.55 46.71 -15.12
N PRO N 87 0.72 47.39 -14.31
CA PRO N 87 -0.71 47.08 -14.33
C PRO N 87 -1.37 47.65 -15.58
N CYS N 88 -2.29 46.89 -16.16
CA CYS N 88 -3.03 47.34 -17.35
C CYS N 88 -4.42 46.76 -17.37
N LEU N 89 -5.34 47.48 -18.00
CA LEU N 89 -6.71 47.03 -18.15
C LEU N 89 -7.27 47.57 -19.47
N ASN N 90 -7.36 46.69 -20.46
CA ASN N 90 -7.90 47.04 -21.76
C ASN N 90 -9.08 46.10 -22.01
N THR N 91 -10.05 46.54 -22.80
CA THR N 91 -11.24 45.75 -23.03
C THR N 91 -11.76 45.78 -24.47
N GLU N 92 -10.87 45.65 -25.43
CA GLU N 92 -11.29 45.65 -26.83
C GLU N 92 -12.10 44.40 -27.13
N GLY N 93 -13.39 44.57 -27.40
CA GLY N 93 -14.25 43.44 -27.71
C GLY N 93 -14.63 42.62 -26.49
N GLU N 94 -14.31 43.12 -25.30
CA GLU N 94 -14.62 42.39 -24.06
C GLU N 94 -16.13 42.41 -23.80
N LEU N 95 -16.69 41.21 -23.58
CA LEU N 95 -18.12 41.03 -23.32
C LEU N 95 -18.42 40.71 -21.85
N PRO N 96 -19.69 40.85 -21.43
CA PRO N 96 -20.09 40.58 -20.05
C PRO N 96 -19.80 39.13 -19.64
N VAL N 97 -19.89 38.86 -18.34
CA VAL N 97 -19.60 37.53 -17.80
C VAL N 97 -20.42 36.37 -18.37
N TYR N 98 -21.62 36.64 -18.90
CA TYR N 98 -22.43 35.57 -19.45
C TYR N 98 -21.95 35.11 -20.85
N ARG N 99 -20.85 35.71 -21.29
CA ARG N 99 -20.17 35.36 -22.55
C ARG N 99 -18.72 35.25 -22.08
N PRO N 100 -18.47 34.29 -21.16
CA PRO N 100 -17.14 34.05 -20.58
C PRO N 100 -15.98 33.91 -21.54
N GLU N 101 -16.23 33.36 -22.72
CA GLU N 101 -15.15 33.18 -23.70
C GLU N 101 -14.44 34.50 -23.98
N PHE N 102 -15.13 35.63 -23.81
CA PHE N 102 -14.54 36.95 -24.05
C PHE N 102 -14.53 37.87 -22.82
N ALA N 103 -14.79 37.33 -21.63
CA ALA N 103 -14.84 38.13 -20.40
C ALA N 103 -13.51 38.18 -19.67
N ASN N 104 -13.03 39.37 -19.30
CA ASN N 104 -11.74 39.43 -18.62
C ASN N 104 -11.63 39.80 -17.14
N ASP N 105 -12.74 39.78 -16.40
CA ASP N 105 -12.69 40.05 -14.96
C ASP N 105 -12.45 38.71 -14.27
N ILE N 106 -12.71 37.63 -15.00
CA ILE N 106 -12.56 36.27 -14.48
C ILE N 106 -11.09 35.94 -14.30
N ILE N 107 -10.76 35.23 -13.22
CA ILE N 107 -9.38 34.84 -13.00
C ILE N 107 -9.19 33.57 -13.83
N TRP N 108 -8.51 33.71 -14.96
CA TRP N 108 -8.29 32.59 -15.86
C TRP N 108 -7.08 31.75 -15.45
N CYS N 109 -7.24 31.04 -14.32
CA CYS N 109 -6.17 30.18 -13.79
C CYS N 109 -6.50 28.69 -13.90
N PHE N 110 -7.67 28.37 -14.44
CA PHE N 110 -8.06 26.96 -14.58
C PHE N 110 -7.02 26.16 -15.36
N GLY N 111 -6.72 24.96 -14.87
CA GLY N 111 -5.75 24.12 -15.54
C GLY N 111 -4.33 24.25 -15.02
N ALA N 112 -4.09 25.26 -14.20
CA ALA N 112 -2.75 25.46 -13.64
C ALA N 112 -2.41 24.31 -12.70
N GLU N 113 -1.14 23.96 -12.65
CA GLU N 113 -0.67 22.88 -11.78
C GLU N 113 -0.97 23.19 -10.31
N ASP N 114 -1.18 22.16 -9.52
CA ASP N 114 -1.45 22.31 -8.08
C ASP N 114 -2.73 23.09 -7.79
N ASP N 115 -3.63 23.16 -8.77
CA ASP N 115 -4.88 23.88 -8.62
C ASP N 115 -4.67 25.33 -8.20
N ALA N 116 -3.55 25.92 -8.63
CA ALA N 116 -3.24 27.31 -8.30
C ALA N 116 -4.33 28.20 -8.89
N MET N 117 -4.91 29.07 -8.06
CA MET N 117 -5.96 29.97 -8.53
C MET N 117 -5.75 31.44 -8.20
N THR N 118 -4.63 31.78 -7.56
CA THR N 118 -4.34 33.18 -7.23
C THR N 118 -3.72 33.87 -8.45
N TYR N 119 -4.01 35.15 -8.62
CA TYR N 119 -3.52 35.90 -9.77
C TYR N 119 -2.17 36.59 -9.60
N HIS N 120 -1.24 36.35 -10.52
CA HIS N 120 0.07 37.00 -10.47
C HIS N 120 0.26 37.94 -11.65
N CYS N 121 0.10 37.43 -12.86
CA CYS N 121 0.23 38.25 -14.07
C CYS N 121 -0.38 37.52 -15.27
N THR N 122 -0.40 38.17 -16.43
CA THR N 122 -0.98 37.59 -17.63
C THR N 122 -0.04 37.65 -18.82
N ILE N 123 -0.02 36.58 -19.62
CA ILE N 123 0.82 36.53 -20.82
C ILE N 123 -0.04 36.81 -22.05
N SER N 124 0.58 37.20 -23.16
CA SER N 124 -0.16 37.53 -24.38
C SER N 124 0.25 36.74 -25.63
N PRO N 125 0.11 35.41 -25.60
CA PRO N 125 0.48 34.59 -26.76
C PRO N 125 -0.59 34.57 -27.86
N ILE N 126 -0.13 34.45 -29.10
CA ILE N 126 -1.02 34.38 -30.25
C ILE N 126 -1.40 32.90 -30.43
N VAL N 127 -2.69 32.62 -30.60
CA VAL N 127 -3.13 31.24 -30.80
C VAL N 127 -3.69 31.03 -32.21
N GLY N 128 -3.71 32.10 -33.00
CA GLY N 128 -4.21 31.98 -34.35
C GLY N 128 -4.65 33.31 -34.95
N LYS N 129 -5.01 33.26 -36.22
CA LYS N 129 -5.48 34.45 -36.91
C LYS N 129 -6.96 34.61 -36.60
N ALA N 130 -7.42 35.85 -36.48
CA ALA N 130 -8.82 36.11 -36.18
C ALA N 130 -9.53 36.72 -37.37
N SER N 131 -10.54 37.55 -37.08
CA SER N 131 -11.32 38.22 -38.11
C SER N 131 -10.96 39.70 -38.20
N ASP O 1 -8.48 4.36 -15.91
CA ASP O 1 -9.40 3.32 -15.36
C ASP O 1 -10.56 3.01 -16.32
N LYS O 2 -11.27 4.06 -16.74
CA LYS O 2 -12.40 3.90 -17.65
C LYS O 2 -11.95 4.16 -19.09
N ALA O 3 -10.76 4.74 -19.24
CA ALA O 3 -10.23 5.05 -20.56
C ALA O 3 -8.74 5.34 -20.51
N THR O 4 -8.05 5.09 -21.61
CA THR O 4 -6.61 5.33 -21.70
C THR O 4 -6.35 6.54 -22.58
N ILE O 5 -5.22 7.20 -22.37
CA ILE O 5 -4.88 8.39 -23.14
C ILE O 5 -3.68 8.14 -24.07
N PRO O 6 -3.93 7.97 -25.37
CA PRO O 6 -2.85 7.75 -26.33
C PRO O 6 -1.76 8.81 -26.23
N SER O 7 -2.12 10.06 -26.49
CA SER O 7 -1.17 11.17 -26.41
C SER O 7 -1.54 12.08 -25.25
N GLU O 8 -0.53 12.57 -24.53
CA GLU O 8 -0.75 13.46 -23.39
C GLU O 8 -0.92 14.89 -23.92
N SER O 9 -0.21 15.20 -25.00
CA SER O 9 -0.28 16.51 -25.63
C SER O 9 -1.04 16.42 -26.94
N PRO O 10 -1.67 17.52 -27.37
CA PRO O 10 -2.43 17.51 -28.62
C PRO O 10 -1.49 17.28 -29.81
N PHE O 11 -2.02 16.64 -30.85
CA PHE O 11 -1.24 16.37 -32.06
C PHE O 11 -1.95 16.92 -33.28
N ALA O 12 -1.22 17.05 -34.38
CA ALA O 12 -1.79 17.55 -35.62
C ALA O 12 -2.94 16.64 -36.06
N ALA O 13 -3.99 17.26 -36.60
CA ALA O 13 -5.14 16.50 -37.07
C ALA O 13 -4.74 15.60 -38.24
N ALA O 14 -3.59 15.90 -38.83
CA ALA O 14 -3.08 15.12 -39.94
C ALA O 14 -2.70 13.72 -39.50
N GLU O 15 -2.08 13.60 -38.32
CA GLU O 15 -1.69 12.30 -37.80
C GLU O 15 -2.91 11.45 -37.51
N VAL O 16 -4.09 12.03 -37.71
CA VAL O 16 -5.34 11.32 -37.48
C VAL O 16 -5.71 10.47 -38.69
N ALA O 17 -5.90 9.17 -38.46
CA ALA O 17 -6.26 8.26 -39.53
C ALA O 17 -7.54 8.78 -40.17
N ASP O 18 -7.42 9.31 -41.39
CA ASP O 18 -8.56 9.86 -42.10
C ASP O 18 -9.62 8.78 -42.37
N GLY O 19 -10.19 8.29 -41.26
CA GLY O 19 -11.20 7.25 -41.33
C GLY O 19 -11.47 6.74 -39.92
N ALA O 20 -11.11 7.55 -38.93
CA ALA O 20 -11.31 7.18 -37.52
C ALA O 20 -12.46 7.98 -36.90
N ILE O 21 -12.91 7.53 -35.74
CA ILE O 21 -14.00 8.20 -35.03
C ILE O 21 -13.57 9.62 -34.64
N VAL O 22 -14.23 10.61 -35.23
CA VAL O 22 -13.89 12.01 -34.96
C VAL O 22 -15.09 12.88 -34.55
N VAL O 23 -14.84 13.79 -33.60
CA VAL O 23 -15.86 14.71 -33.12
C VAL O 23 -15.29 16.11 -33.37
N ASP O 24 -15.83 16.79 -34.37
CA ASP O 24 -15.36 18.14 -34.70
C ASP O 24 -15.84 19.19 -33.72
N ILE O 25 -14.98 20.16 -33.45
CA ILE O 25 -15.31 21.25 -32.54
C ILE O 25 -15.29 22.52 -33.39
N ALA O 26 -16.42 23.19 -33.46
CA ALA O 26 -16.52 24.41 -34.25
C ALA O 26 -17.74 25.20 -33.82
N LYS O 27 -17.71 26.51 -34.04
CA LYS O 27 -18.82 27.38 -33.69
C LYS O 27 -19.27 27.21 -32.24
N MET O 28 -18.29 27.07 -31.35
CA MET O 28 -18.56 26.93 -29.92
C MET O 28 -19.39 25.70 -29.57
N LYS O 29 -19.14 24.58 -30.22
CA LYS O 29 -19.89 23.38 -29.90
C LYS O 29 -19.20 22.10 -30.37
N TYR O 30 -19.60 20.99 -29.77
CA TYR O 30 -19.09 19.69 -30.16
C TYR O 30 -20.14 19.30 -31.21
N GLU O 31 -19.73 19.27 -32.47
CA GLU O 31 -20.66 18.98 -33.56
C GLU O 31 -21.44 17.66 -33.43
N THR O 32 -20.84 16.65 -32.80
CA THR O 32 -21.53 15.37 -32.58
C THR O 32 -21.58 15.23 -31.06
N PRO O 33 -22.66 15.72 -30.44
CA PRO O 33 -22.92 15.72 -29.00
C PRO O 33 -23.20 14.38 -28.31
N GLU O 34 -23.69 13.40 -29.05
CA GLU O 34 -23.98 12.11 -28.45
C GLU O 34 -23.36 11.01 -29.30
N LEU O 35 -22.05 10.85 -29.19
CA LEU O 35 -21.33 9.85 -29.95
C LEU O 35 -21.56 8.46 -29.36
N HIS O 36 -21.72 7.48 -30.23
CA HIS O 36 -21.93 6.10 -29.79
C HIS O 36 -20.80 5.25 -30.37
N VAL O 37 -20.07 4.58 -29.48
CA VAL O 37 -18.97 3.72 -29.89
C VAL O 37 -18.96 2.42 -29.07
N LYS O 38 -18.04 1.53 -29.40
CA LYS O 38 -17.93 0.25 -28.69
C LYS O 38 -16.67 0.23 -27.84
N VAL O 39 -16.67 -0.62 -26.82
CA VAL O 39 -15.51 -0.74 -25.94
C VAL O 39 -14.29 -1.00 -26.81
N GLY O 40 -13.21 -0.28 -26.53
CA GLY O 40 -11.99 -0.45 -27.31
C GLY O 40 -11.81 0.64 -28.34
N ASP O 41 -12.91 1.29 -28.73
CA ASP O 41 -12.88 2.35 -29.72
C ASP O 41 -12.06 3.56 -29.25
N THR O 42 -11.47 4.27 -30.21
CA THR O 42 -10.67 5.45 -29.90
C THR O 42 -11.27 6.73 -30.48
N VAL O 43 -11.93 7.50 -29.61
CA VAL O 43 -12.58 8.76 -29.99
C VAL O 43 -11.54 9.87 -30.14
N THR O 44 -11.61 10.61 -31.24
CA THR O 44 -10.68 11.71 -31.46
C THR O 44 -11.38 13.04 -31.69
N TRP O 45 -11.11 14.00 -30.81
CA TRP O 45 -11.69 15.33 -30.92
C TRP O 45 -10.72 16.20 -31.71
N ILE O 46 -11.26 16.99 -32.64
CA ILE O 46 -10.44 17.90 -33.44
C ILE O 46 -11.06 19.29 -33.43
N ASN O 47 -10.25 20.29 -33.10
CA ASN O 47 -10.74 21.67 -33.06
C ASN O 47 -10.62 22.32 -34.43
N ARG O 48 -11.76 22.75 -34.98
CA ARG O 48 -11.78 23.38 -36.30
C ARG O 48 -11.74 24.91 -36.32
N GLU O 49 -11.67 25.55 -35.16
CA GLU O 49 -11.63 27.01 -35.14
C GLU O 49 -10.48 27.55 -34.28
N ALA O 50 -10.17 28.83 -34.46
CA ALA O 50 -9.09 29.48 -33.71
C ALA O 50 -9.31 29.47 -32.21
N MET O 51 -10.57 29.61 -31.80
CA MET O 51 -10.93 29.61 -30.38
C MET O 51 -10.50 28.30 -29.73
N PRO O 52 -9.53 28.35 -28.80
CA PRO O 52 -9.06 27.12 -28.14
C PRO O 52 -10.15 26.39 -27.33
N HIS O 53 -10.13 25.06 -27.39
CA HIS O 53 -11.10 24.24 -26.68
C HIS O 53 -10.41 22.97 -26.17
N ASN O 54 -11.11 22.24 -25.30
CA ASN O 54 -10.58 21.00 -24.76
C ASN O 54 -11.76 20.15 -24.32
N VAL O 55 -11.47 18.98 -23.77
CA VAL O 55 -12.50 18.10 -23.26
C VAL O 55 -12.16 17.95 -21.79
N HIS O 56 -13.19 18.00 -20.94
CA HIS O 56 -12.97 17.92 -19.51
C HIS O 56 -14.01 17.03 -18.85
N PHE O 57 -13.54 15.97 -18.21
CA PHE O 57 -14.42 15.03 -17.53
C PHE O 57 -14.20 15.23 -16.03
N VAL O 58 -15.28 15.49 -15.30
CA VAL O 58 -15.15 15.71 -13.86
C VAL O 58 -14.77 14.43 -13.15
N ALA O 59 -14.13 14.57 -11.98
CA ALA O 59 -13.70 13.42 -11.19
C ALA O 59 -14.84 12.42 -11.00
N GLY O 60 -14.50 11.14 -11.08
CA GLY O 60 -15.51 10.11 -10.90
C GLY O 60 -16.19 9.67 -12.19
N VAL O 61 -15.64 10.05 -13.34
CA VAL O 61 -16.23 9.66 -14.62
C VAL O 61 -15.32 8.69 -15.37
N LEU O 62 -14.14 9.16 -15.78
CA LEU O 62 -13.20 8.30 -16.51
C LEU O 62 -12.27 7.63 -15.51
N GLY O 63 -12.63 7.74 -14.24
CA GLY O 63 -11.85 7.16 -13.16
C GLY O 63 -12.24 7.94 -11.92
N GLU O 64 -11.34 8.05 -10.95
CA GLU O 64 -11.67 8.79 -9.74
C GLU O 64 -11.11 10.20 -9.84
N ALA O 65 -10.08 10.36 -10.65
CA ALA O 65 -9.45 11.66 -10.85
C ALA O 65 -10.09 12.31 -12.07
N ALA O 66 -10.35 13.61 -11.98
CA ALA O 66 -10.95 14.34 -13.10
C ALA O 66 -9.91 14.43 -14.21
N LEU O 67 -10.35 14.44 -15.46
CA LEU O 67 -9.44 14.54 -16.58
C LEU O 67 -9.61 15.89 -17.27
N LYS O 68 -8.56 16.71 -17.21
CA LYS O 68 -8.59 18.02 -17.83
C LYS O 68 -7.72 17.97 -19.07
N GLY O 69 -8.30 17.47 -20.15
CA GLY O 69 -7.57 17.38 -21.40
C GLY O 69 -6.89 18.69 -21.74
N PRO O 70 -5.83 18.66 -22.56
CA PRO O 70 -5.11 19.87 -22.95
C PRO O 70 -5.93 20.75 -23.88
N MET O 71 -5.58 22.03 -23.93
CA MET O 71 -6.28 22.97 -24.80
C MET O 71 -5.77 22.79 -26.22
N MET O 72 -6.69 22.59 -27.15
CA MET O 72 -6.34 22.39 -28.55
C MET O 72 -6.48 23.68 -29.34
N LYS O 73 -5.48 23.96 -30.18
CA LYS O 73 -5.56 25.14 -31.03
C LYS O 73 -6.18 24.64 -32.32
N LYS O 74 -6.35 25.53 -33.29
CA LYS O 74 -6.95 25.14 -34.56
C LYS O 74 -6.17 24.00 -35.21
N GLU O 75 -6.90 23.03 -35.76
CA GLU O 75 -6.31 21.87 -36.42
C GLU O 75 -5.48 20.97 -35.52
N GLN O 76 -5.84 20.89 -34.25
CA GLN O 76 -5.13 20.03 -33.31
C GLN O 76 -6.12 18.99 -32.81
N ALA O 77 -5.61 17.82 -32.43
CA ALA O 77 -6.47 16.74 -31.96
C ALA O 77 -6.05 16.15 -30.62
N TYR O 78 -6.98 15.44 -30.01
CA TYR O 78 -6.76 14.78 -28.72
C TYR O 78 -7.62 13.54 -28.71
N SER O 79 -7.07 12.41 -28.25
CA SER O 79 -7.83 11.17 -28.24
C SER O 79 -8.00 10.51 -26.88
N LEU O 80 -8.95 9.59 -26.83
CA LEU O 80 -9.27 8.84 -25.61
C LEU O 80 -9.86 7.48 -25.98
N THR O 81 -9.16 6.42 -25.62
CA THR O 81 -9.63 5.08 -25.90
C THR O 81 -10.51 4.61 -24.75
N PHE O 82 -11.80 4.45 -25.03
CA PHE O 82 -12.73 4.01 -23.99
C PHE O 82 -12.73 2.50 -23.86
N THR O 83 -12.25 2.03 -22.72
CA THR O 83 -12.18 0.60 -22.46
C THR O 83 -13.12 0.24 -21.32
N GLU O 84 -14.39 0.61 -21.49
CA GLU O 84 -15.40 0.35 -20.46
C GLU O 84 -16.76 0.82 -20.96
N ALA O 85 -17.78 -0.02 -20.82
CA ALA O 85 -19.12 0.35 -21.26
C ALA O 85 -19.72 1.37 -20.31
N GLY O 86 -20.48 2.31 -20.86
CA GLY O 86 -21.11 3.34 -20.05
C GLY O 86 -21.17 4.68 -20.75
N THR O 87 -21.91 5.63 -20.16
CA THR O 87 -22.05 6.96 -20.72
C THR O 87 -21.14 7.94 -19.98
N TYR O 88 -20.28 8.62 -20.73
CA TYR O 88 -19.34 9.56 -20.14
C TYR O 88 -19.55 11.01 -20.62
N ASP O 89 -20.06 11.85 -19.73
CA ASP O 89 -20.31 13.25 -20.03
C ASP O 89 -19.05 14.10 -19.87
N TYR O 90 -18.95 15.15 -20.68
CA TYR O 90 -17.80 16.05 -20.61
C TYR O 90 -18.19 17.46 -21.04
N HIS O 91 -17.27 18.40 -20.85
CA HIS O 91 -17.50 19.79 -21.21
C HIS O 91 -16.16 20.46 -21.51
N CYS O 92 -16.20 21.71 -21.91
CA CYS O 92 -14.99 22.48 -22.22
C CYS O 92 -14.68 23.36 -21.01
N THR O 93 -13.48 23.22 -20.46
CA THR O 93 -13.08 23.96 -19.26
C THR O 93 -13.46 25.45 -19.20
N PRO O 94 -12.95 26.27 -20.14
CA PRO O 94 -13.31 27.70 -20.09
C PRO O 94 -14.72 28.00 -20.58
N HIS O 95 -15.34 27.03 -21.27
CA HIS O 95 -16.68 27.19 -21.81
C HIS O 95 -17.61 26.10 -21.28
N PRO O 96 -17.94 26.15 -19.98
CA PRO O 96 -18.81 25.14 -19.37
C PRO O 96 -20.17 24.93 -20.06
N PHE O 97 -20.55 25.83 -20.94
CA PHE O 97 -21.82 25.70 -21.65
C PHE O 97 -21.69 24.76 -22.85
N MET O 98 -20.45 24.39 -23.18
CA MET O 98 -20.20 23.46 -24.28
C MET O 98 -20.11 22.07 -23.68
N ARG O 99 -21.14 21.26 -23.88
CA ARG O 99 -21.15 19.92 -23.34
C ARG O 99 -21.31 18.84 -24.40
N GLY O 100 -20.75 17.67 -24.12
CA GLY O 100 -20.84 16.57 -25.05
C GLY O 100 -21.03 15.27 -24.28
N LYS O 101 -21.28 14.19 -25.00
CA LYS O 101 -21.48 12.90 -24.36
C LYS O 101 -20.94 11.78 -25.24
N VAL O 102 -20.45 10.72 -24.61
CA VAL O 102 -19.95 9.57 -25.34
C VAL O 102 -20.56 8.33 -24.69
N VAL O 103 -21.34 7.59 -25.46
CA VAL O 103 -21.98 6.38 -24.96
C VAL O 103 -21.19 5.19 -25.49
N VAL O 104 -20.67 4.38 -24.57
CA VAL O 104 -19.88 3.20 -24.93
C VAL O 104 -20.73 1.95 -24.78
N GLU O 105 -20.96 1.27 -25.91
CA GLU O 105 -21.78 0.06 -25.92
C GLU O 105 -20.93 -1.17 -26.23
N ALA P 1 -26.49 22.45 -66.11
CA ALA P 1 -25.14 23.09 -66.14
C ALA P 1 -24.25 22.58 -65.01
N PRO P 2 -24.78 22.52 -63.77
CA PRO P 2 -23.97 22.04 -62.66
C PRO P 2 -23.67 20.55 -62.79
N GLN P 3 -22.54 20.12 -62.22
CA GLN P 3 -22.14 18.73 -62.27
C GLN P 3 -22.38 18.08 -60.91
N PHE P 4 -22.83 16.83 -60.92
CA PHE P 4 -23.11 16.12 -59.68
C PHE P 4 -22.20 14.92 -59.48
N PHE P 5 -21.34 15.03 -58.46
CA PHE P 5 -20.39 13.98 -58.11
C PHE P 5 -20.54 13.53 -56.67
N ASN P 6 -20.16 12.28 -56.43
CA ASN P 6 -20.20 11.70 -55.10
C ASN P 6 -19.19 12.50 -54.26
N ILE P 7 -19.63 12.99 -53.11
CA ILE P 7 -18.73 13.80 -52.27
C ILE P 7 -17.55 13.04 -51.68
N ILE P 8 -17.61 11.71 -51.68
CA ILE P 8 -16.52 10.92 -51.13
C ILE P 8 -15.48 10.52 -52.16
N ASP P 9 -15.88 9.78 -53.18
CA ASP P 9 -14.96 9.31 -54.21
C ASP P 9 -14.98 10.10 -55.52
N GLY P 10 -15.69 11.23 -55.53
CA GLY P 10 -15.74 12.06 -56.72
C GLY P 10 -16.32 11.43 -57.98
N SER P 11 -16.91 10.25 -57.87
CA SER P 11 -17.51 9.60 -59.03
C SER P 11 -18.81 10.32 -59.39
N PRO P 12 -19.17 10.33 -60.68
CA PRO P 12 -20.41 11.00 -61.11
C PRO P 12 -21.66 10.29 -60.58
N LEU P 13 -22.66 11.08 -60.21
CA LEU P 13 -23.91 10.54 -59.68
C LEU P 13 -24.78 10.00 -60.82
N ASN P 14 -25.33 8.80 -60.61
CA ASN P 14 -26.17 8.19 -61.62
C ASN P 14 -27.64 8.36 -61.29
N PHE P 15 -28.31 9.25 -62.02
CA PHE P 15 -29.73 9.51 -61.79
C PHE P 15 -30.63 8.37 -62.26
N ASP P 16 -30.03 7.34 -62.84
CA ASP P 16 -30.80 6.19 -63.30
C ASP P 16 -31.41 5.46 -62.10
N ASP P 17 -30.75 5.60 -60.95
CA ASP P 17 -31.23 4.96 -59.73
C ASP P 17 -32.38 5.74 -59.12
N ALA P 18 -32.54 6.98 -59.54
CA ALA P 18 -33.59 7.85 -59.02
C ALA P 18 -34.99 7.29 -59.31
N MET P 19 -35.91 7.52 -58.38
CA MET P 19 -37.29 7.06 -58.54
C MET P 19 -37.93 7.77 -59.73
N GLU P 20 -38.96 7.16 -60.30
CA GLU P 20 -39.64 7.73 -61.46
C GLU P 20 -40.48 8.94 -61.08
N GLU P 21 -41.22 8.82 -59.98
CA GLU P 21 -42.07 9.91 -59.50
C GLU P 21 -41.29 11.06 -58.87
N GLY P 22 -41.91 12.24 -58.84
CA GLY P 22 -41.27 13.41 -58.26
C GLY P 22 -39.93 13.71 -58.89
N ARG P 23 -39.82 13.39 -60.18
CA ARG P 23 -38.59 13.59 -60.92
C ARG P 23 -38.69 14.72 -61.95
N ASP P 24 -39.90 15.18 -62.23
CA ASP P 24 -40.11 16.22 -63.23
C ASP P 24 -40.80 17.49 -62.76
N THR P 25 -40.75 17.79 -61.47
CA THR P 25 -41.39 19.01 -60.98
C THR P 25 -40.56 20.19 -61.46
N GLU P 26 -41.15 21.38 -61.45
CA GLU P 26 -40.44 22.57 -61.89
C GLU P 26 -39.20 22.79 -61.02
N ALA P 27 -39.34 22.54 -59.71
CA ALA P 27 -38.22 22.72 -58.78
C ALA P 27 -37.05 21.82 -59.17
N VAL P 28 -37.32 20.55 -59.45
CA VAL P 28 -36.25 19.64 -59.83
C VAL P 28 -35.59 20.06 -61.14
N LYS P 29 -36.42 20.35 -62.15
CA LYS P 29 -35.88 20.76 -63.44
C LYS P 29 -35.02 22.02 -63.31
N HIS P 30 -35.50 22.98 -62.51
CA HIS P 30 -34.75 24.22 -62.32
C HIS P 30 -33.43 23.97 -61.59
N PHE P 31 -33.46 23.08 -60.61
CA PHE P 31 -32.27 22.74 -59.84
C PHE P 31 -31.19 22.07 -60.69
N LEU P 32 -31.58 21.07 -61.47
CA LEU P 32 -30.63 20.36 -62.31
C LEU P 32 -30.00 21.28 -63.34
N GLU P 33 -30.71 22.35 -63.67
CA GLU P 33 -30.25 23.31 -64.66
C GLU P 33 -29.41 24.44 -64.07
N THR P 34 -29.78 24.90 -62.88
CA THR P 34 -29.08 26.02 -62.25
C THR P 34 -28.35 25.74 -60.94
N GLY P 35 -28.68 24.64 -60.28
CA GLY P 35 -28.04 24.34 -59.02
C GLY P 35 -28.74 25.11 -57.90
N GLU P 36 -29.83 25.78 -58.26
CA GLU P 36 -30.61 26.56 -57.30
C GLU P 36 -31.84 25.79 -56.84
N ASN P 37 -32.11 25.83 -55.54
CA ASN P 37 -33.26 25.15 -54.97
C ASN P 37 -34.34 26.19 -54.63
N VAL P 38 -35.34 26.31 -55.51
CA VAL P 38 -36.39 27.28 -55.31
C VAL P 38 -37.26 27.04 -54.08
N TYR P 39 -37.09 25.89 -53.42
CA TYR P 39 -37.88 25.62 -52.23
C TYR P 39 -37.36 26.31 -50.98
N ASN P 40 -36.16 26.88 -51.03
CA ASN P 40 -35.62 27.55 -49.86
C ASN P 40 -36.53 28.68 -49.38
N GLU P 41 -36.91 28.60 -48.10
CA GLU P 41 -37.77 29.60 -47.47
C GLU P 41 -39.11 29.77 -48.19
N ASP P 42 -39.54 28.72 -48.88
CA ASP P 42 -40.82 28.72 -49.59
C ASP P 42 -41.87 28.27 -48.58
N PRO P 43 -42.63 29.22 -48.02
CA PRO P 43 -43.68 28.96 -47.04
C PRO P 43 -44.74 27.91 -47.36
N GLU P 44 -44.94 27.59 -48.64
CA GLU P 44 -45.95 26.61 -48.96
C GLU P 44 -45.47 25.17 -48.93
N ILE P 45 -44.16 24.96 -48.79
CA ILE P 45 -43.63 23.61 -48.76
C ILE P 45 -42.95 23.26 -47.44
N LEU P 46 -42.57 24.28 -46.69
CA LEU P 46 -41.90 24.06 -45.41
C LEU P 46 -42.64 23.11 -44.46
N PRO P 47 -43.98 23.17 -44.43
CA PRO P 47 -44.71 22.27 -43.55
C PRO P 47 -44.40 20.81 -43.84
N GLU P 48 -44.45 20.43 -45.12
CA GLU P 48 -44.16 19.06 -45.52
C GLU P 48 -42.67 18.73 -45.38
N ALA P 49 -41.83 19.74 -45.61
CA ALA P 49 -40.39 19.55 -45.50
C ALA P 49 -40.02 19.13 -44.08
N GLU P 50 -40.66 19.77 -43.10
CA GLU P 50 -40.40 19.46 -41.70
C GLU P 50 -40.73 18.00 -41.38
N GLU P 51 -41.83 17.50 -41.91
CA GLU P 51 -42.23 16.12 -41.66
C GLU P 51 -41.26 15.14 -42.33
N LEU P 52 -40.79 15.51 -43.52
CA LEU P 52 -39.85 14.67 -44.24
C LEU P 52 -38.57 14.55 -43.41
N TYR P 53 -38.11 15.68 -42.89
CA TYR P 53 -36.90 15.70 -42.06
C TYR P 53 -37.11 14.89 -40.79
N ALA P 54 -38.23 15.13 -40.11
CA ALA P 54 -38.55 14.43 -38.87
C ALA P 54 -38.51 12.92 -39.00
N GLY P 55 -39.13 12.39 -40.04
CA GLY P 55 -39.16 10.95 -40.23
C GLY P 55 -37.87 10.32 -40.74
N MET P 56 -37.11 11.06 -41.53
CA MET P 56 -35.89 10.51 -42.11
C MET P 56 -34.57 10.96 -41.49
N CYS P 57 -34.52 12.14 -40.89
CA CYS P 57 -33.26 12.66 -40.36
C CYS P 57 -33.18 12.95 -38.86
N SER P 58 -34.33 13.22 -38.24
CA SER P 58 -34.40 13.56 -36.83
C SER P 58 -33.66 12.60 -35.90
N GLY P 59 -33.84 11.30 -36.14
CA GLY P 59 -33.21 10.29 -35.32
C GLY P 59 -31.70 10.41 -35.16
N CYS P 60 -30.98 10.70 -36.23
CA CYS P 60 -29.52 10.81 -36.13
C CYS P 60 -28.97 12.23 -36.00
N HIS P 61 -29.66 13.20 -36.59
CA HIS P 61 -29.19 14.57 -36.56
C HIS P 61 -29.87 15.50 -35.56
N GLY P 62 -30.88 14.99 -34.86
CA GLY P 62 -31.56 15.83 -33.88
C GLY P 62 -32.83 16.47 -34.38
N HIS P 63 -33.73 16.76 -33.46
CA HIS P 63 -35.01 17.37 -33.79
C HIS P 63 -34.84 18.68 -34.58
N TYR P 64 -33.82 19.45 -34.22
CA TYR P 64 -33.56 20.73 -34.88
C TYR P 64 -32.21 20.75 -35.59
N ALA P 65 -31.74 19.59 -36.03
CA ALA P 65 -30.46 19.49 -36.73
C ALA P 65 -29.30 20.02 -35.89
N GLU P 66 -29.47 20.04 -34.58
CA GLU P 66 -28.42 20.52 -33.68
C GLU P 66 -27.36 19.42 -33.53
N GLY P 67 -27.71 18.22 -33.98
CA GLY P 67 -26.79 17.10 -33.90
C GLY P 67 -27.15 16.12 -32.80
N LYS P 68 -26.74 14.87 -32.96
CA LYS P 68 -27.01 13.84 -31.95
C LYS P 68 -26.08 12.67 -32.20
N ILE P 69 -26.58 11.63 -32.86
CA ILE P 69 -25.77 10.47 -33.19
C ILE P 69 -24.84 10.93 -34.29
N GLY P 70 -25.36 11.78 -35.15
CA GLY P 70 -24.59 12.33 -36.25
C GLY P 70 -24.33 13.80 -35.99
N PRO P 71 -23.48 14.44 -36.80
CA PRO P 71 -23.14 15.87 -36.63
C PRO P 71 -24.29 16.84 -36.84
N GLY P 72 -24.12 18.04 -36.31
CA GLY P 72 -25.14 19.07 -36.45
C GLY P 72 -25.11 19.61 -37.86
N LEU P 73 -26.25 20.15 -38.30
CA LEU P 73 -26.36 20.68 -39.65
C LEU P 73 -26.92 22.10 -39.61
N ASN P 74 -26.99 22.70 -38.43
CA ASN P 74 -27.57 24.02 -38.28
C ASN P 74 -26.63 25.21 -38.10
N ASP P 75 -25.35 25.04 -38.43
CA ASP P 75 -24.39 26.14 -38.29
C ASP P 75 -23.49 26.27 -39.53
N ALA P 76 -22.56 27.22 -39.48
CA ALA P 76 -21.68 27.48 -40.61
C ALA P 76 -20.58 26.46 -40.90
N TYR P 77 -20.39 25.48 -40.02
CA TYR P 77 -19.36 24.48 -40.23
C TYR P 77 -19.86 23.21 -40.91
N TRP P 78 -19.09 22.74 -41.91
CA TRP P 78 -19.44 21.52 -42.63
C TRP P 78 -18.20 20.64 -42.75
N THR P 79 -18.37 19.35 -42.45
CA THR P 79 -17.26 18.40 -42.56
C THR P 79 -16.87 18.35 -44.03
N TYR P 80 -17.88 18.45 -44.89
CA TYR P 80 -17.67 18.45 -46.33
C TYR P 80 -18.02 19.85 -46.82
N PRO P 81 -16.99 20.68 -47.09
CA PRO P 81 -17.06 22.07 -47.55
C PRO P 81 -18.16 22.44 -48.56
N GLY P 82 -18.35 21.62 -49.57
CA GLY P 82 -19.36 21.91 -50.58
C GLY P 82 -20.80 21.97 -50.07
N ASN P 83 -21.07 21.41 -48.89
CA ASN P 83 -22.42 21.43 -48.38
C ASN P 83 -22.91 22.84 -48.05
N GLU P 84 -22.02 23.81 -48.27
CA GLU P 84 -22.35 25.21 -48.05
C GLU P 84 -23.21 25.66 -49.23
N THR P 85 -23.19 24.86 -50.29
CA THR P 85 -23.98 25.14 -51.49
C THR P 85 -25.05 24.07 -51.60
N ASP P 86 -26.12 24.38 -52.34
CA ASP P 86 -27.18 23.40 -52.50
C ASP P 86 -26.79 22.24 -53.41
N VAL P 87 -25.88 22.48 -54.35
CA VAL P 87 -25.43 21.40 -55.23
C VAL P 87 -24.66 20.39 -54.38
N GLY P 88 -23.84 20.90 -53.47
CA GLY P 88 -23.07 20.03 -52.62
C GLY P 88 -23.97 19.28 -51.66
N LEU P 89 -24.93 19.99 -51.08
CA LEU P 89 -25.88 19.40 -50.13
C LEU P 89 -26.67 18.26 -50.81
N PHE P 90 -27.18 18.52 -52.00
CA PHE P 90 -27.94 17.53 -52.75
C PHE P 90 -27.06 16.29 -52.99
N SER P 91 -25.82 16.54 -53.41
CA SER P 91 -24.88 15.46 -53.70
C SER P 91 -24.67 14.55 -52.51
N THR P 92 -24.60 15.14 -51.32
CA THR P 92 -24.42 14.37 -50.10
C THR P 92 -25.61 13.46 -49.84
N LEU P 93 -26.82 13.99 -50.00
CA LEU P 93 -28.02 13.20 -49.79
C LEU P 93 -28.19 12.12 -50.83
N TYR P 94 -27.97 12.49 -52.09
CA TYR P 94 -28.14 11.55 -53.18
C TYR P 94 -27.14 10.39 -53.15
N GLY P 95 -25.86 10.72 -53.09
CA GLY P 95 -24.84 9.69 -53.10
C GLY P 95 -24.34 9.22 -51.74
N GLY P 96 -24.72 9.91 -50.68
CA GLY P 96 -24.29 9.53 -49.35
C GLY P 96 -22.89 9.98 -48.97
N ALA P 97 -22.53 9.76 -47.71
CA ALA P 97 -21.21 10.12 -47.21
C ALA P 97 -20.56 8.82 -46.75
N THR P 98 -20.18 8.72 -45.49
CA THR P 98 -19.59 7.48 -44.98
C THR P 98 -20.41 6.95 -43.80
N GLY P 99 -20.10 5.73 -43.38
CA GLY P 99 -20.79 5.12 -42.27
C GLY P 99 -22.29 4.95 -42.48
N GLN P 100 -23.08 5.36 -41.48
CA GLN P 100 -24.52 5.23 -41.54
C GLN P 100 -25.22 6.29 -42.40
N MET P 101 -24.45 7.23 -42.96
CA MET P 101 -25.03 8.27 -43.82
C MET P 101 -24.94 7.78 -45.26
N GLY P 102 -25.90 6.96 -45.66
CA GLY P 102 -25.89 6.42 -47.02
C GLY P 102 -26.70 7.18 -48.03
N PRO P 103 -26.70 6.74 -49.31
CA PRO P 103 -27.47 7.42 -50.35
C PRO P 103 -28.96 7.38 -50.03
N MET P 104 -29.68 8.42 -50.41
CA MET P 104 -31.12 8.51 -50.13
C MET P 104 -32.00 8.30 -51.36
N TRP P 105 -31.40 8.02 -52.52
CA TRP P 105 -32.21 7.85 -53.73
C TRP P 105 -33.18 6.68 -53.67
N GLY P 106 -32.93 5.74 -52.76
CA GLY P 106 -33.81 4.59 -52.65
C GLY P 106 -35.04 4.86 -51.81
N SER P 107 -35.07 5.99 -51.11
CA SER P 107 -36.20 6.32 -50.26
C SER P 107 -36.87 7.67 -50.54
N LEU P 108 -36.14 8.58 -51.16
CA LEU P 108 -36.69 9.90 -51.46
C LEU P 108 -36.68 10.23 -52.95
N THR P 109 -37.75 10.89 -53.40
CA THR P 109 -37.83 11.31 -54.79
C THR P 109 -36.95 12.54 -54.89
N LEU P 110 -36.49 12.87 -56.09
CA LEU P 110 -35.66 14.05 -56.27
C LEU P 110 -36.32 15.28 -55.67
N ASP P 111 -37.62 15.42 -55.88
CA ASP P 111 -38.34 16.57 -55.35
C ASP P 111 -38.36 16.59 -53.82
N GLU P 112 -38.55 15.42 -53.20
CA GLU P 112 -38.57 15.31 -51.75
C GLU P 112 -37.22 15.65 -51.17
N MET P 113 -36.15 15.33 -51.90
CA MET P 113 -34.82 15.64 -51.42
C MET P 113 -34.69 17.16 -51.35
N LEU P 114 -35.17 17.85 -52.37
CA LEU P 114 -35.11 19.31 -52.40
C LEU P 114 -35.94 19.93 -51.28
N ARG P 115 -37.08 19.34 -50.96
CA ARG P 115 -37.92 19.87 -49.88
C ARG P 115 -37.24 19.63 -48.54
N THR P 116 -36.64 18.46 -48.38
CA THR P 116 -35.93 18.14 -47.14
C THR P 116 -34.77 19.11 -46.96
N MET P 117 -34.04 19.38 -48.06
CA MET P 117 -32.93 20.30 -48.03
C MET P 117 -33.38 21.69 -47.59
N ALA P 118 -34.56 22.08 -48.05
CA ALA P 118 -35.12 23.39 -47.69
C ALA P 118 -35.32 23.50 -46.19
N TRP P 119 -35.73 22.41 -45.55
CA TRP P 119 -35.94 22.46 -44.11
C TRP P 119 -34.60 22.60 -43.40
N VAL P 120 -33.59 21.88 -43.87
CA VAL P 120 -32.27 21.94 -43.28
C VAL P 120 -31.74 23.38 -43.33
N ARG P 121 -31.91 24.05 -44.47
CA ARG P 121 -31.45 25.42 -44.61
C ARG P 121 -32.26 26.31 -43.66
N HIS P 122 -33.54 25.98 -43.51
CA HIS P 122 -34.42 26.76 -42.64
C HIS P 122 -33.99 26.66 -41.17
N LEU P 123 -33.37 25.55 -40.80
CA LEU P 123 -32.93 25.33 -39.42
C LEU P 123 -31.62 26.04 -39.08
N TYR P 124 -31.03 26.71 -40.07
CA TYR P 124 -29.79 27.44 -39.89
C TYR P 124 -29.93 28.44 -38.74
N THR P 125 -28.91 28.49 -37.89
CA THR P 125 -28.92 29.39 -36.73
C THR P 125 -27.82 30.43 -36.82
N GLY P 126 -27.04 30.39 -37.91
CA GLY P 126 -25.95 31.32 -38.07
C GLY P 126 -26.34 32.71 -38.57
N ASP P 127 -25.34 33.44 -39.04
CA ASP P 127 -25.53 34.79 -39.54
C ASP P 127 -26.16 34.77 -40.94
N PRO P 128 -27.33 35.40 -41.10
CA PRO P 128 -28.06 35.47 -42.38
C PRO P 128 -27.16 35.92 -43.53
N LYS P 129 -26.15 36.72 -43.20
CA LYS P 129 -25.22 37.22 -44.20
C LYS P 129 -24.35 36.10 -44.74
N ASP P 130 -24.10 35.10 -43.89
CA ASP P 130 -23.28 33.96 -44.27
C ASP P 130 -24.10 32.88 -44.96
N ALA P 131 -25.41 33.08 -45.01
CA ALA P 131 -26.32 32.13 -45.66
C ALA P 131 -26.23 32.35 -47.17
N SER P 132 -25.09 31.98 -47.75
CA SER P 132 -24.85 32.15 -49.18
C SER P 132 -25.81 31.41 -50.12
N TRP P 133 -26.59 30.49 -49.57
CA TRP P 133 -27.54 29.72 -50.39
C TRP P 133 -28.85 30.48 -50.58
N LEU P 134 -28.98 31.61 -49.91
CA LEU P 134 -30.19 32.43 -50.00
C LEU P 134 -30.01 33.61 -50.95
N THR P 135 -31.11 34.03 -51.56
CA THR P 135 -31.08 35.17 -52.47
C THR P 135 -31.28 36.40 -51.59
N ASP P 136 -31.09 37.59 -52.13
CA ASP P 136 -31.25 38.81 -51.36
C ASP P 136 -32.65 38.91 -50.75
N GLU P 137 -33.68 38.65 -51.56
CA GLU P 137 -35.05 38.72 -51.06
C GLU P 137 -35.27 37.69 -49.96
N GLN P 138 -34.69 36.50 -50.14
CA GLN P 138 -34.82 35.44 -49.15
C GLN P 138 -34.16 35.87 -47.85
N LYS P 139 -32.97 36.47 -47.93
CA LYS P 139 -32.27 36.93 -46.74
C LYS P 139 -33.11 37.95 -45.98
N ALA P 140 -33.70 38.89 -46.73
CA ALA P 140 -34.53 39.94 -46.14
C ALA P 140 -35.60 39.40 -45.19
N GLY P 141 -36.11 38.21 -45.48
CA GLY P 141 -37.14 37.65 -44.62
C GLY P 141 -36.70 36.50 -43.74
N PHE P 142 -35.43 36.13 -43.82
CA PHE P 142 -34.91 35.03 -43.02
C PHE P 142 -34.49 35.48 -41.62
N THR P 143 -34.75 34.61 -40.65
CA THR P 143 -34.39 34.86 -39.26
C THR P 143 -33.80 33.56 -38.72
N PRO P 144 -32.64 33.64 -38.05
CA PRO P 144 -32.01 32.44 -37.48
C PRO P 144 -33.03 31.61 -36.73
N PHE P 145 -33.00 30.29 -36.94
CA PHE P 145 -33.97 29.41 -36.28
C PHE P 145 -33.83 29.36 -34.77
N GLN P 146 -34.96 29.46 -34.08
CA GLN P 146 -35.01 29.42 -32.63
C GLN P 146 -36.21 28.54 -32.27
N PRO P 147 -36.00 27.48 -31.47
CA PRO P 147 -37.08 26.59 -31.07
C PRO P 147 -38.30 27.30 -30.48
NA NA Q . 19.60 -33.00 43.64
FE HEC R . 21.66 -38.29 53.13
CHA HEC R . 18.87 -36.82 51.98
CHB HEC R . 23.28 -35.31 52.90
CHC HEC R . 24.45 -39.67 54.48
CHD HEC R . 20.21 -41.34 53.04
NA HEC R . 21.15 -36.39 52.57
C1A HEC R . 19.93 -35.98 52.14
C2A HEC R . 19.95 -34.56 51.87
C3A HEC R . 21.23 -34.13 52.13
C4A HEC R . 21.98 -35.28 52.56
CMA HEC R . 21.80 -32.67 51.99
CAA HEC R . 18.73 -33.71 51.38
CBA HEC R . 18.74 -33.64 49.83
CGA HEC R . 17.71 -32.75 49.19
O1A HEC R . 17.28 -31.73 49.88
O2A HEC R . 17.38 -33.03 48.07
NB HEC R . 23.51 -37.63 53.58
C1B HEC R . 24.02 -36.35 53.38
C2B HEC R . 25.42 -36.28 53.78
C3B HEC R . 25.73 -37.52 54.30
C4B HEC R . 24.56 -38.34 54.15
CMB HEC R . 26.36 -35.00 53.66
CAB HEC R . 27.06 -38.01 54.94
CBB HEC R . 27.27 -37.37 56.36
NC HEC R . 22.20 -40.15 53.69
C1C HEC R . 23.39 -40.52 54.24
C2C HEC R . 23.44 -41.95 54.48
C3C HEC R . 22.27 -42.43 54.01
C4C HEC R . 21.50 -41.30 53.54
CMC HEC R . 24.66 -42.73 55.10
CAC HEC R . 21.79 -43.91 53.90
CBC HEC R . 21.59 -44.70 55.20
ND HEC R . 19.87 -38.95 52.62
C1D HEC R . 19.41 -40.28 52.64
C2D HEC R . 18.03 -40.37 52.19
C3D HEC R . 17.65 -39.09 51.92
C4D HEC R . 18.80 -38.23 52.17
CMD HEC R . 17.18 -41.73 52.04
CAD HEC R . 16.26 -38.58 51.44
CBD HEC R . 15.53 -37.98 52.73
CGD HEC R . 14.20 -37.33 52.56
O1D HEC R . 13.66 -36.88 53.57
O2D HEC R . 13.73 -37.22 51.42
NA NA S . -18.04 -58.87 -43.30
FE HEC T . -22.32 -68.57 -46.86
CHA HEC T . -19.10 -67.43 -46.83
CHB HEC T . -23.21 -65.85 -48.71
CHC HEC T . -25.47 -69.74 -47.06
CHD HEC T . -21.48 -71.11 -44.78
NA HEC T . -21.31 -66.92 -47.67
C1A HEC T . -19.98 -66.65 -47.56
C2A HEC T . -19.67 -65.42 -48.31
C3A HEC T . -20.84 -64.98 -48.84
C4A HEC T . -21.88 -65.92 -48.42
CMA HEC T . -21.08 -63.71 -49.73
CAA HEC T . -18.27 -64.80 -48.43
CBA HEC T . -18.11 -63.64 -47.42
CGA HEC T . -16.80 -62.84 -47.52
O1A HEC T . -16.20 -62.80 -48.68
O2A HEC T . -16.41 -62.30 -46.50
NB HEC T . -24.04 -67.93 -47.70
C1B HEC T . -24.21 -66.73 -48.42
C2B HEC T . -25.62 -66.58 -48.80
C3B HEC T . -26.23 -67.72 -48.38
C4B HEC T . -25.25 -68.52 -47.69
CMB HEC T . -26.25 -65.33 -49.58
CAB HEC T . -27.72 -68.13 -48.55
CBB HEC T . -28.05 -68.51 -50.03
NC HEC T . -23.27 -70.15 -46.09
C1C HEC T . -24.59 -70.47 -46.30
C2C HEC T . -24.97 -71.68 -45.54
C3C HEC T . -23.85 -72.05 -44.87
C4C HEC T . -22.79 -71.09 -45.21
CMC HEC T . -26.40 -72.30 -45.56
CAC HEC T . -23.69 -73.16 -43.82
CBC HEC T . -23.85 -74.64 -44.28
ND HEC T . -20.63 -69.17 -45.97
C1D HEC T . -20.45 -70.27 -45.11
C2D HEC T . -19.07 -70.37 -44.65
C3D HEC T . -18.40 -69.36 -45.27
C4D HEC T . -19.37 -68.59 -46.06
CMD HEC T . -18.49 -71.46 -43.67
CAD HEC T . -16.90 -69.02 -45.18
CBD HEC T . -16.23 -69.59 -46.51
CGD HEC T . -14.77 -69.30 -46.72
O1D HEC T . -14.25 -69.83 -47.67
O2D HEC T . -14.21 -68.49 -45.95
NA NA U . 17.29 50.30 46.33
FE HEC V . 19.02 44.48 55.61
CHA HEC V . 16.27 46.14 54.51
CHB HEC V . 20.77 47.37 55.42
CHC HEC V . 21.80 42.90 56.88
CHD HEC V . 17.39 41.54 55.53
NA HEC V . 18.59 46.42 55.10
C1A HEC V . 17.37 46.91 54.69
C2A HEC V . 17.48 48.34 54.46
C3A HEC V . 18.76 48.70 54.70
C4A HEC V . 19.46 47.48 55.10
CMA HEC V . 19.40 50.12 54.58
CAA HEC V . 16.30 49.26 54.01
CBA HEC V . 16.35 49.43 52.46
CGA HEC V . 15.40 50.47 51.90
O1A HEC V . 15.03 51.48 52.67
O2A HEC V . 15.04 50.28 50.77
NB HEC V . 20.94 45.02 56.03
C1B HEC V . 21.48 46.26 55.84
C2B HEC V . 22.91 46.27 56.17
C3B HEC V . 23.17 44.99 56.65
C4B HEC V . 21.96 44.24 56.56
CMB HEC V . 23.91 47.48 56.04
CAB HEC V . 24.50 44.43 57.20
CBB HEC V . 24.79 45.01 58.62
NC HEC V . 19.47 42.60 56.13
C1C HEC V . 20.67 42.12 56.65
C2C HEC V . 20.62 40.66 56.88
C3C HEC V . 19.40 40.28 56.44
C4C HEC V . 18.68 41.49 55.99
CMC HEC V . 21.81 39.78 57.49
CAC HEC V . 18.84 38.83 56.30
CBC HEC V . 18.61 37.99 57.59
ND HEC V . 17.18 43.93 55.11
C1D HEC V . 16.65 42.61 55.14
C2D HEC V . 15.27 42.61 54.71
C3D HEC V . 14.95 43.91 54.47
C4D HEC V . 16.14 44.70 54.68
CMD HEC V . 14.35 41.33 54.58
CAD HEC V . 13.58 44.49 54.05
CBD HEC V . 12.97 45.15 55.38
CGD HEC V . 11.68 45.91 55.26
O1D HEC V . 11.18 46.33 56.32
O2D HEC V . 11.26 46.18 54.10
NA NA W . -22.37 21.67 -38.65
FE HEC X . -26.90 12.43 -42.14
CHA HEC X . -23.70 13.49 -42.23
CHB HEC X . -27.83 15.16 -43.93
CHC HEC X . -30.12 11.30 -42.25
CHD HEC X . -26.05 9.88 -40.14
NA HEC X . -25.91 14.05 -42.97
C1A HEC X . -24.58 14.28 -42.90
C2A HEC X . -24.26 15.50 -43.66
C3A HEC X . -25.44 15.99 -44.13
C4A HEC X . -26.48 15.06 -43.69
CMA HEC X . -25.67 17.29 -44.99
CAA HEC X . -22.85 16.10 -43.82
CBA HEC X . -22.59 17.20 -42.79
CGA HEC X . -21.26 17.92 -42.90
O1A HEC X . -20.73 18.08 -44.09
O2A HEC X . -20.79 18.30 -41.89
NB HEC X . -28.68 13.12 -42.92
C1B HEC X . -28.84 14.31 -43.62
C2B HEC X . -30.23 14.49 -43.96
C3B HEC X . -30.87 13.35 -43.53
C4B HEC X . -29.89 12.54 -42.88
CMB HEC X . -30.85 15.73 -44.69
CAB HEC X . -32.36 12.95 -43.67
CBB HEC X . -32.74 12.58 -45.13
NC HEC X . -27.88 10.86 -41.36
C1C HEC X . -29.22 10.55 -41.54
C2C HEC X . -29.58 9.35 -40.76
C3C HEC X . -28.44 8.98 -40.13
C4C HEC X . -27.37 9.92 -40.53
CMC HEC X . -31.04 8.71 -40.70
CAC HEC X . -28.24 7.85 -39.09
CBC HEC X . -28.44 6.40 -39.54
ND HEC X . -25.19 11.80 -41.34
C1D HEC X . -25.02 10.69 -40.50
C2D HEC X . -23.64 10.54 -40.10
C3D HEC X . -22.97 11.53 -40.71
C4D HEC X . -23.96 12.33 -41.46
CMD HEC X . -23.05 9.42 -39.15
CAD HEC X . -21.48 11.82 -40.67
CBD HEC X . -20.86 11.21 -42.03
CGD HEC X . -19.40 11.47 -42.29
O1D HEC X . -18.94 11.01 -43.36
O2D HEC X . -18.74 12.19 -41.48
#